data_8A4D
#
_entry.id   8A4D
#
_cell.length_a   116.618
_cell.length_b   137.618
_cell.length_c   231.681
_cell.angle_alpha   90.000
_cell.angle_beta   90.000
_cell.angle_gamma   90.000
#
_symmetry.space_group_name_H-M   'P 21 21 21'
#
loop_
_entity.id
_entity.type
_entity.pdbx_description
1 polymer '1-deoxy-D-xylulose-5-phosphate synthase'
2 non-polymer 2-{3-[(4-amino-2-methylpyrimidin-5-yl)methyl]phenyl}ethanol
3 non-polymer 'MAGNESIUM ION'
4 non-polymer 'SODIUM ION'
5 non-polymer 'CALCIUM ION'
6 non-polymer GLYCEROL
7 water water
#
_entity_poly.entity_id   1
_entity_poly.type   'polypeptide(L)'
_entity_poly.pdbx_seq_one_letter_code
;MGSSHHHHHHSSGLVPRGSMENLYFQSHMPKTLHEIPRERPATPLLDRASSPAELRRLGEADLETLADELRQYLLYTVGQ
TGGHFGAGLGVVELTIALHYVFDTPDDRLVWDVGHQAYPHKILTERRELMGTLRQKNGLAAFPRRAESEYDTFGVGHSST
SISAALGMAIAARLQGKERKSVAVIGDGALTAGMAFEALNHASEVDADMLVILNDNDMSISHNVGGLSNYLAKIGGGGGG
PGTLFEELGWNYIGPIDGHDLPTLVATLRNMRDMKGPQFLHVVTKKGKGFAPAELDPIGYHAITKLEAPGSAPKKTGGPK
YSSVFGQWLCDMAAQDARLLGITPAMKEGSDLVAFSERYPERYFDVAIAEQHAVTLAAGMACEGMKPVVAIYSTFLQRAY
DQLIHDVAVQHLDVLFAIDRAGLVGEDGPTHAGSFDISYLRCIPGMLVMTPSDEDELRKLLTTGYLFDGPAAVRYPRGSG
PNHPIDPDLQPVEIGKGVVRRRGGRVALLVFGVQLAEAMKVAESLDATVVDMRFVKPLDEALVRELAGSHELLVTIEENA
VMGGAGSAVGEFLASEGLEVPLLQLGLPDYYVEHAKPSEMLAECGLDAAGIEKAVRQRLDRQ
;
_entity_poly.pdbx_strand_id   A,B,C,D,E,F
#
# COMPACT_ATOMS: atom_id res chain seq x y z
N THR A 32 -4.21 -21.57 -12.69
CA THR A 32 -3.51 -20.46 -12.07
C THR A 32 -2.04 -20.45 -12.50
N LEU A 33 -1.57 -19.30 -13.00
CA LEU A 33 -0.19 -19.14 -13.43
C LEU A 33 0.52 -18.14 -12.52
N HIS A 34 1.83 -18.01 -12.75
CA HIS A 34 2.67 -17.10 -11.98
C HIS A 34 3.57 -16.22 -12.84
N GLU A 35 3.73 -16.50 -14.14
CA GLU A 35 4.51 -15.65 -15.03
C GLU A 35 3.76 -15.37 -16.33
N ILE A 36 4.01 -14.20 -16.90
CA ILE A 36 3.39 -13.82 -18.17
C ILE A 36 4.19 -14.44 -19.32
N PRO A 37 3.54 -15.13 -20.26
CA PRO A 37 4.30 -15.65 -21.41
C PRO A 37 4.84 -14.54 -22.27
N ARG A 38 6.10 -14.69 -22.69
CA ARG A 38 6.74 -13.77 -23.63
C ARG A 38 6.54 -14.15 -25.09
N GLU A 39 6.26 -15.41 -25.40
CA GLU A 39 5.90 -15.77 -26.76
C GLU A 39 4.49 -16.34 -26.75
N ARG A 40 3.92 -16.47 -27.95
CA ARG A 40 2.51 -16.75 -28.08
C ARG A 40 2.20 -18.16 -27.62
N PRO A 41 1.26 -18.34 -26.70
CA PRO A 41 0.93 -19.69 -26.24
C PRO A 41 0.26 -20.50 -27.32
N ALA A 42 0.33 -21.82 -27.16
CA ALA A 42 -0.39 -22.72 -28.04
C ALA A 42 -1.83 -22.85 -27.56
N THR A 43 -2.78 -22.41 -28.39
CA THR A 43 -4.20 -22.38 -28.04
C THR A 43 -5.03 -22.95 -29.18
N PRO A 44 -4.91 -24.26 -29.45
CA PRO A 44 -5.60 -24.84 -30.60
C PRO A 44 -7.09 -24.79 -30.49
N LEU A 45 -7.61 -24.86 -29.27
CA LEU A 45 -9.05 -24.78 -29.05
C LEU A 45 -9.55 -23.34 -29.15
N LEU A 46 -8.80 -22.38 -28.59
CA LEU A 46 -9.19 -20.98 -28.76
C LEU A 46 -9.07 -20.55 -30.21
N ASP A 47 -8.09 -21.10 -30.92
CA ASP A 47 -7.96 -20.85 -32.35
C ASP A 47 -9.13 -21.38 -33.14
N ARG A 48 -9.96 -22.24 -32.54
CA ARG A 48 -11.18 -22.72 -33.18
C ARG A 48 -12.40 -21.96 -32.73
N ALA A 49 -12.22 -20.93 -31.92
CA ALA A 49 -13.32 -20.17 -31.31
C ALA A 49 -13.09 -18.69 -31.58
N SER A 50 -12.85 -18.38 -32.84
CA SER A 50 -12.56 -17.03 -33.25
C SER A 50 -13.79 -16.14 -33.27
N SER A 51 -14.97 -16.73 -33.22
CA SER A 51 -16.22 -16.02 -33.09
C SER A 51 -17.12 -16.89 -32.23
N PRO A 52 -18.22 -16.31 -31.71
CA PRO A 52 -19.16 -17.11 -30.89
C PRO A 52 -19.80 -18.26 -31.64
N ALA A 53 -20.16 -18.06 -32.90
CA ALA A 53 -20.76 -19.14 -33.68
C ALA A 53 -19.85 -20.37 -33.73
N GLU A 54 -18.55 -20.14 -33.99
CA GLU A 54 -17.57 -21.23 -33.92
C GLU A 54 -17.46 -21.79 -32.49
N LEU A 55 -17.44 -20.89 -31.50
CA LEU A 55 -17.38 -21.31 -30.10
C LEU A 55 -18.54 -22.23 -29.75
N ARG A 56 -19.75 -21.91 -30.21
CA ARG A 56 -20.91 -22.71 -29.85
C ARG A 56 -20.93 -24.08 -30.53
N ARG A 57 -20.00 -24.36 -31.45
CA ARG A 57 -19.90 -25.69 -32.06
C ARG A 57 -19.02 -26.64 -31.26
N LEU A 58 -18.17 -26.10 -30.37
CA LEU A 58 -17.48 -26.93 -29.41
C LEU A 58 -18.46 -27.51 -28.41
N GLY A 59 -18.01 -28.54 -27.69
CA GLY A 59 -18.80 -29.15 -26.66
C GLY A 59 -18.46 -28.64 -25.27
N GLU A 60 -19.40 -28.84 -24.35
CA GLU A 60 -19.21 -28.35 -22.99
C GLU A 60 -17.91 -28.88 -22.38
N ALA A 61 -17.55 -30.11 -22.74
CA ALA A 61 -16.33 -30.71 -22.23
C ALA A 61 -15.09 -30.00 -22.73
N ASP A 62 -15.20 -29.22 -23.82
CA ASP A 62 -14.07 -28.43 -24.29
C ASP A 62 -13.88 -27.12 -23.54
N LEU A 63 -14.86 -26.69 -22.76
CA LEU A 63 -14.92 -25.28 -22.37
C LEU A 63 -13.86 -24.97 -21.31
N GLU A 64 -13.63 -25.89 -20.38
CA GLU A 64 -12.62 -25.69 -19.34
C GLU A 64 -11.22 -25.60 -19.93
N THR A 65 -10.91 -26.40 -20.95
CA THR A 65 -9.64 -26.21 -21.66
C THR A 65 -9.63 -24.89 -22.46
N LEU A 66 -10.74 -24.52 -23.07
CA LEU A 66 -10.81 -23.22 -23.73
C LEU A 66 -10.52 -22.13 -22.73
N ALA A 67 -11.19 -22.18 -21.58
CA ALA A 67 -10.94 -21.25 -20.48
C ALA A 67 -9.45 -21.11 -20.14
N ASP A 68 -8.69 -22.21 -20.12
CA ASP A 68 -7.29 -22.06 -19.72
C ASP A 68 -6.49 -21.49 -20.87
N GLU A 69 -6.86 -21.84 -22.09
CA GLU A 69 -6.15 -21.27 -23.25
C GLU A 69 -6.42 -19.78 -23.42
N LEU A 70 -7.66 -19.36 -23.19
CA LEU A 70 -8.00 -17.94 -23.22
C LEU A 70 -7.17 -17.18 -22.20
N ARG A 71 -7.14 -17.68 -20.97
CA ARG A 71 -6.39 -17.03 -19.91
C ARG A 71 -4.91 -16.88 -20.29
N GLN A 72 -4.31 -17.94 -20.85
CA GLN A 72 -2.92 -17.84 -21.30
C GLN A 72 -2.80 -16.77 -22.37
N TYR A 73 -3.71 -16.79 -23.35
CA TYR A 73 -3.64 -15.80 -24.41
C TYR A 73 -3.78 -14.40 -23.82
N LEU A 74 -4.76 -14.21 -22.95
CA LEU A 74 -4.95 -12.88 -22.36
C LEU A 74 -3.67 -12.39 -21.69
N LEU A 75 -3.01 -13.25 -20.90
CA LEU A 75 -1.78 -12.85 -20.22
C LEU A 75 -0.72 -12.42 -21.22
N TYR A 76 -0.53 -13.25 -22.26
CA TYR A 76 0.44 -12.94 -23.30
C TYR A 76 0.18 -11.59 -23.94
N THR A 77 -1.05 -11.38 -24.44
CA THR A 77 -1.28 -10.22 -25.28
C THR A 77 -1.36 -8.94 -24.47
N VAL A 78 -1.77 -8.99 -23.20
CA VAL A 78 -1.69 -7.77 -22.43
C VAL A 78 -0.25 -7.54 -21.97
N GLY A 79 0.52 -8.61 -21.78
CA GLY A 79 1.95 -8.41 -21.58
C GLY A 79 2.62 -7.75 -22.76
N GLN A 80 2.10 -7.96 -23.96
CA GLN A 80 2.72 -7.34 -25.12
C GLN A 80 2.31 -5.89 -25.29
N THR A 81 1.03 -5.58 -25.10
CA THR A 81 0.54 -4.25 -25.44
C THR A 81 0.38 -3.33 -24.24
N GLY A 82 0.26 -3.89 -23.05
CA GLY A 82 -0.21 -3.14 -21.89
C GLY A 82 -1.72 -3.05 -21.95
N GLY A 83 -2.31 -2.62 -20.85
CA GLY A 83 -3.76 -2.46 -20.82
C GLY A 83 -4.35 -2.96 -19.52
N HIS A 84 -5.67 -2.98 -19.47
CA HIS A 84 -6.34 -3.49 -18.28
C HIS A 84 -6.10 -4.98 -18.16
N PHE A 85 -6.05 -5.47 -16.93
CA PHE A 85 -5.47 -6.78 -16.69
C PHE A 85 -6.32 -7.66 -15.76
N GLY A 86 -6.35 -7.34 -14.48
CA GLY A 86 -6.98 -8.24 -13.51
C GLY A 86 -8.48 -8.48 -13.71
N ALA A 87 -9.22 -7.44 -14.12
CA ALA A 87 -10.68 -7.63 -14.23
C ALA A 87 -11.05 -8.60 -15.35
N GLY A 88 -10.35 -8.55 -16.48
CA GLY A 88 -10.60 -9.51 -17.53
C GLY A 88 -10.32 -10.94 -17.11
N LEU A 89 -9.24 -11.14 -16.33
CA LEU A 89 -8.97 -12.46 -15.76
C LEU A 89 -10.18 -12.97 -14.98
N GLY A 90 -10.84 -12.08 -14.25
CA GLY A 90 -12.05 -12.41 -13.51
C GLY A 90 -13.24 -12.86 -14.33
N VAL A 91 -13.30 -12.53 -15.62
CA VAL A 91 -14.49 -12.83 -16.39
C VAL A 91 -14.20 -13.80 -17.54
N VAL A 92 -13.05 -14.48 -17.50
CA VAL A 92 -12.73 -15.45 -18.55
C VAL A 92 -13.83 -16.50 -18.69
N GLU A 93 -14.21 -17.13 -17.57
CA GLU A 93 -15.21 -18.20 -17.64
C GLU A 93 -16.60 -17.63 -17.97
N LEU A 94 -16.96 -16.50 -17.35
CA LEU A 94 -18.26 -15.90 -17.58
C LEU A 94 -18.43 -15.47 -19.04
N THR A 95 -17.36 -14.97 -19.64
CA THR A 95 -17.45 -14.53 -21.02
C THR A 95 -17.70 -15.72 -21.93
N ILE A 96 -16.94 -16.81 -21.69
CA ILE A 96 -17.12 -18.02 -22.48
C ILE A 96 -18.56 -18.52 -22.34
N ALA A 97 -19.04 -18.61 -21.10
CA ALA A 97 -20.38 -19.14 -20.87
C ALA A 97 -21.42 -18.30 -21.58
N LEU A 98 -21.22 -16.96 -21.61
CA LEU A 98 -22.23 -16.05 -22.16
C LEU A 98 -22.37 -16.23 -23.67
N HIS A 99 -21.24 -16.25 -24.37
CA HIS A 99 -21.25 -16.46 -25.81
C HIS A 99 -21.55 -17.90 -26.17
N TYR A 100 -21.44 -18.82 -25.21
CA TYR A 100 -21.82 -20.19 -25.46
C TYR A 100 -23.33 -20.36 -25.38
N VAL A 101 -23.97 -19.71 -24.41
CA VAL A 101 -25.39 -19.90 -24.19
C VAL A 101 -26.25 -18.92 -24.98
N PHE A 102 -25.77 -17.69 -25.22
CA PHE A 102 -26.55 -16.66 -25.90
C PHE A 102 -26.18 -16.58 -27.38
N ASP A 103 -27.19 -16.34 -28.20
CA ASP A 103 -27.05 -16.30 -29.66
C ASP A 103 -26.56 -14.93 -30.13
N THR A 104 -25.34 -14.60 -29.71
CA THR A 104 -24.69 -13.35 -30.06
C THR A 104 -24.20 -13.45 -31.50
N PRO A 105 -24.20 -12.33 -32.26
CA PRO A 105 -24.52 -10.95 -31.85
C PRO A 105 -26.00 -10.58 -31.89
N ASP A 106 -26.90 -11.48 -32.30
CA ASP A 106 -28.33 -11.16 -32.28
C ASP A 106 -28.82 -10.89 -30.86
N ASP A 107 -28.47 -11.77 -29.91
CA ASP A 107 -28.74 -11.49 -28.49
C ASP A 107 -27.78 -10.36 -28.04
N ARG A 108 -28.29 -9.38 -27.32
CA ARG A 108 -27.52 -8.19 -26.98
C ARG A 108 -26.80 -8.35 -25.64
N LEU A 109 -25.49 -8.17 -25.66
CA LEU A 109 -24.66 -8.24 -24.46
C LEU A 109 -24.04 -6.87 -24.23
N VAL A 110 -24.33 -6.27 -23.08
CA VAL A 110 -23.78 -4.97 -22.70
C VAL A 110 -22.82 -5.19 -21.54
N TRP A 111 -21.54 -4.83 -21.75
CA TRP A 111 -20.51 -4.90 -20.72
C TRP A 111 -20.41 -3.52 -20.06
N ASP A 112 -20.52 -3.50 -18.74
CA ASP A 112 -20.39 -2.25 -18.00
C ASP A 112 -18.91 -1.89 -17.88
N VAL A 113 -18.59 -0.63 -18.15
CA VAL A 113 -17.28 -0.01 -18.06
C VAL A 113 -16.43 -0.48 -19.24
N GLY A 114 -16.23 -1.80 -19.36
CA GLY A 114 -15.61 -2.41 -20.52
C GLY A 114 -14.16 -2.78 -20.32
N HIS A 115 -13.58 -2.43 -19.19
CA HIS A 115 -12.19 -2.78 -18.93
C HIS A 115 -11.99 -4.27 -18.71
N GLN A 116 -13.06 -5.06 -18.53
CA GLN A 116 -13.01 -6.50 -18.34
C GLN A 116 -13.32 -7.25 -19.62
N ALA A 117 -13.44 -6.54 -20.74
CA ALA A 117 -14.00 -7.07 -21.97
C ALA A 117 -12.96 -7.55 -22.98
N TYR A 118 -11.70 -7.69 -22.57
CA TYR A 118 -10.70 -8.27 -23.47
C TYR A 118 -11.05 -9.73 -23.79
N PRO A 119 -11.40 -10.60 -22.83
CA PRO A 119 -11.91 -11.94 -23.25
C PRO A 119 -13.07 -11.84 -24.24
N HIS A 120 -13.91 -10.82 -24.14
CA HIS A 120 -15.01 -10.67 -25.10
C HIS A 120 -14.51 -10.31 -26.50
N LYS A 121 -13.52 -9.43 -26.59
CA LYS A 121 -12.95 -9.14 -27.88
C LYS A 121 -12.16 -10.33 -28.46
N ILE A 122 -11.52 -11.13 -27.61
CA ILE A 122 -10.74 -12.26 -28.09
C ILE A 122 -11.66 -13.27 -28.75
N LEU A 123 -12.89 -13.35 -28.28
CA LEU A 123 -13.89 -14.29 -28.78
C LEU A 123 -14.78 -13.70 -29.87
N THR A 124 -14.63 -12.42 -30.22
CA THR A 124 -15.51 -11.80 -31.21
C THR A 124 -14.72 -11.27 -32.39
N GLU A 125 -13.99 -12.15 -33.06
CA GLU A 125 -13.34 -11.90 -34.34
C GLU A 125 -12.18 -10.93 -34.23
N ARG A 126 -11.67 -10.70 -33.02
CA ARG A 126 -10.62 -9.70 -32.80
C ARG A 126 -9.36 -10.27 -32.15
N ARG A 127 -9.25 -11.60 -31.98
CA ARG A 127 -8.12 -12.13 -31.22
C ARG A 127 -6.80 -11.71 -31.85
N GLU A 128 -6.68 -11.88 -33.17
CA GLU A 128 -5.44 -11.60 -33.87
C GLU A 128 -5.23 -10.11 -34.10
N LEU A 129 -6.15 -9.27 -33.61
CA LEU A 129 -5.96 -7.82 -33.57
C LEU A 129 -5.46 -7.32 -32.21
N MET A 130 -5.41 -8.17 -31.19
CA MET A 130 -5.10 -7.66 -29.86
C MET A 130 -3.68 -7.13 -29.78
N GLY A 131 -2.85 -7.39 -30.79
CA GLY A 131 -1.54 -6.78 -30.81
C GLY A 131 -1.57 -5.30 -31.06
N THR A 132 -2.72 -4.78 -31.55
CA THR A 132 -2.93 -3.36 -31.78
C THR A 132 -3.66 -2.67 -30.64
N LEU A 133 -3.99 -3.40 -29.58
CA LEU A 133 -4.80 -2.85 -28.50
C LEU A 133 -4.17 -1.58 -27.93
N ARG A 134 -5.00 -0.53 -27.80
CA ARG A 134 -4.65 0.74 -27.16
C ARG A 134 -3.48 1.42 -27.87
N GLN A 135 -3.24 1.01 -29.11
CA GLN A 135 -2.30 1.64 -30.02
C GLN A 135 -3.08 2.49 -30.99
N LYS A 136 -2.42 3.54 -31.48
CA LYS A 136 -3.01 4.36 -32.54
C LYS A 136 -3.48 3.49 -33.70
N ASN A 137 -4.74 3.68 -34.09
CA ASN A 137 -5.42 2.92 -35.12
C ASN A 137 -5.62 1.47 -34.78
N GLY A 138 -5.33 1.05 -33.55
CA GLY A 138 -5.61 -0.29 -33.08
C GLY A 138 -6.93 -0.35 -32.31
N LEU A 139 -7.16 -1.51 -31.74
CA LEU A 139 -8.37 -1.71 -30.93
C LEU A 139 -8.44 -0.72 -29.78
N ALA A 140 -9.65 -0.24 -29.51
CA ALA A 140 -9.87 0.72 -28.45
C ALA A 140 -9.83 0.02 -27.09
N ALA A 141 -9.69 0.84 -26.04
CA ALA A 141 -9.62 0.38 -24.68
C ALA A 141 -10.88 -0.35 -24.24
N PHE A 142 -12.03 -0.01 -24.82
CA PHE A 142 -13.30 -0.50 -24.34
C PHE A 142 -14.12 -1.00 -25.51
N PRO A 143 -15.19 -1.74 -25.25
CA PRO A 143 -16.12 -2.05 -26.34
C PRO A 143 -16.62 -0.77 -26.95
N ARG A 144 -16.84 -0.83 -28.26
CA ARG A 144 -17.18 0.35 -29.06
C ARG A 144 -18.02 -0.08 -30.24
N ARG A 145 -19.19 0.55 -30.40
CA ARG A 145 -20.13 0.10 -31.43
C ARG A 145 -19.48 0.13 -32.82
N ALA A 146 -18.75 1.19 -33.14
CA ALA A 146 -18.14 1.28 -34.46
C ALA A 146 -17.03 0.24 -34.66
N GLU A 147 -16.53 -0.37 -33.59
CA GLU A 147 -15.47 -1.36 -33.72
C GLU A 147 -15.97 -2.73 -34.16
N SER A 148 -17.20 -3.11 -33.80
CA SER A 148 -17.67 -4.46 -34.06
C SER A 148 -19.16 -4.57 -33.76
N GLU A 149 -19.84 -5.46 -34.50
CA GLU A 149 -21.24 -5.74 -34.21
C GLU A 149 -21.43 -6.50 -32.91
N TYR A 150 -20.36 -7.01 -32.31
CA TYR A 150 -20.44 -7.70 -31.04
C TYR A 150 -20.38 -6.73 -29.85
N ASP A 151 -20.17 -5.43 -30.09
CA ASP A 151 -20.24 -4.46 -29.01
C ASP A 151 -21.52 -3.67 -29.21
N THR A 152 -22.51 -3.91 -28.35
CA THR A 152 -23.77 -3.21 -28.49
C THR A 152 -23.74 -1.79 -27.91
N PHE A 153 -22.79 -1.47 -27.04
CA PHE A 153 -22.77 -0.18 -26.36
C PHE A 153 -21.38 0.27 -25.98
N GLY A 154 -21.03 1.47 -26.41
CA GLY A 154 -19.77 2.07 -26.01
C GLY A 154 -19.77 2.41 -24.53
N VAL A 155 -18.83 1.89 -23.79
CA VAL A 155 -18.75 2.08 -22.36
C VAL A 155 -17.42 2.70 -22.05
N GLY A 156 -17.26 3.11 -20.81
CA GLY A 156 -16.01 3.67 -20.29
C GLY A 156 -16.33 4.20 -18.92
N HIS A 157 -17.18 5.24 -18.90
CA HIS A 157 -17.91 5.58 -17.70
C HIS A 157 -18.67 4.34 -17.26
N SER A 158 -19.00 4.30 -15.98
CA SER A 158 -19.57 3.11 -15.36
C SER A 158 -21.08 3.22 -15.24
N SER A 159 -21.69 2.08 -14.93
CA SER A 159 -23.07 2.00 -14.48
C SER A 159 -24.09 2.29 -15.55
N THR A 160 -23.71 2.25 -16.84
CA THR A 160 -24.64 2.52 -17.94
C THR A 160 -25.28 1.26 -18.52
N SER A 161 -24.78 0.08 -18.16
CA SER A 161 -25.15 -1.12 -18.89
C SER A 161 -26.63 -1.47 -18.74
N ILE A 162 -27.20 -1.25 -17.55
CA ILE A 162 -28.58 -1.68 -17.32
C ILE A 162 -29.53 -0.78 -18.08
N SER A 163 -29.27 0.52 -18.04
CA SER A 163 -30.08 1.43 -18.82
C SER A 163 -30.00 1.07 -20.30
N ALA A 164 -28.79 0.78 -20.81
CA ALA A 164 -28.66 0.53 -22.24
C ALA A 164 -29.37 -0.76 -22.62
N ALA A 165 -29.16 -1.82 -21.83
CA ALA A 165 -29.79 -3.10 -22.10
C ALA A 165 -31.30 -3.02 -21.98
N LEU A 166 -31.80 -2.22 -21.04
CA LEU A 166 -33.24 -2.08 -20.92
C LEU A 166 -33.84 -1.40 -22.15
N GLY A 167 -33.18 -0.37 -22.65
CA GLY A 167 -33.63 0.25 -23.89
C GLY A 167 -33.62 -0.69 -25.07
N MET A 168 -32.62 -1.57 -25.15
CA MET A 168 -32.64 -2.52 -26.27
C MET A 168 -33.74 -3.56 -26.07
N ALA A 169 -33.94 -3.99 -24.82
CA ALA A 169 -35.01 -4.95 -24.54
C ALA A 169 -36.38 -4.36 -24.90
N ILE A 170 -36.61 -3.09 -24.55
CA ILE A 170 -37.87 -2.42 -24.88
C ILE A 170 -38.06 -2.31 -26.39
N ALA A 171 -37.01 -1.88 -27.09
CA ALA A 171 -37.13 -1.68 -28.53
C ALA A 171 -37.41 -3.00 -29.26
N ALA A 172 -36.67 -4.05 -28.91
CA ALA A 172 -36.87 -5.34 -29.54
C ALA A 172 -38.31 -5.84 -29.35
N ARG A 173 -38.88 -5.60 -28.18
CA ARG A 173 -40.22 -6.12 -27.93
C ARG A 173 -41.26 -5.35 -28.74
N LEU A 174 -41.13 -4.02 -28.84
CA LEU A 174 -42.02 -3.24 -29.70
C LEU A 174 -41.87 -3.60 -31.17
N GLN A 175 -40.69 -4.08 -31.57
CA GLN A 175 -40.42 -4.50 -32.93
C GLN A 175 -40.85 -5.94 -33.21
N GLY A 176 -41.26 -6.68 -32.18
CA GLY A 176 -41.58 -8.09 -32.33
C GLY A 176 -40.41 -9.03 -32.47
N LYS A 177 -39.18 -8.58 -32.19
CA LYS A 177 -38.02 -9.46 -32.17
C LYS A 177 -37.95 -10.24 -30.86
N GLU A 178 -37.46 -11.49 -30.94
CA GLU A 178 -37.41 -12.36 -29.77
C GLU A 178 -36.00 -12.44 -29.17
N ARG A 179 -35.19 -11.40 -29.36
CA ARG A 179 -33.81 -11.43 -28.91
C ARG A 179 -33.70 -11.14 -27.42
N LYS A 180 -32.60 -11.61 -26.84
CA LYS A 180 -32.35 -11.48 -25.42
C LYS A 180 -31.49 -10.25 -25.13
N SER A 181 -31.65 -9.72 -23.94
CA SER A 181 -30.91 -8.55 -23.51
C SER A 181 -30.21 -8.89 -22.21
N VAL A 182 -28.88 -8.70 -22.19
CA VAL A 182 -28.05 -9.04 -21.04
C VAL A 182 -27.09 -7.89 -20.74
N ALA A 183 -27.05 -7.47 -19.47
CA ALA A 183 -26.08 -6.52 -18.96
C ALA A 183 -25.22 -7.17 -17.88
N VAL A 184 -23.90 -7.04 -18.02
CA VAL A 184 -22.94 -7.49 -17.01
C VAL A 184 -22.42 -6.26 -16.28
N ILE A 185 -22.64 -6.21 -14.96
CA ILE A 185 -22.26 -5.05 -14.15
C ILE A 185 -21.50 -5.48 -12.90
N GLY A 186 -20.45 -4.74 -12.60
CA GLY A 186 -19.65 -5.03 -11.41
C GLY A 186 -20.27 -4.48 -10.13
N ASP A 187 -19.86 -5.04 -9.00
CA ASP A 187 -20.45 -4.63 -7.74
C ASP A 187 -20.21 -3.13 -7.50
N GLY A 188 -19.08 -2.59 -7.96
CA GLY A 188 -18.84 -1.17 -7.76
C GLY A 188 -19.73 -0.25 -8.59
N ALA A 189 -20.00 -0.64 -9.85
CA ALA A 189 -20.84 0.20 -10.71
C ALA A 189 -22.26 0.29 -10.14
N LEU A 190 -22.70 -0.75 -9.43
CA LEU A 190 -24.01 -0.73 -8.79
C LEU A 190 -24.08 0.26 -7.66
N THR A 191 -22.98 0.92 -7.33
CA THR A 191 -23.10 2.02 -6.35
C THR A 191 -23.62 3.31 -6.98
N ALA A 192 -23.62 3.44 -8.32
CA ALA A 192 -24.06 4.69 -8.97
C ALA A 192 -25.58 4.79 -9.00
N GLY A 193 -26.08 6.03 -8.92
CA GLY A 193 -27.51 6.23 -8.85
C GLY A 193 -28.24 5.78 -10.09
N MET A 194 -27.62 5.97 -11.27
CA MET A 194 -28.32 5.62 -12.50
C MET A 194 -28.55 4.11 -12.58
N ALA A 195 -27.76 3.31 -11.87
CA ALA A 195 -28.02 1.87 -11.89
C ALA A 195 -29.27 1.55 -11.08
N PHE A 196 -29.46 2.25 -9.98
CA PHE A 196 -30.69 2.10 -9.20
C PHE A 196 -31.90 2.58 -9.99
N GLU A 197 -31.74 3.71 -10.70
CA GLU A 197 -32.84 4.23 -11.51
C GLU A 197 -33.24 3.24 -12.61
N ALA A 198 -32.25 2.58 -13.20
CA ALA A 198 -32.55 1.62 -14.26
C ALA A 198 -33.19 0.35 -13.70
N LEU A 199 -32.71 -0.14 -12.54
CA LEU A 199 -33.30 -1.35 -11.94
C LEU A 199 -34.77 -1.14 -11.60
N ASN A 200 -35.13 0.08 -11.17
CA ASN A 200 -36.53 0.35 -10.85
C ASN A 200 -37.40 0.40 -12.09
N HIS A 201 -36.90 1.03 -13.15
CA HIS A 201 -37.73 1.23 -14.33
C HIS A 201 -37.90 -0.07 -15.10
N ALA A 202 -36.84 -0.90 -15.14
CA ALA A 202 -36.97 -2.23 -15.74
C ALA A 202 -38.08 -3.02 -15.06
N SER A 203 -38.22 -2.85 -13.75
CA SER A 203 -39.27 -3.53 -12.99
C SER A 203 -40.62 -2.97 -13.37
N GLU A 204 -40.70 -1.65 -13.56
CA GLU A 204 -41.95 -1.01 -13.92
C GLU A 204 -42.46 -1.50 -15.26
N VAL A 205 -41.58 -1.67 -16.25
CA VAL A 205 -42.06 -2.08 -17.57
C VAL A 205 -42.08 -3.58 -17.70
N ASP A 206 -41.75 -4.31 -16.66
CA ASP A 206 -41.63 -5.76 -16.70
C ASP A 206 -40.81 -6.24 -17.89
N ALA A 207 -39.61 -5.68 -18.01
CA ALA A 207 -38.74 -5.97 -19.15
C ALA A 207 -38.20 -7.39 -19.12
N ASP A 208 -38.07 -7.99 -20.30
CA ASP A 208 -37.38 -9.28 -20.44
C ASP A 208 -35.89 -9.05 -20.66
N MET A 209 -35.13 -9.01 -19.55
CA MET A 209 -33.70 -8.84 -19.61
C MET A 209 -33.05 -9.55 -18.43
N LEU A 210 -31.73 -9.70 -18.54
CA LEU A 210 -30.91 -10.37 -17.55
C LEU A 210 -29.83 -9.39 -17.13
N VAL A 211 -29.76 -9.11 -15.82
CA VAL A 211 -28.63 -8.42 -15.24
C VAL A 211 -27.77 -9.45 -14.50
N ILE A 212 -26.50 -9.47 -14.82
CA ILE A 212 -25.53 -10.33 -14.15
C ILE A 212 -24.66 -9.40 -13.31
N LEU A 213 -24.72 -9.57 -11.98
CA LEU A 213 -23.82 -8.85 -11.08
C LEU A 213 -22.54 -9.67 -11.01
N ASN A 214 -21.47 -9.12 -11.57
CA ASN A 214 -20.15 -9.72 -11.42
C ASN A 214 -19.52 -9.14 -10.15
N ASP A 215 -19.69 -9.87 -9.03
CA ASP A 215 -19.27 -9.47 -7.69
C ASP A 215 -17.90 -10.07 -7.36
N ASN A 216 -16.87 -9.22 -7.24
CA ASN A 216 -15.54 -9.73 -6.89
C ASN A 216 -15.01 -9.11 -5.61
N ASP A 217 -15.89 -8.58 -4.76
CA ASP A 217 -15.52 -8.15 -3.43
C ASP A 217 -16.02 -9.12 -2.35
N MET A 218 -16.92 -10.02 -2.70
CA MET A 218 -17.32 -11.17 -1.92
C MET A 218 -16.46 -12.37 -2.31
N SER A 219 -16.49 -13.40 -1.46
CA SER A 219 -15.83 -14.66 -1.75
C SER A 219 -16.83 -15.81 -1.69
N ILE A 220 -16.49 -16.90 -2.38
CA ILE A 220 -17.32 -18.12 -2.42
C ILE A 220 -16.37 -19.33 -2.33
N GLY A 240 -31.00 -12.74 2.83
CA GLY A 240 -29.71 -12.07 2.72
C GLY A 240 -29.33 -11.39 1.41
N PRO A 241 -28.45 -12.02 0.62
CA PRO A 241 -27.63 -11.25 -0.34
C PRO A 241 -28.41 -10.67 -1.51
N GLY A 242 -29.54 -11.25 -1.90
CA GLY A 242 -30.36 -10.69 -2.96
C GLY A 242 -31.56 -9.89 -2.49
N THR A 243 -31.67 -9.62 -1.20
CA THR A 243 -32.89 -8.98 -0.69
C THR A 243 -33.16 -7.67 -1.42
N LEU A 244 -32.12 -6.88 -1.69
CA LEU A 244 -32.32 -5.61 -2.38
C LEU A 244 -33.01 -5.79 -3.73
N PHE A 245 -32.46 -6.65 -4.60
CA PHE A 245 -32.99 -6.81 -5.95
C PHE A 245 -34.35 -7.45 -5.95
N GLU A 246 -34.56 -8.46 -5.09
CA GLU A 246 -35.89 -9.01 -4.84
C GLU A 246 -36.90 -7.91 -4.53
N GLU A 247 -36.53 -6.97 -3.66
CA GLU A 247 -37.48 -5.93 -3.28
C GLU A 247 -37.78 -4.99 -4.43
N LEU A 248 -36.80 -4.75 -5.30
CA LEU A 248 -37.03 -3.92 -6.47
C LEU A 248 -37.65 -4.68 -7.65
N GLY A 249 -38.27 -5.84 -7.44
CA GLY A 249 -39.01 -6.51 -8.50
C GLY A 249 -38.21 -7.42 -9.41
N TRP A 250 -37.05 -7.89 -8.97
CA TRP A 250 -36.17 -8.72 -9.77
C TRP A 250 -36.12 -10.13 -9.20
N ASN A 251 -36.21 -11.13 -10.08
CA ASN A 251 -36.01 -12.51 -9.69
C ASN A 251 -34.53 -12.74 -9.49
N TYR A 252 -34.11 -12.99 -8.25
CA TYR A 252 -32.72 -13.09 -7.86
C TYR A 252 -32.31 -14.55 -7.82
N ILE A 253 -31.13 -14.84 -8.31
CA ILE A 253 -30.60 -16.20 -8.29
C ILE A 253 -29.11 -16.14 -7.97
N GLY A 254 -28.72 -16.89 -6.95
CA GLY A 254 -27.32 -17.01 -6.60
C GLY A 254 -27.13 -16.67 -5.15
N PRO A 255 -25.91 -16.36 -4.76
CA PRO A 255 -24.69 -16.27 -5.59
C PRO A 255 -24.23 -17.63 -6.09
N ILE A 256 -23.67 -17.67 -7.29
CA ILE A 256 -23.04 -18.87 -7.85
C ILE A 256 -21.56 -18.59 -8.08
N ASP A 257 -20.83 -19.63 -8.45
CA ASP A 257 -19.38 -19.61 -8.62
C ASP A 257 -19.09 -19.14 -10.05
N GLY A 258 -18.55 -17.93 -10.19
CA GLY A 258 -18.32 -17.34 -11.50
C GLY A 258 -17.16 -17.92 -12.27
N HIS A 259 -16.50 -18.90 -11.69
CA HIS A 259 -15.42 -19.61 -12.34
C HIS A 259 -15.70 -21.09 -12.50
N ASP A 260 -16.92 -21.52 -12.20
CA ASP A 260 -17.32 -22.91 -12.43
C ASP A 260 -18.12 -22.94 -13.72
N LEU A 261 -17.45 -23.26 -14.81
CA LEU A 261 -18.14 -23.22 -16.11
C LEU A 261 -19.36 -24.13 -16.16
N PRO A 262 -19.38 -25.30 -15.51
CA PRO A 262 -20.59 -26.14 -15.58
C PRO A 262 -21.79 -25.48 -14.92
N THR A 263 -21.61 -24.86 -13.75
CA THR A 263 -22.73 -24.17 -13.14
C THR A 263 -23.13 -22.93 -13.94
N LEU A 264 -22.14 -22.18 -14.42
CA LEU A 264 -22.43 -20.96 -15.17
C LEU A 264 -23.29 -21.29 -16.39
N VAL A 265 -22.89 -22.29 -17.18
CA VAL A 265 -23.60 -22.63 -18.41
C VAL A 265 -25.02 -23.10 -18.10
N ALA A 266 -25.18 -23.97 -17.10
CA ALA A 266 -26.52 -24.49 -16.82
C ALA A 266 -27.43 -23.41 -16.27
N THR A 267 -26.89 -22.58 -15.35
CA THR A 267 -27.67 -21.49 -14.77
C THR A 267 -28.06 -20.48 -15.84
N LEU A 268 -27.07 -19.99 -16.59
CA LEU A 268 -27.38 -19.08 -17.70
C LEU A 268 -28.43 -19.68 -18.62
N ARG A 269 -28.30 -20.97 -18.94
CA ARG A 269 -29.26 -21.60 -19.85
C ARG A 269 -30.67 -21.57 -19.28
N ASN A 270 -30.82 -21.88 -17.99
CA ASN A 270 -32.12 -21.77 -17.35
C ASN A 270 -32.65 -20.34 -17.42
N MET A 271 -31.78 -19.35 -17.18
CA MET A 271 -32.28 -17.99 -17.12
C MET A 271 -32.49 -17.36 -18.49
N ARG A 272 -31.75 -17.81 -19.50
CA ARG A 272 -31.94 -17.28 -20.85
C ARG A 272 -33.42 -17.24 -21.21
N ASP A 273 -34.17 -18.21 -20.74
CA ASP A 273 -35.52 -18.43 -21.22
C ASP A 273 -36.58 -17.99 -20.24
N MET A 274 -36.19 -17.56 -19.05
CA MET A 274 -37.19 -17.00 -18.14
C MET A 274 -37.57 -15.60 -18.58
N LYS A 275 -38.77 -15.21 -18.21
CA LYS A 275 -39.31 -13.92 -18.61
C LYS A 275 -39.21 -12.97 -17.44
N GLY A 276 -39.32 -11.68 -17.76
CA GLY A 276 -39.36 -10.65 -16.75
C GLY A 276 -37.96 -10.23 -16.33
N PRO A 277 -37.87 -9.33 -15.35
CA PRO A 277 -36.53 -8.87 -14.92
C PRO A 277 -35.81 -9.96 -14.16
N GLN A 278 -34.69 -10.43 -14.71
CA GLN A 278 -33.93 -11.53 -14.12
C GLN A 278 -32.57 -11.01 -13.59
N PHE A 279 -32.23 -11.36 -12.35
CA PHE A 279 -30.96 -10.93 -11.74
C PHE A 279 -30.15 -12.16 -11.33
N LEU A 280 -28.99 -12.36 -11.96
CA LEU A 280 -28.06 -13.41 -11.59
C LEU A 280 -26.84 -12.82 -10.88
N HIS A 281 -26.56 -13.34 -9.66
CA HIS A 281 -25.45 -12.91 -8.82
C HIS A 281 -24.30 -13.93 -8.93
N VAL A 282 -23.17 -13.48 -9.46
CA VAL A 282 -22.00 -14.30 -9.73
C VAL A 282 -20.86 -13.76 -8.89
N VAL A 283 -19.95 -14.63 -8.48
CA VAL A 283 -18.83 -14.27 -7.60
C VAL A 283 -17.56 -14.69 -8.32
N THR A 284 -16.65 -13.73 -8.53
CA THR A 284 -15.40 -13.98 -9.21
C THR A 284 -14.26 -13.39 -8.37
N LYS A 285 -13.03 -13.76 -8.73
CA LYS A 285 -11.84 -13.32 -8.04
C LYS A 285 -11.07 -12.36 -8.92
N LYS A 286 -10.69 -11.22 -8.35
CA LYS A 286 -9.78 -10.29 -8.98
C LYS A 286 -8.52 -11.01 -9.40
N GLY A 287 -8.17 -10.90 -10.66
CA GLY A 287 -6.92 -11.46 -11.13
C GLY A 287 -6.94 -12.97 -11.16
N LYS A 288 -8.13 -13.57 -11.15
CA LYS A 288 -8.28 -15.01 -11.08
C LYS A 288 -7.31 -15.73 -12.02
N GLY A 289 -6.58 -16.68 -11.48
CA GLY A 289 -5.73 -17.52 -12.30
C GLY A 289 -4.36 -16.95 -12.59
N PHE A 290 -4.04 -15.79 -12.01
CA PHE A 290 -2.68 -15.24 -12.09
C PHE A 290 -2.33 -14.77 -10.69
N ALA A 291 -1.50 -15.56 -9.97
CA ALA A 291 -1.37 -15.39 -8.53
C ALA A 291 -0.90 -14.00 -8.16
N PRO A 292 0.08 -13.41 -8.85
CA PRO A 292 0.48 -12.03 -8.48
C PRO A 292 -0.64 -11.00 -8.56
N ALA A 293 -1.62 -11.18 -9.43
CA ALA A 293 -2.74 -10.24 -9.50
C ALA A 293 -3.80 -10.54 -8.44
N GLU A 294 -4.04 -11.82 -8.13
CA GLU A 294 -4.87 -12.15 -6.97
C GLU A 294 -4.29 -11.55 -5.70
N LEU A 295 -2.95 -11.53 -5.60
CA LEU A 295 -2.29 -11.03 -4.40
C LEU A 295 -2.22 -9.52 -4.37
N ASP A 296 -2.22 -8.87 -5.52
CA ASP A 296 -2.09 -7.41 -5.57
C ASP A 296 -2.97 -6.89 -6.69
N PRO A 297 -4.28 -6.82 -6.46
CA PRO A 297 -5.19 -6.45 -7.54
C PRO A 297 -5.21 -4.96 -7.86
N ILE A 298 -4.80 -4.12 -6.91
CA ILE A 298 -4.55 -2.71 -7.23
C ILE A 298 -3.45 -2.61 -8.27
N GLY A 299 -2.28 -3.16 -7.97
CA GLY A 299 -1.16 -3.04 -8.86
C GLY A 299 -1.43 -3.67 -10.21
N TYR A 300 -2.30 -4.69 -10.25
CA TYR A 300 -2.62 -5.42 -11.46
C TYR A 300 -3.97 -5.05 -12.09
N HIS A 301 -4.62 -3.99 -11.62
CA HIS A 301 -5.75 -3.44 -12.35
C HIS A 301 -5.36 -3.17 -13.79
N ALA A 302 -4.12 -2.71 -13.98
CA ALA A 302 -3.62 -2.39 -15.31
C ALA A 302 -2.11 -2.50 -15.28
N ILE A 303 -1.53 -2.73 -16.45
CA ILE A 303 -0.10 -2.90 -16.57
C ILE A 303 0.37 -2.28 -17.87
N THR A 304 1.66 -1.95 -17.87
CA THR A 304 2.44 -1.53 -19.03
C THR A 304 2.93 -2.73 -19.81
N LYS A 305 3.23 -2.51 -21.09
CA LYS A 305 3.79 -3.59 -21.90
C LYS A 305 5.11 -4.07 -21.31
N LEU A 306 5.39 -5.35 -21.49
CA LEU A 306 6.52 -5.99 -20.86
C LEU A 306 7.85 -5.43 -21.34
N GLU A 307 8.86 -5.59 -20.47
CA GLU A 307 10.27 -5.15 -20.59
C GLU A 307 10.39 -3.64 -20.40
N LYS A 315 13.12 9.92 -18.54
CA LYS A 315 12.59 8.64 -18.08
C LYS A 315 12.32 8.67 -16.57
N THR A 316 12.93 9.62 -15.86
CA THR A 316 12.69 9.79 -14.42
C THR A 316 11.52 10.74 -14.20
N GLY A 317 11.69 12.01 -14.55
CA GLY A 317 10.57 12.92 -14.64
C GLY A 317 10.16 13.54 -13.32
N GLY A 318 9.29 14.54 -13.42
CA GLY A 318 8.74 15.20 -12.26
C GLY A 318 7.59 14.42 -11.66
N PRO A 319 7.07 14.92 -10.56
CA PRO A 319 5.92 14.25 -9.94
C PRO A 319 4.65 14.46 -10.77
N LYS A 320 3.75 13.50 -10.65
CA LYS A 320 2.49 13.58 -11.37
C LYS A 320 1.64 14.73 -10.82
N TYR A 321 0.91 15.42 -11.69
CA TYR A 321 0.05 16.49 -11.18
C TYR A 321 -0.83 16.00 -10.03
N SER A 322 -1.38 14.77 -10.14
CA SER A 322 -2.26 14.27 -9.06
C SER A 322 -1.50 14.12 -7.75
N SER A 323 -0.20 13.85 -7.82
CA SER A 323 0.60 13.68 -6.62
C SER A 323 0.96 15.03 -6.00
N VAL A 324 1.20 16.03 -6.84
CA VAL A 324 1.29 17.41 -6.35
C VAL A 324 0.00 17.80 -5.63
N PHE A 325 -1.14 17.54 -6.28
CA PHE A 325 -2.41 17.79 -5.60
C PHE A 325 -2.45 17.10 -4.24
N GLY A 326 -2.14 15.80 -4.20
CA GLY A 326 -2.27 15.05 -2.97
C GLY A 326 -1.34 15.56 -1.88
N GLN A 327 -0.16 16.01 -2.28
CA GLN A 327 0.73 16.65 -1.32
C GLN A 327 0.09 17.94 -0.83
N TRP A 328 -0.44 18.75 -1.75
CA TRP A 328 -1.12 19.97 -1.34
C TRP A 328 -2.24 19.67 -0.34
N LEU A 329 -2.98 18.60 -0.58
CA LEU A 329 -4.11 18.25 0.30
C LEU A 329 -3.63 17.90 1.71
N CYS A 330 -2.60 17.06 1.82
CA CYS A 330 -2.02 16.79 3.14
C CYS A 330 -1.49 18.06 3.81
N ASP A 331 -0.77 18.90 3.05
CA ASP A 331 -0.19 20.10 3.63
C ASP A 331 -1.25 21.06 4.12
N MET A 332 -2.34 21.24 3.35
CA MET A 332 -3.36 22.18 3.78
C MET A 332 -4.22 21.62 4.90
N ALA A 333 -4.43 20.31 4.91
CA ALA A 333 -5.12 19.67 6.03
C ALA A 333 -4.29 19.72 7.31
N ALA A 334 -2.96 19.63 7.19
CA ALA A 334 -2.11 19.76 8.37
C ALA A 334 -2.34 21.09 9.06
N GLN A 335 -2.73 22.09 8.31
CA GLN A 335 -2.86 23.45 8.80
C GLN A 335 -4.31 23.89 9.03
N ASP A 336 -5.27 23.28 8.36
CA ASP A 336 -6.67 23.67 8.51
C ASP A 336 -7.46 22.42 8.84
N ALA A 337 -7.87 22.30 10.10
CA ALA A 337 -8.62 21.15 10.55
C ALA A 337 -10.00 21.06 9.91
N ARG A 338 -10.43 22.10 9.17
CA ARG A 338 -11.72 22.12 8.51
C ARG A 338 -11.71 21.39 7.16
N LEU A 339 -10.55 21.21 6.55
CA LEU A 339 -10.47 20.60 5.24
C LEU A 339 -10.99 19.17 5.28
N LEU A 340 -11.90 18.87 4.37
CA LEU A 340 -12.38 17.51 4.14
C LEU A 340 -12.14 17.13 2.68
N GLY A 341 -11.72 15.89 2.46
CA GLY A 341 -11.42 15.40 1.12
C GLY A 341 -12.45 14.39 0.70
N ILE A 342 -12.98 14.57 -0.52
CA ILE A 342 -14.03 13.72 -1.09
C ILE A 342 -13.56 13.17 -2.43
N THR A 343 -13.71 11.86 -2.64
CA THR A 343 -13.51 11.28 -3.97
C THR A 343 -14.64 10.31 -4.29
N PRO A 344 -15.06 10.24 -5.56
CA PRO A 344 -16.06 9.21 -5.95
C PRO A 344 -15.30 8.00 -6.49
N ALA A 345 -14.76 7.23 -5.53
CA ALA A 345 -14.09 5.94 -5.73
C ALA A 345 -12.84 6.02 -6.58
N MET A 346 -12.05 7.07 -6.40
CA MET A 346 -10.87 7.29 -7.23
C MET A 346 -9.67 7.64 -6.36
N LYS A 347 -9.56 7.03 -5.16
CA LYS A 347 -8.50 7.36 -4.22
C LYS A 347 -7.12 7.26 -4.88
N GLU A 348 -6.86 6.17 -5.57
CA GLU A 348 -5.56 6.01 -6.20
C GLU A 348 -5.38 6.99 -7.35
N GLY A 349 -6.37 7.11 -8.22
CA GLY A 349 -6.24 7.98 -9.40
C GLY A 349 -6.02 9.44 -9.08
N SER A 350 -6.95 10.02 -8.32
CA SER A 350 -6.81 11.41 -7.91
C SER A 350 -5.71 11.57 -6.89
N ASP A 351 -5.36 10.49 -6.20
CA ASP A 351 -4.22 10.37 -5.31
C ASP A 351 -4.46 10.98 -3.93
N LEU A 352 -5.50 10.50 -3.27
CA LEU A 352 -5.76 10.81 -1.87
C LEU A 352 -5.24 9.69 -0.96
N VAL A 353 -4.24 8.93 -1.43
CA VAL A 353 -3.75 7.80 -0.66
C VAL A 353 -3.18 8.28 0.67
N ALA A 354 -2.19 9.19 0.61
CA ALA A 354 -1.56 9.65 1.83
C ALA A 354 -2.56 10.37 2.72
N PHE A 355 -3.44 11.16 2.11
CA PHE A 355 -4.42 11.89 2.87
C PHE A 355 -5.38 10.94 3.58
N SER A 356 -5.74 9.84 2.91
CA SER A 356 -6.67 8.89 3.50
C SER A 356 -6.08 8.23 4.72
N GLU A 357 -4.75 8.01 4.72
CA GLU A 357 -4.04 7.39 5.83
C GLU A 357 -3.85 8.36 7.00
N ARG A 358 -3.42 9.60 6.70
CA ARG A 358 -3.15 10.56 7.76
C ARG A 358 -4.42 11.11 8.37
N TYR A 359 -5.44 11.38 7.54
CA TYR A 359 -6.65 12.10 7.94
C TYR A 359 -7.92 11.27 7.65
N PRO A 360 -8.01 10.07 8.22
CA PRO A 360 -9.11 9.18 7.81
C PRO A 360 -10.48 9.67 8.25
N GLU A 361 -10.55 10.41 9.34
CA GLU A 361 -11.80 10.96 9.79
C GLU A 361 -12.25 12.14 8.94
N ARG A 362 -11.39 12.63 8.06
CA ARG A 362 -11.74 13.71 7.17
C ARG A 362 -11.63 13.30 5.71
N TYR A 363 -11.65 11.99 5.42
CA TYR A 363 -11.58 11.45 4.06
C TYR A 363 -12.86 10.69 3.78
N PHE A 364 -13.48 10.99 2.65
CA PHE A 364 -14.75 10.39 2.25
C PHE A 364 -14.69 9.92 0.80
N ASP A 365 -14.72 8.59 0.62
CA ASP A 365 -14.92 7.92 -0.67
C ASP A 365 -16.40 7.58 -0.72
N VAL A 366 -17.15 8.22 -1.63
CA VAL A 366 -18.60 8.02 -1.70
C VAL A 366 -18.97 6.87 -2.65
N ALA A 367 -17.98 6.10 -3.10
CA ALA A 367 -18.17 5.08 -4.14
C ALA A 367 -18.40 5.79 -5.48
N ILE A 368 -19.00 5.10 -6.46
CA ILE A 368 -19.08 5.72 -7.79
C ILE A 368 -20.34 6.56 -7.85
N ALA A 369 -20.31 7.64 -7.10
CA ALA A 369 -21.43 8.43 -6.78
C ALA A 369 -21.01 9.90 -6.92
N GLU A 370 -20.72 10.32 -8.17
CA GLU A 370 -20.26 11.70 -8.39
C GLU A 370 -21.30 12.69 -7.90
N GLN A 371 -22.58 12.42 -8.17
CA GLN A 371 -23.64 13.37 -7.84
C GLN A 371 -23.70 13.66 -6.35
N HIS A 372 -23.77 12.60 -5.54
CA HIS A 372 -23.81 12.75 -4.10
C HIS A 372 -22.53 13.39 -3.56
N ALA A 373 -21.39 13.08 -4.18
CA ALA A 373 -20.14 13.71 -3.78
C ALA A 373 -20.29 15.22 -3.70
N VAL A 374 -20.94 15.83 -4.70
CA VAL A 374 -20.94 17.29 -4.75
C VAL A 374 -21.96 17.89 -3.79
N THR A 375 -23.15 17.30 -3.71
CA THR A 375 -24.14 17.82 -2.78
C THR A 375 -23.72 17.57 -1.34
N LEU A 376 -23.01 16.47 -1.09
CA LEU A 376 -22.47 16.22 0.25
C LEU A 376 -21.47 17.30 0.67
N ALA A 377 -20.57 17.68 -0.24
CA ALA A 377 -19.73 18.87 -0.04
C ALA A 377 -20.57 20.10 0.27
N ALA A 378 -21.63 20.33 -0.52
CA ALA A 378 -22.44 21.54 -0.29
C ALA A 378 -22.95 21.56 1.15
N GLY A 379 -23.42 20.41 1.64
CA GLY A 379 -23.95 20.34 2.99
C GLY A 379 -22.87 20.48 4.04
N MET A 380 -21.68 19.96 3.76
CA MET A 380 -20.55 20.16 4.65
C MET A 380 -20.20 21.63 4.77
N ALA A 381 -20.24 22.36 3.64
CA ALA A 381 -19.84 23.76 3.64
C ALA A 381 -20.82 24.63 4.43
N CYS A 382 -22.07 24.20 4.56
CA CYS A 382 -23.05 24.92 5.35
C CYS A 382 -22.78 24.90 6.85
N GLU A 383 -22.03 23.92 7.35
CA GLU A 383 -21.64 23.89 8.76
C GLU A 383 -20.27 24.50 8.97
N GLY A 384 -19.71 25.16 7.97
CA GLY A 384 -18.43 25.79 8.11
C GLY A 384 -17.25 24.92 7.78
N MET A 385 -17.46 23.67 7.41
CA MET A 385 -16.32 22.85 7.02
C MET A 385 -15.95 23.17 5.55
N LYS A 386 -14.78 22.69 5.15
CA LYS A 386 -14.13 23.14 3.92
C LYS A 386 -13.88 21.97 2.99
N PRO A 387 -14.93 21.48 2.32
CA PRO A 387 -14.75 20.31 1.46
C PRO A 387 -13.95 20.62 0.22
N VAL A 388 -13.16 19.64 -0.21
CA VAL A 388 -12.44 19.62 -1.48
C VAL A 388 -12.90 18.40 -2.23
N VAL A 389 -13.55 18.61 -3.38
CA VAL A 389 -14.03 17.49 -4.20
C VAL A 389 -12.95 17.17 -5.22
N ALA A 390 -12.36 15.98 -5.11
CA ALA A 390 -11.37 15.51 -6.07
C ALA A 390 -12.12 14.67 -7.09
N ILE A 391 -12.17 15.14 -8.35
CA ILE A 391 -13.06 14.56 -9.36
C ILE A 391 -12.45 14.82 -10.73
N TYR A 392 -12.42 13.77 -11.57
CA TYR A 392 -11.94 13.92 -12.95
C TYR A 392 -12.89 14.79 -13.78
N SER A 393 -12.31 15.50 -14.74
CA SER A 393 -13.12 16.35 -15.62
C SER A 393 -14.24 15.56 -16.29
N THR A 394 -13.90 14.43 -16.89
CA THR A 394 -14.95 13.63 -17.55
C THR A 394 -15.99 13.12 -16.55
N PHE A 395 -15.61 12.80 -15.31
CA PHE A 395 -16.59 12.26 -14.37
C PHE A 395 -17.45 13.36 -13.76
N LEU A 396 -16.87 14.57 -13.60
CA LEU A 396 -17.62 15.74 -13.14
C LEU A 396 -18.78 16.07 -14.08
N GLN A 397 -18.73 15.63 -15.33
CA GLN A 397 -19.89 15.75 -16.20
C GLN A 397 -21.14 15.20 -15.52
N ARG A 398 -20.97 14.20 -14.66
CA ARG A 398 -22.11 13.48 -14.11
C ARG A 398 -22.68 14.15 -12.88
N ALA A 399 -21.98 15.13 -12.30
CA ALA A 399 -22.45 15.83 -11.12
C ALA A 399 -22.71 17.29 -11.43
N TYR A 400 -22.96 17.60 -12.70
CA TYR A 400 -23.03 19.00 -13.15
C TYR A 400 -24.19 19.73 -12.52
N ASP A 401 -25.35 19.05 -12.42
CA ASP A 401 -26.50 19.67 -11.79
C ASP A 401 -26.23 19.95 -10.31
N GLN A 402 -25.48 19.08 -9.63
CA GLN A 402 -25.21 19.30 -8.23
C GLN A 402 -24.26 20.48 -8.03
N LEU A 403 -23.23 20.57 -8.86
CA LEU A 403 -22.35 21.74 -8.84
C LEU A 403 -23.14 23.03 -9.12
N ILE A 404 -24.01 23.03 -10.14
CA ILE A 404 -24.75 24.25 -10.46
C ILE A 404 -25.76 24.61 -9.36
N HIS A 405 -26.67 23.71 -9.05
CA HIS A 405 -27.84 24.03 -8.24
C HIS A 405 -27.53 23.99 -6.75
N ASP A 406 -26.69 23.06 -6.33
CA ASP A 406 -26.44 22.95 -4.90
C ASP A 406 -25.22 23.73 -4.45
N VAL A 407 -24.28 24.05 -5.34
CA VAL A 407 -23.05 24.76 -4.96
C VAL A 407 -23.04 26.19 -5.50
N ALA A 408 -23.02 26.34 -6.81
CA ALA A 408 -22.84 27.67 -7.40
C ALA A 408 -24.03 28.58 -7.08
N VAL A 409 -25.24 28.09 -7.28
CA VAL A 409 -26.42 28.91 -7.05
C VAL A 409 -26.38 29.45 -5.63
N GLN A 410 -25.94 28.63 -4.69
CA GLN A 410 -25.84 29.03 -3.29
C GLN A 410 -24.50 29.65 -2.96
N HIS A 411 -23.59 29.77 -3.93
CA HIS A 411 -22.25 30.31 -3.67
C HIS A 411 -21.61 29.69 -2.41
N LEU A 412 -21.70 28.37 -2.29
CA LEU A 412 -21.06 27.71 -1.14
C LEU A 412 -19.56 27.46 -1.36
N ASP A 413 -18.79 27.56 -0.28
CA ASP A 413 -17.33 27.41 -0.34
C ASP A 413 -16.95 25.93 -0.53
N VAL A 414 -16.82 25.50 -1.78
CA VAL A 414 -16.42 24.15 -2.15
C VAL A 414 -15.35 24.26 -3.23
N LEU A 415 -14.23 23.55 -3.05
CA LEU A 415 -13.14 23.48 -4.01
C LEU A 415 -13.20 22.17 -4.80
N PHE A 416 -13.05 22.29 -6.12
CA PHE A 416 -13.08 21.18 -7.08
C PHE A 416 -11.68 21.05 -7.67
N ALA A 417 -11.05 19.91 -7.47
CA ALA A 417 -9.71 19.65 -8.01
C ALA A 417 -9.91 18.68 -9.16
N ILE A 418 -9.89 19.23 -10.37
CA ILE A 418 -10.33 18.57 -11.59
C ILE A 418 -9.10 17.95 -12.26
N ASP A 419 -8.92 16.66 -12.06
CA ASP A 419 -7.82 15.90 -12.63
C ASP A 419 -8.22 15.43 -14.04
N ARG A 420 -7.24 14.88 -14.77
CA ARG A 420 -7.47 14.36 -16.10
C ARG A 420 -8.13 15.43 -17.00
N ALA A 421 -7.74 16.69 -16.79
CA ALA A 421 -8.14 17.78 -17.68
C ALA A 421 -7.36 17.69 -18.99
N GLY A 422 -8.08 17.63 -20.09
CA GLY A 422 -7.45 17.50 -21.38
C GLY A 422 -7.54 16.09 -21.92
N LEU A 423 -6.67 15.83 -22.90
CA LEU A 423 -6.60 14.50 -23.51
C LEU A 423 -5.93 13.54 -22.54
N VAL A 424 -6.44 12.30 -22.48
CA VAL A 424 -5.97 11.38 -21.45
C VAL A 424 -5.30 10.15 -22.02
N GLY A 425 -5.18 10.06 -23.33
CA GLY A 425 -4.38 9.01 -23.97
C GLY A 425 -5.17 7.74 -24.37
N GLU A 426 -4.62 6.59 -24.02
CA GLU A 426 -5.09 5.32 -24.58
C GLU A 426 -6.51 4.98 -24.13
N ASP A 427 -6.93 5.48 -22.97
CA ASP A 427 -8.32 5.28 -22.57
C ASP A 427 -9.29 5.93 -23.54
N GLY A 428 -8.88 7.00 -24.20
CA GLY A 428 -9.64 7.47 -25.35
C GLY A 428 -10.70 8.51 -25.03
N PRO A 429 -11.61 8.74 -25.99
CA PRO A 429 -12.53 9.88 -25.88
C PRO A 429 -13.60 9.73 -24.82
N THR A 430 -13.92 8.50 -24.39
CA THR A 430 -14.90 8.31 -23.31
C THR A 430 -14.43 8.93 -22.01
N HIS A 431 -13.12 9.11 -21.83
CA HIS A 431 -12.52 9.61 -20.60
C HIS A 431 -11.89 10.99 -20.79
N ALA A 432 -12.03 11.62 -21.95
CA ALA A 432 -11.34 12.87 -22.23
C ALA A 432 -11.89 13.98 -21.36
N GLY A 433 -11.01 14.82 -20.84
CA GLY A 433 -11.44 15.96 -20.03
C GLY A 433 -11.51 17.21 -20.88
N SER A 434 -12.36 17.19 -21.88
CA SER A 434 -12.32 18.15 -22.98
C SER A 434 -13.19 19.38 -22.78
N PHE A 435 -14.10 19.37 -21.82
CA PHE A 435 -15.19 20.33 -21.81
C PHE A 435 -15.31 21.17 -20.54
N ASP A 436 -14.48 20.91 -19.51
CA ASP A 436 -14.80 21.44 -18.19
C ASP A 436 -14.63 22.96 -18.12
N ILE A 437 -13.73 23.54 -18.91
CA ILE A 437 -13.66 24.99 -18.99
C ILE A 437 -14.93 25.56 -19.63
N SER A 438 -15.39 24.90 -20.69
CA SER A 438 -16.61 25.32 -21.36
C SER A 438 -17.82 25.20 -20.44
N TYR A 439 -17.97 24.05 -19.78
CA TYR A 439 -19.22 23.86 -19.04
C TYR A 439 -19.21 24.54 -17.67
N LEU A 440 -18.04 24.86 -17.13
CA LEU A 440 -17.99 25.57 -15.85
C LEU A 440 -17.96 27.10 -15.96
N ARG A 441 -17.29 27.67 -16.97
CA ARG A 441 -17.16 29.14 -16.98
C ARG A 441 -18.46 29.84 -17.31
N CYS A 442 -19.43 29.14 -17.84
CA CYS A 442 -20.69 29.81 -18.10
C CYS A 442 -21.56 29.85 -16.86
N ILE A 443 -21.06 29.36 -15.73
CA ILE A 443 -21.84 29.22 -14.49
C ILE A 443 -21.52 30.39 -13.57
N PRO A 444 -22.49 31.22 -13.20
CA PRO A 444 -22.19 32.38 -12.35
C PRO A 444 -21.63 31.93 -11.01
N GLY A 445 -20.58 32.64 -10.59
CA GLY A 445 -19.96 32.41 -9.30
C GLY A 445 -18.76 31.53 -9.33
N MET A 446 -18.49 30.83 -10.42
CA MET A 446 -17.35 29.94 -10.43
C MET A 446 -16.04 30.70 -10.64
N LEU A 447 -15.04 30.35 -9.85
CA LEU A 447 -13.66 30.77 -10.05
C LEU A 447 -12.99 29.60 -10.76
N VAL A 448 -12.51 29.84 -11.98
CA VAL A 448 -12.04 28.79 -12.88
C VAL A 448 -10.57 29.05 -13.19
N MET A 449 -9.70 28.13 -12.78
CA MET A 449 -8.26 28.31 -12.88
C MET A 449 -7.58 27.16 -13.63
N THR A 450 -6.47 27.51 -14.30
CA THR A 450 -5.73 26.61 -15.18
C THR A 450 -4.20 26.71 -14.98
N PRO A 451 -3.66 26.03 -13.98
CA PRO A 451 -2.20 26.09 -13.74
C PRO A 451 -1.37 25.56 -14.90
N SER A 452 -0.21 26.19 -15.11
CA SER A 452 0.74 25.81 -16.15
C SER A 452 1.82 24.80 -15.73
N ASP A 453 2.03 24.59 -14.45
CA ASP A 453 3.04 23.62 -14.00
C ASP A 453 2.77 23.25 -12.55
N GLU A 454 3.71 22.51 -11.95
CA GLU A 454 3.53 21.98 -10.58
C GLU A 454 3.38 23.12 -9.57
N ASP A 455 4.28 24.10 -9.63
CA ASP A 455 4.25 25.15 -8.63
C ASP A 455 2.97 25.98 -8.79
N GLU A 456 2.56 26.19 -10.05
CA GLU A 456 1.31 26.91 -10.31
C GLU A 456 0.11 26.12 -9.80
N LEU A 457 0.12 24.81 -9.98
CA LEU A 457 -0.99 24.01 -9.47
C LEU A 457 -1.14 24.13 -7.96
N ARG A 458 -0.03 24.09 -7.23
CA ARG A 458 -0.09 24.26 -5.78
C ARG A 458 -0.57 25.65 -5.42
N LYS A 459 -0.04 26.67 -6.11
CA LYS A 459 -0.45 28.04 -5.85
C LYS A 459 -1.94 28.22 -6.09
N LEU A 460 -2.47 27.62 -7.17
CA LEU A 460 -3.87 27.86 -7.53
C LEU A 460 -4.82 26.98 -6.73
N LEU A 461 -4.37 25.81 -6.24
CA LEU A 461 -5.17 25.13 -5.23
C LEU A 461 -5.26 25.97 -3.96
N THR A 462 -4.13 26.55 -3.52
CA THR A 462 -4.21 27.40 -2.33
C THR A 462 -5.14 28.58 -2.58
N THR A 463 -5.05 29.18 -3.76
CA THR A 463 -5.88 30.34 -4.10
C THR A 463 -7.36 30.00 -4.08
N GLY A 464 -7.74 28.87 -4.70
CA GLY A 464 -9.13 28.50 -4.74
C GLY A 464 -9.68 28.10 -3.39
N TYR A 465 -8.87 27.41 -2.58
CA TYR A 465 -9.27 27.09 -1.21
C TYR A 465 -9.54 28.34 -0.37
N LEU A 466 -8.60 29.27 -0.33
CA LEU A 466 -8.78 30.42 0.55
C LEU A 466 -10.00 31.21 0.12
N PHE A 467 -10.23 31.30 -1.19
CA PHE A 467 -11.46 31.85 -1.73
C PHE A 467 -12.67 31.27 -1.01
N ASP A 468 -13.54 32.15 -0.54
CA ASP A 468 -14.81 31.77 0.07
C ASP A 468 -15.83 31.68 -1.05
N GLY A 469 -15.98 30.48 -1.63
CA GLY A 469 -16.93 30.27 -2.70
C GLY A 469 -16.52 29.12 -3.61
N PRO A 470 -17.34 28.84 -4.61
CA PRO A 470 -17.03 27.72 -5.51
C PRO A 470 -15.80 28.04 -6.36
N ALA A 471 -14.85 27.10 -6.38
CA ALA A 471 -13.63 27.29 -7.15
C ALA A 471 -13.19 25.99 -7.79
N ALA A 472 -12.55 26.12 -8.95
CA ALA A 472 -12.14 24.97 -9.76
C ALA A 472 -10.70 25.13 -10.24
N VAL A 473 -9.92 24.07 -10.13
CA VAL A 473 -8.56 24.02 -10.62
C VAL A 473 -8.40 22.75 -11.46
N ARG A 474 -8.05 22.91 -12.73
CA ARG A 474 -7.97 21.82 -13.69
C ARG A 474 -6.51 21.53 -14.07
N TYR A 475 -6.16 20.25 -14.13
CA TYR A 475 -4.81 19.82 -14.47
C TYR A 475 -4.84 18.47 -15.18
N PRO A 476 -3.86 18.20 -16.05
CA PRO A 476 -3.89 16.96 -16.82
C PRO A 476 -3.38 15.75 -16.06
N ARG A 477 -3.75 14.57 -16.56
CA ARG A 477 -3.03 13.34 -16.24
C ARG A 477 -1.55 13.52 -16.57
N GLY A 478 -0.72 12.65 -16.03
CA GLY A 478 0.70 12.70 -16.34
C GLY A 478 1.46 13.60 -15.38
N SER A 479 2.71 13.88 -15.74
CA SER A 479 3.52 14.85 -15.00
C SER A 479 3.90 16.03 -15.90
N GLY A 480 4.50 17.04 -15.27
CA GLY A 480 4.69 18.34 -15.88
C GLY A 480 6.12 18.53 -16.37
N PRO A 481 6.56 19.78 -16.47
CA PRO A 481 7.94 20.06 -16.87
C PRO A 481 8.93 20.08 -15.73
N ASN A 482 8.46 19.80 -14.51
CA ASN A 482 9.32 19.56 -13.35
C ASN A 482 10.02 20.84 -12.93
N HIS A 483 9.29 21.87 -12.80
CA HIS A 483 9.84 23.11 -12.31
C HIS A 483 9.81 23.10 -10.79
N PRO A 484 10.70 23.84 -10.15
CA PRO A 484 10.73 23.84 -8.68
C PRO A 484 9.37 24.21 -8.12
N ILE A 485 9.12 23.75 -6.91
CA ILE A 485 7.82 23.90 -6.25
C ILE A 485 8.09 24.58 -4.91
N ASP A 486 7.61 25.81 -4.76
CA ASP A 486 7.69 26.56 -3.54
C ASP A 486 6.97 25.82 -2.42
N PRO A 487 7.66 25.39 -1.35
CA PRO A 487 6.98 24.61 -0.32
C PRO A 487 5.97 25.41 0.47
N ASP A 488 5.95 26.75 0.37
CA ASP A 488 4.98 27.51 1.14
C ASP A 488 3.57 27.14 0.69
N LEU A 489 2.59 27.65 1.41
CA LEU A 489 1.18 27.58 1.08
C LEU A 489 0.76 29.05 1.07
N GLN A 490 0.84 29.68 -0.09
CA GLN A 490 0.46 31.06 -0.24
C GLN A 490 -0.31 31.23 -1.54
N PRO A 491 -1.35 32.07 -1.54
CA PRO A 491 -2.13 32.28 -2.74
C PRO A 491 -1.41 33.21 -3.71
N VAL A 492 -2.07 33.43 -4.84
CA VAL A 492 -1.75 34.48 -5.80
C VAL A 492 -3.02 35.31 -5.99
N GLU A 493 -2.85 36.47 -6.61
CA GLU A 493 -3.98 37.37 -6.79
C GLU A 493 -4.93 36.85 -7.86
N ILE A 494 -6.25 36.99 -7.61
CA ILE A 494 -7.30 36.45 -8.46
C ILE A 494 -7.47 37.33 -9.69
N GLY A 495 -7.65 36.71 -10.84
CA GLY A 495 -7.93 37.45 -12.07
C GLY A 495 -6.73 38.11 -12.71
N LYS A 496 -5.52 37.66 -12.36
CA LYS A 496 -4.28 38.27 -12.83
C LYS A 496 -3.40 37.20 -13.45
N GLY A 497 -3.08 37.38 -14.72
CA GLY A 497 -2.12 36.56 -15.42
C GLY A 497 -0.70 36.98 -15.10
N VAL A 498 0.26 36.30 -15.74
CA VAL A 498 1.67 36.50 -15.42
C VAL A 498 2.40 36.55 -16.73
N VAL A 499 2.98 37.70 -17.04
CA VAL A 499 3.71 37.82 -18.29
C VAL A 499 4.99 37.01 -18.13
N ARG A 500 5.18 36.02 -18.99
CA ARG A 500 6.36 35.16 -18.93
C ARG A 500 7.43 35.56 -19.91
N ARG A 501 7.07 36.35 -20.93
CA ARG A 501 8.02 36.77 -21.94
C ARG A 501 7.47 38.02 -22.60
N ARG A 502 8.34 39.01 -22.81
CA ARG A 502 7.98 40.22 -23.54
C ARG A 502 8.64 40.14 -24.90
N GLY A 503 7.83 40.18 -25.94
CA GLY A 503 8.29 40.24 -27.31
C GLY A 503 7.47 41.23 -28.08
N GLY A 504 7.08 40.91 -29.30
CA GLY A 504 6.34 41.84 -30.13
C GLY A 504 5.50 41.12 -31.15
N ARG A 505 4.54 41.87 -31.69
CA ARG A 505 3.70 41.40 -32.78
C ARG A 505 2.68 40.35 -32.34
N VAL A 506 3.12 39.24 -31.74
CA VAL A 506 2.21 38.17 -31.36
C VAL A 506 2.23 38.02 -29.85
N ALA A 507 1.06 37.91 -29.26
CA ALA A 507 0.96 37.57 -27.85
C ALA A 507 0.26 36.23 -27.69
N LEU A 508 0.94 35.30 -27.03
CA LEU A 508 0.39 33.99 -26.70
C LEU A 508 -0.25 34.06 -25.31
N LEU A 509 -1.57 33.91 -25.26
CA LEU A 509 -2.32 33.88 -24.00
C LEU A 509 -2.61 32.42 -23.63
N VAL A 510 -1.84 31.87 -22.71
CA VAL A 510 -1.88 30.43 -22.42
C VAL A 510 -2.67 30.19 -21.16
N PHE A 511 -3.71 29.33 -21.29
CA PHE A 511 -4.51 28.82 -20.17
C PHE A 511 -4.09 27.37 -19.93
N GLY A 512 -3.13 27.17 -19.03
CA GLY A 512 -2.75 25.83 -18.66
C GLY A 512 -1.39 25.35 -19.11
N VAL A 513 -1.28 24.06 -19.39
CA VAL A 513 0.04 23.41 -19.39
C VAL A 513 0.66 23.39 -20.79
N GLN A 514 0.04 24.04 -21.75
CA GLN A 514 0.74 24.24 -23.01
C GLN A 514 1.75 25.42 -22.94
N LEU A 515 1.98 25.95 -21.75
CA LEU A 515 2.85 27.12 -21.61
C LEU A 515 4.30 26.81 -22.00
N ALA A 516 4.79 25.64 -21.65
CA ALA A 516 6.17 25.31 -21.98
C ALA A 516 6.34 25.22 -23.49
N GLU A 517 5.36 24.63 -24.20
CA GLU A 517 5.44 24.59 -25.67
C GLU A 517 5.29 26.00 -26.25
N ALA A 518 4.34 26.79 -25.72
CA ALA A 518 4.19 28.16 -26.21
C ALA A 518 5.47 28.96 -26.02
N MET A 519 6.19 28.74 -24.90
CA MET A 519 7.45 29.45 -24.73
C MET A 519 8.42 29.09 -25.84
N LYS A 520 8.44 27.82 -26.30
CA LYS A 520 9.31 27.45 -27.42
C LYS A 520 8.95 28.25 -28.66
N VAL A 521 7.66 28.31 -28.99
CA VAL A 521 7.21 29.13 -30.13
C VAL A 521 7.61 30.60 -29.93
N ALA A 522 7.33 31.16 -28.75
CA ALA A 522 7.59 32.57 -28.51
C ALA A 522 9.07 32.92 -28.70
N GLU A 523 9.96 32.03 -28.23
CA GLU A 523 11.39 32.25 -28.45
C GLU A 523 11.72 32.22 -29.93
N SER A 524 11.01 31.40 -30.70
CA SER A 524 11.33 31.33 -32.12
C SER A 524 10.85 32.56 -32.85
N LEU A 525 9.71 33.13 -32.44
CA LEU A 525 9.07 34.23 -33.13
C LEU A 525 9.36 35.59 -32.51
N ASP A 526 9.92 35.62 -31.30
CA ASP A 526 10.06 36.85 -30.52
C ASP A 526 8.69 37.41 -30.12
N ALA A 527 7.84 36.53 -29.60
CA ALA A 527 6.48 36.86 -29.19
C ALA A 527 6.38 37.08 -27.69
N THR A 528 5.26 37.68 -27.30
CA THR A 528 4.88 37.87 -25.90
C THR A 528 4.12 36.63 -25.42
N VAL A 529 4.32 36.24 -24.16
CA VAL A 529 3.66 35.07 -23.59
C VAL A 529 3.05 35.39 -22.24
N VAL A 530 1.77 35.08 -22.08
CA VAL A 530 1.07 35.29 -20.82
C VAL A 530 0.59 33.95 -20.28
N ASP A 531 0.94 33.68 -19.02
CA ASP A 531 0.41 32.55 -18.23
C ASP A 531 -0.85 33.08 -17.56
N MET A 532 -2.01 32.73 -18.11
CA MET A 532 -3.22 33.46 -17.74
C MET A 532 -3.74 33.11 -16.37
N ARG A 533 -3.52 31.89 -15.90
CA ARG A 533 -3.97 31.40 -14.60
C ARG A 533 -5.48 31.33 -14.41
N PHE A 534 -6.20 32.36 -14.83
CA PHE A 534 -7.64 32.45 -14.58
C PHE A 534 -8.44 32.59 -15.86
N VAL A 535 -9.42 31.71 -16.03
CA VAL A 535 -10.41 31.86 -17.11
C VAL A 535 -11.51 32.79 -16.66
N LYS A 536 -11.91 32.62 -15.43
CA LYS A 536 -12.89 33.47 -14.76
C LYS A 536 -12.54 33.66 -13.28
N PRO A 537 -12.39 34.92 -12.79
CA PRO A 537 -12.49 36.19 -13.53
C PRO A 537 -11.28 36.35 -14.43
N LEU A 538 -11.46 36.84 -15.66
CA LEU A 538 -10.35 36.98 -16.60
C LEU A 538 -9.54 38.25 -16.33
N ASP A 539 -8.25 38.21 -16.66
CA ASP A 539 -7.39 39.40 -16.54
C ASP A 539 -7.69 40.34 -17.71
N GLU A 540 -8.84 41.01 -17.59
CA GLU A 540 -9.34 41.87 -18.63
C GLU A 540 -8.38 43.01 -18.95
N ALA A 541 -7.73 43.58 -17.92
CA ALA A 541 -6.83 44.72 -18.16
C ALA A 541 -5.60 44.28 -18.95
N LEU A 542 -4.99 43.15 -18.59
CA LEU A 542 -3.87 42.66 -19.40
C LEU A 542 -4.32 42.38 -20.84
N VAL A 543 -5.50 41.78 -21.02
CA VAL A 543 -5.94 41.44 -22.36
C VAL A 543 -6.14 42.70 -23.19
N ARG A 544 -6.81 43.70 -22.60
CA ARG A 544 -7.00 44.99 -23.26
C ARG A 544 -5.66 45.57 -23.71
N GLU A 545 -4.68 45.60 -22.80
CA GLU A 545 -3.38 46.19 -23.14
C GLU A 545 -2.69 45.46 -24.29
N LEU A 546 -2.65 44.11 -24.24
CA LEU A 546 -2.01 43.37 -25.34
C LEU A 546 -2.77 43.53 -26.65
N ALA A 547 -4.09 43.68 -26.60
CA ALA A 547 -4.84 43.83 -27.83
C ALA A 547 -4.51 45.14 -28.53
N GLY A 548 -4.05 46.15 -27.80
CA GLY A 548 -3.65 47.39 -28.43
C GLY A 548 -2.22 47.41 -28.90
N SER A 549 -1.38 46.61 -28.26
CA SER A 549 0.05 46.68 -28.51
C SER A 549 0.59 45.55 -29.39
N HIS A 550 -0.28 44.68 -29.90
CA HIS A 550 0.17 43.53 -30.69
C HIS A 550 -0.75 43.44 -31.90
N GLU A 551 -0.27 42.79 -32.96
CA GLU A 551 -1.05 42.56 -34.15
C GLU A 551 -1.93 41.31 -34.08
N LEU A 552 -1.70 40.41 -33.14
CA LEU A 552 -2.42 39.15 -33.12
C LEU A 552 -2.39 38.57 -31.72
N LEU A 553 -3.56 38.18 -31.24
CA LEU A 553 -3.75 37.47 -30.00
C LEU A 553 -4.02 36.00 -30.30
N VAL A 554 -3.32 35.11 -29.59
CA VAL A 554 -3.46 33.67 -29.75
C VAL A 554 -3.76 33.05 -28.38
N THR A 555 -4.92 32.42 -28.26
CA THR A 555 -5.27 31.70 -27.05
C THR A 555 -5.00 30.21 -27.26
N ILE A 556 -4.56 29.56 -26.21
CA ILE A 556 -4.15 28.16 -26.22
C ILE A 556 -4.68 27.54 -24.94
N GLU A 557 -5.37 26.42 -25.05
CA GLU A 557 -5.98 25.76 -23.90
C GLU A 557 -6.17 24.29 -24.28
N GLU A 558 -6.30 23.44 -23.26
CA GLU A 558 -6.49 22.02 -23.52
C GLU A 558 -7.95 21.68 -23.18
N ASN A 559 -8.84 22.16 -24.07
CA ASN A 559 -10.29 22.19 -23.83
C ASN A 559 -10.89 22.53 -25.19
N ALA A 560 -12.14 22.15 -25.38
CA ALA A 560 -12.84 22.53 -26.59
C ALA A 560 -12.64 24.01 -26.83
N VAL A 561 -12.29 24.34 -28.06
CA VAL A 561 -12.29 25.73 -28.49
C VAL A 561 -13.69 26.32 -28.32
N MET A 562 -14.71 25.59 -28.77
CA MET A 562 -16.06 26.08 -28.63
C MET A 562 -16.42 26.24 -27.17
N GLY A 563 -16.70 27.48 -26.77
CA GLY A 563 -17.07 27.78 -25.41
C GLY A 563 -15.92 27.85 -24.45
N GLY A 564 -14.70 27.69 -24.96
CA GLY A 564 -13.53 27.54 -24.14
C GLY A 564 -13.01 28.85 -23.60
N ALA A 565 -11.83 28.76 -22.97
CA ALA A 565 -11.26 29.95 -22.35
C ALA A 565 -10.94 31.00 -23.40
N GLY A 566 -10.50 30.56 -24.58
CA GLY A 566 -10.27 31.47 -25.68
C GLY A 566 -11.52 32.24 -26.07
N SER A 567 -12.68 31.62 -25.91
CA SER A 567 -13.92 32.32 -26.22
C SER A 567 -14.21 33.37 -25.17
N ALA A 568 -13.83 33.12 -23.90
CA ALA A 568 -13.94 34.18 -22.92
C ALA A 568 -13.11 35.39 -23.34
N VAL A 569 -11.96 35.17 -23.92
CA VAL A 569 -11.20 36.31 -24.44
C VAL A 569 -11.95 36.96 -25.62
N GLY A 570 -12.49 36.14 -26.53
CA GLY A 570 -13.30 36.68 -27.61
C GLY A 570 -14.44 37.56 -27.11
N GLU A 571 -15.21 37.06 -26.16
CA GLU A 571 -16.34 37.81 -25.60
C GLU A 571 -15.87 39.16 -25.06
N PHE A 572 -14.74 39.17 -24.36
CA PHE A 572 -14.26 40.40 -23.75
C PHE A 572 -13.91 41.43 -24.82
N LEU A 573 -13.16 41.00 -25.84
CA LEU A 573 -12.77 41.89 -26.94
C LEU A 573 -13.98 42.44 -27.66
N ALA A 574 -14.98 41.59 -27.90
CA ALA A 574 -16.16 42.04 -28.63
C ALA A 574 -16.95 43.07 -27.82
N SER A 575 -17.05 42.86 -26.50
CA SER A 575 -17.86 43.75 -25.68
C SER A 575 -17.21 45.11 -25.52
N GLU A 576 -15.87 45.16 -25.53
CA GLU A 576 -15.13 46.42 -25.52
C GLU A 576 -14.85 46.93 -26.92
N GLY A 577 -15.39 46.29 -27.95
CA GLY A 577 -15.10 46.77 -29.29
C GLY A 577 -13.62 46.77 -29.64
N LEU A 578 -12.83 45.87 -29.04
CA LEU A 578 -11.45 45.69 -29.46
C LEU A 578 -11.40 44.75 -30.66
N GLU A 579 -10.76 45.20 -31.75
CA GLU A 579 -10.82 44.55 -33.04
C GLU A 579 -9.54 43.79 -33.41
N VAL A 580 -8.73 43.40 -32.44
CA VAL A 580 -7.46 42.73 -32.78
C VAL A 580 -7.74 41.33 -33.32
N PRO A 581 -6.96 40.85 -34.29
CA PRO A 581 -7.14 39.48 -34.78
C PRO A 581 -6.94 38.46 -33.65
N LEU A 582 -7.69 37.37 -33.72
CA LEU A 582 -7.78 36.41 -32.62
C LEU A 582 -7.74 35.00 -33.19
N LEU A 583 -6.74 34.22 -32.78
CA LEU A 583 -6.56 32.84 -33.20
C LEU A 583 -6.72 31.95 -31.97
N GLN A 584 -7.74 31.10 -31.98
CA GLN A 584 -8.08 30.26 -30.83
C GLN A 584 -7.53 28.88 -31.07
N LEU A 585 -6.61 28.45 -30.21
CA LEU A 585 -6.01 27.10 -30.31
C LEU A 585 -6.51 26.25 -29.15
N GLY A 586 -6.92 25.02 -29.45
CA GLY A 586 -7.49 24.16 -28.44
C GLY A 586 -7.92 22.84 -29.03
N LEU A 587 -8.85 22.18 -28.39
CA LEU A 587 -9.35 20.90 -28.88
C LEU A 587 -10.44 21.11 -29.92
N PRO A 588 -10.40 20.35 -31.02
CA PRO A 588 -11.34 20.51 -32.11
C PRO A 588 -12.69 19.88 -31.82
N ASP A 589 -13.66 20.18 -32.70
CA ASP A 589 -15.02 19.73 -32.45
C ASP A 589 -15.29 18.30 -32.90
N TYR A 590 -14.46 17.35 -32.44
CA TYR A 590 -14.67 15.92 -32.68
C TYR A 590 -14.03 15.15 -31.53
N TYR A 591 -14.30 13.84 -31.48
CA TYR A 591 -13.74 12.93 -30.48
C TYR A 591 -12.41 12.43 -31.01
N VAL A 592 -11.34 12.73 -30.28
CA VAL A 592 -10.00 12.39 -30.74
C VAL A 592 -9.76 10.91 -30.45
N GLU A 593 -9.42 10.15 -31.47
CA GLU A 593 -9.15 8.74 -31.29
C GLU A 593 -7.94 8.52 -30.39
N HIS A 594 -8.01 7.44 -29.61
CA HIS A 594 -6.98 7.03 -28.68
C HIS A 594 -5.64 6.83 -29.37
N ALA A 595 -4.59 7.08 -28.61
CA ALA A 595 -3.20 7.09 -29.05
C ALA A 595 -2.40 7.51 -27.83
N LYS A 596 -1.09 7.59 -27.94
CA LYS A 596 -0.31 8.18 -26.87
C LYS A 596 -0.77 9.63 -26.67
N PRO A 597 -0.67 10.15 -25.47
CA PRO A 597 -1.00 11.56 -25.27
C PRO A 597 -0.25 12.48 -26.21
N SER A 598 1.06 12.26 -26.39
CA SER A 598 1.85 13.11 -27.28
C SER A 598 1.30 13.06 -28.71
N GLU A 599 0.85 11.88 -29.16
CA GLU A 599 0.30 11.76 -30.50
C GLU A 599 -1.05 12.47 -30.61
N MET A 600 -1.85 12.45 -29.54
CA MET A 600 -3.14 13.12 -29.56
C MET A 600 -2.97 14.63 -29.53
N LEU A 601 -2.02 15.12 -28.75
CA LEU A 601 -1.74 16.55 -28.71
C LEU A 601 -1.29 17.04 -30.10
N ALA A 602 -0.36 16.31 -30.75
CA ALA A 602 0.10 16.70 -32.07
C ALA A 602 -1.05 16.75 -33.08
N GLU A 603 -1.95 15.76 -33.02
CA GLU A 603 -3.08 15.79 -33.93
C GLU A 603 -3.87 17.08 -33.79
N CYS A 604 -3.99 17.60 -32.57
CA CYS A 604 -4.78 18.78 -32.26
C CYS A 604 -4.00 20.09 -32.39
N GLY A 605 -2.74 20.05 -32.77
CA GLY A 605 -2.01 21.29 -32.95
C GLY A 605 -1.47 21.91 -31.69
N LEU A 606 -1.32 21.11 -30.62
CA LEU A 606 -1.02 21.63 -29.29
C LEU A 606 0.38 21.33 -28.81
N ASP A 607 1.26 20.81 -29.68
CA ASP A 607 2.69 20.84 -29.42
C ASP A 607 3.28 22.08 -30.11
N ALA A 608 4.54 22.38 -29.77
CA ALA A 608 5.15 23.63 -30.24
C ALA A 608 5.08 23.72 -31.77
N ALA A 609 5.32 22.59 -32.45
CA ALA A 609 5.25 22.61 -33.90
C ALA A 609 3.88 23.03 -34.37
N GLY A 610 2.84 22.43 -33.76
CA GLY A 610 1.48 22.77 -34.15
C GLY A 610 1.13 24.22 -33.87
N ILE A 611 1.47 24.70 -32.67
CA ILE A 611 1.17 26.10 -32.33
C ILE A 611 1.85 27.03 -33.32
N GLU A 612 3.14 26.81 -33.56
CA GLU A 612 3.90 27.70 -34.42
C GLU A 612 3.36 27.73 -35.84
N LYS A 613 2.97 26.57 -36.37
CA LYS A 613 2.48 26.50 -37.73
C LYS A 613 1.13 27.23 -37.85
N ALA A 614 0.28 27.07 -36.85
CA ALA A 614 -0.98 27.80 -36.82
C ALA A 614 -0.76 29.31 -36.75
N VAL A 615 0.20 29.75 -35.93
CA VAL A 615 0.41 31.17 -35.75
C VAL A 615 1.03 31.78 -37.00
N ARG A 616 2.11 31.16 -37.50
CA ARG A 616 2.73 31.64 -38.72
C ARG A 616 1.73 31.68 -39.85
N GLN A 617 0.91 30.64 -39.96
CA GLN A 617 -0.09 30.60 -41.02
C GLN A 617 -1.06 31.76 -40.90
N ARG A 618 -1.43 32.13 -39.67
CA ARG A 618 -2.35 33.24 -39.53
C ARG A 618 -1.68 34.55 -39.90
N LEU A 619 -0.39 34.71 -39.57
CA LEU A 619 0.31 35.97 -39.83
C LEU A 619 0.49 36.22 -41.31
N ASP A 620 0.54 35.17 -42.12
CA ASP A 620 0.56 35.27 -43.58
C ASP A 620 -0.81 35.56 -44.14
N ARG A 621 -1.83 35.56 -43.29
CA ARG A 621 -3.20 35.93 -43.62
C ARG A 621 -3.82 34.89 -44.53
N HIS B 34 -11.20 -60.52 -5.11
CA HIS B 34 -10.68 -61.24 -3.94
C HIS B 34 -11.59 -60.92 -2.73
N GLU B 35 -11.43 -61.67 -1.61
CA GLU B 35 -12.27 -61.49 -0.43
C GLU B 35 -11.47 -61.77 0.84
N ILE B 36 -11.74 -61.01 1.89
CA ILE B 36 -11.12 -61.27 3.19
C ILE B 36 -11.78 -62.55 3.71
N PRO B 37 -11.06 -63.64 3.96
CA PRO B 37 -11.70 -64.82 4.56
C PRO B 37 -12.29 -64.47 5.92
N ARG B 38 -13.47 -65.02 6.18
CA ARG B 38 -14.11 -64.88 7.48
C ARG B 38 -13.98 -66.14 8.32
N GLU B 39 -13.25 -67.15 7.83
CA GLU B 39 -12.98 -68.37 8.55
C GLU B 39 -11.49 -68.66 8.49
N ARG B 40 -10.96 -69.18 9.58
CA ARG B 40 -9.52 -69.42 9.74
C ARG B 40 -9.05 -70.33 8.62
N PRO B 41 -8.31 -69.82 7.64
CA PRO B 41 -7.76 -70.69 6.61
C PRO B 41 -6.85 -71.76 7.19
N ALA B 42 -6.62 -72.78 6.39
CA ALA B 42 -5.74 -73.87 6.74
C ALA B 42 -4.34 -73.46 6.32
N THR B 43 -3.44 -73.42 7.30
CA THR B 43 -2.08 -72.93 7.10
C THR B 43 -1.14 -73.95 7.74
N PRO B 44 -1.16 -75.19 7.23
CA PRO B 44 -0.37 -76.25 7.87
C PRO B 44 1.11 -75.93 7.89
N LEU B 45 1.60 -75.21 6.89
CA LEU B 45 3.01 -74.81 6.92
C LEU B 45 3.25 -73.66 7.90
N LEU B 46 2.39 -72.62 7.88
CA LEU B 46 2.54 -71.55 8.86
C LEU B 46 2.50 -72.09 10.28
N ASP B 47 1.67 -73.10 10.53
CA ASP B 47 1.56 -73.66 11.87
C ASP B 47 2.86 -74.36 12.29
N ARG B 48 3.67 -74.83 11.34
CA ARG B 48 5.01 -75.31 11.61
C ARG B 48 6.07 -74.18 11.59
N ALA B 49 5.66 -72.94 11.40
CA ALA B 49 6.61 -71.83 11.42
C ALA B 49 6.20 -70.79 12.47
N SER B 50 5.99 -71.26 13.71
CA SER B 50 5.50 -70.41 14.77
C SER B 50 6.57 -69.44 15.25
N SER B 51 7.83 -69.80 15.05
CA SER B 51 9.00 -69.06 15.50
C SER B 51 10.00 -69.06 14.36
N PRO B 52 10.93 -68.11 14.34
CA PRO B 52 11.93 -68.10 13.25
C PRO B 52 12.79 -69.33 13.24
N ALA B 53 13.10 -69.88 14.41
CA ALA B 53 13.86 -71.12 14.46
C ALA B 53 13.16 -72.24 13.69
N GLU B 54 11.85 -72.39 13.88
CA GLU B 54 11.14 -73.45 13.17
C GLU B 54 11.05 -73.12 11.70
N LEU B 55 10.86 -71.84 11.37
CA LEU B 55 10.84 -71.42 9.98
C LEU B 55 12.07 -71.89 9.23
N ARG B 56 13.25 -71.68 9.83
CA ARG B 56 14.50 -72.07 9.20
C ARG B 56 14.69 -73.58 9.14
N ARG B 57 13.85 -74.38 9.82
CA ARG B 57 13.81 -75.83 9.61
C ARG B 57 13.04 -76.21 8.35
N LEU B 58 12.42 -75.27 7.66
CA LEU B 58 11.72 -75.59 6.44
C LEU B 58 12.67 -75.54 5.26
N GLY B 59 12.26 -76.16 4.15
CA GLY B 59 13.02 -76.06 2.92
C GLY B 59 12.58 -74.89 2.06
N GLU B 60 13.53 -74.34 1.30
CA GLU B 60 13.19 -73.25 0.39
C GLU B 60 12.02 -73.64 -0.50
N ALA B 61 11.86 -74.93 -0.77
CA ALA B 61 10.79 -75.37 -1.65
C ALA B 61 9.42 -75.16 -1.04
N ASP B 62 9.36 -74.87 0.26
CA ASP B 62 8.11 -74.63 0.95
C ASP B 62 7.75 -73.16 1.03
N LEU B 63 8.73 -72.28 0.83
CA LEU B 63 8.56 -70.91 1.30
C LEU B 63 7.46 -70.18 0.53
N GLU B 64 7.28 -70.48 -0.76
CA GLU B 64 6.25 -69.80 -1.54
C GLU B 64 4.85 -70.21 -1.11
N THR B 65 4.66 -71.49 -0.79
CA THR B 65 3.42 -71.95 -0.18
C THR B 65 3.22 -71.35 1.20
N LEU B 66 4.32 -71.16 1.94
CA LEU B 66 4.23 -70.45 3.21
C LEU B 66 3.75 -69.03 3.00
N ALA B 67 4.32 -68.33 2.02
CA ALA B 67 3.89 -66.97 1.70
C ALA B 67 2.37 -66.94 1.50
N ASP B 68 1.85 -67.84 0.66
CA ASP B 68 0.42 -67.82 0.34
C ASP B 68 -0.40 -68.02 1.62
N GLU B 69 0.06 -68.92 2.49
CA GLU B 69 -0.64 -69.19 3.74
C GLU B 69 -0.50 -68.03 4.71
N LEU B 70 0.67 -67.37 4.73
CA LEU B 70 0.84 -66.20 5.61
C LEU B 70 -0.08 -65.08 5.15
N ARG B 71 -0.16 -64.86 3.85
CA ARG B 71 -0.98 -63.78 3.31
C ARG B 71 -2.46 -64.01 3.62
N GLN B 72 -2.93 -65.25 3.53
CA GLN B 72 -4.31 -65.59 3.82
C GLN B 72 -4.61 -65.46 5.32
N TYR B 73 -3.65 -65.77 6.19
CA TYR B 73 -3.92 -65.61 7.60
C TYR B 73 -3.90 -64.15 8.01
N LEU B 74 -2.96 -63.36 7.43
CA LEU B 74 -2.94 -61.92 7.65
C LEU B 74 -4.27 -61.29 7.27
N LEU B 75 -4.78 -61.64 6.08
CA LEU B 75 -6.06 -61.09 5.65
C LEU B 75 -7.17 -61.44 6.63
N TYR B 76 -7.20 -62.71 7.05
CA TYR B 76 -8.19 -63.19 8.00
C TYR B 76 -8.11 -62.42 9.32
N THR B 77 -6.93 -62.40 9.93
CA THR B 77 -6.86 -61.89 11.30
C THR B 77 -7.10 -60.37 11.32
N VAL B 78 -6.55 -59.64 10.36
CA VAL B 78 -6.84 -58.20 10.33
C VAL B 78 -8.31 -57.97 10.05
N GLY B 79 -8.96 -58.90 9.34
CA GLY B 79 -10.40 -58.80 9.11
C GLY B 79 -11.22 -58.90 10.38
N GLN B 80 -10.70 -59.60 11.42
CA GLN B 80 -11.44 -59.73 12.67
C GLN B 80 -11.15 -58.61 13.66
N THR B 81 -10.01 -57.95 13.53
CA THR B 81 -9.58 -57.00 14.54
C THR B 81 -9.50 -55.58 14.04
N GLY B 82 -9.39 -55.38 12.73
CA GLY B 82 -8.92 -54.13 12.19
C GLY B 82 -7.42 -53.98 12.43
N GLY B 83 -6.81 -52.96 11.81
CA GLY B 83 -5.41 -52.68 11.91
C GLY B 83 -4.88 -52.17 10.58
N HIS B 84 -3.56 -51.98 10.54
CA HIS B 84 -2.92 -51.70 9.27
C HIS B 84 -2.97 -52.94 8.37
N PHE B 85 -3.04 -52.69 7.06
CA PHE B 85 -3.43 -53.74 6.10
C PHE B 85 -2.46 -53.81 4.94
N GLY B 86 -2.45 -52.76 4.10
CA GLY B 86 -1.80 -52.84 2.80
C GLY B 86 -0.30 -52.97 2.85
N ALA B 87 0.35 -52.30 3.81
CA ALA B 87 1.81 -52.37 3.91
C ALA B 87 2.28 -53.78 4.30
N GLY B 88 1.53 -54.45 5.18
CA GLY B 88 1.95 -55.78 5.58
C GLY B 88 1.86 -56.79 4.46
N LEU B 89 0.77 -56.71 3.65
CA LEU B 89 0.73 -57.53 2.43
C LEU B 89 2.00 -57.36 1.59
N GLY B 90 2.63 -56.18 1.65
CA GLY B 90 3.75 -55.88 0.79
C GLY B 90 5.04 -56.55 1.19
N VAL B 91 5.13 -56.99 2.45
CA VAL B 91 6.36 -57.55 3.00
C VAL B 91 6.18 -58.99 3.48
N VAL B 92 5.11 -59.67 3.06
CA VAL B 92 4.97 -61.09 3.40
C VAL B 92 6.20 -61.87 2.99
N GLU B 93 6.63 -61.70 1.74
CA GLU B 93 7.76 -62.45 1.21
C GLU B 93 9.08 -61.99 1.84
N LEU B 94 9.25 -60.67 1.94
CA LEU B 94 10.49 -60.13 2.52
C LEU B 94 10.64 -60.56 3.98
N THR B 95 9.53 -60.65 4.71
CA THR B 95 9.62 -61.06 6.11
C THR B 95 10.08 -62.50 6.22
N ILE B 96 9.41 -63.39 5.48
CA ILE B 96 9.84 -64.78 5.43
C ILE B 96 11.32 -64.86 5.11
N ALA B 97 11.73 -64.18 4.05
CA ALA B 97 13.12 -64.24 3.61
C ALA B 97 14.08 -63.74 4.68
N LEU B 98 13.74 -62.64 5.34
CA LEU B 98 14.64 -62.11 6.38
C LEU B 98 14.81 -63.08 7.53
N HIS B 99 13.69 -63.64 8.04
CA HIS B 99 13.77 -64.55 9.18
C HIS B 99 14.30 -65.93 8.78
N TYR B 100 14.20 -66.28 7.49
CA TYR B 100 14.78 -67.52 7.00
C TYR B 100 16.30 -67.41 6.90
N VAL B 101 16.80 -66.25 6.48
CA VAL B 101 18.24 -66.08 6.24
C VAL B 101 18.99 -65.59 7.46
N PHE B 102 18.41 -64.71 8.26
CA PHE B 102 19.13 -64.19 9.41
C PHE B 102 18.77 -64.99 10.65
N ASP B 103 19.74 -65.05 11.57
CA ASP B 103 19.62 -65.87 12.77
C ASP B 103 18.94 -65.08 13.89
N THR B 104 17.72 -64.64 13.58
CA THR B 104 16.93 -63.90 14.56
C THR B 104 16.51 -64.82 15.71
N PRO B 105 16.46 -64.34 16.97
CA PRO B 105 16.61 -62.97 17.46
C PRO B 105 18.02 -62.47 17.81
N ASP B 106 19.05 -63.32 17.69
CA ASP B 106 20.42 -62.84 17.91
C ASP B 106 20.82 -61.80 16.87
N ASP B 107 20.53 -62.07 15.60
CA ASP B 107 20.64 -61.03 14.59
C ASP B 107 19.51 -60.04 14.79
N ARG B 108 19.82 -58.75 14.73
CA ARG B 108 18.85 -57.70 15.03
C ARG B 108 18.12 -57.23 13.77
N LEU B 109 16.80 -57.30 13.79
CA LEU B 109 15.92 -56.75 12.76
C LEU B 109 15.20 -55.53 13.31
N VAL B 110 15.32 -54.40 12.60
CA VAL B 110 14.62 -53.15 12.97
C VAL B 110 13.65 -52.81 11.86
N TRP B 111 12.36 -52.75 12.20
CA TRP B 111 11.31 -52.41 11.25
C TRP B 111 11.03 -50.91 11.39
N ASP B 112 11.19 -50.15 10.31
CA ASP B 112 10.87 -48.73 10.32
C ASP B 112 9.35 -48.52 10.32
N VAL B 113 8.89 -47.65 11.24
CA VAL B 113 7.48 -47.32 11.47
C VAL B 113 6.72 -48.43 12.18
N GLY B 114 6.65 -49.63 11.58
CA GLY B 114 6.10 -50.82 12.21
C GLY B 114 4.70 -51.24 11.79
N HIS B 115 4.04 -50.46 10.95
CA HIS B 115 2.72 -50.82 10.47
C HIS B 115 2.74 -51.99 9.50
N GLN B 116 3.93 -52.37 9.02
CA GLN B 116 4.11 -53.44 8.05
C GLN B 116 4.57 -54.72 8.71
N ALA B 117 4.62 -54.75 10.04
CA ALA B 117 5.25 -55.83 10.76
C ALA B 117 4.26 -56.88 11.28
N TYR B 118 3.07 -56.93 10.77
CA TYR B 118 2.20 -57.97 11.26
C TYR B 118 2.74 -59.34 10.83
N PRO B 119 3.24 -59.49 9.60
CA PRO B 119 3.90 -60.78 9.26
C PRO B 119 5.04 -61.11 10.21
N HIS B 120 5.86 -60.12 10.55
CA HIS B 120 6.90 -60.33 11.57
C HIS B 120 6.29 -60.85 12.87
N LYS B 121 5.20 -60.22 13.34
CA LYS B 121 4.62 -60.70 14.60
C LYS B 121 4.11 -62.14 14.44
N ILE B 122 3.43 -62.43 13.32
CA ILE B 122 2.88 -63.75 13.07
C ILE B 122 3.96 -64.82 13.10
N LEU B 123 5.18 -64.47 12.71
CA LEU B 123 6.27 -65.42 12.62
C LEU B 123 7.17 -65.43 13.85
N THR B 124 6.87 -64.59 14.86
CA THR B 124 7.66 -64.48 16.08
C THR B 124 6.81 -64.77 17.33
N GLU B 125 6.24 -65.97 17.39
CA GLU B 125 5.56 -66.50 18.56
C GLU B 125 4.30 -65.72 18.90
N ARG B 126 3.73 -64.99 17.95
CA ARG B 126 2.56 -64.18 18.24
C ARG B 126 1.37 -64.44 17.31
N ARG B 127 1.46 -65.43 16.40
CA ARG B 127 0.37 -65.71 15.46
C ARG B 127 -0.95 -65.95 16.17
N GLU B 128 -0.94 -66.78 17.21
CA GLU B 128 -2.16 -67.08 17.96
C GLU B 128 -2.48 -65.97 18.97
N LEU B 129 -1.73 -64.88 18.98
CA LEU B 129 -2.14 -63.71 19.73
C LEU B 129 -2.71 -62.62 18.85
N MET B 130 -2.70 -62.82 17.52
CA MET B 130 -3.15 -61.75 16.64
C MET B 130 -4.62 -61.42 16.83
N GLY B 131 -5.40 -62.32 17.41
CA GLY B 131 -6.78 -62.02 17.77
C GLY B 131 -6.91 -60.91 18.79
N THR B 132 -5.88 -60.66 19.59
CA THR B 132 -5.92 -59.54 20.53
C THR B 132 -5.39 -58.25 19.93
N LEU B 133 -4.99 -58.26 18.64
CA LEU B 133 -4.31 -57.13 18.03
C LEU B 133 -5.08 -55.83 18.28
N ARG B 134 -4.36 -54.84 18.82
CA ARG B 134 -4.84 -53.49 19.04
C ARG B 134 -6.00 -53.42 20.02
N GLN B 135 -6.26 -54.48 20.76
CA GLN B 135 -7.24 -54.42 21.83
C GLN B 135 -6.51 -54.18 23.14
N LYS B 136 -7.25 -53.61 24.08
CA LYS B 136 -6.77 -53.45 25.45
C LYS B 136 -6.16 -54.75 25.93
N ASN B 137 -4.95 -54.66 26.49
CA ASN B 137 -4.11 -55.77 26.94
C ASN B 137 -3.74 -56.75 25.82
N GLY B 138 -4.04 -56.43 24.56
CA GLY B 138 -3.59 -57.23 23.44
C GLY B 138 -2.25 -56.76 22.89
N LEU B 139 -1.86 -57.37 21.76
CA LEU B 139 -0.66 -56.92 21.05
C LEU B 139 -0.79 -55.46 20.61
N ALA B 140 0.30 -54.70 20.81
CA ALA B 140 0.39 -53.32 20.38
C ALA B 140 0.46 -53.22 18.85
N ALA B 141 0.11 -52.04 18.35
CA ALA B 141 0.02 -51.76 16.93
C ALA B 141 1.32 -51.94 16.17
N PHE B 142 2.44 -51.77 16.85
CA PHE B 142 3.77 -51.68 16.25
C PHE B 142 4.72 -52.61 16.99
N PRO B 143 5.88 -52.91 16.41
CA PRO B 143 6.90 -53.63 17.18
C PRO B 143 7.22 -52.88 18.45
N ARG B 144 7.53 -53.64 19.52
CA ARG B 144 7.68 -53.05 20.85
C ARG B 144 8.56 -53.93 21.70
N ARG B 145 9.63 -53.35 22.27
CA ARG B 145 10.64 -54.17 22.93
C ARG B 145 10.05 -54.97 24.10
N ALA B 146 9.24 -54.30 24.94
CA ALA B 146 8.61 -54.95 26.08
C ALA B 146 7.64 -56.06 25.68
N GLU B 147 7.26 -56.14 24.40
CA GLU B 147 6.30 -57.16 23.96
C GLU B 147 6.98 -58.48 23.64
N SER B 148 8.18 -58.46 23.07
CA SER B 148 8.78 -59.67 22.53
C SER B 148 10.27 -59.48 22.32
N GLU B 149 11.03 -60.55 22.56
CA GLU B 149 12.47 -60.49 22.33
C GLU B 149 12.79 -60.25 20.87
N TYR B 150 11.84 -60.54 19.97
CA TYR B 150 12.04 -60.44 18.53
C TYR B 150 11.88 -59.02 18.02
N ASP B 151 11.52 -58.10 18.89
CA ASP B 151 11.26 -56.72 18.54
C ASP B 151 12.46 -55.94 19.07
N THR B 152 13.31 -55.44 18.16
CA THR B 152 14.52 -54.78 18.63
C THR B 152 14.26 -53.35 19.07
N PHE B 153 13.22 -52.70 18.53
CA PHE B 153 13.08 -51.26 18.70
C PHE B 153 11.62 -50.88 18.52
N GLY B 154 11.03 -50.37 19.60
CA GLY B 154 9.72 -49.73 19.54
C GLY B 154 9.70 -48.62 18.51
N VAL B 155 8.80 -48.73 17.51
CA VAL B 155 8.68 -47.76 16.43
C VAL B 155 7.21 -47.34 16.28
N GLY B 156 6.99 -46.29 15.48
CA GLY B 156 5.68 -45.69 15.31
C GLY B 156 5.85 -44.43 14.48
N HIS B 157 6.56 -43.47 15.04
CA HIS B 157 7.18 -42.43 14.21
C HIS B 157 8.12 -43.11 13.23
N SER B 158 8.31 -42.45 12.10
CA SER B 158 9.04 -43.02 10.96
C SER B 158 10.51 -42.63 10.99
N SER B 159 11.31 -43.37 10.24
CA SER B 159 12.70 -43.02 9.84
C SER B 159 13.69 -43.22 10.96
N THR B 160 13.35 -43.95 12.00
CA THR B 160 14.25 -44.18 13.12
C THR B 160 15.10 -45.44 12.96
N SER B 161 14.81 -46.28 11.97
CA SER B 161 15.36 -47.63 11.96
C SER B 161 16.86 -47.66 11.70
N ILE B 162 17.32 -46.85 10.74
CA ILE B 162 18.74 -46.87 10.40
C ILE B 162 19.58 -46.44 11.59
N SER B 163 19.13 -45.39 12.30
CA SER B 163 19.91 -44.89 13.42
C SER B 163 19.97 -45.95 14.53
N ALA B 164 18.83 -46.54 14.84
CA ALA B 164 18.77 -47.59 15.85
C ALA B 164 19.65 -48.77 15.45
N ALA B 165 19.54 -49.22 14.20
CA ALA B 165 20.31 -50.39 13.77
C ALA B 165 21.80 -50.12 13.76
N LEU B 166 22.18 -48.88 13.44
CA LEU B 166 23.60 -48.52 13.55
C LEU B 166 24.07 -48.50 15.00
N GLY B 167 23.27 -47.95 15.90
CA GLY B 167 23.63 -48.00 17.31
C GLY B 167 23.83 -49.43 17.80
N MET B 168 23.05 -50.37 17.28
CA MET B 168 23.23 -51.77 17.71
C MET B 168 24.49 -52.36 17.11
N ALA B 169 24.78 -52.00 15.87
CA ALA B 169 25.96 -52.53 15.21
C ALA B 169 27.24 -52.05 15.86
N ILE B 170 27.30 -50.78 16.19
CA ILE B 170 28.47 -50.24 16.86
C ILE B 170 28.65 -50.93 18.20
N ALA B 171 27.55 -51.14 18.92
CA ALA B 171 27.64 -51.80 20.21
C ALA B 171 28.13 -53.22 20.06
N ALA B 172 27.53 -53.99 19.14
CA ALA B 172 27.92 -55.39 18.98
C ALA B 172 29.41 -55.51 18.62
N ARG B 173 29.89 -54.65 17.73
CA ARG B 173 31.33 -54.64 17.41
C ARG B 173 32.16 -54.41 18.68
N LEU B 174 31.86 -53.35 19.44
CA LEU B 174 32.65 -53.08 20.65
C LEU B 174 32.59 -54.22 21.66
N GLN B 175 31.49 -54.93 21.75
CA GLN B 175 31.47 -56.00 22.74
C GLN B 175 31.88 -57.34 22.13
N GLY B 176 32.36 -57.34 20.89
CA GLY B 176 32.93 -58.52 20.30
C GLY B 176 31.95 -59.59 19.86
N LYS B 177 30.66 -59.27 19.75
CA LYS B 177 29.66 -60.22 19.25
C LYS B 177 29.57 -60.09 17.75
N GLU B 178 29.22 -61.19 17.08
CA GLU B 178 29.25 -61.20 15.63
C GLU B 178 27.85 -61.13 15.00
N ARG B 179 26.90 -60.56 15.72
CA ARG B 179 25.55 -60.50 15.19
C ARG B 179 25.43 -59.52 14.02
N LYS B 180 24.42 -59.75 13.23
CA LYS B 180 24.09 -58.86 12.15
C LYS B 180 23.10 -57.81 12.61
N SER B 181 23.00 -56.76 11.81
CA SER B 181 22.12 -55.63 12.10
C SER B 181 21.46 -55.19 10.81
N VAL B 182 20.12 -55.21 10.80
CA VAL B 182 19.34 -55.00 9.59
C VAL B 182 18.22 -54.01 9.86
N ALA B 183 18.08 -53.03 8.98
CA ALA B 183 17.02 -52.04 9.03
C ALA B 183 16.21 -52.08 7.74
N VAL B 184 14.90 -52.11 7.89
CA VAL B 184 13.95 -52.17 6.79
C VAL B 184 13.20 -50.85 6.76
N ILE B 185 13.41 -50.04 5.72
CA ILE B 185 12.86 -48.70 5.64
C ILE B 185 12.13 -48.48 4.32
N GLY B 186 10.91 -47.95 4.43
CA GLY B 186 10.17 -47.60 3.25
C GLY B 186 10.72 -46.38 2.54
N ASP B 187 10.28 -46.23 1.28
CA ASP B 187 10.69 -45.08 0.47
C ASP B 187 10.23 -43.75 1.08
N GLY B 188 9.06 -43.72 1.73
CA GLY B 188 8.64 -42.47 2.36
C GLY B 188 9.51 -42.09 3.54
N ALA B 189 9.93 -43.07 4.34
CA ALA B 189 10.68 -42.78 5.53
C ALA B 189 12.05 -42.21 5.21
N LEU B 190 12.57 -42.49 4.00
CA LEU B 190 13.88 -41.97 3.60
C LEU B 190 13.85 -40.49 3.23
N THR B 191 12.66 -39.89 3.12
CA THR B 191 12.58 -38.44 2.91
C THR B 191 12.91 -37.66 4.17
N ALA B 192 13.05 -38.34 5.31
CA ALA B 192 13.24 -37.68 6.58
C ALA B 192 14.71 -37.36 6.84
N GLY B 193 14.95 -36.18 7.42
CA GLY B 193 16.33 -35.76 7.65
C GLY B 193 17.13 -36.72 8.51
N MET B 194 16.50 -37.34 9.52
CA MET B 194 17.29 -38.19 10.40
C MET B 194 17.76 -39.47 9.71
N ALA B 195 17.08 -39.88 8.64
CA ALA B 195 17.58 -41.00 7.85
C ALA B 195 18.82 -40.62 7.09
N PHE B 196 18.86 -39.39 6.56
CA PHE B 196 20.05 -38.90 5.86
C PHE B 196 21.22 -38.80 6.83
N GLU B 197 20.94 -38.37 8.07
CA GLU B 197 21.97 -38.28 9.10
C GLU B 197 22.52 -39.65 9.48
N ALA B 198 21.65 -40.66 9.55
CA ALA B 198 22.09 -42.00 9.89
C ALA B 198 22.90 -42.65 8.76
N LEU B 199 22.45 -42.50 7.51
CA LEU B 199 23.22 -43.00 6.38
C LEU B 199 24.63 -42.41 6.34
N ASN B 200 24.75 -41.11 6.58
CA ASN B 200 26.08 -40.51 6.54
C ASN B 200 26.97 -41.03 7.67
N HIS B 201 26.44 -41.10 8.91
CA HIS B 201 27.28 -41.53 10.02
C HIS B 201 27.65 -43.00 9.91
N ALA B 202 26.76 -43.83 9.36
CA ALA B 202 27.08 -45.24 9.21
C ALA B 202 28.25 -45.42 8.26
N SER B 203 28.29 -44.63 7.20
CA SER B 203 29.45 -44.63 6.30
C SER B 203 30.72 -44.16 7.01
N GLU B 204 30.60 -43.17 7.88
CA GLU B 204 31.78 -42.64 8.54
C GLU B 204 32.42 -43.69 9.45
N VAL B 205 31.61 -44.46 10.19
CA VAL B 205 32.17 -45.45 11.10
C VAL B 205 32.40 -46.79 10.41
N ASP B 206 32.10 -46.87 9.12
CA ASP B 206 32.14 -48.10 8.35
C ASP B 206 31.52 -49.29 9.12
N ALA B 207 30.27 -49.09 9.51
CA ALA B 207 29.55 -50.11 10.24
C ALA B 207 29.13 -51.26 9.32
N ASP B 208 29.11 -52.47 9.89
CA ASP B 208 28.61 -53.66 9.24
C ASP B 208 27.11 -53.69 9.49
N MET B 209 26.35 -53.33 8.48
CA MET B 209 24.91 -53.25 8.70
C MET B 209 24.25 -53.19 7.34
N LEU B 210 23.02 -53.65 7.29
CA LEU B 210 22.29 -53.75 6.04
C LEU B 210 21.03 -52.91 6.18
N VAL B 211 20.86 -51.98 5.26
CA VAL B 211 19.61 -51.25 5.09
C VAL B 211 18.88 -51.82 3.89
N ILE B 212 17.62 -52.19 4.09
CA ILE B 212 16.76 -52.65 3.01
C ILE B 212 15.78 -51.54 2.74
N LEU B 213 15.78 -51.03 1.50
CA LEU B 213 14.76 -50.08 1.05
C LEU B 213 13.60 -50.90 0.55
N ASN B 214 12.47 -50.81 1.23
CA ASN B 214 11.20 -51.40 0.78
C ASN B 214 10.49 -50.31 -0.01
N ASP B 215 10.69 -50.33 -1.32
CA ASP B 215 10.25 -49.26 -2.21
C ASP B 215 8.98 -49.74 -2.90
N ASN B 216 7.86 -49.09 -2.61
CA ASN B 216 6.60 -49.48 -3.22
C ASN B 216 5.99 -48.36 -4.07
N ASP B 217 6.78 -47.38 -4.47
CA ASP B 217 6.49 -46.50 -5.60
C ASP B 217 7.21 -46.96 -6.86
N MET B 218 7.88 -48.13 -6.79
CA MET B 218 8.62 -48.81 -7.85
C MET B 218 9.89 -48.09 -8.26
N SER B 219 10.88 -48.86 -8.72
CA SER B 219 12.16 -48.36 -9.18
C SER B 219 12.42 -48.67 -10.65
N GLY B 242 20.82 -46.61 -7.47
CA GLY B 242 21.14 -45.87 -6.27
C GLY B 242 22.46 -45.13 -6.34
N THR B 243 22.54 -44.11 -7.22
CA THR B 243 23.75 -43.30 -7.29
C THR B 243 23.87 -42.44 -6.05
N LEU B 244 22.73 -42.02 -5.49
CA LEU B 244 22.77 -41.31 -4.22
C LEU B 244 23.38 -42.17 -3.12
N PHE B 245 22.91 -43.41 -2.99
CA PHE B 245 23.36 -44.26 -1.88
C PHE B 245 24.81 -44.68 -2.07
N GLU B 246 25.21 -44.97 -3.32
CA GLU B 246 26.63 -45.27 -3.55
C GLU B 246 27.50 -44.06 -3.20
N GLU B 247 27.06 -42.85 -3.57
CA GLU B 247 27.84 -41.66 -3.27
C GLU B 247 28.06 -41.48 -1.77
N LEU B 248 27.05 -41.83 -0.97
CA LEU B 248 27.13 -41.68 0.48
C LEU B 248 27.97 -42.77 1.16
N GLY B 249 28.55 -43.69 0.40
CA GLY B 249 29.42 -44.69 0.98
C GLY B 249 28.83 -46.08 1.11
N TRP B 250 27.71 -46.35 0.46
CA TRP B 250 26.97 -47.58 0.68
C TRP B 250 27.07 -48.46 -0.56
N ASN B 251 27.24 -49.77 -0.36
CA ASN B 251 27.29 -50.71 -1.47
C ASN B 251 25.86 -51.04 -1.88
N TYR B 252 25.48 -50.62 -3.08
CA TYR B 252 24.11 -50.65 -3.53
C TYR B 252 23.88 -51.88 -4.40
N ILE B 253 22.88 -52.67 -4.04
CA ILE B 253 22.46 -53.85 -4.78
C ILE B 253 20.97 -53.64 -5.12
N GLY B 254 20.61 -53.88 -6.37
CA GLY B 254 19.22 -53.84 -6.76
C GLY B 254 18.93 -52.89 -7.90
N PRO B 255 17.65 -52.64 -8.17
CA PRO B 255 16.47 -53.16 -7.47
C PRO B 255 16.15 -54.60 -7.80
N ILE B 256 15.67 -55.37 -6.83
CA ILE B 256 15.22 -56.73 -7.06
C ILE B 256 13.73 -56.82 -6.73
N ASP B 257 13.11 -57.89 -7.19
CA ASP B 257 11.69 -58.12 -7.00
C ASP B 257 11.42 -58.51 -5.55
N GLY B 258 10.77 -57.62 -4.80
CA GLY B 258 10.46 -57.89 -3.39
C GLY B 258 9.50 -59.03 -3.15
N HIS B 259 8.84 -59.54 -4.19
CA HIS B 259 7.91 -60.65 -4.04
C HIS B 259 8.43 -61.95 -4.64
N ASP B 260 9.67 -61.97 -5.13
CA ASP B 260 10.27 -63.19 -5.65
C ASP B 260 11.08 -63.84 -4.54
N LEU B 261 10.49 -64.81 -3.86
CA LEU B 261 11.16 -65.39 -2.69
C LEU B 261 12.52 -65.96 -3.02
N PRO B 262 12.71 -66.66 -4.14
CA PRO B 262 14.05 -67.22 -4.42
C PRO B 262 15.12 -66.17 -4.63
N THR B 263 14.82 -65.13 -5.38
CA THR B 263 15.78 -64.06 -5.58
C THR B 263 16.06 -63.36 -4.26
N LEU B 264 15.05 -63.26 -3.39
CA LEU B 264 15.24 -62.57 -2.11
C LEU B 264 16.18 -63.34 -1.20
N VAL B 265 15.92 -64.65 -1.03
CA VAL B 265 16.75 -65.47 -0.16
C VAL B 265 18.18 -65.48 -0.66
N ALA B 266 18.35 -65.64 -1.98
CA ALA B 266 19.68 -65.69 -2.56
C ALA B 266 20.42 -64.38 -2.33
N THR B 267 19.78 -63.24 -2.65
CA THR B 267 20.43 -61.95 -2.46
C THR B 267 20.74 -61.70 -1.00
N LEU B 268 19.77 -61.94 -0.13
CA LEU B 268 20.01 -61.67 1.29
C LEU B 268 21.19 -62.50 1.78
N ARG B 269 21.22 -63.79 1.42
CA ARG B 269 22.30 -64.67 1.89
C ARG B 269 23.67 -64.15 1.48
N ASN B 270 23.82 -63.71 0.22
CA ASN B 270 25.09 -63.11 -0.19
C ASN B 270 25.43 -61.91 0.68
N MET B 271 24.48 -60.99 0.82
CA MET B 271 24.76 -59.76 1.53
C MET B 271 24.91 -59.95 3.03
N ARG B 272 24.30 -61.00 3.60
CA ARG B 272 24.37 -61.22 5.04
C ARG B 272 25.82 -61.19 5.52
N ASP B 273 26.74 -61.68 4.70
CA ASP B 273 28.11 -61.89 5.13
C ASP B 273 29.08 -60.82 4.61
N MET B 274 28.63 -59.93 3.74
CA MET B 274 29.45 -58.81 3.31
C MET B 274 29.71 -57.85 4.48
N LYS B 275 30.78 -57.10 4.36
CA LYS B 275 31.21 -56.15 5.38
C LYS B 275 30.90 -54.73 4.93
N GLY B 276 30.90 -53.80 5.88
CA GLY B 276 30.66 -52.41 5.56
C GLY B 276 29.20 -52.07 5.33
N PRO B 277 28.91 -50.80 5.05
CA PRO B 277 27.51 -50.39 4.88
C PRO B 277 26.93 -50.98 3.60
N GLN B 278 25.93 -51.84 3.77
CA GLN B 278 25.24 -52.52 2.68
C GLN B 278 23.84 -51.96 2.51
N PHE B 279 23.44 -51.74 1.24
CA PHE B 279 22.14 -51.16 0.90
C PHE B 279 21.47 -52.02 -0.16
N LEU B 280 20.35 -52.66 0.21
CA LEU B 280 19.58 -53.47 -0.72
C LEU B 280 18.28 -52.77 -1.06
N HIS B 281 18.04 -52.58 -2.36
CA HIS B 281 16.88 -51.89 -2.89
C HIS B 281 15.91 -52.97 -3.32
N VAL B 282 14.79 -53.11 -2.59
CA VAL B 282 13.73 -54.04 -2.95
C VAL B 282 12.51 -53.26 -3.42
N VAL B 283 11.75 -53.87 -4.32
CA VAL B 283 10.57 -53.24 -4.88
C VAL B 283 9.36 -54.10 -4.56
N THR B 284 8.35 -53.51 -3.93
CA THR B 284 7.17 -54.24 -3.52
C THR B 284 5.92 -53.54 -4.05
N LYS B 285 4.82 -54.26 -4.00
CA LYS B 285 3.52 -53.77 -4.38
C LYS B 285 2.71 -53.51 -3.12
N LYS B 286 2.19 -52.31 -2.97
CA LYS B 286 1.32 -52.03 -1.82
C LYS B 286 0.10 -52.93 -1.89
N GLY B 287 -0.24 -53.60 -0.80
CA GLY B 287 -1.41 -54.44 -0.82
C GLY B 287 -1.33 -55.71 -1.65
N LYS B 288 -0.12 -56.04 -2.12
CA LYS B 288 0.12 -57.23 -2.93
C LYS B 288 -0.77 -58.39 -2.53
N GLY B 289 -1.41 -59.00 -3.52
CA GLY B 289 -2.16 -60.21 -3.30
C GLY B 289 -3.59 -59.99 -2.84
N PHE B 290 -4.03 -58.75 -2.71
CA PHE B 290 -5.42 -58.43 -2.41
C PHE B 290 -5.84 -57.29 -3.32
N ALA B 291 -6.64 -57.60 -4.34
CA ALA B 291 -6.89 -56.64 -5.42
C ALA B 291 -7.49 -55.35 -4.91
N PRO B 292 -8.49 -55.35 -4.00
CA PRO B 292 -8.98 -54.05 -3.48
C PRO B 292 -7.87 -53.17 -2.92
N ALA B 293 -6.91 -53.73 -2.18
CA ALA B 293 -5.83 -52.92 -1.62
C ALA B 293 -4.84 -52.47 -2.70
N GLU B 294 -4.57 -53.30 -3.70
CA GLU B 294 -3.76 -52.87 -4.83
C GLU B 294 -4.41 -51.73 -5.60
N LEU B 295 -5.74 -51.69 -5.63
CA LEU B 295 -6.43 -50.67 -6.41
C LEU B 295 -6.60 -49.39 -5.64
N ASP B 296 -6.74 -49.46 -4.31
CA ASP B 296 -6.89 -48.31 -3.42
C ASP B 296 -5.96 -48.45 -2.23
N PRO B 297 -4.66 -48.25 -2.43
CA PRO B 297 -3.73 -48.40 -1.28
C PRO B 297 -3.89 -47.34 -0.21
N ILE B 298 -4.42 -46.17 -0.55
CA ILE B 298 -4.70 -45.18 0.49
C ILE B 298 -5.82 -45.69 1.37
N GLY B 299 -6.90 -46.19 0.76
CA GLY B 299 -8.05 -46.61 1.52
C GLY B 299 -7.83 -47.89 2.28
N TYR B 300 -6.88 -48.71 1.84
CA TYR B 300 -6.57 -49.96 2.53
C TYR B 300 -5.27 -49.85 3.30
N HIS B 301 -4.70 -48.64 3.42
CA HIS B 301 -3.61 -48.46 4.36
C HIS B 301 -4.01 -49.00 5.72
N ALA B 302 -5.28 -48.86 6.09
CA ALA B 302 -5.82 -49.40 7.34
C ALA B 302 -7.30 -49.68 7.17
N ILE B 303 -7.79 -50.69 7.88
CA ILE B 303 -9.20 -51.07 7.80
C ILE B 303 -9.74 -51.28 9.20
N THR B 304 -11.04 -51.11 9.35
CA THR B 304 -11.80 -51.51 10.53
C THR B 304 -12.18 -52.98 10.38
N LYS B 305 -12.52 -53.63 11.51
CA LYS B 305 -12.90 -55.04 11.43
C LYS B 305 -14.18 -55.19 10.61
N LEU B 306 -14.35 -56.34 9.98
CA LEU B 306 -15.55 -56.65 9.23
C LEU B 306 -16.76 -56.79 10.15
N GLU B 307 -17.93 -56.67 9.55
CA GLU B 307 -19.19 -56.78 10.27
C GLU B 307 -20.06 -57.91 9.68
N THR B 316 -23.91 -42.64 13.31
CA THR B 316 -23.60 -41.35 12.65
C THR B 316 -22.66 -40.28 13.01
N GLY B 317 -23.04 -39.18 13.66
N GLY B 317 -23.04 -39.18 13.66
CA GLY B 317 -22.07 -38.28 14.25
CA GLY B 317 -22.07 -38.28 14.25
C GLY B 317 -21.74 -37.10 13.35
C GLY B 317 -21.74 -37.10 13.35
N GLY B 318 -20.97 -36.18 13.92
CA GLY B 318 -20.60 -34.96 13.24
C GLY B 318 -19.34 -35.10 12.39
N PRO B 319 -18.91 -34.01 11.78
CA PRO B 319 -17.66 -34.04 11.02
C PRO B 319 -16.50 -34.31 11.94
N LYS B 320 -15.48 -34.97 11.42
CA LYS B 320 -14.24 -35.07 12.17
C LYS B 320 -13.60 -33.68 12.33
N TYR B 321 -12.86 -33.50 13.43
CA TYR B 321 -12.20 -32.22 13.67
C TYR B 321 -11.24 -31.87 12.53
N SER B 322 -10.52 -32.87 12.00
CA SER B 322 -9.69 -32.64 10.82
C SER B 322 -10.50 -32.11 9.63
N SER B 323 -11.74 -32.55 9.50
CA SER B 323 -12.58 -32.07 8.41
C SER B 323 -13.12 -30.66 8.66
N VAL B 324 -13.32 -30.28 9.93
CA VAL B 324 -13.66 -28.89 10.23
C VAL B 324 -12.48 -27.98 9.92
N PHE B 325 -11.27 -28.40 10.29
CA PHE B 325 -10.07 -27.67 9.86
C PHE B 325 -10.03 -27.55 8.33
N GLY B 326 -10.29 -28.65 7.63
CA GLY B 326 -10.08 -28.66 6.18
C GLY B 326 -11.04 -27.74 5.44
N GLN B 327 -12.29 -27.69 5.88
CA GLN B 327 -13.23 -26.69 5.40
C GLN B 327 -12.75 -25.28 5.69
N TRP B 328 -12.28 -25.04 6.93
CA TRP B 328 -11.77 -23.72 7.29
C TRP B 328 -10.65 -23.30 6.34
N LEU B 329 -9.72 -24.22 6.06
CA LEU B 329 -8.57 -23.90 5.23
C LEU B 329 -9.03 -23.47 3.84
N CYS B 330 -10.00 -24.21 3.28
CA CYS B 330 -10.57 -23.82 1.99
C CYS B 330 -11.28 -22.47 2.08
N ASP B 331 -12.13 -22.30 3.10
CA ASP B 331 -12.89 -21.07 3.23
C ASP B 331 -11.97 -19.86 3.40
N MET B 332 -10.93 -19.97 4.24
CA MET B 332 -10.03 -18.84 4.43
C MET B 332 -9.17 -18.60 3.19
N ALA B 333 -8.79 -19.66 2.47
CA ALA B 333 -8.07 -19.47 1.23
C ALA B 333 -8.92 -18.73 0.19
N ALA B 334 -10.24 -18.85 0.28
CA ALA B 334 -11.09 -18.14 -0.67
C ALA B 334 -11.10 -16.65 -0.37
N GLN B 335 -10.95 -16.29 0.89
CA GLN B 335 -10.87 -14.88 1.23
C GLN B 335 -9.48 -14.29 1.02
N ASP B 336 -8.43 -15.08 1.24
CA ASP B 336 -7.09 -14.54 1.43
C ASP B 336 -6.17 -15.30 0.50
N ALA B 337 -5.85 -14.66 -0.62
CA ALA B 337 -4.92 -15.20 -1.59
C ALA B 337 -3.54 -15.47 -0.99
N ARG B 338 -3.24 -14.96 0.21
CA ARG B 338 -1.95 -15.18 0.85
C ARG B 338 -1.85 -16.52 1.56
N LEU B 339 -2.97 -17.13 1.94
CA LEU B 339 -2.91 -18.36 2.71
C LEU B 339 -2.15 -19.41 1.93
N LEU B 340 -1.28 -20.14 2.63
CA LEU B 340 -0.53 -21.26 2.06
C LEU B 340 -0.60 -22.43 3.02
N GLY B 341 -0.88 -23.63 2.54
CA GLY B 341 -1.09 -24.82 3.39
C GLY B 341 0.06 -25.79 3.27
N ILE B 342 0.63 -26.14 4.43
CA ILE B 342 1.77 -27.07 4.46
C ILE B 342 1.41 -28.28 5.31
N THR B 343 1.78 -29.48 4.85
CA THR B 343 1.66 -30.73 5.61
C THR B 343 2.93 -31.57 5.40
N PRO B 344 3.46 -32.21 6.45
CA PRO B 344 4.56 -33.17 6.20
C PRO B 344 3.93 -34.56 5.95
N ALA B 345 3.46 -34.76 4.71
CA ALA B 345 3.03 -36.05 4.18
C ALA B 345 1.78 -36.61 4.87
N MET B 346 0.88 -35.74 5.31
CA MET B 346 -0.33 -36.17 6.01
C MET B 346 -1.55 -35.45 5.41
N LYS B 347 -1.63 -35.40 4.08
CA LYS B 347 -2.75 -34.75 3.42
C LYS B 347 -4.09 -35.39 3.81
N GLU B 348 -4.16 -36.72 3.77
CA GLU B 348 -5.40 -37.40 4.11
C GLU B 348 -5.73 -37.23 5.61
N GLY B 349 -4.70 -37.38 6.46
CA GLY B 349 -4.97 -37.39 7.90
C GLY B 349 -5.32 -36.02 8.43
N SER B 350 -4.51 -35.02 8.11
CA SER B 350 -4.84 -33.65 8.50
C SER B 350 -6.01 -33.14 7.68
N ASP B 351 -6.32 -33.82 6.58
CA ASP B 351 -7.47 -33.52 5.73
C ASP B 351 -7.29 -32.20 4.97
N LEU B 352 -6.17 -32.08 4.28
CA LEU B 352 -5.98 -31.03 3.28
C LEU B 352 -6.42 -31.46 1.89
N VAL B 353 -7.30 -32.46 1.75
CA VAL B 353 -7.57 -33.05 0.44
C VAL B 353 -8.18 -32.03 -0.53
N ALA B 354 -9.36 -31.49 -0.17
CA ALA B 354 -10.03 -30.55 -1.09
C ALA B 354 -9.18 -29.31 -1.29
N PHE B 355 -8.54 -28.83 -0.21
CA PHE B 355 -7.61 -27.70 -0.34
C PHE B 355 -6.58 -27.96 -1.45
N SER B 356 -6.00 -29.18 -1.47
CA SER B 356 -4.96 -29.50 -2.45
C SER B 356 -5.53 -29.56 -3.86
N GLU B 357 -6.80 -29.88 -3.99
CA GLU B 357 -7.43 -29.96 -5.31
C GLU B 357 -7.80 -28.56 -5.79
N ARG B 358 -8.28 -27.70 -4.89
CA ARG B 358 -8.69 -26.34 -5.24
C ARG B 358 -7.57 -25.33 -5.26
N TYR B 359 -6.51 -25.50 -4.47
CA TYR B 359 -5.44 -24.50 -4.35
C TYR B 359 -4.07 -25.16 -4.56
N PRO B 360 -3.89 -25.89 -5.66
CA PRO B 360 -2.65 -26.67 -5.84
C PRO B 360 -1.40 -25.83 -5.78
N GLU B 361 -1.46 -24.60 -6.28
CA GLU B 361 -0.29 -23.72 -6.32
C GLU B 361 0.00 -23.15 -4.94
N ARG B 362 -0.87 -23.41 -3.98
CA ARG B 362 -0.71 -22.93 -2.61
C ARG B 362 -0.67 -24.05 -1.58
N TYR B 363 -0.51 -25.31 -2.01
CA TYR B 363 -0.48 -26.48 -1.14
C TYR B 363 0.88 -27.12 -1.24
N PHE B 364 1.49 -27.42 -0.09
CA PHE B 364 2.85 -27.94 -0.07
C PHE B 364 2.91 -29.17 0.85
N ASP B 365 3.17 -30.33 0.24
CA ASP B 365 3.51 -31.58 0.94
C ASP B 365 5.03 -31.72 0.87
N VAL B 366 5.70 -31.55 2.01
CA VAL B 366 7.14 -31.54 2.05
C VAL B 366 7.71 -32.93 2.30
N ALA B 367 6.86 -33.95 2.19
CA ALA B 367 7.16 -35.34 2.56
C ALA B 367 7.30 -35.43 4.07
N ILE B 368 8.04 -36.44 4.56
CA ILE B 368 8.07 -36.69 5.99
C ILE B 368 9.20 -35.85 6.57
N ALA B 369 8.97 -34.57 6.66
CA ALA B 369 9.99 -33.56 6.84
C ALA B 369 9.41 -32.43 7.69
N GLU B 370 9.07 -32.78 8.93
CA GLU B 370 8.47 -31.81 9.84
C GLU B 370 9.39 -30.62 10.07
N GLN B 371 10.69 -30.86 10.16
CA GLN B 371 11.61 -29.76 10.45
C GLN B 371 11.55 -28.72 9.34
N HIS B 372 11.62 -29.18 8.09
CA HIS B 372 11.60 -28.27 6.97
C HIS B 372 10.23 -27.60 6.79
N ALA B 373 9.14 -28.35 7.02
CA ALA B 373 7.80 -27.74 6.96
C ALA B 373 7.75 -26.44 7.74
N VAL B 374 8.27 -26.46 8.98
CA VAL B 374 8.15 -25.32 9.89
C VAL B 374 9.07 -24.17 9.43
N THR B 375 10.32 -24.46 9.08
CA THR B 375 11.22 -23.36 8.65
C THR B 375 10.85 -22.83 7.28
N LEU B 376 10.39 -23.71 6.37
CA LEU B 376 9.79 -23.24 5.12
C LEU B 376 8.69 -22.20 5.42
N ALA B 377 7.79 -22.52 6.36
CA ALA B 377 6.72 -21.59 6.69
C ALA B 377 7.27 -20.26 7.17
N ALA B 378 8.27 -20.32 8.06
CA ALA B 378 8.93 -19.09 8.52
C ALA B 378 9.38 -18.23 7.34
N GLY B 379 9.96 -18.84 6.31
CA GLY B 379 10.45 -18.08 5.18
C GLY B 379 9.34 -17.51 4.30
N MET B 380 8.26 -18.25 4.16
CA MET B 380 7.11 -17.69 3.45
C MET B 380 6.57 -16.47 4.18
N ALA B 381 6.60 -16.49 5.52
CA ALA B 381 6.02 -15.40 6.30
C ALA B 381 6.87 -14.14 6.27
N CYS B 382 8.18 -14.31 6.02
CA CYS B 382 9.05 -13.17 5.82
C CYS B 382 8.66 -12.34 4.61
N GLU B 383 8.03 -12.95 3.60
CA GLU B 383 7.64 -12.23 2.39
C GLU B 383 6.18 -11.80 2.41
N GLY B 384 5.52 -11.85 3.56
CA GLY B 384 4.16 -11.41 3.67
C GLY B 384 3.08 -12.43 3.33
N MET B 385 3.45 -13.63 2.89
CA MET B 385 2.51 -14.73 2.73
C MET B 385 2.12 -15.30 4.10
N LYS B 386 1.08 -16.14 4.13
CA LYS B 386 0.48 -16.56 5.39
C LYS B 386 0.37 -18.08 5.49
N PRO B 387 1.47 -18.75 5.89
CA PRO B 387 1.45 -20.21 5.92
C PRO B 387 0.65 -20.75 7.09
N VAL B 388 0.04 -21.90 6.83
CA VAL B 388 -0.62 -22.69 7.87
C VAL B 388 0.06 -24.05 7.91
N VAL B 389 0.68 -24.40 9.03
CA VAL B 389 1.35 -25.70 9.16
C VAL B 389 0.40 -26.66 9.83
N ALA B 390 -0.07 -27.64 9.06
CA ALA B 390 -0.95 -28.68 9.57
C ALA B 390 -0.05 -29.83 10.00
N ILE B 391 -0.15 -30.23 11.27
CA ILE B 391 0.82 -31.16 11.86
C ILE B 391 0.30 -31.76 13.16
N TYR B 392 0.47 -33.07 13.33
CA TYR B 392 -0.01 -33.76 14.51
C TYR B 392 0.81 -33.36 15.74
N SER B 393 0.17 -33.36 16.90
CA SER B 393 0.88 -33.04 18.13
C SER B 393 2.12 -33.91 18.32
N THR B 394 1.99 -35.22 18.09
CA THR B 394 3.13 -36.11 18.27
C THR B 394 4.24 -35.81 17.28
N PHE B 395 3.89 -35.44 16.04
CA PHE B 395 4.92 -35.21 15.04
C PHE B 395 5.54 -33.81 15.12
N LEU B 396 4.83 -32.79 15.62
CA LEU B 396 5.45 -31.49 15.85
C LEU B 396 6.61 -31.58 16.86
N GLN B 397 6.61 -32.60 17.73
CA GLN B 397 7.77 -32.86 18.57
C GLN B 397 9.07 -32.85 17.77
N ARG B 398 9.04 -33.28 16.49
CA ARG B 398 10.28 -33.35 15.71
C ARG B 398 10.65 -32.05 15.01
N ALA B 399 9.80 -31.02 15.08
CA ALA B 399 10.13 -29.72 14.53
C ALA B 399 10.12 -28.66 15.62
N TYR B 400 10.32 -29.06 16.88
CA TYR B 400 10.29 -28.13 18.00
C TYR B 400 11.35 -27.06 17.87
N ASP B 401 12.51 -27.41 17.31
CA ASP B 401 13.57 -26.42 17.19
C ASP B 401 13.22 -25.39 16.13
N GLN B 402 12.59 -25.80 15.03
CA GLN B 402 12.26 -24.83 14.01
C GLN B 402 11.15 -23.90 14.50
N LEU B 403 10.18 -24.44 15.22
CA LEU B 403 9.16 -23.60 15.85
C LEU B 403 9.78 -22.61 16.84
N ILE B 404 10.67 -23.06 17.73
CA ILE B 404 11.28 -22.11 18.68
C ILE B 404 12.20 -21.10 17.97
N HIS B 405 13.23 -21.59 17.31
CA HIS B 405 14.30 -20.76 16.76
C HIS B 405 13.90 -20.00 15.50
N ASP B 406 13.21 -20.65 14.57
CA ASP B 406 12.93 -19.97 13.32
C ASP B 406 11.62 -19.20 13.33
N VAL B 407 10.63 -19.60 14.12
CA VAL B 407 9.36 -18.90 14.14
C VAL B 407 9.20 -18.00 15.36
N ALA B 408 9.25 -18.55 16.57
CA ALA B 408 8.86 -17.76 17.72
C ALA B 408 9.92 -16.72 18.12
N VAL B 409 11.19 -17.07 18.02
CA VAL B 409 12.22 -16.09 18.30
C VAL B 409 12.04 -14.87 17.40
N GLN B 410 11.65 -15.09 16.15
CA GLN B 410 11.48 -14.02 15.17
C GLN B 410 10.05 -13.49 15.11
N HIS B 411 9.17 -13.93 16.02
CA HIS B 411 7.76 -13.60 16.03
C HIS B 411 7.15 -13.64 14.62
N LEU B 412 7.45 -14.65 13.83
CA LEU B 412 6.88 -14.70 12.48
C LEU B 412 5.44 -15.23 12.52
N ASP B 413 4.67 -14.84 11.49
CA ASP B 413 3.21 -15.04 11.46
C ASP B 413 2.94 -16.39 10.80
N VAL B 414 2.85 -17.43 11.65
CA VAL B 414 2.66 -18.82 11.24
C VAL B 414 1.62 -19.44 12.15
N LEU B 415 0.56 -20.00 11.55
CA LEU B 415 -0.47 -20.75 12.25
C LEU B 415 -0.17 -22.25 12.19
N PHE B 416 -0.14 -22.90 13.37
CA PHE B 416 0.02 -24.34 13.50
C PHE B 416 -1.32 -24.95 13.87
N ALA B 417 -1.87 -25.78 12.97
CA ALA B 417 -3.11 -26.51 13.22
C ALA B 417 -2.74 -27.92 13.70
N ILE B 418 -2.92 -28.17 15.00
CA ILE B 418 -2.34 -29.29 15.69
C ILE B 418 -3.41 -30.33 15.97
N ASP B 419 -3.56 -31.26 15.03
CA ASP B 419 -4.43 -32.41 15.09
C ASP B 419 -3.86 -33.48 16.03
N ARG B 420 -4.69 -34.49 16.33
CA ARG B 420 -4.30 -35.64 17.14
C ARG B 420 -3.76 -35.20 18.49
N ALA B 421 -4.33 -34.12 18.99
CA ALA B 421 -4.01 -33.60 20.31
C ALA B 421 -4.80 -34.41 21.32
N GLY B 422 -4.12 -34.86 22.35
CA GLY B 422 -4.71 -35.79 23.29
C GLY B 422 -4.33 -37.23 23.02
N LEU B 423 -5.18 -38.13 23.53
CA LEU B 423 -5.01 -39.56 23.31
C LEU B 423 -5.58 -39.95 21.95
N VAL B 424 -4.90 -40.89 21.26
CA VAL B 424 -5.28 -41.21 19.90
C VAL B 424 -5.77 -42.64 19.74
N GLY B 425 -5.85 -43.40 20.81
CA GLY B 425 -6.49 -44.73 20.74
C GLY B 425 -5.51 -45.85 20.43
N GLU B 426 -5.85 -46.69 19.46
CA GLU B 426 -5.15 -47.96 19.34
C GLU B 426 -3.70 -47.80 18.90
N ASP B 427 -3.37 -46.73 18.20
CA ASP B 427 -1.97 -46.53 17.83
C ASP B 427 -1.09 -46.40 19.05
N GLY B 428 -1.67 -46.05 20.20
CA GLY B 428 -0.96 -46.09 21.45
C GLY B 428 -0.03 -44.93 21.68
N PRO B 429 0.91 -45.09 22.63
CA PRO B 429 1.64 -43.92 23.13
C PRO B 429 2.71 -43.37 22.19
N THR B 430 3.19 -44.11 21.19
CA THR B 430 4.14 -43.50 20.25
C THR B 430 3.50 -42.33 19.48
N HIS B 431 2.17 -42.33 19.33
CA HIS B 431 1.43 -41.34 18.59
C HIS B 431 0.61 -40.38 19.46
N ALA B 432 0.70 -40.49 20.79
CA ALA B 432 -0.13 -39.70 21.68
C ALA B 432 0.26 -38.24 21.62
N GLY B 433 -0.76 -37.35 21.56
CA GLY B 433 -0.54 -35.92 21.48
C GLY B 433 -0.60 -35.31 22.85
N SER B 434 0.32 -35.75 23.72
CA SER B 434 0.17 -35.57 25.16
C SER B 434 0.81 -34.31 25.70
N PHE B 435 1.65 -33.63 24.93
CA PHE B 435 2.56 -32.67 25.54
C PHE B 435 2.56 -31.29 24.91
N ASP B 436 1.74 -31.05 23.89
CA ASP B 436 1.95 -29.84 23.10
C ASP B 436 1.58 -28.57 23.88
N ILE B 437 0.62 -28.63 24.80
CA ILE B 437 0.38 -27.48 25.68
C ILE B 437 1.60 -27.23 26.53
N SER B 438 2.21 -28.30 27.05
CA SER B 438 3.37 -28.12 27.92
C SER B 438 4.58 -27.60 27.14
N TYR B 439 4.86 -28.16 25.96
CA TYR B 439 6.07 -27.71 25.28
C TYR B 439 5.89 -26.43 24.47
N LEU B 440 4.66 -26.02 24.16
CA LEU B 440 4.48 -24.73 23.49
C LEU B 440 4.31 -23.55 24.45
N ARG B 441 3.51 -23.73 25.50
CA ARG B 441 3.19 -22.59 26.36
C ARG B 441 4.39 -21.99 27.09
N CYS B 442 5.53 -22.67 27.14
CA CYS B 442 6.71 -22.10 27.77
C CYS B 442 7.53 -21.34 26.79
N ILE B 443 7.10 -21.25 25.56
CA ILE B 443 7.81 -20.57 24.46
C ILE B 443 7.24 -19.17 24.35
N PRO B 444 8.03 -18.12 24.60
CA PRO B 444 7.52 -16.76 24.47
C PRO B 444 7.07 -16.46 23.05
N GLY B 445 5.92 -15.78 22.97
CA GLY B 445 5.32 -15.34 21.72
C GLY B 445 4.18 -16.22 21.23
N MET B 446 4.10 -17.43 21.74
CA MET B 446 3.08 -18.36 21.26
C MET B 446 1.71 -17.98 21.76
N LEU B 447 0.76 -17.86 20.83
CA LEU B 447 -0.65 -17.87 21.13
C LEU B 447 -1.11 -19.32 21.12
N VAL B 448 -1.69 -19.79 22.24
CA VAL B 448 -1.95 -21.23 22.44
C VAL B 448 -3.41 -21.41 22.82
N MET B 449 -4.14 -22.18 22.00
CA MET B 449 -5.60 -22.25 22.02
C MET B 449 -6.08 -23.69 22.07
N THR B 450 -7.20 -23.91 22.80
CA THR B 450 -7.78 -25.24 23.00
C THR B 450 -9.30 -25.27 22.76
N PRO B 451 -9.72 -25.31 21.51
CA PRO B 451 -11.16 -25.33 21.23
C PRO B 451 -11.89 -26.49 21.85
N SER B 452 -13.18 -26.27 22.16
CA SER B 452 -14.02 -27.25 22.85
C SER B 452 -15.02 -27.99 21.97
N ASP B 453 -15.24 -27.54 20.74
CA ASP B 453 -16.12 -28.27 19.82
C ASP B 453 -15.85 -27.76 18.41
N GLU B 454 -16.74 -28.10 17.49
CA GLU B 454 -16.54 -27.79 16.07
C GLU B 454 -16.53 -26.29 15.83
N ASP B 455 -17.56 -25.59 16.32
CA ASP B 455 -17.67 -24.16 16.07
C ASP B 455 -16.50 -23.41 16.66
N GLU B 456 -16.02 -23.84 17.84
CA GLU B 456 -14.87 -23.21 18.47
C GLU B 456 -13.58 -23.44 17.68
N LEU B 457 -13.39 -24.63 17.12
CA LEU B 457 -12.22 -24.86 16.28
C LEU B 457 -12.18 -23.87 15.13
N ARG B 458 -13.30 -23.70 14.43
CA ARG B 458 -13.36 -22.76 13.31
C ARG B 458 -13.11 -21.34 13.77
N LYS B 459 -13.71 -20.97 14.91
CA LYS B 459 -13.48 -19.65 15.48
C LYS B 459 -12.02 -19.45 15.89
N LEU B 460 -11.41 -20.46 16.52
CA LEU B 460 -10.05 -20.23 17.01
C LEU B 460 -8.99 -20.33 15.92
N LEU B 461 -9.22 -21.13 14.87
CA LEU B 461 -8.35 -21.03 13.71
C LEU B 461 -8.40 -19.61 13.10
N THR B 462 -9.60 -19.03 12.99
CA THR B 462 -9.71 -17.66 12.48
C THR B 462 -8.97 -16.67 13.40
N THR B 463 -9.13 -16.84 14.72
CA THR B 463 -8.38 -16.03 15.67
C THR B 463 -6.88 -16.22 15.49
N GLY B 464 -6.41 -17.47 15.50
CA GLY B 464 -5.00 -17.72 15.28
C GLY B 464 -4.48 -17.12 13.99
N TYR B 465 -5.24 -17.25 12.89
CA TYR B 465 -4.80 -16.76 11.57
C TYR B 465 -4.72 -15.24 11.53
N LEU B 466 -5.76 -14.56 12.02
CA LEU B 466 -5.77 -13.11 12.01
C LEU B 466 -4.72 -12.54 12.93
N PHE B 467 -4.47 -13.18 14.06
CA PHE B 467 -3.35 -12.80 14.91
C PHE B 467 -2.07 -12.77 14.09
N ASP B 468 -1.27 -11.73 14.31
CA ASP B 468 -0.03 -11.53 13.57
C ASP B 468 1.10 -11.99 14.47
N GLY B 469 1.56 -13.20 14.22
CA GLY B 469 2.46 -13.87 15.11
C GLY B 469 2.21 -15.35 15.14
N PRO B 470 3.04 -16.06 15.90
CA PRO B 470 2.91 -17.52 15.96
C PRO B 470 1.72 -17.93 16.79
N ALA B 471 0.91 -18.85 16.26
CA ALA B 471 -0.27 -19.31 16.95
C ALA B 471 -0.48 -20.79 16.76
N ALA B 472 -1.17 -21.40 17.72
CA ALA B 472 -1.42 -22.83 17.71
C ALA B 472 -2.85 -23.11 18.16
N VAL B 473 -3.47 -24.06 17.46
CA VAL B 473 -4.83 -24.52 17.74
C VAL B 473 -4.75 -26.06 17.82
N ARG B 474 -5.09 -26.64 18.97
CA ARG B 474 -5.00 -28.09 19.19
C ARG B 474 -6.39 -28.72 19.26
N TYR B 475 -6.57 -29.84 18.56
CA TYR B 475 -7.84 -30.55 18.53
C TYR B 475 -7.58 -32.04 18.42
N PRO B 476 -8.51 -32.88 18.85
CA PRO B 476 -8.28 -34.33 18.86
C PRO B 476 -8.63 -34.99 17.53
N ARG B 477 -8.16 -36.23 17.40
CA ARG B 477 -8.66 -37.11 16.36
CA ARG B 477 -8.66 -37.11 16.37
C ARG B 477 -10.16 -37.34 16.53
N GLY B 478 -10.80 -37.79 15.45
CA GLY B 478 -12.20 -38.14 15.50
C GLY B 478 -13.12 -36.94 15.61
N SER B 479 -14.33 -37.20 16.10
CA SER B 479 -15.39 -36.22 16.02
C SER B 479 -15.76 -35.66 17.39
N GLY B 480 -16.55 -34.58 17.35
CA GLY B 480 -16.96 -33.87 18.53
C GLY B 480 -18.41 -34.09 18.86
N PRO B 481 -18.96 -33.21 19.69
CA PRO B 481 -20.37 -33.33 20.07
C PRO B 481 -21.37 -32.93 18.99
N ASN B 482 -20.90 -32.64 17.78
CA ASN B 482 -21.79 -32.31 16.66
C ASN B 482 -22.69 -31.11 16.97
N HIS B 483 -22.13 -30.09 17.60
CA HIS B 483 -22.80 -28.83 17.79
C HIS B 483 -22.81 -28.04 16.48
N PRO B 484 -23.72 -27.10 16.34
CA PRO B 484 -23.79 -26.35 15.09
C PRO B 484 -22.58 -25.45 14.92
N ILE B 485 -22.25 -25.20 13.65
CA ILE B 485 -21.05 -24.48 13.24
C ILE B 485 -21.48 -23.18 12.57
N ASP B 486 -21.04 -22.07 13.10
CA ASP B 486 -21.32 -20.79 12.47
C ASP B 486 -20.52 -20.73 11.17
N PRO B 487 -21.16 -20.45 10.03
CA PRO B 487 -20.43 -20.48 8.75
C PRO B 487 -19.60 -19.23 8.44
N ASP B 488 -19.67 -18.19 9.27
CA ASP B 488 -18.82 -17.02 9.04
C ASP B 488 -17.37 -17.32 9.44
N LEU B 489 -16.47 -16.43 9.03
CA LEU B 489 -15.09 -16.45 9.48
C LEU B 489 -14.87 -15.22 10.36
N GLN B 490 -15.31 -15.31 11.60
CA GLN B 490 -15.07 -14.23 12.55
C GLN B 490 -14.18 -14.71 13.69
N PRO B 491 -13.24 -13.88 14.15
CA PRO B 491 -12.43 -14.23 15.32
C PRO B 491 -13.22 -14.05 16.60
N VAL B 492 -12.61 -14.49 17.71
CA VAL B 492 -13.04 -14.16 19.06
C VAL B 492 -11.92 -13.39 19.76
N GLU B 493 -12.27 -12.80 20.90
CA GLU B 493 -11.36 -11.91 21.60
C GLU B 493 -10.24 -12.72 22.24
N ILE B 494 -9.00 -12.31 22.00
CA ILE B 494 -7.86 -13.08 22.49
C ILE B 494 -7.78 -12.98 24.00
N GLY B 495 -7.57 -14.11 24.65
CA GLY B 495 -7.32 -14.14 26.08
C GLY B 495 -8.54 -14.20 26.95
N LYS B 496 -9.70 -14.51 26.38
CA LYS B 496 -10.96 -14.51 27.11
C LYS B 496 -11.65 -15.86 27.00
N GLY B 497 -12.06 -16.41 28.16
CA GLY B 497 -12.86 -17.61 28.19
C GLY B 497 -14.35 -17.28 28.21
N VAL B 498 -15.17 -18.32 28.09
CA VAL B 498 -16.61 -18.19 28.03
C VAL B 498 -17.18 -19.00 29.19
N VAL B 499 -17.97 -18.33 30.02
CA VAL B 499 -18.75 -18.98 31.06
C VAL B 499 -19.88 -19.73 30.37
N ARG B 500 -19.93 -21.04 30.56
CA ARG B 500 -20.96 -21.86 29.96
C ARG B 500 -22.03 -22.22 30.96
N ARG B 501 -21.75 -22.03 32.25
CA ARG B 501 -22.70 -22.37 33.29
C ARG B 501 -22.28 -21.69 34.58
N ARG B 502 -23.25 -21.27 35.37
CA ARG B 502 -23.00 -20.55 36.60
C ARG B 502 -23.45 -21.43 37.77
N GLY B 503 -22.57 -21.59 38.73
CA GLY B 503 -22.77 -22.53 39.82
C GLY B 503 -22.19 -21.95 41.08
N GLY B 504 -22.02 -22.78 42.12
CA GLY B 504 -21.78 -22.28 43.46
C GLY B 504 -20.47 -22.62 44.14
N ARG B 505 -20.13 -23.90 44.25
CA ARG B 505 -18.96 -24.22 45.06
C ARG B 505 -17.72 -24.50 44.23
N VAL B 506 -17.88 -25.15 43.10
CA VAL B 506 -16.77 -25.57 42.26
C VAL B 506 -16.75 -24.78 40.97
N ALA B 507 -15.56 -24.61 40.40
CA ALA B 507 -15.41 -23.95 39.12
C ALA B 507 -14.58 -24.85 38.22
N LEU B 508 -15.20 -25.36 37.17
CA LEU B 508 -14.53 -26.20 36.20
C LEU B 508 -13.94 -25.34 35.08
N LEU B 509 -12.62 -25.23 35.05
CA LEU B 509 -11.89 -24.46 34.03
C LEU B 509 -11.37 -25.46 33.00
N VAL B 510 -12.03 -25.52 31.84
CA VAL B 510 -11.80 -26.59 30.89
C VAL B 510 -11.01 -26.02 29.71
N PHE B 511 -9.86 -26.61 29.44
CA PHE B 511 -9.09 -26.33 28.22
C PHE B 511 -9.36 -27.50 27.28
N GLY B 512 -10.35 -27.32 26.42
CA GLY B 512 -10.55 -28.22 25.31
C GLY B 512 -11.84 -29.03 25.36
N VAL B 513 -11.76 -30.22 24.77
CA VAL B 513 -12.95 -30.97 24.41
C VAL B 513 -13.56 -31.74 25.55
N GLN B 514 -12.99 -31.69 26.75
CA GLN B 514 -13.65 -32.33 27.90
C GLN B 514 -14.83 -31.53 28.44
N LEU B 515 -15.18 -30.42 27.76
CA LEU B 515 -16.22 -29.50 28.21
C LEU B 515 -17.57 -30.19 28.33
N ALA B 516 -17.95 -30.98 27.32
CA ALA B 516 -19.27 -31.60 27.38
C ALA B 516 -19.34 -32.58 28.54
N GLU B 517 -18.22 -33.27 28.84
CA GLU B 517 -18.21 -34.16 29.99
C GLU B 517 -18.28 -33.33 31.28
N ALA B 518 -17.51 -32.25 31.33
CA ALA B 518 -17.55 -31.40 32.49
C ALA B 518 -18.94 -30.85 32.71
N MET B 519 -19.65 -30.51 31.63
CA MET B 519 -20.98 -29.93 31.77
C MET B 519 -21.96 -30.94 32.35
N LYS B 520 -21.84 -32.22 31.96
CA LYS B 520 -22.69 -33.24 32.56
C LYS B 520 -22.51 -33.31 34.07
N VAL B 521 -21.26 -33.17 34.52
CA VAL B 521 -20.91 -33.27 35.93
C VAL B 521 -21.35 -32.03 36.69
N ALA B 522 -21.46 -30.89 35.98
CA ALA B 522 -21.70 -29.61 36.64
C ALA B 522 -23.17 -29.45 37.01
N GLU B 523 -24.06 -30.05 36.24
CA GLU B 523 -25.43 -30.20 36.69
C GLU B 523 -25.47 -30.92 38.04
N SER B 524 -24.57 -31.90 38.22
CA SER B 524 -24.59 -32.70 39.45
C SER B 524 -24.04 -31.95 40.66
N LEU B 525 -22.97 -31.18 40.50
CA LEU B 525 -22.30 -30.50 41.60
C LEU B 525 -22.71 -29.04 41.75
N ASP B 526 -23.66 -28.56 40.95
CA ASP B 526 -23.90 -27.13 40.78
C ASP B 526 -22.57 -26.40 40.80
N ALA B 527 -21.87 -26.47 39.68
CA ALA B 527 -20.57 -25.88 39.50
C ALA B 527 -20.64 -24.82 38.41
N THR B 528 -19.80 -23.81 38.54
CA THR B 528 -19.47 -22.98 37.41
C THR B 528 -18.61 -23.78 36.45
N VAL B 529 -18.71 -23.44 35.17
CA VAL B 529 -17.98 -24.10 34.10
C VAL B 529 -17.54 -23.04 33.11
N VAL B 530 -16.25 -23.02 32.80
CA VAL B 530 -15.70 -22.06 31.87
C VAL B 530 -14.99 -22.77 30.72
N ASP B 531 -15.33 -22.37 29.51
CA ASP B 531 -14.65 -22.76 28.26
C ASP B 531 -13.50 -21.77 28.12
N MET B 532 -12.30 -22.18 28.54
CA MET B 532 -11.19 -21.22 28.68
C MET B 532 -10.66 -20.71 27.35
N ARG B 533 -10.67 -21.55 26.30
CA ARG B 533 -10.29 -21.15 24.96
C ARG B 533 -8.79 -20.94 24.83
N PHE B 534 -8.19 -20.15 25.72
CA PHE B 534 -6.79 -19.79 25.59
C PHE B 534 -5.98 -20.34 26.76
N VAL B 535 -4.84 -20.95 26.46
CA VAL B 535 -3.85 -21.26 27.50
C VAL B 535 -2.89 -20.09 27.68
N LYS B 536 -2.58 -19.45 26.56
CA LYS B 536 -1.66 -18.33 26.46
C LYS B 536 -2.12 -17.40 25.35
N PRO B 537 -2.46 -16.13 25.65
CA PRO B 537 -2.55 -15.50 26.97
C PRO B 537 -3.79 -16.01 27.69
N LEU B 538 -3.66 -16.20 28.99
CA LEU B 538 -4.68 -16.79 29.83
C LEU B 538 -5.61 -15.71 30.36
N ASP B 539 -6.88 -16.08 30.57
CA ASP B 539 -7.89 -15.09 31.06
C ASP B 539 -7.64 -14.89 32.55
N GLU B 540 -6.65 -14.06 32.85
CA GLU B 540 -6.24 -13.86 34.24
C GLU B 540 -7.37 -13.26 35.07
N ALA B 541 -8.00 -12.20 34.57
CA ALA B 541 -9.11 -11.55 35.26
C ALA B 541 -10.20 -12.55 35.64
N LEU B 542 -10.57 -13.43 34.72
CA LEU B 542 -11.64 -14.38 35.02
C LEU B 542 -11.20 -15.41 36.05
N VAL B 543 -9.90 -15.72 36.11
CA VAL B 543 -9.44 -16.66 37.13
C VAL B 543 -9.41 -15.98 38.50
N ARG B 544 -8.97 -14.73 38.55
CA ARG B 544 -9.05 -13.98 39.82
C ARG B 544 -10.49 -13.93 40.34
N GLU B 545 -11.43 -13.59 39.48
CA GLU B 545 -12.86 -13.59 39.84
C GLU B 545 -13.29 -14.93 40.43
N LEU B 546 -13.05 -16.02 39.72
CA LEU B 546 -13.51 -17.30 40.22
C LEU B 546 -12.70 -17.77 41.41
N ALA B 547 -11.43 -17.36 41.52
CA ALA B 547 -10.66 -17.78 42.68
C ALA B 547 -11.23 -17.21 43.97
N GLY B 548 -11.99 -16.13 43.87
CA GLY B 548 -12.54 -15.49 45.05
C GLY B 548 -13.95 -15.94 45.38
N SER B 549 -14.69 -16.41 44.38
CA SER B 549 -16.10 -16.73 44.57
C SER B 549 -16.38 -18.23 44.61
N HIS B 550 -15.35 -19.06 44.76
CA HIS B 550 -15.53 -20.50 44.79
C HIS B 550 -14.59 -21.13 45.80
N GLU B 551 -14.95 -22.33 46.25
CA GLU B 551 -14.14 -23.05 47.22
C GLU B 551 -13.05 -23.91 46.56
N LEU B 552 -13.24 -24.31 45.30
CA LEU B 552 -12.31 -25.19 44.60
C LEU B 552 -12.28 -24.85 43.12
N LEU B 553 -11.09 -24.61 42.58
CA LEU B 553 -10.85 -24.54 41.15
C LEU B 553 -10.33 -25.89 40.64
N VAL B 554 -10.94 -26.37 39.56
CA VAL B 554 -10.58 -27.61 38.91
C VAL B 554 -10.25 -27.29 37.46
N THR B 555 -9.01 -27.56 37.05
CA THR B 555 -8.61 -27.40 35.66
C THR B 555 -8.64 -28.77 34.97
N ILE B 556 -9.10 -28.78 33.71
CA ILE B 556 -9.30 -29.99 32.92
C ILE B 556 -8.71 -29.74 31.54
N GLU B 557 -8.05 -30.74 30.99
CA GLU B 557 -7.25 -30.58 29.79
C GLU B 557 -6.86 -31.97 29.31
N GLU B 558 -6.74 -32.14 28.00
CA GLU B 558 -6.31 -33.43 27.46
C GLU B 558 -4.83 -33.36 27.08
N ASN B 559 -4.01 -33.22 28.13
CA ASN B 559 -2.58 -32.97 28.04
C ASN B 559 -1.95 -33.37 29.36
N ALA B 560 -0.66 -33.61 29.33
CA ALA B 560 0.07 -33.82 30.57
C ALA B 560 -0.25 -32.71 31.57
N VAL B 561 -0.70 -33.13 32.74
CA VAL B 561 -0.79 -32.23 33.87
C VAL B 561 0.55 -31.51 34.09
N MET B 562 1.63 -32.26 34.07
CA MET B 562 2.93 -31.65 34.28
C MET B 562 3.22 -30.64 33.18
N GLY B 563 3.33 -29.37 33.57
CA GLY B 563 3.59 -28.31 32.61
C GLY B 563 2.38 -27.86 31.82
N GLY B 564 1.22 -28.48 32.05
CA GLY B 564 0.05 -28.22 31.22
C GLY B 564 -0.69 -26.92 31.52
N ALA B 565 -1.90 -26.84 30.93
CA ALA B 565 -2.73 -25.64 31.04
C ALA B 565 -3.12 -25.38 32.50
N GLY B 566 -3.44 -26.44 33.25
CA GLY B 566 -3.75 -26.26 34.65
C GLY B 566 -2.57 -25.66 35.40
N SER B 567 -1.36 -26.04 35.02
CA SER B 567 -0.17 -25.47 35.64
C SER B 567 0.05 -24.01 35.30
N ALA B 568 -0.49 -23.55 34.17
CA ALA B 568 -0.49 -22.10 33.89
C ALA B 568 -1.45 -21.37 34.81
N VAL B 569 -2.56 -22.02 35.15
CA VAL B 569 -3.49 -21.42 36.11
C VAL B 569 -2.84 -21.33 37.50
N GLY B 570 -2.27 -22.43 37.98
CA GLY B 570 -1.56 -22.38 39.26
C GLY B 570 -0.46 -21.34 39.27
N GLU B 571 0.31 -21.23 38.18
CA GLU B 571 1.35 -20.19 38.09
C GLU B 571 0.73 -18.82 38.34
N PHE B 572 -0.40 -18.52 37.68
CA PHE B 572 -1.06 -17.23 37.85
C PHE B 572 -1.52 -17.04 39.28
N LEU B 573 -2.15 -18.07 39.85
CA LEU B 573 -2.59 -18.01 41.24
C LEU B 573 -1.43 -17.72 42.19
N ALA B 574 -0.33 -18.48 42.05
CA ALA B 574 0.80 -18.29 42.94
C ALA B 574 1.37 -16.88 42.82
N SER B 575 1.46 -16.35 41.59
CA SER B 575 2.08 -15.05 41.42
C SER B 575 1.27 -13.93 42.04
N GLU B 576 -0.05 -14.14 42.22
CA GLU B 576 -0.91 -13.16 42.88
C GLU B 576 -1.24 -13.57 44.31
N GLY B 577 -0.64 -14.63 44.81
CA GLY B 577 -0.93 -15.03 46.16
C GLY B 577 -2.38 -15.37 46.39
N LEU B 578 -3.10 -15.80 45.35
CA LEU B 578 -4.44 -16.34 45.52
C LEU B 578 -4.31 -17.78 45.98
N GLU B 579 -4.90 -18.10 47.14
CA GLU B 579 -4.64 -19.35 47.83
C GLU B 579 -5.73 -20.39 47.64
N VAL B 580 -6.60 -20.21 46.65
CA VAL B 580 -7.75 -21.12 46.53
C VAL B 580 -7.27 -22.53 46.21
N PRO B 581 -7.91 -23.58 46.73
CA PRO B 581 -7.54 -24.93 46.32
C PRO B 581 -7.64 -25.12 44.81
N LEU B 582 -6.72 -25.92 44.27
CA LEU B 582 -6.64 -26.19 42.85
C LEU B 582 -6.45 -27.68 42.64
N LEU B 583 -7.39 -28.30 41.92
CA LEU B 583 -7.29 -29.67 41.48
C LEU B 583 -7.04 -29.67 39.98
N GLN B 584 -5.98 -30.36 39.54
CA GLN B 584 -5.60 -30.41 38.14
C GLN B 584 -5.90 -31.78 37.58
N LEU B 585 -6.81 -31.83 36.61
CA LEU B 585 -7.15 -33.04 35.89
C LEU B 585 -6.57 -32.97 34.48
N GLY B 586 -6.07 -34.10 34.00
CA GLY B 586 -5.23 -34.11 32.83
C GLY B 586 -4.70 -35.50 32.59
N LEU B 587 -3.67 -35.58 31.76
CA LEU B 587 -3.01 -36.87 31.44
C LEU B 587 -1.94 -37.19 32.49
N PRO B 588 -1.89 -38.42 32.98
CA PRO B 588 -0.91 -38.78 34.01
C PRO B 588 0.50 -38.91 33.45
N ASP B 589 1.45 -39.03 34.37
CA ASP B 589 2.89 -39.09 34.06
C ASP B 589 3.34 -40.53 33.80
N TYR B 590 2.63 -41.20 32.88
CA TYR B 590 3.06 -42.48 32.33
C TYR B 590 2.54 -42.58 30.89
N TYR B 591 2.97 -43.62 30.17
CA TYR B 591 2.50 -43.82 28.81
C TYR B 591 1.27 -44.70 28.86
N VAL B 592 0.15 -44.17 28.39
CA VAL B 592 -1.13 -44.87 28.48
C VAL B 592 -1.17 -45.98 27.42
N GLU B 593 -1.38 -47.20 27.88
CA GLU B 593 -1.43 -48.34 26.98
C GLU B 593 -2.58 -48.22 26.00
N HIS B 594 -2.40 -48.81 24.82
CA HIS B 594 -3.36 -48.68 23.75
C HIS B 594 -4.70 -49.33 24.12
N ALA B 595 -5.78 -48.75 23.63
CA ALA B 595 -7.15 -49.20 23.90
C ALA B 595 -8.05 -48.34 23.01
N LYS B 596 -9.37 -48.56 23.12
CA LYS B 596 -10.27 -47.62 22.48
C LYS B 596 -10.08 -46.25 23.12
N PRO B 597 -10.23 -45.16 22.37
CA PRO B 597 -10.13 -43.82 22.99
C PRO B 597 -10.95 -43.67 24.27
N SER B 598 -12.20 -44.12 24.26
CA SER B 598 -13.07 -44.00 25.43
C SER B 598 -12.53 -44.75 26.62
N GLU B 599 -11.85 -45.88 26.38
CA GLU B 599 -11.21 -46.58 27.49
C GLU B 599 -9.99 -45.82 28.00
N MET B 600 -9.21 -45.23 27.11
CA MET B 600 -8.02 -44.50 27.56
C MET B 600 -8.41 -43.27 28.34
N LEU B 601 -9.42 -42.53 27.85
CA LEU B 601 -9.89 -41.36 28.58
C LEU B 601 -10.45 -41.76 29.94
N ALA B 602 -11.11 -42.91 30.02
CA ALA B 602 -11.66 -43.38 31.30
C ALA B 602 -10.55 -43.70 32.29
N GLU B 603 -9.52 -44.43 31.83
CA GLU B 603 -8.39 -44.73 32.69
C GLU B 603 -7.77 -43.46 33.25
N CYS B 604 -7.75 -42.39 32.46
CA CYS B 604 -7.11 -41.14 32.85
C CYS B 604 -8.00 -40.24 33.69
N GLY B 605 -9.24 -40.66 33.94
CA GLY B 605 -10.17 -39.88 34.71
C GLY B 605 -10.85 -38.74 33.98
N LEU B 606 -10.81 -38.73 32.64
CA LEU B 606 -11.21 -37.57 31.86
C LEU B 606 -12.59 -37.75 31.23
N ASP B 607 -13.36 -38.71 31.71
CA ASP B 607 -14.76 -38.81 31.36
C ASP B 607 -15.59 -38.26 32.51
N ALA B 608 -16.88 -38.02 32.23
CA ALA B 608 -17.75 -37.38 33.21
C ALA B 608 -17.68 -38.08 34.56
N ALA B 609 -17.68 -39.41 34.57
CA ALA B 609 -17.60 -40.15 35.81
C ALA B 609 -16.32 -39.80 36.55
N GLY B 610 -15.17 -39.99 35.89
CA GLY B 610 -13.88 -39.75 36.53
C GLY B 610 -13.72 -38.32 37.01
N ILE B 611 -14.17 -37.34 36.20
CA ILE B 611 -14.13 -35.94 36.64
C ILE B 611 -14.95 -35.76 37.90
N GLU B 612 -16.14 -36.36 37.94
CA GLU B 612 -17.01 -36.14 39.09
C GLU B 612 -16.41 -36.84 40.31
N LYS B 613 -15.94 -38.07 40.12
CA LYS B 613 -15.32 -38.79 41.22
C LYS B 613 -14.11 -38.04 41.76
N ALA B 614 -13.39 -37.33 40.87
CA ALA B 614 -12.16 -36.66 41.28
C ALA B 614 -12.48 -35.40 42.07
N VAL B 615 -13.48 -34.65 41.62
CA VAL B 615 -13.88 -33.42 42.28
C VAL B 615 -14.52 -33.70 43.62
N ARG B 616 -15.34 -34.75 43.69
CA ARG B 616 -16.00 -35.06 44.95
C ARG B 616 -14.99 -35.51 46.00
N GLN B 617 -14.01 -36.31 45.60
CA GLN B 617 -12.94 -36.70 46.51
C GLN B 617 -12.31 -35.48 47.13
N ARG B 618 -11.99 -34.49 46.30
CA ARG B 618 -11.29 -33.31 46.79
C ARG B 618 -12.18 -32.51 47.74
N LEU B 619 -13.47 -32.42 47.42
CA LEU B 619 -14.37 -31.63 48.25
C LEU B 619 -14.57 -32.27 49.62
N ASP B 620 -14.62 -33.60 49.67
CA ASP B 620 -14.66 -34.32 50.93
C ASP B 620 -13.34 -34.19 51.71
N ARG B 621 -12.31 -33.61 51.09
CA ARG B 621 -11.09 -33.19 51.78
C ARG B 621 -10.43 -34.38 52.47
N THR C 32 -7.75 9.69 15.59
CA THR C 32 -8.48 10.69 16.35
C THR C 32 -9.88 10.16 16.75
N LEU C 33 -10.80 11.07 17.08
CA LEU C 33 -11.98 10.70 17.83
C LEU C 33 -12.98 11.85 17.78
N HIS C 34 -14.28 11.49 17.91
CA HIS C 34 -15.37 12.45 17.82
C HIS C 34 -16.23 12.50 19.06
N GLU C 35 -16.18 11.47 19.90
CA GLU C 35 -16.93 11.46 21.14
C GLU C 35 -15.99 11.08 22.27
N ILE C 36 -16.18 11.70 23.42
CA ILE C 36 -15.37 11.30 24.58
C ILE C 36 -15.86 9.94 25.06
N PRO C 37 -14.97 8.97 25.30
CA PRO C 37 -15.40 7.68 25.85
C PRO C 37 -16.09 7.87 27.20
N ARG C 38 -17.21 7.21 27.38
CA ARG C 38 -17.96 7.22 28.63
C ARG C 38 -17.64 6.02 29.49
N GLU C 39 -16.80 5.11 29.00
CA GLU C 39 -16.36 3.95 29.77
C GLU C 39 -14.84 3.84 29.65
N ARG C 40 -14.24 3.29 30.69
CA ARG C 40 -12.78 3.26 30.76
C ARG C 40 -12.23 2.49 29.55
N PRO C 41 -11.47 3.11 28.68
CA PRO C 41 -10.81 2.36 27.62
C PRO C 41 -9.87 1.33 28.21
N ALA C 42 -9.51 0.35 27.39
CA ALA C 42 -8.61 -0.72 27.76
C ALA C 42 -7.22 -0.33 27.30
N THR C 43 -6.28 -0.16 28.24
CA THR C 43 -4.96 0.40 27.94
C THR C 43 -3.88 -0.51 28.54
N PRO C 44 -3.57 -1.62 27.85
CA PRO C 44 -2.64 -2.59 28.42
C PRO C 44 -1.23 -2.07 28.55
N LEU C 45 -0.75 -1.27 27.59
CA LEU C 45 0.59 -0.71 27.73
C LEU C 45 0.62 0.35 28.84
N LEU C 46 -0.29 1.33 28.79
CA LEU C 46 -0.36 2.37 29.81
C LEU C 46 -0.29 1.75 31.20
N ASP C 47 -1.22 0.83 31.48
CA ASP C 47 -1.30 0.20 32.80
C ASP C 47 0.03 -0.40 33.21
N ARG C 48 0.90 -0.71 32.24
CA ARG C 48 2.25 -1.18 32.50
C ARG C 48 3.25 -0.04 32.65
N ALA C 49 2.87 1.17 32.23
CA ALA C 49 3.77 2.33 32.34
C ALA C 49 3.28 3.27 33.44
N SER C 50 3.15 2.76 34.67
CA SER C 50 2.56 3.55 35.75
C SER C 50 3.52 4.55 36.35
N SER C 51 4.80 4.47 35.99
CA SER C 51 5.86 5.34 36.48
C SER C 51 6.90 5.45 35.39
N PRO C 52 7.73 6.50 35.40
CA PRO C 52 8.68 6.67 34.29
C PRO C 52 9.68 5.53 34.18
N ALA C 53 10.08 4.92 35.30
CA ALA C 53 11.03 3.81 35.24
C ALA C 53 10.42 2.60 34.55
N GLU C 54 9.14 2.33 34.80
CA GLU C 54 8.41 1.32 34.03
C GLU C 54 8.29 1.72 32.56
N LEU C 55 7.87 2.96 32.29
CA LEU C 55 7.79 3.38 30.90
C LEU C 55 9.12 3.18 30.19
N ARG C 56 10.23 3.46 30.89
CA ARG C 56 11.53 3.37 30.25
C ARG C 56 11.94 1.93 29.99
N ARG C 57 11.26 0.96 30.61
CA ARG C 57 11.46 -0.45 30.27
C ARG C 57 10.84 -0.83 28.93
N LEU C 58 9.83 -0.09 28.45
CA LEU C 58 9.21 -0.40 27.16
C LEU C 58 10.15 -0.08 26.01
N GLY C 59 9.89 -0.73 24.86
CA GLY C 59 10.65 -0.46 23.65
C GLY C 59 10.06 0.67 22.81
N GLU C 60 10.96 1.35 22.04
CA GLU C 60 10.52 2.50 21.26
C GLU C 60 9.37 2.13 20.34
N ALA C 61 9.30 0.86 19.94
CA ALA C 61 8.26 0.37 19.06
C ALA C 61 6.92 0.17 19.78
N ASP C 62 6.86 0.44 21.07
CA ASP C 62 5.58 0.47 21.77
C ASP C 62 5.11 1.88 22.12
N LEU C 63 5.95 2.90 21.93
CA LEU C 63 5.63 4.24 22.42
C LEU C 63 4.44 4.85 21.68
N GLU C 64 4.34 4.64 20.35
CA GLU C 64 3.20 5.17 19.60
C GLU C 64 1.89 4.52 20.02
N THR C 65 1.93 3.23 20.33
CA THR C 65 0.75 2.56 20.88
C THR C 65 0.44 3.11 22.26
N LEU C 66 1.47 3.23 23.09
CA LEU C 66 1.31 3.82 24.41
C LEU C 66 0.64 5.17 24.29
N ALA C 67 1.05 5.96 23.29
CA ALA C 67 0.49 7.29 23.10
C ALA C 67 -0.99 7.23 22.72
N ASP C 68 -1.36 6.30 21.85
CA ASP C 68 -2.77 6.15 21.52
C ASP C 68 -3.56 5.88 22.79
N GLU C 69 -3.09 4.91 23.59
CA GLU C 69 -3.78 4.55 24.82
C GLU C 69 -3.82 5.70 25.83
N LEU C 70 -2.71 6.43 25.99
CA LEU C 70 -2.71 7.55 26.95
C LEU C 70 -3.73 8.60 26.53
N ARG C 71 -3.73 8.95 25.25
CA ARG C 71 -4.76 9.85 24.72
C ARG C 71 -6.16 9.37 25.10
N GLN C 72 -6.46 8.08 24.85
CA GLN C 72 -7.82 7.62 25.11
C GLN C 72 -8.15 7.70 26.59
N TYR C 73 -7.22 7.28 27.45
CA TYR C 73 -7.43 7.44 28.87
C TYR C 73 -7.62 8.92 29.23
N LEU C 74 -6.79 9.80 28.65
CA LEU C 74 -6.91 11.21 28.95
C LEU C 74 -8.31 11.71 28.61
N LEU C 75 -8.77 11.40 27.40
CA LEU C 75 -10.13 11.78 27.00
C LEU C 75 -11.16 11.27 28.02
N TYR C 76 -11.04 9.99 28.40
CA TYR C 76 -12.02 9.40 29.29
C TYR C 76 -12.06 10.12 30.62
N THR C 77 -10.90 10.26 31.26
CA THR C 77 -10.89 10.72 32.65
C THR C 77 -11.26 12.18 32.78
N VAL C 78 -10.87 13.01 31.79
CA VAL C 78 -11.34 14.39 31.81
C VAL C 78 -12.83 14.44 31.58
N GLY C 79 -13.37 13.42 30.90
CA GLY C 79 -14.81 13.33 30.74
C GLY C 79 -15.51 13.05 32.05
N GLN C 80 -14.89 12.24 32.91
CA GLN C 80 -15.43 11.94 34.22
C GLN C 80 -15.41 13.17 35.15
N THR C 81 -14.31 13.91 35.18
CA THR C 81 -14.08 14.89 36.23
C THR C 81 -14.19 16.35 35.78
N GLY C 82 -14.15 16.62 34.48
CA GLY C 82 -13.92 17.96 34.01
C GLY C 82 -12.46 18.34 34.19
N GLY C 83 -12.09 19.47 33.60
CA GLY C 83 -10.73 19.96 33.76
C GLY C 83 -10.19 20.49 32.46
N HIS C 84 -8.91 20.86 32.48
CA HIS C 84 -8.26 21.31 31.27
C HIS C 84 -8.16 20.16 30.28
N PHE C 85 -8.35 20.46 28.99
CA PHE C 85 -8.52 19.43 27.97
C PHE C 85 -7.50 19.58 26.84
N GLY C 86 -7.63 20.61 26.01
CA GLY C 86 -6.94 20.58 24.73
C GLY C 86 -5.43 20.57 24.80
N ALA C 87 -4.85 21.23 25.81
CA ALA C 87 -3.40 21.40 25.81
C ALA C 87 -2.67 20.15 26.27
N GLY C 88 -3.27 19.37 27.16
CA GLY C 88 -2.69 18.07 27.45
C GLY C 88 -2.65 17.18 26.24
N LEU C 89 -3.74 17.18 25.46
CA LEU C 89 -3.81 16.38 24.25
C LEU C 89 -2.66 16.69 23.33
N GLY C 90 -2.21 17.94 23.32
CA GLY C 90 -1.13 18.36 22.45
C GLY C 90 0.24 17.91 22.89
N VAL C 91 0.39 17.49 24.15
CA VAL C 91 1.69 17.10 24.68
C VAL C 91 1.72 15.63 25.08
N VAL C 92 0.74 14.83 24.64
CA VAL C 92 0.77 13.39 24.92
C VAL C 92 2.10 12.79 24.49
N GLU C 93 2.50 13.05 23.24
CA GLU C 93 3.73 12.45 22.73
C GLU C 93 4.96 13.09 23.33
N LEU C 94 4.96 14.42 23.44
CA LEU C 94 6.07 15.12 24.11
C LEU C 94 6.32 14.54 25.50
N THR C 95 5.24 14.28 26.28
CA THR C 95 5.42 13.86 27.66
C THR C 95 6.03 12.47 27.73
N ILE C 96 5.65 11.59 26.80
CA ILE C 96 6.22 10.24 26.77
C ILE C 96 7.69 10.30 26.39
N ALA C 97 8.02 11.07 25.35
CA ALA C 97 9.43 11.18 24.98
C ALA C 97 10.26 11.70 26.15
N LEU C 98 9.74 12.68 26.91
CA LEU C 98 10.49 13.26 28.03
C LEU C 98 10.83 12.21 29.10
N HIS C 99 9.81 11.52 29.62
CA HIS C 99 10.03 10.53 30.67
C HIS C 99 10.78 9.32 30.16
N TYR C 100 10.79 9.10 28.86
CA TYR C 100 11.46 7.97 28.26
C TYR C 100 12.95 8.23 28.14
N VAL C 101 13.31 9.45 27.74
CA VAL C 101 14.71 9.78 27.52
C VAL C 101 15.39 10.29 28.80
N PHE C 102 14.68 11.06 29.61
CA PHE C 102 15.28 11.71 30.77
C PHE C 102 15.01 10.86 31.99
N ASP C 103 16.00 10.80 32.87
CA ASP C 103 15.93 9.93 34.02
C ASP C 103 15.11 10.53 35.16
N THR C 104 13.81 10.72 34.89
CA THR C 104 12.89 11.26 35.90
C THR C 104 12.73 10.27 37.06
N PRO C 105 12.71 10.75 38.33
CA PRO C 105 12.63 12.13 38.80
C PRO C 105 13.94 12.72 39.24
N ASP C 106 15.04 11.99 39.05
CA ASP C 106 16.33 12.56 39.40
C ASP C 106 16.63 13.74 38.48
N ASP C 107 16.34 13.59 37.20
CA ASP C 107 16.33 14.70 36.28
C ASP C 107 15.07 15.54 36.50
N ARG C 108 15.25 16.85 36.51
CA ARG C 108 14.18 17.77 36.88
C ARG C 108 13.44 18.27 35.64
N LEU C 109 12.15 18.03 35.63
CA LEU C 109 11.24 18.43 34.59
C LEU C 109 10.30 19.46 35.18
N VAL C 110 10.23 20.63 34.56
CA VAL C 110 9.35 21.69 35.02
C VAL C 110 8.35 21.99 33.93
N TRP C 111 7.07 21.91 34.26
CA TRP C 111 5.99 22.23 33.37
C TRP C 111 5.52 23.66 33.65
N ASP C 112 5.49 24.49 32.59
CA ASP C 112 5.03 25.87 32.68
C ASP C 112 3.51 25.90 32.69
N VAL C 113 2.94 26.64 33.63
CA VAL C 113 1.51 26.78 33.85
C VAL C 113 0.94 25.50 34.45
N GLY C 114 1.02 24.40 33.71
CA GLY C 114 0.66 23.10 34.26
C GLY C 114 -0.68 22.57 33.83
N HIS C 115 -1.46 23.34 33.08
CA HIS C 115 -2.74 22.87 32.57
C HIS C 115 -2.59 21.79 31.51
N GLN C 116 -1.38 21.54 31.04
CA GLN C 116 -1.07 20.53 30.05
C GLN C 116 -0.43 19.30 30.66
N ALA C 117 -0.44 19.19 31.99
CA ALA C 117 0.35 18.18 32.70
C ALA C 117 -0.47 16.95 33.14
N TYR C 118 -1.70 16.77 32.67
CA TYR C 118 -2.43 15.54 32.99
C TYR C 118 -1.72 14.32 32.44
N PRO C 119 -1.28 14.27 31.19
CA PRO C 119 -0.42 13.14 30.78
C PRO C 119 0.73 12.93 31.76
N HIS C 120 1.43 14.00 32.14
CA HIS C 120 2.55 13.87 33.09
C HIS C 120 2.09 13.18 34.38
N LYS C 121 0.96 13.60 34.94
CA LYS C 121 0.49 12.91 36.15
C LYS C 121 0.11 11.46 35.87
N ILE C 122 -0.41 11.17 34.67
CA ILE C 122 -0.87 9.82 34.36
C ILE C 122 0.30 8.85 34.37
N LEU C 123 1.48 9.31 33.92
CA LEU C 123 2.72 8.53 33.88
C LEU C 123 3.54 8.62 35.17
N THR C 124 3.09 9.36 36.18
CA THR C 124 3.85 9.49 37.41
C THR C 124 3.00 9.08 38.61
N GLU C 125 2.42 7.88 38.52
CA GLU C 125 1.85 7.13 39.64
C GLU C 125 0.52 7.69 40.07
N ARG C 126 -0.11 8.49 39.22
CA ARG C 126 -1.38 9.07 39.61
C ARG C 126 -2.50 8.73 38.62
N ARG C 127 -2.26 7.81 37.67
CA ARG C 127 -3.28 7.49 36.67
C ARG C 127 -4.59 7.10 37.34
N GLU C 128 -4.56 6.11 38.24
CA GLU C 128 -5.79 5.65 38.88
C GLU C 128 -6.25 6.56 40.01
N LEU C 129 -5.64 7.74 40.18
CA LEU C 129 -6.22 8.80 40.98
C LEU C 129 -6.77 9.94 40.13
N MET C 130 -6.67 9.85 38.81
CA MET C 130 -7.21 10.91 37.97
C MET C 130 -8.72 11.07 38.14
N GLY C 131 -9.41 10.05 38.65
CA GLY C 131 -10.82 10.22 38.99
C GLY C 131 -11.09 11.15 40.15
N THR C 132 -10.07 11.49 40.94
CA THR C 132 -10.26 12.47 42.00
C THR C 132 -9.90 13.89 41.56
N LEU C 133 -9.53 14.09 40.29
CA LEU C 133 -8.92 15.33 39.85
C LEU C 133 -9.89 16.48 40.11
N ARG C 134 -9.35 17.56 40.66
CA ARG C 134 -10.06 18.83 40.84
C ARG C 134 -11.29 18.66 41.72
N GLN C 135 -11.32 17.58 42.51
CA GLN C 135 -12.28 17.40 43.60
C GLN C 135 -11.59 17.66 44.93
N LYS C 136 -12.41 17.98 45.94
CA LYS C 136 -11.91 18.09 47.30
C LYS C 136 -11.13 16.84 47.66
N ASN C 137 -9.93 17.05 48.21
CA ASN C 137 -9.01 16.02 48.64
C ASN C 137 -8.45 15.21 47.50
N GLY C 138 -8.83 15.53 46.25
CA GLY C 138 -8.30 14.86 45.08
C GLY C 138 -7.05 15.54 44.53
N LEU C 139 -6.63 15.06 43.35
CA LEU C 139 -5.43 15.61 42.71
C LEU C 139 -5.70 17.06 42.27
N ALA C 140 -4.72 17.91 42.50
CA ALA C 140 -4.86 19.32 42.21
C ALA C 140 -4.79 19.60 40.70
N ALA C 141 -5.15 20.85 40.35
CA ALA C 141 -5.32 21.21 38.95
C ALA C 141 -4.00 21.24 38.17
N PHE C 142 -2.89 21.49 38.86
CA PHE C 142 -1.56 21.70 38.27
C PHE C 142 -0.52 20.87 39.00
N PRO C 143 0.65 20.66 38.39
CA PRO C 143 1.72 20.00 39.15
C PRO C 143 1.91 20.71 40.48
N ARG C 144 2.29 19.94 41.51
CA ARG C 144 2.39 20.45 42.87
C ARG C 144 3.40 19.65 43.65
N ARG C 145 4.38 20.35 44.26
CA ARG C 145 5.49 19.67 44.92
C ARG C 145 4.98 18.72 45.99
N ALA C 146 4.02 19.17 46.80
CA ALA C 146 3.52 18.33 47.88
C ALA C 146 2.75 17.11 47.39
N GLU C 147 2.41 17.05 46.11
CA GLU C 147 1.56 16.01 45.58
C GLU C 147 2.34 14.81 45.09
N SER C 148 3.52 15.03 44.54
CA SER C 148 4.33 13.96 43.98
C SER C 148 5.77 14.45 43.89
N GLU C 149 6.71 13.54 44.12
CA GLU C 149 8.12 13.83 43.89
C GLU C 149 8.42 14.04 42.41
N TYR C 150 7.47 13.73 41.53
CA TYR C 150 7.63 13.96 40.10
C TYR C 150 7.24 15.39 39.68
N ASP C 151 6.65 16.16 40.59
CA ASP C 151 6.33 17.57 40.34
C ASP C 151 7.45 18.37 41.01
N THR C 152 8.38 18.86 40.19
CA THR C 152 9.46 19.67 40.73
C THR C 152 9.03 21.07 41.15
N PHE C 153 7.91 21.59 40.63
CA PHE C 153 7.61 23.01 40.85
C PHE C 153 6.12 23.25 40.71
N GLY C 154 5.49 23.58 41.84
CA GLY C 154 4.16 24.14 41.84
C GLY C 154 4.03 25.31 40.88
N VAL C 155 3.17 25.13 39.88
CA VAL C 155 2.88 26.16 38.89
C VAL C 155 1.38 26.40 38.84
N GLY C 156 1.02 27.47 38.15
CA GLY C 156 -0.35 27.96 37.98
C GLY C 156 -0.33 29.28 37.20
N HIS C 157 0.25 30.31 37.81
CA HIS C 157 0.73 31.41 37.00
C HIS C 157 1.74 30.89 35.98
N SER C 158 1.87 31.61 34.88
CA SER C 158 2.70 31.19 33.76
C SER C 158 4.10 31.77 33.86
N SER C 159 4.96 31.26 32.98
CA SER C 159 6.30 31.75 32.65
C SER C 159 7.32 31.59 33.77
N THR C 160 7.01 30.82 34.81
CA THR C 160 7.96 30.62 35.89
C THR C 160 8.93 29.45 35.68
N SER C 161 8.73 28.66 34.62
CA SER C 161 9.46 27.40 34.52
C SER C 161 10.94 27.61 34.22
N ILE C 162 11.29 28.60 33.41
CA ILE C 162 12.70 28.73 33.04
C ILE C 162 13.52 29.16 34.26
N SER C 163 13.05 30.17 35.00
CA SER C 163 13.71 30.61 36.24
C SER C 163 13.83 29.48 37.23
N ALA C 164 12.74 28.71 37.39
CA ALA C 164 12.73 27.62 38.35
C ALA C 164 13.72 26.54 37.93
N ALA C 165 13.67 26.13 36.65
CA ALA C 165 14.59 25.11 36.17
C ALA C 165 16.03 25.62 36.20
N LEU C 166 16.23 26.92 35.95
CA LEU C 166 17.59 27.43 36.10
C LEU C 166 18.08 27.36 37.55
N GLY C 167 17.19 27.61 38.50
CA GLY C 167 17.60 27.61 39.89
C GLY C 167 18.00 26.23 40.36
N MET C 168 17.29 25.21 39.89
CA MET C 168 17.67 23.84 40.17
C MET C 168 18.98 23.48 39.50
N ALA C 169 19.18 23.96 38.28
CA ALA C 169 20.42 23.61 37.57
C ALA C 169 21.63 24.17 38.30
N ILE C 170 21.55 25.41 38.76
CA ILE C 170 22.64 26.04 39.48
C ILE C 170 22.90 25.33 40.79
N ALA C 171 21.85 24.96 41.51
CA ALA C 171 22.06 24.24 42.76
C ALA C 171 22.74 22.91 42.52
N ALA C 172 22.26 22.15 41.53
CA ALA C 172 22.76 20.80 41.32
C ALA C 172 24.24 20.83 40.98
N ARG C 173 24.64 21.72 40.07
CA ARG C 173 26.04 21.86 39.73
C ARG C 173 26.86 22.15 40.99
N LEU C 174 26.39 23.10 41.83
CA LEU C 174 27.15 23.50 43.00
C LEU C 174 27.23 22.40 44.07
N GLN C 175 26.33 21.42 44.07
CA GLN C 175 26.44 20.32 45.01
C GLN C 175 26.95 19.04 44.35
N GLY C 176 27.67 19.21 43.26
CA GLY C 176 28.28 18.10 42.54
C GLY C 176 27.36 17.06 41.93
N LYS C 177 26.05 17.28 41.96
CA LYS C 177 25.10 16.30 41.44
C LYS C 177 24.93 16.51 39.96
N GLU C 178 25.27 15.49 39.17
CA GLU C 178 24.99 15.49 37.74
C GLU C 178 23.51 15.20 37.57
N ARG C 179 22.74 16.21 37.16
CA ARG C 179 21.36 15.95 36.79
C ARG C 179 20.93 16.96 35.72
N LYS C 180 20.02 16.52 34.87
CA LYS C 180 19.52 17.39 33.82
C LYS C 180 18.36 18.24 34.35
N SER C 181 18.09 19.33 33.65
CA SER C 181 17.10 20.29 34.10
C SER C 181 16.38 20.84 32.88
N VAL C 182 15.04 20.68 32.86
CA VAL C 182 14.24 20.86 31.65
C VAL C 182 13.00 21.67 31.97
N ALA C 183 12.79 22.75 31.21
CA ALA C 183 11.60 23.58 31.30
C ALA C 183 10.78 23.43 30.01
N VAL C 184 9.52 23.07 30.16
CA VAL C 184 8.57 22.99 29.04
C VAL C 184 7.67 24.22 29.14
N ILE C 185 7.78 25.10 28.16
CA ILE C 185 7.06 26.38 28.16
C ILE C 185 6.34 26.56 26.84
N GLY C 186 5.05 26.91 26.90
CA GLY C 186 4.29 27.26 25.70
C GLY C 186 4.60 28.67 25.16
N ASP C 187 4.28 28.88 23.88
CA ASP C 187 4.66 30.14 23.23
C ASP C 187 3.96 31.36 23.81
N GLY C 188 2.75 31.21 24.37
CA GLY C 188 2.19 32.35 25.10
C GLY C 188 3.03 32.77 26.31
N ALA C 189 3.54 31.78 27.04
CA ALA C 189 4.26 32.06 28.27
C ALA C 189 5.57 32.80 27.99
N LEU C 190 6.15 32.60 26.81
CA LEU C 190 7.39 33.27 26.43
C LEU C 190 7.18 34.77 26.19
N THR C 191 5.94 35.27 26.16
CA THR C 191 5.76 36.71 26.05
C THR C 191 5.97 37.43 27.38
N ALA C 192 5.98 36.71 28.51
CA ALA C 192 6.14 37.32 29.83
C ALA C 192 7.57 37.82 30.02
N GLY C 193 7.70 38.96 30.71
CA GLY C 193 9.01 39.52 30.98
C GLY C 193 9.91 38.58 31.78
N MET C 194 9.35 37.87 32.76
CA MET C 194 10.23 37.07 33.61
C MET C 194 10.91 35.98 32.82
N ALA C 195 10.30 35.53 31.70
CA ALA C 195 10.95 34.48 30.93
C ALA C 195 12.14 35.03 30.13
N PHE C 196 12.03 36.26 29.62
CA PHE C 196 13.18 36.96 29.05
C PHE C 196 14.31 37.09 30.07
N GLU C 197 13.97 37.53 31.28
CA GLU C 197 14.93 37.63 32.38
C GLU C 197 15.63 36.30 32.63
N ALA C 198 14.89 35.20 32.60
CA ALA C 198 15.52 33.93 32.94
C ALA C 198 16.41 33.48 31.81
N LEU C 199 15.97 33.70 30.57
CA LEU C 199 16.76 33.27 29.41
C LEU C 199 18.11 33.99 29.40
N ASN C 200 18.11 35.28 29.70
CA ASN C 200 19.34 36.04 29.65
C ASN C 200 20.27 35.62 30.77
N HIS C 201 19.71 35.32 31.95
CA HIS C 201 20.54 34.94 33.09
C HIS C 201 21.12 33.54 32.93
N ALA C 202 20.31 32.60 32.45
CA ALA C 202 20.81 31.22 32.23
C ALA C 202 21.98 31.21 31.27
N SER C 203 21.93 32.05 30.23
CA SER C 203 23.04 32.19 29.31
C SER C 203 24.25 32.81 30.02
N GLU C 204 24.03 33.84 30.84
CA GLU C 204 25.12 34.46 31.58
C GLU C 204 25.88 33.44 32.41
N VAL C 205 25.18 32.51 33.06
CA VAL C 205 25.87 31.60 33.96
C VAL C 205 26.21 30.29 33.25
N ASP C 206 25.99 30.23 31.94
CA ASP C 206 26.31 29.05 31.13
C ASP C 206 25.73 27.77 31.75
N ALA C 207 24.48 27.82 32.18
CA ALA C 207 23.86 26.71 32.90
C ALA C 207 23.51 25.58 31.95
N ASP C 208 23.60 24.35 32.45
CA ASP C 208 23.33 23.13 31.68
C ASP C 208 21.87 22.81 31.88
N MET C 209 21.04 23.28 30.97
CA MET C 209 19.60 23.14 31.05
C MET C 209 19.03 23.25 29.65
N LEU C 210 17.85 22.67 29.49
CA LEU C 210 17.15 22.61 28.21
C LEU C 210 15.79 23.27 28.37
N VAL C 211 15.50 24.24 27.53
CA VAL C 211 14.17 24.80 27.44
C VAL C 211 13.51 24.25 26.19
N ILE C 212 12.30 23.71 26.35
CA ILE C 212 11.48 23.19 25.27
C ILE C 212 10.32 24.15 25.07
N LEU C 213 10.28 24.80 23.91
CA LEU C 213 9.14 25.63 23.52
C LEU C 213 8.09 24.74 22.90
N ASN C 214 6.95 24.63 23.57
CA ASN C 214 5.78 23.92 23.07
C ASN C 214 4.92 24.96 22.36
N ASP C 215 5.10 25.06 21.05
CA ASP C 215 4.46 26.05 20.20
C ASP C 215 3.25 25.41 19.55
N ASN C 216 2.05 25.90 19.89
CA ASN C 216 0.84 25.38 19.23
C ASN C 216 0.00 26.48 18.59
N ASP C 217 0.46 27.72 18.60
CA ASP C 217 -0.15 28.78 17.81
C ASP C 217 0.61 29.00 16.51
N MET C 218 1.58 28.12 16.21
CA MET C 218 2.36 28.07 14.98
C MET C 218 2.48 29.41 14.28
N GLY C 240 14.42 33.20 9.89
CA GLY C 240 14.31 32.03 10.73
C GLY C 240 13.60 32.29 12.05
N PRO C 241 13.05 31.25 12.67
CA PRO C 241 12.26 31.43 13.90
C PRO C 241 13.05 31.34 15.20
N GLY C 242 14.34 31.06 15.13
CA GLY C 242 15.16 30.92 16.31
C GLY C 242 16.39 31.79 16.30
N THR C 243 16.48 32.72 15.35
CA THR C 243 17.61 33.65 15.39
C THR C 243 17.63 34.44 16.70
N LEU C 244 16.45 34.70 17.25
CA LEU C 244 16.34 35.45 18.49
C LEU C 244 16.97 34.69 19.66
N PHE C 245 16.64 33.40 19.80
CA PHE C 245 17.17 32.64 20.94
C PHE C 245 18.66 32.40 20.80
N GLU C 246 19.13 32.20 19.56
CA GLU C 246 20.57 32.11 19.39
C GLU C 246 21.22 33.40 19.85
N GLU C 247 20.54 34.52 19.66
CA GLU C 247 21.09 35.82 20.03
C GLU C 247 21.12 35.97 21.54
N LEU C 248 20.12 35.47 22.23
CA LEU C 248 20.14 35.47 23.69
C LEU C 248 21.15 34.48 24.26
N GLY C 249 21.86 33.72 23.42
CA GLY C 249 22.90 32.84 23.88
C GLY C 249 22.53 31.39 24.06
N TRP C 250 21.44 30.95 23.43
CA TRP C 250 20.94 29.60 23.53
C TRP C 250 21.21 28.83 22.24
N ASN C 251 21.62 27.56 22.39
CA ASN C 251 21.82 26.71 21.20
C ASN C 251 20.48 26.13 20.80
N TYR C 252 19.97 26.59 19.67
CA TYR C 252 18.60 26.36 19.25
C TYR C 252 18.54 25.26 18.22
N ILE C 253 17.51 24.45 18.34
CA ILE C 253 17.29 23.30 17.48
C ILE C 253 15.80 23.29 17.17
N GLY C 254 15.46 23.19 15.87
CA GLY C 254 14.10 22.96 15.48
C GLY C 254 13.72 23.87 14.35
N PRO C 255 12.41 23.93 14.05
CA PRO C 255 11.34 23.23 14.76
C PRO C 255 11.17 21.78 14.34
N ILE C 256 10.84 20.92 15.31
CA ILE C 256 10.52 19.52 15.04
C ILE C 256 9.04 19.30 15.30
N ASP C 257 8.53 18.19 14.76
CA ASP C 257 7.12 17.84 14.83
C ASP C 257 6.88 17.18 16.18
N GLY C 258 6.08 17.83 17.03
CA GLY C 258 5.90 17.40 18.40
C GLY C 258 5.03 16.20 18.60
N HIS C 259 4.53 15.62 17.53
CA HIS C 259 3.75 14.39 17.58
C HIS C 259 4.47 13.26 16.87
N ASP C 260 5.70 13.51 16.39
CA ASP C 260 6.54 12.54 15.70
C ASP C 260 7.43 11.89 16.75
N LEU C 261 6.93 10.84 17.38
CA LEU C 261 7.62 10.29 18.55
C LEU C 261 9.04 9.85 18.22
N PRO C 262 9.29 9.11 17.14
CA PRO C 262 10.69 8.72 16.85
C PRO C 262 11.62 9.91 16.74
N THR C 263 11.17 10.98 16.10
CA THR C 263 11.97 12.20 16.04
C THR C 263 12.19 12.80 17.42
N LEU C 264 11.15 12.76 18.26
CA LEU C 264 11.23 13.36 19.59
C LEU C 264 12.24 12.62 20.43
N VAL C 265 12.12 11.28 20.49
CA VAL C 265 13.06 10.48 21.29
C VAL C 265 14.48 10.69 20.80
N ALA C 266 14.68 10.78 19.48
CA ALA C 266 16.02 10.92 18.92
C ALA C 266 16.58 12.32 19.16
N THR C 267 15.78 13.36 18.90
CA THR C 267 16.23 14.72 19.19
C THR C 267 16.52 14.91 20.67
N LEU C 268 15.61 14.47 21.53
CA LEU C 268 15.81 14.68 22.96
C LEU C 268 17.03 13.93 23.44
N ARG C 269 17.24 12.72 22.91
CA ARG C 269 18.45 11.97 23.21
C ARG C 269 19.70 12.77 22.89
N ASN C 270 19.72 13.42 21.73
CA ASN C 270 20.90 14.18 21.35
C ASN C 270 21.12 15.40 22.24
N MET C 271 20.06 16.14 22.55
CA MET C 271 20.23 17.33 23.36
C MET C 271 20.54 16.97 24.80
N ARG C 272 20.10 15.81 25.26
CA ARG C 272 20.48 15.35 26.59
C ARG C 272 22.00 15.19 26.68
N ASP C 273 22.65 14.87 25.58
CA ASP C 273 24.09 14.64 25.58
C ASP C 273 24.91 15.91 25.39
N MET C 274 24.27 17.07 25.40
CA MET C 274 24.92 18.36 25.20
C MET C 274 24.69 19.23 26.41
N LYS C 275 25.64 20.11 26.68
CA LYS C 275 25.63 20.98 27.84
C LYS C 275 25.33 22.41 27.45
N GLY C 276 25.07 23.25 28.45
CA GLY C 276 24.89 24.66 28.24
C GLY C 276 23.47 24.96 27.84
N PRO C 277 23.15 26.22 27.67
CA PRO C 277 21.76 26.57 27.34
C PRO C 277 21.33 25.99 26.00
N GLN C 278 20.46 24.98 26.05
CA GLN C 278 19.88 24.37 24.87
C GLN C 278 18.40 24.75 24.76
N PHE C 279 17.96 25.00 23.54
CA PHE C 279 16.60 25.43 23.26
C PHE C 279 16.04 24.60 22.12
N LEU C 280 15.02 23.78 22.42
CA LEU C 280 14.35 22.90 21.47
C LEU C 280 12.95 23.39 21.12
N HIS C 281 12.74 23.70 19.85
CA HIS C 281 11.47 24.23 19.38
C HIS C 281 10.62 23.08 18.87
N VAL C 282 9.48 22.85 19.53
CA VAL C 282 8.55 21.80 19.12
C VAL C 282 7.25 22.44 18.67
N VAL C 283 6.59 21.78 17.72
CA VAL C 283 5.30 22.23 17.21
C VAL C 283 4.26 21.16 17.46
N THR C 284 3.15 21.55 18.09
CA THR C 284 2.08 20.63 18.44
C THR C 284 0.75 21.24 18.00
N LYS C 285 -0.30 20.42 18.03
CA LYS C 285 -1.64 20.82 17.64
C LYS C 285 -2.52 20.81 18.87
N LYS C 286 -3.12 21.95 19.21
CA LYS C 286 -3.94 22.00 20.41
C LYS C 286 -5.15 21.10 20.18
N GLY C 287 -5.49 20.32 21.20
CA GLY C 287 -6.52 19.31 21.06
C GLY C 287 -6.15 18.11 20.23
N LYS C 288 -4.86 17.91 19.93
CA LYS C 288 -4.43 16.87 19.00
C LYS C 288 -5.23 15.59 19.22
N GLY C 289 -5.78 15.04 18.14
CA GLY C 289 -6.41 13.73 18.18
C GLY C 289 -7.85 13.69 18.64
N PHE C 290 -8.45 14.84 18.94
CA PHE C 290 -9.87 14.95 19.21
C PHE C 290 -10.40 16.08 18.33
N ALA C 291 -11.14 15.70 17.29
CA ALA C 291 -11.43 16.65 16.22
C ALA C 291 -12.27 17.82 16.68
N PRO C 292 -13.24 17.67 17.59
CA PRO C 292 -14.00 18.85 18.01
C PRO C 292 -13.10 19.92 18.60
N ALA C 293 -12.02 19.52 19.28
CA ALA C 293 -11.10 20.41 19.98
C ALA C 293 -10.01 20.95 19.07
N GLU C 294 -9.61 20.18 18.05
CA GLU C 294 -8.83 20.75 16.97
C GLU C 294 -9.62 21.81 16.24
N LEU C 295 -10.94 21.61 16.08
CA LEU C 295 -11.75 22.60 15.37
C LEU C 295 -12.06 23.84 16.21
N ASP C 296 -12.15 23.68 17.54
CA ASP C 296 -12.52 24.76 18.46
C ASP C 296 -11.62 24.71 19.67
N PRO C 297 -10.37 25.15 19.53
CA PRO C 297 -9.43 25.05 20.66
C PRO C 297 -9.72 26.01 21.80
N ILE C 298 -10.30 27.17 21.54
CA ILE C 298 -10.75 28.03 22.65
C ILE C 298 -11.79 27.31 23.48
N GLY C 299 -12.83 26.80 22.82
CA GLY C 299 -13.91 26.13 23.53
C GLY C 299 -13.48 24.85 24.23
N TYR C 300 -12.45 24.18 23.71
CA TYR C 300 -11.95 22.96 24.34
C TYR C 300 -10.67 23.19 25.16
N HIS C 301 -10.32 24.44 25.41
CA HIS C 301 -9.29 24.69 26.42
C HIS C 301 -9.62 23.99 27.72
N ALA C 302 -10.91 23.88 28.05
CA ALA C 302 -11.34 23.17 29.24
C ALA C 302 -12.80 22.80 29.06
N ILE C 303 -13.20 21.73 29.76
CA ILE C 303 -14.56 21.19 29.64
C ILE C 303 -15.06 20.88 31.05
N THR C 304 -16.39 20.90 31.18
CA THR C 304 -17.05 20.38 32.36
C THR C 304 -17.28 18.87 32.19
N LYS C 305 -17.62 18.21 33.28
CA LYS C 305 -17.77 16.77 33.22
C LYS C 305 -19.00 16.41 32.40
N LEU C 306 -19.03 15.16 31.94
CA LEU C 306 -20.12 14.71 31.10
C LEU C 306 -21.38 14.51 31.92
N GLU C 307 -22.51 14.76 31.29
CA GLU C 307 -23.83 14.46 31.84
C GLU C 307 -24.29 13.10 31.31
N ALA C 308 -25.60 12.83 31.35
CA ALA C 308 -26.14 11.53 30.96
C ALA C 308 -27.42 11.63 30.14
N THR C 316 -30.45 27.45 35.69
CA THR C 316 -29.45 28.48 35.46
C THR C 316 -29.85 29.81 36.12
N GLY C 317 -28.89 30.75 36.23
CA GLY C 317 -29.06 31.99 36.94
C GLY C 317 -28.68 33.20 36.06
N GLY C 318 -28.21 34.23 36.74
CA GLY C 318 -27.95 35.51 36.13
C GLY C 318 -26.61 35.57 35.41
N PRO C 319 -26.25 36.74 34.90
CA PRO C 319 -25.00 36.85 34.14
C PRO C 319 -23.78 36.75 35.05
N LYS C 320 -22.72 36.17 34.50
CA LYS C 320 -21.44 36.21 35.20
C LYS C 320 -21.02 37.66 35.42
N TYR C 321 -20.38 37.92 36.56
CA TYR C 321 -19.85 39.27 36.81
C TYR C 321 -18.95 39.73 35.66
N SER C 322 -18.09 38.84 35.15
CA SER C 322 -17.26 39.20 34.01
C SER C 322 -18.11 39.64 32.83
N SER C 323 -19.31 39.07 32.69
CA SER C 323 -20.15 39.45 31.56
C SER C 323 -20.87 40.77 31.85
N VAL C 324 -21.09 41.07 33.13
CA VAL C 324 -21.58 42.39 33.50
C VAL C 324 -20.53 43.44 33.19
N PHE C 325 -19.27 43.15 33.48
CA PHE C 325 -18.24 44.12 33.17
C PHE C 325 -18.12 44.30 31.65
N GLY C 326 -18.11 43.19 30.93
CA GLY C 326 -18.06 43.27 29.47
C GLY C 326 -19.11 44.19 28.88
N GLN C 327 -20.35 44.06 29.35
CA GLN C 327 -21.40 44.94 28.85
C GLN C 327 -21.16 46.38 29.30
N TRP C 328 -20.71 46.57 30.55
CA TRP C 328 -20.42 47.91 31.02
C TRP C 328 -19.35 48.56 30.13
N LEU C 329 -18.37 47.79 29.72
CA LEU C 329 -17.24 48.33 28.97
C LEU C 329 -17.69 48.85 27.60
N CYS C 330 -18.54 48.07 26.92
CA CYS C 330 -19.11 48.48 25.63
C CYS C 330 -20.02 49.71 25.78
N ASP C 331 -20.88 49.71 26.80
CA ASP C 331 -21.82 50.83 26.97
C ASP C 331 -21.08 52.15 27.23
N MET C 332 -20.06 52.11 28.09
CA MET C 332 -19.29 53.31 28.37
C MET C 332 -18.40 53.66 27.17
N ALA C 333 -17.90 52.64 26.45
CA ALA C 333 -17.15 52.96 25.24
C ALA C 333 -18.04 53.64 24.20
N ALA C 334 -19.29 53.19 24.10
CA ALA C 334 -20.23 53.84 23.18
C ALA C 334 -20.43 55.28 23.54
N GLN C 335 -20.30 55.61 24.80
CA GLN C 335 -20.60 56.96 25.27
C GLN C 335 -19.36 57.81 25.41
N ASP C 336 -18.17 57.21 25.53
CA ASP C 336 -16.92 57.96 25.68
C ASP C 336 -15.89 57.38 24.73
N ALA C 337 -15.53 58.15 23.70
CA ALA C 337 -14.59 57.69 22.70
C ALA C 337 -13.17 57.57 23.23
N ARG C 338 -12.90 58.05 24.44
CA ARG C 338 -11.57 57.96 25.00
C ARG C 338 -11.31 56.64 25.74
N LEU C 339 -12.34 55.82 25.94
CA LEU C 339 -12.17 54.60 26.72
C LEU C 339 -11.30 53.62 25.95
N LEU C 340 -10.31 53.05 26.63
CA LEU C 340 -9.46 51.99 26.06
C LEU C 340 -9.47 50.77 26.98
N GLY C 341 -9.65 49.60 26.38
CA GLY C 341 -9.65 48.34 27.12
C GLY C 341 -8.36 47.57 26.92
N ILE C 342 -7.74 47.19 28.05
CA ILE C 342 -6.49 46.44 28.09
C ILE C 342 -6.69 45.11 28.81
N THR C 343 -6.16 44.03 28.22
CA THR C 343 -6.18 42.75 28.87
C THR C 343 -4.82 42.09 28.67
N PRO C 344 -4.21 41.54 29.69
CA PRO C 344 -3.01 40.70 29.48
C PRO C 344 -3.41 39.27 29.13
N ALA C 345 -3.85 39.09 27.88
CA ALA C 345 -4.08 37.78 27.26
C ALA C 345 -5.27 37.04 27.87
N MET C 346 -6.28 37.75 28.38
CA MET C 346 -7.45 37.16 29.04
C MET C 346 -8.74 37.75 28.47
N LYS C 347 -8.82 37.80 27.13
CA LYS C 347 -10.02 38.29 26.47
C LYS C 347 -11.24 37.45 26.82
N GLU C 348 -11.11 36.13 26.70
CA GLU C 348 -12.24 35.25 27.02
C GLU C 348 -12.60 35.33 28.49
N GLY C 349 -11.60 35.22 29.37
CA GLY C 349 -11.89 35.16 30.80
C GLY C 349 -12.46 36.45 31.38
N SER C 350 -11.83 37.58 31.07
CA SER C 350 -12.33 38.84 31.62
C SER C 350 -13.54 39.35 30.85
N ASP C 351 -13.79 38.80 29.67
CA ASP C 351 -14.94 39.00 28.80
C ASP C 351 -14.96 40.37 28.11
N LEU C 352 -13.89 40.62 27.35
CA LEU C 352 -13.74 41.73 26.42
C LEU C 352 -14.13 41.35 24.99
N VAL C 353 -14.86 40.24 24.83
CA VAL C 353 -15.07 39.67 23.50
C VAL C 353 -15.88 40.62 22.63
N ALA C 354 -17.06 41.02 23.11
CA ALA C 354 -17.86 41.96 22.33
C ALA C 354 -17.11 43.26 22.13
N PHE C 355 -16.52 43.79 23.21
CA PHE C 355 -15.80 45.06 23.15
C PHE C 355 -14.76 45.03 22.03
N SER C 356 -13.96 43.96 22.00
CA SER C 356 -12.94 43.82 20.97
C SER C 356 -13.54 43.83 19.57
N GLU C 357 -14.75 43.33 19.41
CA GLU C 357 -15.37 43.24 18.09
C GLU C 357 -15.90 44.58 17.61
N ARG C 358 -16.52 45.36 18.48
CA ARG C 358 -17.09 46.65 18.13
C ARG C 358 -16.08 47.81 18.24
N TYR C 359 -15.01 47.68 19.04
CA TYR C 359 -14.03 48.76 19.20
C TYR C 359 -12.60 48.24 19.09
N PRO C 360 -12.28 47.54 18.01
CA PRO C 360 -10.94 46.91 17.91
C PRO C 360 -9.80 47.91 17.95
N GLU C 361 -10.00 49.12 17.47
CA GLU C 361 -8.96 50.13 17.52
C GLU C 361 -8.71 50.64 18.93
N ARG C 362 -9.60 50.34 19.88
CA ARG C 362 -9.46 50.76 21.27
C ARG C 362 -9.27 49.58 22.23
N TYR C 363 -8.89 48.42 21.70
CA TYR C 363 -8.70 47.19 22.45
C TYR C 363 -7.25 46.79 22.32
N PHE C 364 -6.63 46.40 23.43
CA PHE C 364 -5.22 46.02 23.43
C PHE C 364 -5.01 44.78 24.28
N ASP C 365 -4.67 43.69 23.62
CA ASP C 365 -4.22 42.45 24.26
C ASP C 365 -2.70 42.46 24.19
N VAL C 366 -2.05 42.68 25.34
CA VAL C 366 -0.61 42.86 25.41
C VAL C 366 0.09 41.52 25.60
N ALA C 367 -0.63 40.42 25.40
CA ALA C 367 -0.14 39.08 25.71
C ALA C 367 0.14 38.97 27.20
N ILE C 368 0.90 37.97 27.64
CA ILE C 368 0.94 37.64 29.06
C ILE C 368 1.95 38.56 29.71
N ALA C 369 1.55 39.81 29.90
CA ALA C 369 2.45 40.93 30.13
C ALA C 369 1.76 41.92 31.08
N GLU C 370 1.40 41.44 32.26
CA GLU C 370 0.66 42.29 33.20
C GLU C 370 1.42 43.57 33.49
N GLN C 371 2.74 43.49 33.66
CA GLN C 371 3.52 44.68 34.00
C GLN C 371 3.30 45.76 32.94
N HIS C 372 3.49 45.40 31.67
CA HIS C 372 3.37 46.35 30.59
C HIS C 372 1.94 46.86 30.41
N ALA C 373 0.96 46.03 30.71
CA ALA C 373 -0.43 46.46 30.63
C ALA C 373 -0.64 47.73 31.44
N VAL C 374 -0.07 47.79 32.67
CA VAL C 374 -0.38 48.87 33.61
C VAL C 374 0.46 50.10 33.34
N THR C 375 1.72 49.92 32.95
CA THR C 375 2.51 51.10 32.59
C THR C 375 2.04 51.67 31.26
N LEU C 376 1.67 50.81 30.31
CA LEU C 376 1.05 51.28 29.06
C LEU C 376 -0.15 52.17 29.33
N ALA C 377 -1.06 51.68 30.17
CA ALA C 377 -2.23 52.46 30.52
C ALA C 377 -1.84 53.76 31.19
N ALA C 378 -0.81 53.73 32.04
CA ALA C 378 -0.32 54.99 32.59
C ALA C 378 0.04 55.98 31.47
N GLY C 379 0.71 55.48 30.43
CA GLY C 379 1.11 56.36 29.33
C GLY C 379 -0.07 56.93 28.58
N MET C 380 -1.02 56.07 28.18
CA MET C 380 -2.22 56.54 27.50
C MET C 380 -2.89 57.62 28.32
N ALA C 381 -2.86 57.48 29.67
CA ALA C 381 -3.54 58.39 30.58
C ALA C 381 -2.85 59.75 30.59
N CYS C 382 -1.55 59.78 30.36
CA CYS C 382 -0.86 61.06 30.24
C CYS C 382 -1.34 61.85 29.03
N GLU C 383 -1.92 61.21 28.01
CA GLU C 383 -2.39 61.92 26.83
C GLU C 383 -3.91 62.16 26.87
N GLY C 384 -4.55 61.91 27.99
CA GLY C 384 -5.95 62.20 28.13
C GLY C 384 -6.86 61.08 27.74
N MET C 385 -6.32 59.94 27.33
CA MET C 385 -7.16 58.78 27.10
C MET C 385 -7.49 58.13 28.44
N LYS C 386 -8.44 57.21 28.42
CA LYS C 386 -9.06 56.71 29.64
C LYS C 386 -8.98 55.21 29.65
N PRO C 387 -7.82 54.64 29.99
CA PRO C 387 -7.67 53.18 29.89
C PRO C 387 -8.32 52.44 31.06
N VAL C 388 -8.94 51.29 30.72
CA VAL C 388 -9.43 50.33 31.70
C VAL C 388 -8.62 49.03 31.60
N VAL C 389 -7.99 48.65 32.71
CA VAL C 389 -7.15 47.45 32.76
C VAL C 389 -7.99 46.32 33.33
N ALA C 390 -8.32 45.34 32.50
CA ALA C 390 -9.03 44.16 32.95
C ALA C 390 -8.01 43.11 33.38
N ILE C 391 -8.07 42.69 34.64
CA ILE C 391 -6.98 41.89 35.22
C ILE C 391 -7.51 41.16 36.46
N TYR C 392 -7.15 39.89 36.55
CA TYR C 392 -7.51 39.08 37.70
C TYR C 392 -6.71 39.52 38.93
N SER C 393 -7.36 39.45 40.10
CA SER C 393 -6.69 39.77 41.35
C SER C 393 -5.37 39.02 41.52
N THR C 394 -5.36 37.72 41.22
CA THR C 394 -4.10 36.98 41.33
C THR C 394 -3.06 37.44 40.30
N PHE C 395 -3.46 37.81 39.09
CA PHE C 395 -2.43 38.23 38.13
C PHE C 395 -2.00 39.67 38.34
N LEU C 396 -2.91 40.53 38.80
CA LEU C 396 -2.53 41.90 39.17
C LEU C 396 -1.35 41.93 40.13
N GLN C 397 -1.15 40.89 40.93
CA GLN C 397 -0.01 40.93 41.88
C GLN C 397 1.34 40.89 41.17
N ARG C 398 1.36 40.62 39.85
CA ARG C 398 2.58 40.68 39.04
C ARG C 398 2.81 42.06 38.44
N ALA C 399 1.85 42.97 38.55
CA ALA C 399 1.99 44.34 38.07
C ALA C 399 1.91 45.33 39.22
N TYR C 400 2.21 44.86 40.44
CA TYR C 400 2.03 45.68 41.61
C TYR C 400 2.91 46.91 41.53
N ASP C 401 4.17 46.73 41.07
CA ASP C 401 5.10 47.87 41.03
C ASP C 401 4.69 48.91 39.99
N GLN C 402 4.06 48.47 38.91
CA GLN C 402 3.60 49.42 37.91
C GLN C 402 2.40 50.17 38.45
N LEU C 403 1.51 49.47 39.14
CA LEU C 403 0.38 50.12 39.77
C LEU C 403 0.83 51.16 40.76
N ILE C 404 1.78 50.82 41.63
CA ILE C 404 2.22 51.75 42.65
C ILE C 404 2.99 52.89 42.02
N HIS C 405 4.11 52.55 41.36
CA HIS C 405 5.09 53.54 40.93
C HIS C 405 4.61 54.31 39.70
N ASP C 406 4.03 53.63 38.72
CA ASP C 406 3.69 54.34 37.49
C ASP C 406 2.31 54.94 37.52
N VAL C 407 1.37 54.38 38.30
CA VAL C 407 -0.01 54.88 38.31
C VAL C 407 -0.29 55.70 39.55
N ALA C 408 -0.17 55.11 40.74
CA ALA C 408 -0.69 55.80 41.92
C ALA C 408 0.20 56.96 42.36
N VAL C 409 1.52 56.76 42.37
CA VAL C 409 2.44 57.84 42.70
C VAL C 409 2.16 59.07 41.83
N GLN C 410 1.73 58.87 40.59
CA GLN C 410 1.40 59.97 39.68
C GLN C 410 -0.09 60.32 39.65
N HIS C 411 -0.90 59.70 40.49
CA HIS C 411 -2.35 59.84 40.48
C HIS C 411 -2.92 59.89 39.05
N LEU C 412 -2.46 58.97 38.21
CA LEU C 412 -2.98 58.92 36.84
C LEU C 412 -4.36 58.27 36.82
N ASP C 413 -5.14 58.59 35.77
CA ASP C 413 -6.55 58.21 35.65
C ASP C 413 -6.65 56.86 34.97
N VAL C 414 -6.48 55.80 35.78
CA VAL C 414 -6.53 54.41 35.30
C VAL C 414 -7.51 53.62 36.15
N LEU C 415 -8.40 52.89 35.48
CA LEU C 415 -9.39 52.03 36.13
C LEU C 415 -8.94 50.58 36.03
N PHE C 416 -8.93 49.90 37.19
CA PHE C 416 -8.66 48.47 37.27
C PHE C 416 -9.95 47.72 37.58
N ALA C 417 -10.34 46.86 36.66
CA ALA C 417 -11.47 45.95 36.83
C ALA C 417 -10.89 44.59 37.26
N ILE C 418 -10.98 44.29 38.54
CA ILE C 418 -10.34 43.11 39.12
C ILE C 418 -11.35 41.97 39.23
N ASP C 419 -11.32 41.07 38.22
CA ASP C 419 -12.09 39.83 38.21
C ASP C 419 -11.41 38.78 39.11
N ARG C 420 -12.10 37.66 39.33
CA ARG C 420 -11.60 36.55 40.13
C ARG C 420 -11.19 36.99 41.54
N ALA C 421 -11.91 37.98 42.08
CA ALA C 421 -11.73 38.41 43.44
C ALA C 421 -12.26 37.34 44.38
N GLY C 422 -11.42 36.90 45.30
CA GLY C 422 -11.81 35.90 46.25
C GLY C 422 -11.39 34.50 45.84
N LEU C 423 -12.11 33.52 46.35
CA LEU C 423 -11.82 32.12 46.05
C LEU C 423 -12.30 31.75 44.64
N VAL C 424 -11.51 30.98 43.90
CA VAL C 424 -11.82 30.73 42.50
C VAL C 424 -12.12 29.25 42.22
N GLY C 425 -12.15 28.43 43.24
CA GLY C 425 -12.64 27.06 43.07
C GLY C 425 -11.55 26.07 42.77
N GLU C 426 -11.79 25.22 41.76
CA GLU C 426 -10.97 24.03 41.55
C GLU C 426 -9.54 24.36 41.11
N ASP C 427 -9.34 25.50 40.46
CA ASP C 427 -8.00 25.94 40.15
C ASP C 427 -7.11 26.10 41.39
N GLY C 428 -7.70 26.28 42.57
CA GLY C 428 -6.95 26.25 43.80
C GLY C 428 -6.26 27.55 44.18
N PRO C 429 -5.28 27.44 45.10
CA PRO C 429 -4.70 28.66 45.70
C PRO C 429 -3.73 29.40 44.81
N THR C 430 -3.17 28.77 43.76
CA THR C 430 -2.33 29.54 42.85
C THR C 430 -3.11 30.66 42.16
N HIS C 431 -4.43 30.49 42.02
CA HIS C 431 -5.26 31.43 41.28
C HIS C 431 -6.22 32.23 42.17
N ALA C 432 -6.11 32.11 43.49
CA ALA C 432 -7.02 32.80 44.39
C ALA C 432 -6.78 34.30 44.40
N GLY C 433 -7.86 35.07 44.27
CA GLY C 433 -7.79 36.52 44.47
C GLY C 433 -7.89 36.92 45.94
N SER C 434 -6.95 36.47 46.77
CA SER C 434 -7.10 36.58 48.21
C SER C 434 -6.62 37.90 48.81
N PHE C 435 -5.85 38.69 48.07
CA PHE C 435 -5.11 39.78 48.71
C PHE C 435 -5.31 41.17 48.14
N ASP C 436 -6.15 41.36 47.10
CA ASP C 436 -6.15 42.65 46.42
C ASP C 436 -6.69 43.76 47.32
N ILE C 437 -7.60 43.46 48.25
CA ILE C 437 -7.97 44.51 49.18
C ILE C 437 -6.77 44.90 50.04
N SER C 438 -6.05 43.90 50.53
CA SER C 438 -4.93 44.21 51.41
C SER C 438 -3.83 44.96 50.68
N TYR C 439 -3.49 44.55 49.45
CA TYR C 439 -2.32 45.16 48.83
C TYR C 439 -2.61 46.45 48.09
N LEU C 440 -3.88 46.76 47.80
CA LEU C 440 -4.21 48.04 47.18
C LEU C 440 -4.54 49.12 48.21
N ARG C 441 -5.23 48.81 49.30
CA ARG C 441 -5.77 49.88 50.13
C ARG C 441 -4.68 50.59 50.91
N CYS C 442 -3.52 49.94 51.11
CA CYS C 442 -2.39 50.60 51.74
C CYS C 442 -1.68 51.58 50.81
N ILE C 443 -2.09 51.63 49.54
CA ILE C 443 -1.45 52.47 48.53
C ILE C 443 -2.16 53.82 48.50
N PRO C 444 -1.46 54.93 48.69
CA PRO C 444 -2.15 56.22 48.65
C PRO C 444 -2.67 56.55 47.25
N GLY C 445 -3.85 57.15 47.23
CA GLY C 445 -4.47 57.61 46.00
C GLY C 445 -5.47 56.65 45.41
N MET C 446 -5.44 55.39 45.83
CA MET C 446 -6.33 54.39 45.25
C MET C 446 -7.74 54.52 45.77
N LEU C 447 -8.72 54.49 44.87
CA LEU C 447 -10.13 54.25 45.20
C LEU C 447 -10.42 52.77 45.09
N VAL C 448 -10.77 52.12 46.23
CA VAL C 448 -10.94 50.67 46.29
C VAL C 448 -12.39 50.31 46.57
N MET C 449 -13.03 49.58 45.66
CA MET C 449 -14.48 49.35 45.69
C MET C 449 -14.82 47.87 45.59
N THR C 450 -15.91 47.49 46.25
CA THR C 450 -16.31 46.08 46.40
C THR C 450 -17.82 45.95 46.18
N PRO C 451 -18.24 45.84 44.92
CA PRO C 451 -19.66 45.65 44.64
C PRO C 451 -20.25 44.35 45.19
N SER C 452 -21.51 44.45 45.62
CA SER C 452 -22.23 43.37 46.26
C SER C 452 -23.09 42.54 45.32
N ASP C 453 -23.40 43.04 44.12
CA ASP C 453 -24.22 42.31 43.15
C ASP C 453 -24.00 42.91 41.77
N GLU C 454 -24.82 42.49 40.79
CA GLU C 454 -24.61 42.87 39.40
C GLU C 454 -24.80 44.37 39.20
N ASP C 455 -25.94 44.90 39.65
CA ASP C 455 -26.20 46.33 39.54
C ASP C 455 -25.13 47.16 40.25
N GLU C 456 -24.63 46.68 41.40
CA GLU C 456 -23.61 47.43 42.14
C GLU C 456 -22.29 47.48 41.36
N LEU C 457 -21.95 46.38 40.67
CA LEU C 457 -20.70 46.34 39.88
C LEU C 457 -20.75 47.38 38.76
N ARG C 458 -21.82 47.37 37.97
CA ARG C 458 -22.03 48.38 36.93
C ARG C 458 -21.99 49.79 37.51
N LYS C 459 -22.68 50.01 38.62
CA LYS C 459 -22.64 51.31 39.28
C LYS C 459 -21.25 51.68 39.74
N LEU C 460 -20.52 50.74 40.38
CA LEU C 460 -19.19 51.09 40.92
C LEU C 460 -18.14 51.18 39.80
N LEU C 461 -18.28 50.42 38.71
CA LEU C 461 -17.43 50.66 37.54
C LEU C 461 -17.60 52.09 37.02
N THR C 462 -18.85 52.53 36.86
CA THR C 462 -19.09 53.90 36.40
C THR C 462 -18.48 54.91 37.34
N THR C 463 -18.58 54.66 38.66
CA THR C 463 -18.03 55.60 39.64
C THR C 463 -16.52 55.71 39.51
N GLY C 464 -15.85 54.56 39.40
CA GLY C 464 -14.40 54.57 39.29
C GLY C 464 -13.88 55.19 38.00
N TYR C 465 -14.60 54.95 36.89
CA TYR C 465 -14.20 55.50 35.59
C TYR C 465 -14.26 57.03 35.57
N LEU C 466 -15.40 57.58 36.02
CA LEU C 466 -15.58 59.02 36.12
C LEU C 466 -14.65 59.65 37.15
N PHE C 467 -14.38 58.95 38.24
CA PHE C 467 -13.35 59.44 39.15
C PHE C 467 -12.10 59.73 38.32
N ASP C 468 -11.45 60.84 38.62
CA ASP C 468 -10.22 61.24 37.94
C ASP C 468 -9.07 60.82 38.85
N GLY C 469 -8.62 59.58 38.68
CA GLY C 469 -7.53 59.03 39.46
C GLY C 469 -7.52 57.51 39.43
N PRO C 470 -6.61 56.92 40.18
CA PRO C 470 -6.55 55.45 40.25
C PRO C 470 -7.80 54.88 40.90
N ALA C 471 -8.41 53.90 40.25
CA ALA C 471 -9.61 53.29 40.84
C ALA C 471 -9.62 51.78 40.64
N ALA C 472 -10.17 51.07 41.60
CA ALA C 472 -10.17 49.61 41.62
C ALA C 472 -11.56 49.11 41.97
N VAL C 473 -12.08 48.16 41.18
CA VAL C 473 -13.37 47.52 41.41
C VAL C 473 -13.11 46.03 41.34
N ARG C 474 -13.39 45.31 42.43
CA ARG C 474 -13.10 43.87 42.51
C ARG C 474 -14.40 43.06 42.58
N TYR C 475 -14.41 41.93 41.88
CA TYR C 475 -15.60 41.11 41.75
C TYR C 475 -15.20 39.68 41.51
N PRO C 476 -16.03 38.73 41.91
CA PRO C 476 -15.65 37.32 41.83
C PRO C 476 -15.97 36.67 40.48
N ARG C 477 -15.24 35.58 40.22
CA ARG C 477 -15.68 34.58 39.28
C ARG C 477 -17.13 34.18 39.45
N GLY C 478 -17.75 33.68 38.38
CA GLY C 478 -19.11 33.21 38.42
C GLY C 478 -20.14 34.34 38.41
N SER C 479 -21.36 33.97 38.75
CA SER C 479 -22.49 34.88 38.69
C SER C 479 -23.04 35.13 40.09
N GLY C 480 -24.05 35.97 40.17
CA GLY C 480 -24.41 36.58 41.43
C GLY C 480 -25.83 36.28 41.84
N PRO C 481 -26.41 37.11 42.72
CA PRO C 481 -27.80 36.89 43.16
C PRO C 481 -28.84 37.27 42.10
N ASN C 482 -28.41 37.57 40.86
CA ASN C 482 -29.31 37.83 39.72
C ASN C 482 -30.37 38.88 40.06
N HIS C 483 -29.92 39.96 40.60
CA HIS C 483 -30.76 41.10 40.91
C HIS C 483 -30.90 42.01 39.69
N PRO C 484 -31.98 42.80 39.65
CA PRO C 484 -32.17 43.72 38.52
C PRO C 484 -31.02 44.69 38.35
N ILE C 485 -30.66 44.96 37.09
CA ILE C 485 -29.56 45.84 36.74
C ILE C 485 -30.11 47.09 36.04
N ASP C 486 -29.92 48.24 36.66
CA ASP C 486 -30.26 49.52 36.06
C ASP C 486 -29.45 49.75 34.78
N PRO C 487 -30.11 49.92 33.61
CA PRO C 487 -29.33 50.04 32.37
C PRO C 487 -28.65 51.37 32.22
N ASP C 488 -29.04 52.37 32.99
CA ASP C 488 -28.36 53.64 32.97
C ASP C 488 -26.89 53.46 33.36
N LEU C 489 -26.13 54.52 33.14
CA LEU C 489 -24.74 54.61 33.55
C LEU C 489 -24.66 55.82 34.49
N GLN C 490 -25.01 55.62 35.76
CA GLN C 490 -24.81 56.69 36.73
C GLN C 490 -23.84 56.25 37.83
N PRO C 491 -23.04 57.16 38.35
CA PRO C 491 -22.15 56.82 39.45
C PRO C 491 -22.96 56.82 40.73
N VAL C 492 -22.31 56.46 41.82
CA VAL C 492 -22.80 56.63 43.18
C VAL C 492 -21.78 57.50 43.90
N GLU C 493 -22.24 58.09 45.02
CA GLU C 493 -21.38 58.97 45.80
C GLU C 493 -20.19 58.22 46.38
N ILE C 494 -19.01 58.80 46.20
CA ILE C 494 -17.80 58.15 46.69
C ILE C 494 -17.75 58.19 48.22
N GLY C 495 -17.30 57.09 48.81
CA GLY C 495 -17.13 56.98 50.24
C GLY C 495 -18.38 56.77 51.06
N LYS C 496 -19.49 56.32 50.45
CA LYS C 496 -20.77 56.17 51.14
C LYS C 496 -21.32 54.77 50.97
N GLY C 497 -21.55 54.07 52.09
CA GLY C 497 -22.24 52.80 52.09
C GLY C 497 -23.75 52.96 52.04
N VAL C 498 -24.45 51.83 51.89
CA VAL C 498 -25.91 51.80 51.83
C VAL C 498 -26.39 50.92 52.97
N VAL C 499 -27.27 51.47 53.80
CA VAL C 499 -27.91 50.68 54.85
C VAL C 499 -28.99 49.81 54.21
N ARG C 500 -28.83 48.50 54.28
CA ARG C 500 -29.78 47.60 53.65
C ARG C 500 -30.86 47.11 54.61
N ARG C 501 -30.57 47.07 55.90
CA ARG C 501 -31.50 46.63 56.93
C ARG C 501 -31.06 47.22 58.24
N ARG C 502 -32.02 47.69 59.03
CA ARG C 502 -31.75 48.30 60.33
C ARG C 502 -32.08 47.26 61.40
N GLY C 503 -31.18 47.11 62.37
CA GLY C 503 -31.34 46.09 63.36
C GLY C 503 -31.01 46.63 64.73
N GLY C 504 -30.97 45.77 65.73
CA GLY C 504 -30.79 46.25 67.08
C GLY C 504 -29.43 46.08 67.73
N ARG C 505 -28.88 44.87 67.68
CA ARG C 505 -27.78 44.42 68.55
C ARG C 505 -26.44 44.40 67.85
N VAL C 506 -26.45 43.98 66.59
CA VAL C 506 -25.27 43.69 65.80
C VAL C 506 -25.40 44.48 64.51
N ALA C 507 -24.26 44.93 63.98
CA ALA C 507 -24.19 45.50 62.63
C ALA C 507 -23.19 44.70 61.79
N LEU C 508 -23.63 44.24 60.62
CA LEU C 508 -22.77 43.56 59.66
C LEU C 508 -22.35 44.56 58.59
N LEU C 509 -21.05 44.85 58.51
CA LEU C 509 -20.51 45.75 57.47
C LEU C 509 -19.89 44.86 56.41
N VAL C 510 -20.61 44.72 55.29
CA VAL C 510 -20.26 43.78 54.23
C VAL C 510 -19.55 44.52 53.12
N PHE C 511 -18.38 44.02 52.75
CA PHE C 511 -17.60 44.55 51.63
C PHE C 511 -17.68 43.48 50.54
N GLY C 512 -18.70 43.58 49.70
CA GLY C 512 -18.73 42.68 48.56
C GLY C 512 -19.88 41.71 48.52
N VAL C 513 -19.62 40.51 47.96
CA VAL C 513 -20.71 39.67 47.52
C VAL C 513 -21.20 38.71 48.60
N GLN C 514 -20.72 38.85 49.83
CA GLN C 514 -21.32 38.09 50.91
C GLN C 514 -22.58 38.78 51.47
N LEU C 515 -23.04 39.85 50.81
CA LEU C 515 -24.17 40.60 51.35
C LEU C 515 -25.42 39.75 51.44
N ALA C 516 -25.74 39.03 50.37
CA ALA C 516 -26.97 38.24 50.36
C ALA C 516 -26.95 37.20 51.48
N GLU C 517 -25.80 36.54 51.70
CA GLU C 517 -25.67 35.61 52.81
C GLU C 517 -25.86 36.32 54.14
N ALA C 518 -25.29 37.51 54.29
CA ALA C 518 -25.44 38.22 55.57
C ALA C 518 -26.89 38.57 55.82
N MET C 519 -27.63 38.86 54.73
CA MET C 519 -29.03 39.20 54.86
C MET C 519 -29.84 38.03 55.44
N LYS C 520 -29.53 36.79 55.03
CA LYS C 520 -30.27 35.65 55.56
C LYS C 520 -30.05 35.53 57.06
N VAL C 521 -28.80 35.69 57.49
CA VAL C 521 -28.43 35.70 58.91
C VAL C 521 -29.07 36.86 59.64
N ALA C 522 -29.37 37.94 58.93
CA ALA C 522 -29.61 39.21 59.59
C ALA C 522 -30.94 39.19 60.34
N GLU C 523 -31.96 38.59 59.73
CA GLU C 523 -33.20 38.34 60.43
C GLU C 523 -32.93 37.58 61.73
N SER C 524 -32.34 36.39 61.58
CA SER C 524 -32.12 35.51 62.72
C SER C 524 -31.50 36.26 63.88
N LEU C 525 -30.53 37.14 63.62
CA LEU C 525 -29.82 37.85 64.68
C LEU C 525 -30.32 39.27 64.91
N ASP C 526 -31.39 39.68 64.24
CA ASP C 526 -31.82 41.07 64.31
C ASP C 526 -30.64 42.01 64.18
N ALA C 527 -30.12 42.16 62.96
CA ALA C 527 -28.90 42.90 62.71
C ALA C 527 -29.14 44.02 61.70
N THR C 528 -28.46 45.14 61.93
CA THR C 528 -28.25 46.13 60.89
C THR C 528 -27.31 45.54 59.85
N VAL C 529 -27.54 45.84 58.58
CA VAL C 529 -26.69 45.36 57.49
C VAL C 529 -26.37 46.53 56.58
N VAL C 530 -25.08 46.64 56.22
CA VAL C 530 -24.60 47.73 55.38
C VAL C 530 -23.79 47.17 54.20
N ASP C 531 -24.22 47.51 53.01
CA ASP C 531 -23.45 47.41 51.78
C ASP C 531 -22.44 48.55 51.82
N MET C 532 -21.19 48.22 52.14
CA MET C 532 -20.19 49.26 52.41
C MET C 532 -19.75 49.96 51.15
N ARG C 533 -19.75 49.26 50.01
CA ARG C 533 -19.30 49.70 48.69
C ARG C 533 -17.83 50.13 48.57
N PHE C 534 -17.33 50.91 49.52
CA PHE C 534 -15.98 51.46 49.47
C PHE C 534 -15.13 50.94 50.63
N VAL C 535 -13.99 50.35 50.29
CA VAL C 535 -12.94 50.15 51.31
C VAL C 535 -12.21 51.45 51.55
N LYS C 536 -11.92 52.18 50.48
CA LYS C 536 -11.10 53.40 50.55
C LYS C 536 -11.57 54.40 49.50
N PRO C 537 -12.05 55.58 49.90
CA PRO C 537 -12.23 56.08 51.27
C PRO C 537 -13.37 55.37 51.98
N LEU C 538 -13.17 55.07 53.27
CA LEU C 538 -14.14 54.41 54.12
C LEU C 538 -15.26 55.38 54.51
N ASP C 539 -16.48 54.85 54.67
CA ASP C 539 -17.60 55.67 55.17
C ASP C 539 -17.46 55.80 56.68
N GLU C 540 -16.56 56.70 57.07
CA GLU C 540 -16.26 56.94 58.46
C GLU C 540 -17.50 57.35 59.26
N ALA C 541 -18.25 58.34 58.77
CA ALA C 541 -19.43 58.81 59.49
C ALA C 541 -20.39 57.65 59.78
N LEU C 542 -20.65 56.81 58.78
CA LEU C 542 -21.56 55.70 59.02
C LEU C 542 -20.95 54.74 60.03
N VAL C 543 -19.67 54.39 59.88
CA VAL C 543 -19.02 53.50 60.84
C VAL C 543 -19.13 54.07 62.25
N ARG C 544 -18.86 55.36 62.39
CA ARG C 544 -18.99 56.00 63.69
C ARG C 544 -20.39 55.85 64.26
N GLU C 545 -21.43 56.10 63.46
CA GLU C 545 -22.80 55.95 63.96
C GLU C 545 -23.13 54.50 64.30
N LEU C 546 -22.58 53.54 63.55
CA LEU C 546 -22.88 52.15 63.84
C LEU C 546 -22.21 51.73 65.13
N ALA C 547 -21.00 52.26 65.37
CA ALA C 547 -20.24 51.90 66.55
C ALA C 547 -20.91 52.42 67.81
N GLY C 548 -21.70 53.50 67.69
CA GLY C 548 -22.35 54.16 68.79
C GLY C 548 -23.76 53.68 69.03
N SER C 549 -24.17 52.60 68.37
CA SER C 549 -25.56 52.15 68.40
C SER C 549 -25.71 50.63 68.35
N HIS C 550 -24.63 49.88 68.61
CA HIS C 550 -24.64 48.43 68.53
C HIS C 550 -23.64 47.86 69.53
N GLU C 551 -23.88 46.63 69.95
CA GLU C 551 -22.98 45.92 70.85
C GLU C 551 -21.78 45.31 70.12
N LEU C 552 -21.85 45.17 68.79
CA LEU C 552 -20.82 44.46 68.06
C LEU C 552 -20.90 44.86 66.61
N LEU C 553 -19.78 45.30 66.04
CA LEU C 553 -19.63 45.40 64.59
C LEU C 553 -18.94 44.15 64.07
N VAL C 554 -19.37 43.74 62.88
CA VAL C 554 -18.87 42.55 62.20
C VAL C 554 -18.57 42.92 60.76
N THR C 555 -17.33 42.70 60.34
CA THR C 555 -16.93 43.01 58.99
C THR C 555 -16.82 41.69 58.24
N ILE C 556 -17.19 41.73 56.98
CA ILE C 556 -17.28 40.55 56.13
C ILE C 556 -16.70 40.92 54.78
N GLU C 557 -15.78 40.10 54.29
CA GLU C 557 -15.14 40.37 53.02
C GLU C 557 -14.58 39.06 52.48
N GLU C 558 -14.45 38.99 51.16
CA GLU C 558 -13.83 37.83 50.53
C GLU C 558 -12.39 38.15 50.14
N ASN C 559 -11.61 38.39 51.20
CA ASN C 559 -10.22 38.85 51.12
C ASN C 559 -9.63 38.44 52.46
N ALA C 560 -8.32 38.24 52.49
CA ALA C 560 -7.63 38.01 53.74
C ALA C 560 -8.14 38.96 54.81
N VAL C 561 -8.39 38.41 56.00
CA VAL C 561 -8.61 39.22 57.18
C VAL C 561 -7.38 40.09 57.43
N MET C 562 -6.20 39.53 57.23
CA MET C 562 -4.99 40.26 57.55
C MET C 562 -4.80 41.38 56.55
N GLY C 563 -4.85 42.62 57.04
CA GLY C 563 -4.72 43.80 56.24
C GLY C 563 -5.94 44.13 55.39
N GLY C 564 -7.04 43.39 55.54
CA GLY C 564 -8.21 43.56 54.69
C GLY C 564 -9.11 44.74 55.09
N ALA C 565 -10.30 44.75 54.45
CA ALA C 565 -11.31 45.81 54.68
C ALA C 565 -11.71 45.91 56.14
N GLY C 566 -11.92 44.78 56.81
CA GLY C 566 -12.23 44.85 58.23
C GLY C 566 -11.15 45.59 59.03
N SER C 567 -9.90 45.42 58.64
CA SER C 567 -8.83 46.12 59.33
C SER C 567 -8.82 47.60 59.01
N ALA C 568 -9.36 48.02 57.85
CA ALA C 568 -9.55 49.45 57.66
C ALA C 568 -10.60 49.98 58.64
N VAL C 569 -11.65 49.20 58.88
CA VAL C 569 -12.61 49.60 59.89
C VAL C 569 -11.96 49.64 61.28
N GLY C 570 -11.18 48.60 61.60
CA GLY C 570 -10.46 48.58 62.87
C GLY C 570 -9.51 49.74 63.05
N GLU C 571 -8.77 50.09 61.98
CA GLU C 571 -7.90 51.25 62.02
C GLU C 571 -8.69 52.51 62.34
N PHE C 572 -9.84 52.66 61.70
CA PHE C 572 -10.64 53.86 61.92
C PHE C 572 -11.14 53.94 63.35
N LEU C 573 -11.71 52.82 63.85
CA LEU C 573 -12.17 52.80 65.24
C LEU C 573 -11.04 53.12 66.22
N ALA C 574 -9.87 52.53 66.00
CA ALA C 574 -8.73 52.78 66.89
C ALA C 574 -8.39 54.26 66.93
N SER C 575 -8.35 54.92 65.77
CA SER C 575 -7.89 56.31 65.70
C SER C 575 -8.87 57.29 66.35
N GLU C 576 -10.13 56.96 66.45
CA GLU C 576 -11.11 57.79 67.12
C GLU C 576 -11.38 57.34 68.54
N GLY C 577 -10.60 56.38 69.05
CA GLY C 577 -10.85 55.91 70.41
C GLY C 577 -12.21 55.32 70.65
N LEU C 578 -12.73 54.56 69.69
CA LEU C 578 -14.04 53.91 69.82
C LEU C 578 -13.83 52.45 70.21
N GLU C 579 -14.38 52.06 71.36
CA GLU C 579 -14.06 50.78 72.00
C GLU C 579 -15.02 49.65 71.64
N VAL C 580 -15.84 49.83 70.60
CA VAL C 580 -16.86 48.79 70.32
C VAL C 580 -16.21 47.48 69.96
N PRO C 581 -16.76 46.35 70.34
CA PRO C 581 -16.22 45.06 69.89
C PRO C 581 -16.28 44.93 68.38
N LEU C 582 -15.26 44.30 67.82
CA LEU C 582 -15.11 44.13 66.39
C LEU C 582 -14.80 42.67 66.10
N LEU C 583 -15.59 42.06 65.22
CA LEU C 583 -15.35 40.70 64.74
C LEU C 583 -15.12 40.79 63.23
N GLN C 584 -13.98 40.28 62.78
CA GLN C 584 -13.61 40.38 61.37
C GLN C 584 -13.72 39.02 60.72
N LEU C 585 -14.63 38.91 59.75
CA LEU C 585 -14.84 37.69 58.99
C LEU C 585 -14.24 37.85 57.60
N GLY C 586 -13.60 36.81 57.09
CA GLY C 586 -12.92 36.92 55.81
C GLY C 586 -12.09 35.67 55.55
N LEU C 587 -11.18 35.78 54.57
CA LEU C 587 -10.35 34.61 54.30
C LEU C 587 -9.26 34.44 55.36
N PRO C 588 -9.03 33.20 55.81
CA PRO C 588 -8.04 32.95 56.86
C PRO C 588 -6.60 32.93 56.35
N ASP C 589 -5.66 32.79 57.28
CA ASP C 589 -4.25 32.96 56.95
C ASP C 589 -3.60 31.63 56.57
N TYR C 590 -4.14 31.05 55.51
CA TYR C 590 -3.52 29.86 54.90
C TYR C 590 -4.08 29.75 53.47
N TYR C 591 -3.54 28.80 52.72
CA TYR C 591 -3.91 28.57 51.33
C TYR C 591 -5.04 27.57 51.30
N VAL C 592 -6.23 28.02 50.84
CA VAL C 592 -7.40 27.16 50.89
C VAL C 592 -7.33 26.14 49.78
N GLU C 593 -7.46 24.87 50.14
CA GLU C 593 -7.30 23.78 49.18
C GLU C 593 -8.44 23.75 48.17
N HIS C 594 -8.09 23.32 46.95
CA HIS C 594 -9.05 23.31 45.84
C HIS C 594 -10.29 22.51 46.22
N ALA C 595 -11.44 23.00 45.77
CA ALA C 595 -12.74 22.36 46.00
C ALA C 595 -13.75 23.17 45.20
N LYS C 596 -15.02 22.79 45.28
CA LYS C 596 -16.00 23.67 44.68
C LYS C 596 -15.95 25.03 45.38
N PRO C 597 -16.29 26.11 44.67
CA PRO C 597 -16.38 27.41 45.37
C PRO C 597 -17.21 27.33 46.64
N SER C 598 -18.38 26.67 46.57
CA SER C 598 -19.27 26.61 47.71
C SER C 598 -18.64 25.87 48.89
N GLU C 599 -17.80 24.89 48.63
CA GLU C 599 -17.12 24.18 49.70
C GLU C 599 -15.99 25.04 50.27
N MET C 600 -15.30 25.76 49.39
CA MET C 600 -14.25 26.68 49.82
C MET C 600 -14.81 27.79 50.69
N LEU C 601 -15.93 28.38 50.29
CA LEU C 601 -16.52 29.45 51.08
C LEU C 601 -16.99 28.93 52.42
N ALA C 602 -17.41 27.66 52.50
CA ALA C 602 -17.98 27.12 53.72
C ALA C 602 -16.89 26.80 54.72
N GLU C 603 -15.75 26.29 54.22
CA GLU C 603 -14.57 26.13 55.06
C GLU C 603 -14.15 27.45 55.71
N CYS C 604 -14.22 28.55 54.96
CA CYS C 604 -13.82 29.86 55.44
C CYS C 604 -14.90 30.55 56.28
N GLY C 605 -16.07 29.93 56.43
CA GLY C 605 -17.14 30.55 57.21
C GLY C 605 -17.82 31.74 56.57
N LEU C 606 -17.82 31.84 55.23
CA LEU C 606 -18.39 32.95 54.47
C LEU C 606 -19.72 32.61 53.78
N ASP C 607 -20.39 31.54 54.18
CA ASP C 607 -21.78 31.40 53.84
C ASP C 607 -22.60 31.84 55.05
N ALA C 608 -23.93 31.82 54.88
CA ALA C 608 -24.82 32.29 55.93
C ALA C 608 -24.65 31.47 57.21
N ALA C 609 -24.50 30.16 57.08
CA ALA C 609 -24.32 29.33 58.27
C ALA C 609 -23.01 29.66 58.96
N GLY C 610 -21.92 29.76 58.21
CA GLY C 610 -20.65 30.13 58.85
C GLY C 610 -20.68 31.52 59.49
N ILE C 611 -21.35 32.49 58.84
CA ILE C 611 -21.42 33.84 59.38
C ILE C 611 -22.16 33.83 60.71
N GLU C 612 -23.39 33.33 60.69
CA GLU C 612 -24.21 33.34 61.90
C GLU C 612 -23.53 32.56 63.03
N LYS C 613 -22.95 31.41 62.72
CA LYS C 613 -22.27 30.68 63.77
C LYS C 613 -21.17 31.55 64.38
N ALA C 614 -20.43 32.29 63.55
CA ALA C 614 -19.34 33.08 64.07
C ALA C 614 -19.86 34.26 64.91
N VAL C 615 -20.92 34.96 64.43
CA VAL C 615 -21.49 36.07 65.19
C VAL C 615 -22.11 35.59 66.52
N ARG C 616 -22.83 34.44 66.50
CA ARG C 616 -23.42 33.96 67.75
C ARG C 616 -22.35 33.54 68.76
N GLN C 617 -21.30 32.87 68.30
CA GLN C 617 -20.21 32.53 69.21
C GLN C 617 -19.67 33.79 69.87
N ARG C 618 -19.54 34.90 69.12
CA ARG C 618 -18.98 36.12 69.71
C ARG C 618 -19.95 36.77 70.71
N LEU C 619 -21.25 36.78 70.40
CA LEU C 619 -22.21 37.38 71.32
C LEU C 619 -22.31 36.61 72.64
N ASP C 620 -22.00 35.30 72.62
CA ASP C 620 -22.06 34.42 73.79
C ASP C 620 -20.75 34.38 74.57
N ARG C 621 -19.71 35.03 74.07
CA ARG C 621 -18.51 35.24 74.84
C ARG C 621 -18.51 36.59 75.55
N GLN C 622 -19.45 37.46 75.20
CA GLN C 622 -19.55 38.83 75.73
C GLN C 622 -21.00 39.04 76.18
N LEU D 33 -62.55 21.90 4.54
CA LEU D 33 -62.90 23.19 3.91
C LEU D 33 -63.16 22.96 2.41
N HIS D 34 -64.09 23.73 1.82
CA HIS D 34 -64.50 23.52 0.43
C HIS D 34 -64.32 24.73 -0.48
N GLU D 35 -64.08 25.91 0.08
CA GLU D 35 -63.89 27.12 -0.72
C GLU D 35 -62.83 27.99 -0.04
N ILE D 36 -61.89 28.49 -0.83
CA ILE D 36 -60.74 29.19 -0.24
C ILE D 36 -61.17 30.54 0.28
N PRO D 37 -60.86 30.87 1.54
CA PRO D 37 -61.23 32.18 2.06
C PRO D 37 -60.77 33.29 1.13
N ARG D 38 -61.49 34.41 1.17
CA ARG D 38 -61.09 35.63 0.51
C ARG D 38 -60.68 36.72 1.50
N GLU D 39 -60.88 36.50 2.80
CA GLU D 39 -60.54 37.46 3.84
C GLU D 39 -59.68 36.78 4.92
N ARG D 40 -58.70 37.52 5.45
CA ARG D 40 -57.70 37.01 6.40
C ARG D 40 -58.32 36.28 7.57
N PRO D 41 -58.29 34.95 7.61
CA PRO D 41 -58.95 34.23 8.71
C PRO D 41 -58.37 34.67 10.05
N ALA D 42 -59.14 34.41 11.10
CA ALA D 42 -58.70 34.71 12.46
C ALA D 42 -57.86 33.55 12.99
N THR D 43 -56.62 33.83 13.39
CA THR D 43 -55.68 32.80 13.79
C THR D 43 -54.91 33.25 15.03
N PRO D 44 -55.58 33.29 16.18
CA PRO D 44 -54.95 33.83 17.39
C PRO D 44 -53.79 33.00 17.89
N LEU D 45 -53.86 31.69 17.71
CA LEU D 45 -52.78 30.82 18.18
C LEU D 45 -51.62 30.81 17.20
N LEU D 46 -51.90 30.76 15.90
CA LEU D 46 -50.83 30.90 14.90
C LEU D 46 -50.09 32.23 15.06
N ASP D 47 -50.82 33.29 15.42
CA ASP D 47 -50.16 34.55 15.74
C ASP D 47 -49.31 34.47 17.01
N ARG D 48 -49.40 33.38 17.76
CA ARG D 48 -48.50 33.10 18.87
C ARG D 48 -47.42 32.09 18.49
N ALA D 49 -47.50 31.50 17.30
CA ALA D 49 -46.48 30.59 16.80
C ALA D 49 -45.79 31.23 15.59
N SER D 50 -45.22 32.41 15.78
CA SER D 50 -44.56 33.07 14.66
C SER D 50 -43.19 32.50 14.38
N SER D 51 -42.65 31.71 15.30
CA SER D 51 -41.30 31.18 15.23
C SER D 51 -41.24 29.88 16.02
N PRO D 52 -40.28 29.02 15.73
CA PRO D 52 -40.28 27.68 16.36
C PRO D 52 -40.18 27.69 17.88
N ALA D 53 -39.40 28.60 18.47
CA ALA D 53 -39.30 28.65 19.93
C ALA D 53 -40.62 29.10 20.56
N GLU D 54 -41.26 30.11 19.98
CA GLU D 54 -42.61 30.49 20.38
C GLU D 54 -43.55 29.29 20.29
N LEU D 55 -43.54 28.58 19.15
CA LEU D 55 -44.39 27.41 19.00
C LEU D 55 -44.11 26.40 20.11
N ARG D 56 -42.82 26.14 20.39
CA ARG D 56 -42.47 25.11 21.34
C ARG D 56 -42.95 25.47 22.74
N ARG D 57 -43.25 26.75 22.98
CA ARG D 57 -43.79 27.15 24.27
C ARG D 57 -45.20 26.62 24.48
N LEU D 58 -45.99 26.54 23.41
CA LEU D 58 -47.36 26.04 23.52
C LEU D 58 -47.38 24.59 24.00
N GLY D 59 -48.59 24.13 24.35
CA GLY D 59 -48.76 22.77 24.82
C GLY D 59 -49.39 21.89 23.78
N GLU D 60 -49.17 20.58 23.87
CA GLU D 60 -49.63 19.65 22.84
C GLU D 60 -51.12 19.75 22.62
N ALA D 61 -51.89 20.21 23.60
CA ALA D 61 -53.34 20.27 23.42
C ALA D 61 -53.72 21.27 22.34
N ASP D 62 -52.94 22.34 22.21
CA ASP D 62 -53.25 23.36 21.22
C ASP D 62 -52.79 22.99 19.82
N LEU D 63 -51.94 21.96 19.67
CA LEU D 63 -51.31 21.77 18.37
C LEU D 63 -52.37 21.49 17.30
N GLU D 64 -53.38 20.69 17.63
CA GLU D 64 -54.39 20.34 16.63
C GLU D 64 -55.16 21.57 16.17
N THR D 65 -55.48 22.48 17.09
CA THR D 65 -56.19 23.69 16.71
C THR D 65 -55.26 24.59 15.89
N LEU D 66 -53.99 24.65 16.29
CA LEU D 66 -53.00 25.39 15.52
C LEU D 66 -52.98 24.95 14.07
N ALA D 67 -53.13 23.63 13.84
CA ALA D 67 -53.11 23.10 12.48
C ALA D 67 -54.34 23.54 11.68
N ASP D 68 -55.48 23.75 12.34
CA ASP D 68 -56.64 24.29 11.64
C ASP D 68 -56.37 25.73 11.21
N GLU D 69 -55.79 26.52 12.10
CA GLU D 69 -55.42 27.89 11.77
C GLU D 69 -54.44 27.90 10.61
N LEU D 70 -53.34 27.15 10.75
CA LEU D 70 -52.30 27.15 9.73
C LEU D 70 -52.88 26.74 8.39
N ARG D 71 -53.59 25.63 8.35
CA ARG D 71 -54.21 25.18 7.11
C ARG D 71 -55.07 26.29 6.51
N GLN D 72 -55.76 27.05 7.38
CA GLN D 72 -56.69 28.07 6.91
C GLN D 72 -55.95 29.29 6.36
N TYR D 73 -54.98 29.80 7.12
CA TYR D 73 -54.16 30.90 6.62
C TYR D 73 -53.44 30.51 5.34
N LEU D 74 -52.97 29.25 5.25
CA LEU D 74 -52.29 28.82 4.02
C LEU D 74 -53.24 28.90 2.83
N LEU D 75 -54.42 28.29 2.95
CA LEU D 75 -55.37 28.37 1.84
C LEU D 75 -55.67 29.82 1.50
N TYR D 76 -55.64 30.69 2.51
CA TYR D 76 -55.94 32.10 2.28
C TYR D 76 -54.79 32.79 1.56
N THR D 77 -53.59 32.66 2.09
CA THR D 77 -52.46 33.40 1.55
C THR D 77 -52.11 32.92 0.14
N VAL D 78 -52.24 31.61 -0.12
CA VAL D 78 -51.97 31.15 -1.48
C VAL D 78 -53.10 31.56 -2.42
N GLY D 79 -54.31 31.73 -1.91
CA GLY D 79 -55.36 32.38 -2.71
C GLY D 79 -54.96 33.77 -3.17
N GLN D 80 -54.24 34.50 -2.30
CA GLN D 80 -53.86 35.89 -2.58
C GLN D 80 -52.77 35.98 -3.63
N THR D 81 -51.76 35.11 -3.55
CA THR D 81 -50.56 35.22 -4.36
C THR D 81 -50.44 34.17 -5.45
N GLY D 82 -51.27 33.14 -5.45
CA GLY D 82 -50.96 31.93 -6.19
C GLY D 82 -49.71 31.27 -5.65
N GLY D 83 -49.45 30.03 -6.05
CA GLY D 83 -48.29 29.30 -5.60
C GLY D 83 -48.56 27.82 -5.58
N HIS D 84 -47.56 27.09 -5.05
CA HIS D 84 -47.74 25.67 -4.79
C HIS D 84 -48.71 25.53 -3.61
N PHE D 85 -49.53 24.48 -3.64
CA PHE D 85 -50.76 24.43 -2.85
C PHE D 85 -50.94 23.09 -2.18
N GLY D 86 -51.22 22.05 -2.98
CA GLY D 86 -51.64 20.79 -2.43
C GLY D 86 -50.61 20.08 -1.57
N ALA D 87 -49.33 20.21 -1.93
CA ALA D 87 -48.32 19.45 -1.19
C ALA D 87 -48.07 20.02 0.22
N GLY D 88 -48.20 21.36 0.37
CA GLY D 88 -47.95 21.94 1.68
C GLY D 88 -49.11 21.68 2.62
N LEU D 89 -50.33 21.62 2.10
CA LEU D 89 -51.49 21.22 2.87
C LEU D 89 -51.27 19.84 3.43
N GLY D 90 -50.47 19.02 2.73
CA GLY D 90 -50.18 17.68 3.17
C GLY D 90 -49.23 17.59 4.33
N VAL D 91 -48.36 18.60 4.52
CA VAL D 91 -47.34 18.56 5.56
C VAL D 91 -47.63 19.53 6.71
N VAL D 92 -48.86 20.00 6.84
CA VAL D 92 -49.13 20.93 7.94
C VAL D 92 -48.80 20.29 9.29
N GLU D 93 -49.38 19.13 9.57
CA GLU D 93 -49.16 18.54 10.87
C GLU D 93 -47.69 18.16 11.03
N LEU D 94 -47.11 17.56 9.99
CA LEU D 94 -45.71 17.14 10.03
C LEU D 94 -44.78 18.33 10.29
N THR D 95 -45.09 19.49 9.70
CA THR D 95 -44.20 20.62 9.89
C THR D 95 -44.30 21.14 11.32
N ILE D 96 -45.51 21.18 11.87
CA ILE D 96 -45.68 21.58 13.27
C ILE D 96 -44.99 20.59 14.18
N ALA D 97 -45.22 19.30 13.97
CA ALA D 97 -44.56 18.31 14.82
C ALA D 97 -43.06 18.53 14.78
N LEU D 98 -42.52 18.80 13.59
CA LEU D 98 -41.07 18.84 13.42
C LEU D 98 -40.47 20.01 14.20
N HIS D 99 -41.08 21.18 14.11
CA HIS D 99 -40.58 22.32 14.86
C HIS D 99 -40.95 22.22 16.33
N TYR D 100 -42.00 21.47 16.68
CA TYR D 100 -42.29 21.27 18.08
C TYR D 100 -41.22 20.41 18.74
N VAL D 101 -40.89 19.27 18.13
CA VAL D 101 -40.04 18.32 18.79
C VAL D 101 -38.55 18.60 18.62
N PHE D 102 -38.18 19.36 17.60
CA PHE D 102 -36.76 19.60 17.32
C PHE D 102 -36.37 21.01 17.69
N ASP D 103 -35.11 21.17 18.08
CA ASP D 103 -34.57 22.46 18.49
C ASP D 103 -34.13 23.24 17.25
N THR D 104 -35.11 23.66 16.46
CA THR D 104 -34.73 24.49 15.33
C THR D 104 -34.48 25.92 15.81
N PRO D 105 -33.56 26.65 15.15
CA PRO D 105 -32.78 26.27 13.97
C PRO D 105 -31.44 25.60 14.24
N ASP D 106 -31.03 25.40 15.49
CA ASP D 106 -29.78 24.67 15.73
C ASP D 106 -29.87 23.25 15.16
N ASP D 107 -31.00 22.58 15.39
CA ASP D 107 -31.29 21.33 14.70
C ASP D 107 -31.56 21.63 13.22
N ARG D 108 -30.89 20.90 12.34
CA ARG D 108 -30.91 21.17 10.91
C ARG D 108 -32.05 20.42 10.22
N LEU D 109 -32.90 21.17 9.56
CA LEU D 109 -34.04 20.60 8.85
C LEU D 109 -33.94 20.93 7.37
N VAL D 110 -33.92 19.89 6.54
CA VAL D 110 -33.76 20.00 5.10
C VAL D 110 -35.01 19.51 4.41
N TRP D 111 -35.68 20.42 3.70
CA TRP D 111 -36.88 20.09 2.93
C TRP D 111 -36.47 19.80 1.49
N ASP D 112 -36.80 18.60 1.00
CA ASP D 112 -36.58 18.22 -0.37
C ASP D 112 -37.55 18.98 -1.27
N VAL D 113 -37.02 19.48 -2.38
CA VAL D 113 -37.74 20.24 -3.41
C VAL D 113 -38.13 21.63 -2.89
N GLY D 114 -38.98 21.68 -1.87
CA GLY D 114 -39.35 22.93 -1.26
C GLY D 114 -40.74 23.43 -1.57
N HIS D 115 -41.43 22.86 -2.57
CA HIS D 115 -42.79 23.28 -2.85
C HIS D 115 -43.74 23.03 -1.69
N GLN D 116 -43.36 22.19 -0.71
CA GLN D 116 -44.25 21.82 0.38
C GLN D 116 -43.97 22.65 1.63
N ALA D 117 -43.21 23.73 1.49
CA ALA D 117 -42.57 24.37 2.61
C ALA D 117 -43.21 25.69 3.01
N TYR D 118 -44.36 26.03 2.45
CA TYR D 118 -45.05 27.24 2.92
C TYR D 118 -45.41 27.13 4.41
N PRO D 119 -45.94 26.02 4.90
CA PRO D 119 -46.12 25.91 6.36
C PRO D 119 -44.83 26.17 7.11
N HIS D 120 -43.71 25.60 6.64
CA HIS D 120 -42.42 25.85 7.27
C HIS D 120 -42.12 27.35 7.34
N LYS D 121 -42.33 28.06 6.23
CA LYS D 121 -42.08 29.51 6.23
C LYS D 121 -43.02 30.21 7.21
N ILE D 122 -44.32 29.92 7.13
CA ILE D 122 -45.27 30.52 8.05
C ILE D 122 -44.85 30.34 9.51
N LEU D 123 -44.20 29.22 9.84
CA LEU D 123 -43.77 28.93 11.21
C LEU D 123 -42.38 29.45 11.53
N THR D 124 -41.76 30.21 10.63
CA THR D 124 -40.39 30.67 10.83
C THR D 124 -40.27 32.14 10.41
N GLU D 125 -41.08 32.99 11.04
CA GLU D 125 -40.95 34.45 11.04
C GLU D 125 -41.38 35.08 9.73
N ARG D 126 -41.95 34.29 8.82
CA ARG D 126 -42.35 34.78 7.51
C ARG D 126 -43.85 34.70 7.27
N ARG D 127 -44.64 34.43 8.31
CA ARG D 127 -46.09 34.37 8.15
C ARG D 127 -46.62 35.65 7.50
N GLU D 128 -46.28 36.80 8.06
CA GLU D 128 -46.85 38.06 7.58
C GLU D 128 -46.23 38.53 6.27
N LEU D 129 -45.11 37.95 5.86
CA LEU D 129 -44.52 38.23 4.56
C LEU D 129 -45.08 37.34 3.46
N MET D 130 -45.87 36.34 3.80
CA MET D 130 -46.47 35.45 2.80
C MET D 130 -47.24 36.21 1.73
N GLY D 131 -47.66 37.45 1.99
CA GLY D 131 -48.28 38.26 0.96
C GLY D 131 -47.36 38.58 -0.19
N THR D 132 -46.05 38.46 0.03
CA THR D 132 -45.04 38.74 -0.99
C THR D 132 -44.65 37.50 -1.78
N LEU D 133 -45.10 36.31 -1.36
CA LEU D 133 -44.74 35.06 -2.00
C LEU D 133 -44.65 35.19 -3.51
N ARG D 134 -43.45 34.95 -4.05
CA ARG D 134 -43.20 34.77 -5.47
C ARG D 134 -43.44 36.05 -6.26
N GLN D 135 -43.43 37.19 -5.60
CA GLN D 135 -43.43 38.49 -6.25
C GLN D 135 -42.01 39.04 -6.27
N LYS D 136 -41.78 39.96 -7.22
CA LYS D 136 -40.47 40.59 -7.28
C LYS D 136 -40.12 41.13 -5.89
N ASN D 137 -38.90 40.87 -5.46
CA ASN D 137 -38.37 41.29 -4.17
C ASN D 137 -39.10 40.68 -2.98
N GLY D 138 -40.01 39.73 -3.23
CA GLY D 138 -40.74 39.06 -2.19
C GLY D 138 -40.17 37.68 -1.88
N LEU D 139 -40.90 36.94 -1.05
CA LEU D 139 -40.43 35.62 -0.65
C LEU D 139 -40.26 34.71 -1.86
N ALA D 140 -39.23 33.87 -1.83
CA ALA D 140 -38.95 32.98 -2.93
C ALA D 140 -39.85 31.77 -2.91
N ALA D 141 -39.89 31.08 -4.06
CA ALA D 141 -40.73 29.91 -4.25
C ALA D 141 -40.34 28.78 -3.32
N PHE D 142 -39.10 28.71 -2.88
CA PHE D 142 -38.60 27.59 -2.10
C PHE D 142 -37.79 28.06 -0.93
N PRO D 143 -37.48 27.16 0.01
CA PRO D 143 -36.46 27.46 1.01
C PRO D 143 -35.20 27.99 0.32
N ARG D 144 -34.56 28.97 0.97
CA ARG D 144 -33.41 29.67 0.42
C ARG D 144 -32.54 30.08 1.60
N ARG D 145 -31.27 29.68 1.58
CA ARG D 145 -30.42 29.92 2.75
C ARG D 145 -30.29 31.43 3.04
N ALA D 146 -30.21 32.24 2.00
CA ALA D 146 -30.11 33.69 2.15
C ALA D 146 -31.40 34.30 2.64
N GLU D 147 -32.52 33.60 2.54
CA GLU D 147 -33.79 34.18 2.96
C GLU D 147 -34.02 34.06 4.47
N SER D 148 -33.48 33.04 5.12
CA SER D 148 -33.79 32.78 6.52
C SER D 148 -32.84 31.74 7.10
N GLU D 149 -32.38 31.98 8.34
CA GLU D 149 -31.54 31.01 9.05
C GLU D 149 -32.26 29.69 9.31
N TYR D 150 -33.59 29.67 9.24
CA TYR D 150 -34.36 28.45 9.39
C TYR D 150 -34.39 27.61 8.11
N ASP D 151 -33.80 28.12 7.00
CA ASP D 151 -33.66 27.39 5.75
C ASP D 151 -32.22 26.90 5.65
N THR D 152 -32.00 25.62 5.88
CA THR D 152 -30.65 25.10 5.84
C THR D 152 -30.12 24.86 4.43
N PHE D 153 -31.00 24.65 3.46
CA PHE D 153 -30.55 24.32 2.11
C PHE D 153 -31.51 24.87 1.09
N GLY D 154 -30.98 25.59 0.11
CA GLY D 154 -31.79 26.09 -0.98
C GLY D 154 -32.06 24.94 -1.91
N VAL D 155 -33.34 24.71 -2.18
CA VAL D 155 -33.78 23.54 -2.94
C VAL D 155 -34.62 24.02 -4.12
N GLY D 156 -35.12 23.05 -4.87
CA GLY D 156 -35.96 23.30 -6.02
C GLY D 156 -35.90 22.11 -6.95
N HIS D 157 -34.71 21.85 -7.49
CA HIS D 157 -34.39 20.51 -7.94
C HIS D 157 -34.62 19.54 -6.78
N SER D 158 -35.04 18.34 -7.13
CA SER D 158 -35.45 17.35 -6.16
C SER D 158 -34.28 16.48 -5.71
N SER D 159 -34.50 15.77 -4.62
CA SER D 159 -33.71 14.63 -4.21
C SER D 159 -32.39 15.03 -3.59
N THR D 160 -32.16 16.31 -3.28
CA THR D 160 -30.86 16.75 -2.75
C THR D 160 -30.80 16.71 -1.24
N SER D 161 -31.93 16.44 -0.57
CA SER D 161 -32.05 16.71 0.86
C SER D 161 -31.25 15.70 1.70
N ILE D 162 -31.23 14.44 1.30
CA ILE D 162 -30.50 13.45 2.08
C ILE D 162 -29.00 13.70 1.99
N SER D 163 -28.52 14.04 0.79
CA SER D 163 -27.09 14.26 0.64
C SER D 163 -26.65 15.45 1.49
N ALA D 164 -27.44 16.51 1.47
CA ALA D 164 -27.10 17.74 2.16
C ALA D 164 -27.12 17.54 3.68
N ALA D 165 -28.20 16.96 4.19
CA ALA D 165 -28.30 16.64 5.61
C ALA D 165 -27.19 15.70 6.05
N LEU D 166 -26.85 14.72 5.22
CA LEU D 166 -25.75 13.85 5.62
C LEU D 166 -24.46 14.67 5.76
N GLY D 167 -24.25 15.60 4.85
CA GLY D 167 -23.06 16.42 4.93
C GLY D 167 -23.09 17.31 6.15
N MET D 168 -24.25 17.87 6.49
CA MET D 168 -24.32 18.68 7.70
C MET D 168 -24.05 17.82 8.94
N ALA D 169 -24.53 16.57 8.92
CA ALA D 169 -24.33 15.69 10.06
C ALA D 169 -22.88 15.26 10.17
N ILE D 170 -22.23 14.98 9.04
CA ILE D 170 -20.83 14.56 9.12
C ILE D 170 -20.01 15.67 9.75
N ALA D 171 -20.36 16.92 9.44
CA ALA D 171 -19.62 18.08 9.95
C ALA D 171 -19.92 18.33 11.42
N ALA D 172 -21.20 18.29 11.79
CA ALA D 172 -21.58 18.51 13.19
C ALA D 172 -20.88 17.52 14.10
N ARG D 173 -20.81 16.26 13.68
CA ARG D 173 -20.13 15.25 14.46
C ARG D 173 -18.65 15.57 14.64
N LEU D 174 -17.92 15.85 13.55
CA LEU D 174 -16.51 16.19 13.70
C LEU D 174 -16.32 17.39 14.61
N GLN D 175 -17.24 18.36 14.54
CA GLN D 175 -17.23 19.56 15.37
C GLN D 175 -17.66 19.30 16.81
N GLY D 176 -18.05 18.07 17.15
CA GLY D 176 -18.53 17.79 18.50
C GLY D 176 -19.82 18.51 18.85
N LYS D 177 -20.54 19.01 17.85
CA LYS D 177 -21.85 19.57 18.13
C LYS D 177 -22.84 18.43 18.37
N GLU D 178 -24.01 18.78 18.85
CA GLU D 178 -25.01 17.76 19.16
C GLU D 178 -26.31 18.06 18.42
N ARG D 179 -26.24 18.79 17.33
CA ARG D 179 -27.45 19.15 16.60
C ARG D 179 -27.94 17.92 15.86
N LYS D 180 -29.24 17.93 15.59
CA LYS D 180 -29.88 16.86 14.84
C LYS D 180 -29.92 17.23 13.35
N SER D 181 -30.15 16.22 12.52
CA SER D 181 -30.14 16.43 11.09
C SER D 181 -31.25 15.62 10.44
N VAL D 182 -32.23 16.32 9.89
CA VAL D 182 -33.44 15.70 9.38
C VAL D 182 -33.66 16.13 7.93
N ALA D 183 -33.98 15.17 7.07
CA ALA D 183 -34.40 15.47 5.71
C ALA D 183 -35.82 14.94 5.54
N VAL D 184 -36.71 15.79 5.07
CA VAL D 184 -38.04 15.39 4.63
C VAL D 184 -38.02 15.25 3.13
N ILE D 185 -38.23 14.03 2.65
CA ILE D 185 -38.16 13.71 1.24
C ILE D 185 -39.44 13.00 0.84
N GLY D 186 -39.99 13.40 -0.31
CA GLY D 186 -41.16 12.71 -0.85
C GLY D 186 -40.82 11.44 -1.61
N ASP D 187 -41.87 10.68 -1.93
CA ASP D 187 -41.70 9.36 -2.55
C ASP D 187 -41.24 9.47 -4.01
N GLY D 188 -41.62 10.52 -4.71
CA GLY D 188 -41.04 10.75 -6.02
C GLY D 188 -39.56 11.07 -5.94
N ALA D 189 -39.19 11.97 -5.04
CA ALA D 189 -37.78 12.37 -4.90
C ALA D 189 -36.88 11.18 -4.68
N LEU D 190 -37.38 10.18 -3.96
CA LEU D 190 -36.64 8.96 -3.63
C LEU D 190 -36.38 8.06 -4.82
N THR D 191 -37.06 8.28 -5.97
CA THR D 191 -36.75 7.52 -7.17
C THR D 191 -35.47 8.01 -7.83
N ALA D 192 -34.87 9.09 -7.34
CA ALA D 192 -33.71 9.67 -8.02
C ALA D 192 -32.42 9.00 -7.57
N GLY D 193 -31.51 8.84 -8.53
CA GLY D 193 -30.30 8.09 -8.24
C GLY D 193 -29.49 8.70 -7.12
N MET D 194 -29.46 10.03 -7.05
CA MET D 194 -28.62 10.63 -6.03
C MET D 194 -29.16 10.33 -4.63
N ALA D 195 -30.46 10.10 -4.52
CA ALA D 195 -31.00 9.73 -3.21
C ALA D 195 -30.52 8.34 -2.78
N PHE D 196 -30.46 7.39 -3.71
CA PHE D 196 -29.85 6.09 -3.44
C PHE D 196 -28.40 6.27 -3.01
N GLU D 197 -27.65 7.12 -3.71
CA GLU D 197 -26.24 7.31 -3.36
C GLU D 197 -26.12 7.82 -1.93
N ALA D 198 -26.97 8.77 -1.54
CA ALA D 198 -26.86 9.36 -0.22
C ALA D 198 -27.23 8.34 0.86
N LEU D 199 -28.26 7.54 0.62
CA LEU D 199 -28.70 6.57 1.61
C LEU D 199 -27.62 5.53 1.86
N ASN D 200 -26.98 5.07 0.79
CA ASN D 200 -25.86 4.16 0.92
C ASN D 200 -24.73 4.81 1.72
N HIS D 201 -24.38 6.06 1.39
CA HIS D 201 -23.23 6.67 2.01
C HIS D 201 -23.48 6.90 3.49
N ALA D 202 -24.70 7.31 3.82
CA ALA D 202 -25.06 7.55 5.21
C ALA D 202 -24.87 6.29 6.02
N SER D 203 -25.24 5.14 5.45
CA SER D 203 -24.96 3.88 6.11
C SER D 203 -23.48 3.66 6.28
N GLU D 204 -22.70 3.95 5.26
CA GLU D 204 -21.26 3.76 5.33
C GLU D 204 -20.65 4.51 6.51
N VAL D 205 -21.05 5.74 6.75
CA VAL D 205 -20.41 6.54 7.80
C VAL D 205 -21.19 6.49 9.09
N ASP D 206 -22.20 5.63 9.17
CA ASP D 206 -22.99 5.46 10.39
C ASP D 206 -23.42 6.81 10.94
N ALA D 207 -23.96 7.64 10.06
CA ALA D 207 -24.35 8.98 10.43
C ALA D 207 -25.59 8.99 11.29
N ASP D 208 -25.62 9.88 12.27
CA ASP D 208 -26.83 10.07 13.08
C ASP D 208 -27.64 11.12 12.33
N MET D 209 -28.66 10.66 11.61
CA MET D 209 -29.56 11.55 10.92
C MET D 209 -30.90 10.87 10.77
N LEU D 210 -31.91 11.67 10.52
CA LEU D 210 -33.25 11.20 10.27
C LEU D 210 -33.66 11.55 8.85
N VAL D 211 -34.11 10.54 8.10
CA VAL D 211 -34.82 10.73 6.84
C VAL D 211 -36.29 10.47 7.13
N ILE D 212 -37.13 11.47 6.87
CA ILE D 212 -38.57 11.28 6.90
C ILE D 212 -39.05 11.18 5.47
N LEU D 213 -39.78 10.09 5.17
CA LEU D 213 -40.36 9.84 3.85
C LEU D 213 -41.81 10.31 3.90
N ASN D 214 -42.11 11.36 3.17
CA ASN D 214 -43.47 11.87 3.18
C ASN D 214 -44.15 11.21 2.00
N ASP D 215 -44.67 10.02 2.23
CA ASP D 215 -45.36 9.21 1.24
C ASP D 215 -46.80 9.68 1.09
N ASN D 216 -47.14 10.28 -0.05
CA ASN D 216 -48.53 10.61 -0.34
C ASN D 216 -49.07 9.90 -1.57
N ASP D 217 -48.26 9.68 -2.58
CA ASP D 217 -48.71 9.06 -3.83
C ASP D 217 -48.87 7.57 -3.56
N MET D 218 -50.04 7.21 -3.06
CA MET D 218 -50.37 5.82 -2.76
C MET D 218 -51.47 5.33 -3.72
N GLY D 239 -46.90 -0.98 -0.88
CA GLY D 239 -47.31 -2.13 -0.11
C GLY D 239 -46.20 -3.06 0.38
N GLY D 240 -45.45 -2.63 1.42
CA GLY D 240 -44.52 -3.47 2.14
C GLY D 240 -43.04 -3.11 2.00
N PRO D 241 -42.64 -1.93 2.52
CA PRO D 241 -41.31 -1.38 2.18
C PRO D 241 -40.15 -1.62 3.13
N GLY D 242 -40.44 -1.91 4.41
CA GLY D 242 -39.43 -1.82 5.45
C GLY D 242 -38.15 -2.57 5.14
N THR D 243 -38.27 -3.85 4.75
CA THR D 243 -37.08 -4.69 4.56
C THR D 243 -36.10 -4.07 3.57
N LEU D 244 -36.56 -3.23 2.65
CA LEU D 244 -35.68 -2.64 1.66
C LEU D 244 -34.73 -1.64 2.28
N PHE D 245 -35.28 -0.70 3.04
CA PHE D 245 -34.45 0.30 3.70
C PHE D 245 -33.58 -0.30 4.79
N GLU D 246 -34.06 -1.33 5.49
CA GLU D 246 -33.19 -2.04 6.42
C GLU D 246 -32.01 -2.67 5.68
N GLU D 247 -32.26 -3.29 4.53
CA GLU D 247 -31.14 -3.81 3.74
C GLU D 247 -30.14 -2.70 3.36
N LEU D 248 -30.59 -1.46 3.24
CA LEU D 248 -29.67 -0.38 2.94
C LEU D 248 -29.00 0.19 4.18
N GLY D 249 -29.24 -0.37 5.36
CA GLY D 249 -28.57 0.04 6.58
C GLY D 249 -29.30 1.05 7.42
N TRP D 250 -30.58 1.30 7.12
CA TRP D 250 -31.41 2.27 7.81
C TRP D 250 -32.41 1.59 8.74
N ASN D 251 -32.55 2.11 9.96
CA ASN D 251 -33.57 1.64 10.88
C ASN D 251 -34.93 2.16 10.43
N TYR D 252 -35.83 1.23 10.04
CA TYR D 252 -37.12 1.58 9.47
C TYR D 252 -38.20 1.59 10.55
N ILE D 253 -38.91 2.71 10.67
CA ILE D 253 -40.07 2.84 11.54
C ILE D 253 -41.25 3.37 10.71
N GLY D 254 -42.43 2.79 10.91
CA GLY D 254 -43.64 3.24 10.24
C GLY D 254 -44.29 2.12 9.47
N PRO D 255 -45.28 2.45 8.63
CA PRO D 255 -45.77 3.81 8.29
C PRO D 255 -46.69 4.38 9.36
N ILE D 256 -46.68 5.71 9.58
CA ILE D 256 -47.56 6.36 10.54
C ILE D 256 -48.44 7.39 9.84
N ASP D 257 -49.49 7.82 10.53
CA ASP D 257 -50.49 8.70 9.93
C ASP D 257 -50.01 10.14 10.03
N GLY D 258 -49.65 10.72 8.89
CA GLY D 258 -48.99 12.02 8.88
C GLY D 258 -49.85 13.20 9.32
N HIS D 259 -51.14 12.99 9.58
CA HIS D 259 -51.99 14.05 10.12
C HIS D 259 -52.50 13.70 11.52
N ASP D 260 -51.86 12.74 12.18
CA ASP D 260 -52.18 12.31 13.55
C ASP D 260 -51.12 12.95 14.45
N LEU D 261 -51.36 14.20 14.85
CA LEU D 261 -50.33 14.98 15.52
C LEU D 261 -49.75 14.29 16.75
N PRO D 262 -50.55 13.75 17.67
CA PRO D 262 -49.98 13.15 18.88
C PRO D 262 -49.05 11.99 18.58
N THR D 263 -49.38 11.19 17.57
CA THR D 263 -48.52 10.09 17.16
C THR D 263 -47.25 10.59 16.48
N LEU D 264 -47.36 11.65 15.67
CA LEU D 264 -46.17 12.23 15.06
C LEU D 264 -45.23 12.76 16.14
N VAL D 265 -45.78 13.57 17.05
CA VAL D 265 -44.98 14.16 18.12
C VAL D 265 -44.27 13.08 18.93
N ALA D 266 -45.00 12.02 19.31
CA ALA D 266 -44.42 10.99 20.16
C ALA D 266 -43.37 10.19 19.39
N THR D 267 -43.71 9.76 18.17
CA THR D 267 -42.77 9.00 17.35
C THR D 267 -41.50 9.81 17.05
N LEU D 268 -41.69 11.05 16.62
CA LEU D 268 -40.53 11.93 16.43
C LEU D 268 -39.71 12.01 17.71
N ARG D 269 -40.37 12.09 18.88
CA ARG D 269 -39.63 12.17 20.14
C ARG D 269 -38.73 10.96 20.32
N ASN D 270 -39.27 9.74 20.16
CA ASN D 270 -38.45 8.55 20.36
C ASN D 270 -37.31 8.48 19.36
N MET D 271 -37.53 8.97 18.14
CA MET D 271 -36.48 8.89 17.12
C MET D 271 -35.49 10.05 17.22
N ARG D 272 -35.90 11.17 17.81
CA ARG D 272 -34.99 12.30 17.91
C ARG D 272 -33.64 11.86 18.48
N ASP D 273 -33.66 10.99 19.48
CA ASP D 273 -32.43 10.64 20.16
C ASP D 273 -31.89 9.26 19.78
N MET D 274 -32.55 8.53 18.91
CA MET D 274 -31.94 7.30 18.43
C MET D 274 -30.67 7.64 17.64
N LYS D 275 -29.76 6.68 17.56
CA LYS D 275 -28.47 6.92 16.94
C LYS D 275 -28.44 6.25 15.58
N GLY D 276 -27.46 6.66 14.78
CA GLY D 276 -27.27 6.10 13.45
C GLY D 276 -28.36 6.45 12.47
N PRO D 277 -28.30 5.86 11.27
CA PRO D 277 -29.27 6.21 10.22
C PRO D 277 -30.68 5.75 10.58
N GLN D 278 -31.58 6.72 10.73
CA GLN D 278 -32.97 6.45 11.07
C GLN D 278 -33.90 6.84 9.93
N PHE D 279 -34.90 6.01 9.68
CA PHE D 279 -35.81 6.20 8.56
C PHE D 279 -37.23 6.14 9.08
N LEU D 280 -37.91 7.28 9.06
CA LEU D 280 -39.30 7.34 9.44
C LEU D 280 -40.14 7.36 8.18
N HIS D 281 -41.19 6.53 8.15
CA HIS D 281 -42.13 6.46 7.05
C HIS D 281 -43.44 7.07 7.51
N VAL D 282 -43.81 8.21 6.91
CA VAL D 282 -45.07 8.89 7.21
C VAL D 282 -45.94 8.90 5.95
N VAL D 283 -47.26 8.83 6.16
CA VAL D 283 -48.23 8.86 5.06
C VAL D 283 -49.11 10.08 5.19
N THR D 284 -49.27 10.83 4.09
CA THR D 284 -50.07 12.05 4.08
C THR D 284 -50.98 12.07 2.86
N LYS D 285 -51.89 13.03 2.85
CA LYS D 285 -52.80 13.21 1.74
C LYS D 285 -52.58 14.58 1.11
N LYS D 286 -52.22 14.58 -0.18
CA LYS D 286 -52.07 15.83 -0.92
C LYS D 286 -53.37 16.60 -0.94
N GLY D 287 -53.31 17.87 -0.60
CA GLY D 287 -54.50 18.68 -0.47
C GLY D 287 -55.28 18.42 0.79
N LYS D 288 -54.70 17.74 1.77
CA LYS D 288 -55.40 17.38 2.99
C LYS D 288 -56.07 18.60 3.60
N GLY D 289 -57.38 18.47 3.83
CA GLY D 289 -58.17 19.54 4.39
C GLY D 289 -58.85 20.43 3.37
N PHE D 290 -58.77 20.08 2.09
CA PHE D 290 -59.41 20.84 1.02
C PHE D 290 -59.91 19.85 -0.02
N ALA D 291 -61.22 19.65 -0.07
CA ALA D 291 -61.78 18.57 -0.88
C ALA D 291 -61.45 18.72 -2.35
N PRO D 292 -61.63 19.88 -2.98
CA PRO D 292 -61.30 19.99 -4.41
C PRO D 292 -59.86 19.57 -4.71
N ALA D 293 -58.94 19.75 -3.76
CA ALA D 293 -57.55 19.36 -3.95
C ALA D 293 -57.28 17.90 -3.59
N GLU D 294 -57.90 17.39 -2.52
CA GLU D 294 -57.80 15.97 -2.22
C GLU D 294 -58.28 15.14 -3.42
N LEU D 295 -59.30 15.62 -4.13
CA LEU D 295 -59.87 14.86 -5.24
C LEU D 295 -59.12 15.11 -6.56
N ASP D 296 -58.52 16.30 -6.74
CA ASP D 296 -57.71 16.60 -7.93
C ASP D 296 -56.32 17.09 -7.47
N PRO D 297 -55.43 16.16 -7.12
CA PRO D 297 -54.11 16.58 -6.65
C PRO D 297 -53.23 17.11 -7.75
N ILE D 298 -53.36 16.60 -8.97
CA ILE D 298 -52.67 17.14 -10.14
C ILE D 298 -52.99 18.63 -10.32
N GLY D 299 -54.27 18.95 -10.54
CA GLY D 299 -54.63 20.32 -10.85
C GLY D 299 -54.40 21.31 -9.73
N TYR D 300 -54.38 20.83 -8.47
CA TYR D 300 -54.17 21.66 -7.29
C TYR D 300 -52.74 21.57 -6.76
N HIS D 301 -51.83 21.01 -7.55
CA HIS D 301 -50.40 21.08 -7.24
C HIS D 301 -49.91 22.51 -7.20
N ALA D 302 -50.50 23.37 -8.04
CA ALA D 302 -50.30 24.81 -7.95
C ALA D 302 -51.55 25.52 -8.48
N ILE D 303 -51.90 26.64 -7.86
CA ILE D 303 -53.07 27.42 -8.22
C ILE D 303 -52.62 28.82 -8.58
N THR D 304 -53.27 29.40 -9.58
CA THR D 304 -53.10 30.82 -9.85
C THR D 304 -53.98 31.61 -8.89
N LYS D 305 -53.53 32.80 -8.53
CA LYS D 305 -54.27 33.56 -7.54
C LYS D 305 -55.69 33.89 -8.01
N LEU D 306 -56.56 34.15 -7.05
CA LEU D 306 -57.95 34.47 -7.34
C LEU D 306 -58.03 35.87 -7.94
N GLY D 317 -54.27 34.12 -25.45
CA GLY D 317 -53.11 34.00 -26.33
C GLY D 317 -53.06 32.75 -27.21
N GLY D 318 -51.88 32.42 -27.74
CA GLY D 318 -51.70 31.21 -28.51
C GLY D 318 -51.40 29.99 -27.65
N PRO D 319 -51.18 28.84 -28.27
CA PRO D 319 -50.84 27.64 -27.51
C PRO D 319 -49.47 27.77 -26.85
N LYS D 320 -49.37 27.18 -25.66
CA LYS D 320 -48.07 27.02 -24.99
C LYS D 320 -47.09 26.23 -25.85
N TYR D 321 -45.81 26.63 -25.81
CA TYR D 321 -44.82 25.92 -26.61
C TYR D 321 -44.87 24.42 -26.32
N SER D 322 -45.04 24.06 -25.04
CA SER D 322 -45.07 22.65 -24.65
C SER D 322 -46.22 21.91 -25.34
N SER D 323 -47.37 22.57 -25.47
CA SER D 323 -48.47 21.98 -26.23
C SER D 323 -48.17 21.85 -27.73
N VAL D 324 -47.42 22.81 -28.30
CA VAL D 324 -46.96 22.64 -29.68
C VAL D 324 -46.12 21.38 -29.80
N PHE D 325 -45.23 21.17 -28.82
CA PHE D 325 -44.41 19.97 -28.78
C PHE D 325 -45.30 18.74 -28.69
N GLY D 326 -46.24 18.75 -27.74
CA GLY D 326 -47.08 17.59 -27.52
C GLY D 326 -47.86 17.19 -28.77
N GLN D 327 -48.31 18.18 -29.52
CA GLN D 327 -49.04 17.91 -30.74
C GLN D 327 -48.10 17.37 -31.83
N TRP D 328 -46.92 17.99 -31.97
CA TRP D 328 -45.92 17.46 -32.90
C TRP D 328 -45.58 16.02 -32.55
N LEU D 329 -45.55 15.68 -31.26
CA LEU D 329 -45.18 14.35 -30.80
C LEU D 329 -46.23 13.32 -31.22
N CYS D 330 -47.51 13.63 -30.98
CA CYS D 330 -48.58 12.76 -31.45
C CYS D 330 -48.61 12.71 -32.97
N ASP D 331 -48.39 13.85 -33.63
CA ASP D 331 -48.47 13.88 -35.09
C ASP D 331 -47.35 13.02 -35.70
N MET D 332 -46.14 13.09 -35.15
CA MET D 332 -45.07 12.25 -35.72
C MET D 332 -45.29 10.78 -35.37
N ALA D 333 -45.81 10.52 -34.15
CA ALA D 333 -46.07 9.15 -33.74
C ALA D 333 -47.05 8.47 -34.68
N ALA D 334 -48.09 9.20 -35.10
CA ALA D 334 -49.08 8.69 -36.02
C ALA D 334 -48.50 8.35 -37.39
N GLN D 335 -47.33 8.88 -37.70
CA GLN D 335 -46.73 8.71 -38.99
C GLN D 335 -45.53 7.80 -39.02
N ASP D 336 -45.02 7.41 -37.86
CA ASP D 336 -43.72 6.75 -37.75
C ASP D 336 -43.78 5.94 -36.45
N ALA D 337 -43.96 4.64 -36.58
CA ALA D 337 -44.05 3.72 -35.46
C ALA D 337 -42.76 3.63 -34.66
N ARG D 338 -41.65 4.14 -35.21
CA ARG D 338 -40.38 4.11 -34.50
C ARG D 338 -40.33 5.08 -33.30
N LEU D 339 -41.19 6.10 -33.26
CA LEU D 339 -41.07 7.17 -32.27
C LEU D 339 -41.44 6.68 -30.88
N LEU D 340 -40.60 7.00 -29.91
CA LEU D 340 -40.80 6.72 -28.50
C LEU D 340 -40.64 8.00 -27.69
N GLY D 341 -41.58 8.27 -26.78
CA GLY D 341 -41.55 9.46 -25.93
C GLY D 341 -41.15 9.14 -24.50
N ILE D 342 -40.16 9.86 -24.00
CA ILE D 342 -39.59 9.67 -22.67
C ILE D 342 -39.67 10.99 -21.89
N THR D 343 -40.22 10.92 -20.66
CA THR D 343 -40.12 12.01 -19.68
C THR D 343 -39.64 11.49 -18.33
N PRO D 344 -38.83 12.29 -17.58
CA PRO D 344 -38.60 11.96 -16.17
C PRO D 344 -39.62 12.71 -15.28
N ALA D 345 -40.81 12.08 -15.11
CA ALA D 345 -41.85 12.52 -14.14
C ALA D 345 -42.39 13.93 -14.44
N MET D 346 -42.42 14.33 -15.72
CA MET D 346 -42.89 15.67 -16.10
C MET D 346 -43.88 15.57 -17.26
N LYS D 347 -44.81 14.62 -17.16
CA LYS D 347 -45.77 14.40 -18.24
C LYS D 347 -46.66 15.61 -18.46
N GLU D 348 -47.18 16.20 -17.39
CA GLU D 348 -48.03 17.36 -17.54
C GLU D 348 -47.25 18.56 -18.06
N GLY D 349 -46.09 18.82 -17.48
CA GLY D 349 -45.38 20.06 -17.78
C GLY D 349 -44.80 20.09 -19.18
N SER D 350 -44.08 19.03 -19.56
CA SER D 350 -43.60 18.88 -20.92
C SER D 350 -44.75 18.58 -21.87
N ASP D 351 -45.86 18.12 -21.32
CA ASP D 351 -47.11 17.95 -22.06
C ASP D 351 -47.09 16.74 -22.98
N LEU D 352 -46.77 15.55 -22.42
CA LEU D 352 -46.90 14.29 -23.13
C LEU D 352 -48.25 13.63 -22.89
N VAL D 353 -49.28 14.41 -22.57
CA VAL D 353 -50.52 13.83 -22.05
C VAL D 353 -51.25 13.07 -23.14
N ALA D 354 -51.62 13.75 -24.22
CA ALA D 354 -52.28 13.08 -25.33
C ALA D 354 -51.44 11.92 -25.84
N PHE D 355 -50.15 12.17 -26.07
CA PHE D 355 -49.26 11.10 -26.51
C PHE D 355 -49.39 9.87 -25.61
N SER D 356 -49.41 10.08 -24.29
CA SER D 356 -49.41 8.95 -23.37
C SER D 356 -50.73 8.19 -23.44
N GLU D 357 -51.81 8.88 -23.76
CA GLU D 357 -53.11 8.23 -23.87
C GLU D 357 -53.23 7.47 -25.19
N ARG D 358 -52.70 8.02 -26.29
CA ARG D 358 -52.90 7.43 -27.61
C ARG D 358 -51.85 6.37 -27.96
N TYR D 359 -50.66 6.44 -27.37
CA TYR D 359 -49.56 5.52 -27.67
C TYR D 359 -48.94 5.02 -26.37
N PRO D 360 -49.74 4.34 -25.53
CA PRO D 360 -49.24 3.96 -24.20
C PRO D 360 -48.03 3.05 -24.23
N GLU D 361 -47.92 2.16 -25.21
CA GLU D 361 -46.80 1.24 -25.33
C GLU D 361 -45.52 1.94 -25.81
N ARG D 362 -45.62 3.18 -26.27
CA ARG D 362 -44.46 3.97 -26.71
C ARG D 362 -44.20 5.17 -25.81
N TYR D 363 -44.76 5.16 -24.60
CA TYR D 363 -44.60 6.25 -23.65
C TYR D 363 -43.88 5.73 -22.41
N PHE D 364 -42.84 6.44 -21.99
CA PHE D 364 -42.01 6.01 -20.86
C PHE D 364 -41.80 7.15 -19.88
N ASP D 365 -42.32 6.98 -18.68
CA ASP D 365 -42.13 7.89 -17.55
C ASP D 365 -41.17 7.15 -16.64
N VAL D 366 -39.95 7.65 -16.52
CA VAL D 366 -38.88 6.95 -15.81
C VAL D 366 -38.79 7.41 -14.37
N ALA D 367 -39.77 8.18 -13.90
CA ALA D 367 -39.72 8.79 -12.58
C ALA D 367 -38.70 9.92 -12.63
N ILE D 368 -38.20 10.37 -11.48
CA ILE D 368 -37.31 11.51 -11.44
C ILE D 368 -35.89 10.97 -11.64
N ALA D 369 -35.62 10.48 -12.86
CA ALA D 369 -34.41 9.74 -13.19
C ALA D 369 -33.90 10.26 -14.53
N GLU D 370 -33.54 11.55 -14.55
CA GLU D 370 -33.05 12.17 -15.78
C GLU D 370 -31.91 11.36 -16.37
N GLN D 371 -31.00 10.89 -15.51
CA GLN D 371 -29.81 10.18 -15.99
C GLN D 371 -30.23 8.93 -16.77
N HIS D 372 -31.09 8.10 -16.17
CA HIS D 372 -31.53 6.89 -16.87
C HIS D 372 -32.37 7.22 -18.11
N ALA D 373 -33.21 8.26 -18.03
CA ALA D 373 -33.96 8.66 -19.22
C ALA D 373 -33.07 8.74 -20.46
N VAL D 374 -31.86 9.30 -20.30
CA VAL D 374 -31.04 9.57 -21.47
C VAL D 374 -30.33 8.31 -21.94
N THR D 375 -29.76 7.53 -21.01
CA THR D 375 -29.07 6.31 -21.43
C THR D 375 -30.08 5.29 -21.96
N LEU D 376 -31.23 5.14 -21.27
CA LEU D 376 -32.34 4.38 -21.85
C LEU D 376 -32.52 4.72 -23.32
N ALA D 377 -32.57 6.01 -23.65
CA ALA D 377 -32.87 6.40 -25.04
C ALA D 377 -31.73 6.02 -25.98
N ALA D 378 -30.49 6.16 -25.53
CA ALA D 378 -29.36 5.63 -26.30
C ALA D 378 -29.55 4.15 -26.60
N GLY D 379 -29.99 3.37 -25.61
CA GLY D 379 -30.22 1.96 -25.85
C GLY D 379 -31.28 1.71 -26.89
N MET D 380 -32.38 2.47 -26.84
CA MET D 380 -33.47 2.30 -27.80
C MET D 380 -32.99 2.63 -29.22
N ALA D 381 -32.18 3.67 -29.36
CA ALA D 381 -31.67 4.07 -30.65
C ALA D 381 -30.71 3.04 -31.23
N CYS D 382 -30.09 2.24 -30.38
CA CYS D 382 -29.19 1.21 -30.85
C CYS D 382 -29.95 0.16 -31.61
N GLU D 383 -31.22 -0.01 -31.31
CA GLU D 383 -32.07 -0.93 -32.03
C GLU D 383 -32.88 -0.27 -33.14
N GLY D 384 -32.57 0.97 -33.52
CA GLY D 384 -33.28 1.59 -34.64
C GLY D 384 -34.60 2.25 -34.28
N MET D 385 -34.95 2.33 -33.01
CA MET D 385 -36.10 3.14 -32.61
C MET D 385 -35.66 4.59 -32.48
N LYS D 386 -36.65 5.49 -32.51
CA LYS D 386 -36.38 6.93 -32.54
C LYS D 386 -36.90 7.60 -31.27
N PRO D 387 -36.11 7.59 -30.20
CA PRO D 387 -36.60 8.15 -28.92
C PRO D 387 -36.49 9.67 -28.88
N VAL D 388 -37.50 10.28 -28.24
CA VAL D 388 -37.55 11.71 -27.99
C VAL D 388 -37.58 11.88 -26.47
N VAL D 389 -36.53 12.48 -25.92
CA VAL D 389 -36.41 12.74 -24.48
C VAL D 389 -36.93 14.15 -24.23
N ALA D 390 -38.10 14.26 -23.61
CA ALA D 390 -38.67 15.55 -23.21
C ALA D 390 -38.10 15.90 -21.84
N ILE D 391 -37.49 17.08 -21.72
CA ILE D 391 -36.78 17.42 -20.48
C ILE D 391 -36.52 18.92 -20.41
N TYR D 392 -36.67 19.50 -19.21
CA TYR D 392 -36.38 20.93 -19.07
C TYR D 392 -34.88 21.16 -19.15
N SER D 393 -34.50 22.35 -19.65
CA SER D 393 -33.10 22.76 -19.63
C SER D 393 -32.45 22.58 -18.26
N THR D 394 -33.10 23.08 -17.20
CA THR D 394 -32.48 23.01 -15.88
C THR D 394 -32.25 21.55 -15.45
N PHE D 395 -33.18 20.66 -15.78
CA PHE D 395 -33.08 19.26 -15.35
C PHE D 395 -32.16 18.44 -16.26
N LEU D 396 -31.96 18.85 -17.51
CA LEU D 396 -30.95 18.19 -18.35
C LEU D 396 -29.55 18.34 -17.78
N GLN D 397 -29.32 19.36 -16.96
CA GLN D 397 -28.07 19.50 -16.22
C GLN D 397 -27.70 18.20 -15.56
N ARG D 398 -28.69 17.46 -15.09
CA ARG D 398 -28.44 16.28 -14.30
C ARG D 398 -28.14 15.04 -15.16
N ALA D 399 -28.43 15.07 -16.46
CA ALA D 399 -28.08 13.99 -17.37
C ALA D 399 -27.00 14.38 -18.35
N TYR D 400 -26.20 15.41 -18.02
CA TYR D 400 -25.17 15.86 -18.95
C TYR D 400 -24.23 14.72 -19.35
N ASP D 401 -23.81 13.89 -18.38
CA ASP D 401 -22.83 12.85 -18.67
C ASP D 401 -23.43 11.76 -19.55
N GLN D 402 -24.70 11.43 -19.33
CA GLN D 402 -25.33 10.47 -20.20
C GLN D 402 -25.50 11.02 -21.60
N LEU D 403 -25.79 12.32 -21.71
CA LEU D 403 -25.88 12.91 -23.06
C LEU D 403 -24.53 12.90 -23.76
N ILE D 404 -23.44 13.24 -23.05
CA ILE D 404 -22.12 13.31 -23.71
C ILE D 404 -21.61 11.90 -24.02
N HIS D 405 -21.47 11.08 -22.97
CA HIS D 405 -20.78 9.80 -23.07
C HIS D 405 -21.62 8.76 -23.82
N ASP D 406 -22.91 8.65 -23.47
CA ASP D 406 -23.74 7.59 -24.06
C ASP D 406 -24.43 7.99 -25.37
N VAL D 407 -24.82 9.25 -25.55
CA VAL D 407 -25.39 9.64 -26.83
C VAL D 407 -24.37 10.26 -27.78
N ALA D 408 -23.82 11.41 -27.42
CA ALA D 408 -23.01 12.15 -28.38
C ALA D 408 -21.73 11.41 -28.75
N VAL D 409 -21.09 10.73 -27.80
CA VAL D 409 -19.84 10.07 -28.15
C VAL D 409 -20.10 8.97 -29.17
N GLN D 410 -21.29 8.40 -29.14
CA GLN D 410 -21.65 7.33 -30.06
C GLN D 410 -22.45 7.87 -31.22
N HIS D 411 -22.64 9.19 -31.27
CA HIS D 411 -23.44 9.81 -32.30
C HIS D 411 -24.77 9.08 -32.49
N LEU D 412 -25.40 8.71 -31.38
CA LEU D 412 -26.68 8.00 -31.48
C LEU D 412 -27.83 8.96 -31.78
N ASP D 413 -28.86 8.42 -32.45
CA ASP D 413 -29.98 9.18 -32.97
C ASP D 413 -31.04 9.41 -31.90
N VAL D 414 -30.92 10.55 -31.21
CA VAL D 414 -31.79 10.88 -30.09
C VAL D 414 -32.14 12.36 -30.12
N LEU D 415 -33.43 12.68 -30.01
CA LEU D 415 -33.90 14.07 -29.99
C LEU D 415 -34.17 14.50 -28.56
N PHE D 416 -33.58 15.62 -28.16
CA PHE D 416 -33.91 16.22 -26.87
C PHE D 416 -34.80 17.42 -27.11
N ALA D 417 -36.04 17.35 -26.61
CA ALA D 417 -36.99 18.47 -26.63
C ALA D 417 -36.87 19.23 -25.31
N ILE D 418 -36.10 20.33 -25.34
CA ILE D 418 -35.64 21.04 -24.15
C ILE D 418 -36.58 22.21 -23.89
N ASP D 419 -37.52 22.04 -22.97
CA ASP D 419 -38.51 23.00 -22.51
C ASP D 419 -37.94 23.86 -21.36
N ARG D 420 -38.66 24.93 -21.02
CA ARG D 420 -38.26 25.84 -19.95
C ARG D 420 -36.83 26.32 -20.17
N ALA D 421 -36.56 26.66 -21.41
CA ALA D 421 -35.27 27.21 -21.80
C ALA D 421 -35.38 28.71 -21.66
N GLY D 422 -34.42 29.32 -20.97
CA GLY D 422 -34.43 30.72 -20.65
C GLY D 422 -34.97 30.94 -19.24
N LEU D 423 -35.51 32.16 -19.04
CA LEU D 423 -36.02 32.55 -17.72
C LEU D 423 -37.40 31.94 -17.51
N VAL D 424 -37.63 31.32 -16.34
CA VAL D 424 -38.87 30.58 -16.10
C VAL D 424 -39.81 31.32 -15.17
N GLY D 425 -39.47 32.53 -14.74
CA GLY D 425 -40.38 33.35 -13.94
C GLY D 425 -40.24 33.10 -12.44
N GLU D 426 -41.36 32.76 -11.80
CA GLU D 426 -41.45 32.84 -10.34
C GLU D 426 -40.73 31.71 -9.63
N ASP D 427 -40.57 30.55 -10.27
CA ASP D 427 -39.79 29.49 -9.66
C ASP D 427 -38.35 29.94 -9.40
N GLY D 428 -37.84 30.91 -10.15
CA GLY D 428 -36.57 31.53 -9.86
C GLY D 428 -35.35 30.79 -10.39
N PRO D 429 -34.17 31.10 -9.85
CA PRO D 429 -32.94 30.67 -10.51
C PRO D 429 -32.64 29.19 -10.38
N THR D 430 -33.23 28.48 -9.41
CA THR D 430 -32.98 27.05 -9.34
C THR D 430 -33.54 26.32 -10.55
N HIS D 431 -34.53 26.89 -11.23
CA HIS D 431 -35.16 26.25 -12.36
C HIS D 431 -34.86 26.94 -13.69
N ALA D 432 -34.00 27.95 -13.71
CA ALA D 432 -33.75 28.67 -14.96
C ALA D 432 -33.01 27.81 -15.99
N GLY D 433 -33.46 27.89 -17.25
CA GLY D 433 -32.77 27.27 -18.36
C GLY D 433 -31.75 28.16 -19.04
N SER D 434 -30.77 28.60 -18.27
CA SER D 434 -29.85 29.65 -18.67
C SER D 434 -28.62 29.14 -19.41
N PHE D 435 -28.41 27.84 -19.49
CA PHE D 435 -27.10 27.34 -19.86
C PHE D 435 -27.04 26.30 -20.95
N ASP D 436 -28.19 25.83 -21.46
CA ASP D 436 -28.15 24.65 -22.32
C ASP D 436 -27.51 24.94 -23.68
N ILE D 437 -27.64 26.15 -24.23
CA ILE D 437 -26.87 26.44 -25.44
C ILE D 437 -25.38 26.28 -25.17
N SER D 438 -24.88 26.88 -24.06
CA SER D 438 -23.44 26.83 -23.73
C SER D 438 -22.97 25.41 -23.47
N TYR D 439 -23.72 24.66 -22.67
CA TYR D 439 -23.21 23.34 -22.31
C TYR D 439 -23.42 22.31 -23.43
N LEU D 440 -24.38 22.52 -24.36
CA LEU D 440 -24.52 21.56 -25.45
C LEU D 440 -23.67 21.88 -26.66
N ARG D 441 -23.41 23.14 -26.97
CA ARG D 441 -22.79 23.39 -28.27
C ARG D 441 -21.31 23.08 -28.26
N CYS D 442 -20.69 22.97 -27.10
CA CYS D 442 -19.30 22.54 -27.01
C CYS D 442 -19.13 21.03 -27.14
N ILE D 443 -20.22 20.27 -27.30
CA ILE D 443 -20.19 18.82 -27.39
C ILE D 443 -20.24 18.41 -28.85
N PRO D 444 -19.22 17.73 -29.37
CA PRO D 444 -19.24 17.35 -30.79
C PRO D 444 -20.40 16.43 -31.12
N GLY D 445 -20.95 16.65 -32.32
CA GLY D 445 -22.03 15.86 -32.84
C GLY D 445 -23.41 16.41 -32.56
N MET D 446 -23.53 17.32 -31.57
CA MET D 446 -24.84 17.89 -31.26
C MET D 446 -25.26 18.84 -32.37
N LEU D 447 -26.48 18.64 -32.87
CA LEU D 447 -27.20 19.63 -33.68
C LEU D 447 -28.09 20.43 -32.73
N VAL D 448 -27.91 21.75 -32.70
CA VAL D 448 -28.43 22.60 -31.62
C VAL D 448 -29.30 23.72 -32.23
N MET D 449 -30.57 23.77 -31.85
CA MET D 449 -31.58 24.57 -32.53
C MET D 449 -32.37 25.44 -31.57
N THR D 450 -32.77 26.63 -32.08
CA THR D 450 -33.45 27.66 -31.29
C THR D 450 -34.63 28.24 -32.06
N PRO D 451 -35.78 27.54 -32.05
CA PRO D 451 -36.94 28.03 -32.81
C PRO D 451 -37.44 29.36 -32.27
N SER D 452 -37.97 30.20 -33.18
CA SER D 452 -38.38 31.57 -32.86
C SER D 452 -39.87 31.73 -32.56
N ASP D 453 -40.71 30.74 -32.89
CA ASP D 453 -42.15 30.78 -32.67
C ASP D 453 -42.73 29.36 -32.82
N GLU D 454 -44.04 29.25 -32.84
CA GLU D 454 -44.66 27.93 -32.77
C GLU D 454 -44.40 27.14 -34.03
N ASP D 455 -44.56 27.79 -35.20
CA ASP D 455 -44.28 27.14 -36.45
C ASP D 455 -42.84 26.69 -36.55
N GLU D 456 -41.90 27.50 -36.04
CA GLU D 456 -40.49 27.10 -36.12
C GLU D 456 -40.19 25.94 -35.16
N LEU D 457 -40.87 25.89 -34.02
CA LEU D 457 -40.68 24.78 -33.10
C LEU D 457 -41.10 23.47 -33.75
N ARG D 458 -42.27 23.47 -34.41
CA ARG D 458 -42.75 22.27 -35.10
C ARG D 458 -41.74 21.81 -36.15
N LYS D 459 -41.19 22.74 -36.91
CA LYS D 459 -40.29 22.41 -38.00
C LYS D 459 -38.92 21.96 -37.51
N LEU D 460 -38.43 22.56 -36.42
CA LEU D 460 -37.08 22.20 -35.99
C LEU D 460 -37.10 20.89 -35.20
N LEU D 461 -38.19 20.62 -34.48
CA LEU D 461 -38.42 19.29 -33.95
C LEU D 461 -38.36 18.25 -35.06
N THR D 462 -39.12 18.49 -36.16
CA THR D 462 -39.08 17.56 -37.29
C THR D 462 -37.67 17.48 -37.86
N THR D 463 -36.99 18.62 -37.97
CA THR D 463 -35.61 18.59 -38.47
C THR D 463 -34.70 17.75 -37.57
N GLY D 464 -34.77 17.94 -36.24
CA GLY D 464 -33.91 17.16 -35.35
C GLY D 464 -34.26 15.68 -35.32
N TYR D 465 -35.55 15.39 -35.22
CA TYR D 465 -36.00 14.00 -35.24
C TYR D 465 -35.43 13.28 -36.46
N LEU D 466 -35.62 13.84 -37.68
CA LEU D 466 -35.20 13.15 -38.88
C LEU D 466 -33.69 13.07 -39.01
N PHE D 467 -32.97 14.00 -38.39
CA PHE D 467 -31.52 13.97 -38.44
C PHE D 467 -30.98 12.71 -37.77
N ASP D 468 -29.98 12.12 -38.42
CA ASP D 468 -29.43 10.82 -37.99
C ASP D 468 -28.28 11.13 -37.06
N GLY D 469 -28.62 11.35 -35.80
CA GLY D 469 -27.65 11.80 -34.82
C GLY D 469 -28.31 12.63 -33.75
N PRO D 470 -27.53 13.07 -32.76
CA PRO D 470 -28.11 13.72 -31.57
C PRO D 470 -28.52 15.16 -31.87
N ALA D 471 -29.76 15.53 -31.49
CA ALA D 471 -30.27 16.87 -31.78
C ALA D 471 -31.04 17.45 -30.61
N ALA D 472 -30.93 18.75 -30.44
CA ALA D 472 -31.54 19.46 -29.31
C ALA D 472 -32.37 20.63 -29.83
N VAL D 473 -33.61 20.75 -29.35
CA VAL D 473 -34.50 21.84 -29.70
C VAL D 473 -34.94 22.51 -28.40
N ARG D 474 -34.53 23.77 -28.20
CA ARG D 474 -34.79 24.50 -26.97
C ARG D 474 -35.91 25.50 -27.15
N TYR D 475 -36.79 25.61 -26.16
CA TYR D 475 -37.92 26.54 -26.24
C TYR D 475 -38.38 26.92 -24.83
N PRO D 476 -39.02 28.09 -24.67
CA PRO D 476 -39.38 28.57 -23.34
C PRO D 476 -40.70 28.03 -22.81
N ARG D 477 -40.84 28.13 -21.50
CA ARG D 477 -42.15 28.10 -20.84
C ARG D 477 -43.07 29.18 -21.38
N GLY D 478 -44.37 28.95 -21.28
CA GLY D 478 -45.36 29.91 -21.71
C GLY D 478 -45.76 29.77 -23.17
N SER D 479 -46.50 30.76 -23.66
CA SER D 479 -46.94 30.77 -25.05
C SER D 479 -46.11 31.78 -25.85
N GLY D 480 -46.35 31.83 -27.16
CA GLY D 480 -45.54 32.61 -28.06
C GLY D 480 -46.27 33.76 -28.74
N PRO D 481 -45.74 34.20 -29.88
CA PRO D 481 -46.39 35.29 -30.63
C PRO D 481 -47.62 34.84 -31.41
N ASN D 482 -47.99 33.56 -31.27
CA ASN D 482 -49.23 33.04 -31.85
C ASN D 482 -49.26 33.27 -33.36
N HIS D 483 -48.21 32.83 -34.03
CA HIS D 483 -48.21 32.84 -35.48
C HIS D 483 -48.84 31.56 -35.99
N PRO D 484 -49.17 31.52 -37.27
CA PRO D 484 -49.69 30.27 -37.83
C PRO D 484 -48.68 29.15 -37.82
N ILE D 485 -49.17 27.96 -37.50
CA ILE D 485 -48.44 26.70 -37.59
C ILE D 485 -48.83 25.90 -38.84
N ASP D 486 -47.87 25.68 -39.72
CA ASP D 486 -48.04 24.75 -40.82
C ASP D 486 -48.27 23.32 -40.35
N PRO D 487 -49.39 22.68 -40.72
CA PRO D 487 -49.61 21.31 -40.22
C PRO D 487 -48.82 20.23 -40.92
N ASP D 488 -48.05 20.55 -41.97
CA ASP D 488 -47.16 19.56 -42.57
C ASP D 488 -46.11 19.12 -41.53
N LEU D 489 -45.38 18.04 -41.85
CA LEU D 489 -44.26 17.56 -41.04
C LEU D 489 -43.07 17.43 -41.96
N GLN D 490 -42.46 18.55 -42.30
CA GLN D 490 -41.29 18.51 -43.16
C GLN D 490 -40.16 19.25 -42.47
N PRO D 491 -38.93 18.79 -42.67
CA PRO D 491 -37.80 19.44 -42.04
C PRO D 491 -37.39 20.67 -42.83
N VAL D 492 -36.44 21.41 -42.28
CA VAL D 492 -35.85 22.53 -42.98
C VAL D 492 -34.34 22.27 -43.13
N GLU D 493 -33.72 23.05 -43.99
CA GLU D 493 -32.33 22.79 -44.30
C GLU D 493 -31.46 23.04 -43.07
N ILE D 494 -30.55 22.11 -42.80
CA ILE D 494 -29.72 22.17 -41.61
C ILE D 494 -28.59 23.17 -41.86
N GLY D 495 -28.33 24.00 -40.86
CA GLY D 495 -27.29 25.01 -40.93
C GLY D 495 -27.66 26.31 -41.62
N LYS D 496 -28.95 26.57 -41.86
CA LYS D 496 -29.37 27.74 -42.62
C LYS D 496 -30.33 28.60 -41.80
N GLY D 497 -29.97 29.89 -41.64
CA GLY D 497 -30.88 30.85 -41.07
C GLY D 497 -31.77 31.45 -42.12
N VAL D 498 -32.74 32.22 -41.65
CA VAL D 498 -33.77 32.83 -42.49
C VAL D 498 -33.70 34.34 -42.32
N VAL D 499 -33.37 35.08 -43.39
CA VAL D 499 -33.44 36.53 -43.29
C VAL D 499 -34.91 36.91 -43.13
N ARG D 500 -35.27 37.45 -41.98
CA ARG D 500 -36.64 37.88 -41.76
C ARG D 500 -36.87 39.30 -42.20
N ARG D 501 -35.80 40.03 -42.48
CA ARG D 501 -35.89 41.46 -42.68
C ARG D 501 -34.61 42.00 -43.29
N ARG D 502 -34.70 42.69 -44.43
CA ARG D 502 -33.53 43.25 -45.08
C ARG D 502 -33.50 44.74 -44.85
N GLY D 503 -32.44 45.17 -44.19
CA GLY D 503 -32.22 46.55 -43.85
C GLY D 503 -30.79 46.88 -44.15
N GLY D 504 -30.10 47.49 -43.20
CA GLY D 504 -28.79 48.04 -43.44
C GLY D 504 -28.11 48.49 -42.17
N ARG D 505 -26.80 48.58 -42.24
CA ARG D 505 -25.98 49.14 -41.19
C ARG D 505 -25.80 48.17 -40.03
N VAL D 506 -26.89 47.70 -39.42
CA VAL D 506 -26.81 46.84 -38.25
C VAL D 506 -27.70 45.63 -38.50
N ALA D 507 -27.17 44.45 -38.19
CA ALA D 507 -27.85 43.18 -38.38
C ALA D 507 -28.04 42.51 -37.02
N LEU D 508 -29.26 42.02 -36.76
CA LEU D 508 -29.60 41.36 -35.51
C LEU D 508 -29.66 39.85 -35.82
N LEU D 509 -28.76 39.09 -35.22
CA LEU D 509 -28.70 37.64 -35.40
C LEU D 509 -29.36 37.01 -34.18
N VAL D 510 -30.59 36.59 -34.35
CA VAL D 510 -31.43 36.14 -33.26
C VAL D 510 -31.46 34.62 -33.24
N PHE D 511 -31.22 34.06 -32.06
CA PHE D 511 -31.29 32.64 -31.78
C PHE D 511 -32.43 32.49 -30.77
N GLY D 512 -33.65 32.32 -31.27
CA GLY D 512 -34.77 31.99 -30.43
C GLY D 512 -35.84 33.09 -30.40
N VAL D 513 -36.55 33.14 -29.29
CA VAL D 513 -37.86 33.78 -29.27
C VAL D 513 -37.83 35.27 -29.00
N GLN D 514 -36.62 35.89 -28.90
CA GLN D 514 -36.56 37.35 -28.90
C GLN D 514 -36.76 37.93 -30.30
N LEU D 515 -36.97 37.09 -31.32
CA LEU D 515 -37.09 37.62 -32.68
C LEU D 515 -38.15 38.71 -32.78
N ALA D 516 -39.28 38.55 -32.11
CA ALA D 516 -40.36 39.52 -32.25
C ALA D 516 -39.97 40.89 -31.69
N GLU D 517 -39.24 40.89 -30.56
CA GLU D 517 -38.66 42.13 -30.04
C GLU D 517 -37.60 42.71 -30.98
N ALA D 518 -36.75 41.85 -31.56
CA ALA D 518 -35.76 42.34 -32.53
C ALA D 518 -36.43 43.02 -33.74
N MET D 519 -37.51 42.42 -34.23
CA MET D 519 -38.23 43.01 -35.36
C MET D 519 -38.77 44.40 -34.99
N LYS D 520 -39.27 44.56 -33.76
CA LYS D 520 -39.74 45.88 -33.31
C LYS D 520 -38.59 46.87 -33.30
N VAL D 521 -37.46 46.47 -32.72
CA VAL D 521 -36.28 47.34 -32.71
C VAL D 521 -35.89 47.71 -34.13
N ALA D 522 -35.94 46.74 -35.05
CA ALA D 522 -35.47 47.01 -36.40
C ALA D 522 -36.43 47.89 -37.20
N GLU D 523 -37.71 47.94 -36.83
CA GLU D 523 -38.58 48.96 -37.41
C GLU D 523 -37.96 50.35 -37.27
N SER D 524 -37.56 50.72 -36.05
CA SER D 524 -37.04 52.07 -35.83
C SER D 524 -35.62 52.24 -36.37
N LEU D 525 -34.77 51.19 -36.30
CA LEU D 525 -33.39 51.35 -36.74
C LEU D 525 -33.16 50.92 -38.20
N ASP D 526 -34.20 50.41 -38.86
CA ASP D 526 -34.10 49.79 -40.20
C ASP D 526 -33.01 48.74 -40.28
N ALA D 527 -32.95 47.89 -39.25
CA ALA D 527 -31.93 46.85 -39.19
C ALA D 527 -32.29 45.64 -40.05
N THR D 528 -31.27 44.96 -40.52
CA THR D 528 -31.42 43.58 -40.96
C THR D 528 -31.72 42.68 -39.75
N VAL D 529 -32.61 41.72 -39.94
CA VAL D 529 -32.91 40.75 -38.90
C VAL D 529 -32.83 39.33 -39.48
N VAL D 530 -32.07 38.47 -38.81
CA VAL D 530 -31.94 37.05 -39.17
C VAL D 530 -32.45 36.17 -38.04
N ASP D 531 -33.29 35.20 -38.40
CA ASP D 531 -33.75 34.10 -37.54
C ASP D 531 -32.80 32.94 -37.80
N MET D 532 -31.80 32.80 -36.92
CA MET D 532 -30.64 31.96 -37.16
C MET D 532 -30.99 30.48 -37.18
N ARG D 533 -31.94 30.05 -36.33
CA ARG D 533 -32.47 28.71 -36.31
C ARG D 533 -31.53 27.66 -35.70
N PHE D 534 -30.25 27.69 -36.11
CA PHE D 534 -29.25 26.72 -35.69
C PHE D 534 -28.09 27.44 -35.00
N VAL D 535 -27.75 27.00 -33.77
CA VAL D 535 -26.47 27.38 -33.18
C VAL D 535 -25.34 26.58 -33.80
N LYS D 536 -25.61 25.32 -34.06
CA LYS D 536 -24.62 24.32 -34.42
C LYS D 536 -25.39 23.28 -35.22
N PRO D 537 -25.05 23.11 -36.53
CA PRO D 537 -24.05 23.89 -37.26
C PRO D 537 -24.52 25.32 -37.55
N LEU D 538 -23.65 26.27 -37.26
CA LEU D 538 -23.90 27.68 -37.57
C LEU D 538 -23.99 27.93 -39.08
N ASP D 539 -24.85 28.90 -39.46
CA ASP D 539 -24.97 29.34 -40.85
C ASP D 539 -23.79 30.26 -41.15
N GLU D 540 -22.63 29.64 -41.34
CA GLU D 540 -21.39 30.40 -41.52
C GLU D 540 -21.47 31.28 -42.77
N ALA D 541 -22.09 30.81 -43.84
CA ALA D 541 -22.08 31.60 -45.06
C ALA D 541 -22.91 32.88 -44.94
N LEU D 542 -24.02 32.84 -44.20
CA LEU D 542 -24.80 34.06 -43.96
C LEU D 542 -24.05 35.02 -43.03
N VAL D 543 -23.43 34.50 -41.97
CA VAL D 543 -22.69 35.38 -41.07
C VAL D 543 -21.59 36.11 -41.83
N ARG D 544 -20.93 35.41 -42.77
CA ARG D 544 -19.81 35.99 -43.52
C ARG D 544 -20.28 37.09 -44.44
N GLU D 545 -21.39 36.87 -45.13
CA GLU D 545 -21.98 37.91 -45.95
C GLU D 545 -22.43 39.10 -45.10
N LEU D 546 -23.04 38.82 -43.95
CA LEU D 546 -23.53 39.89 -43.12
C LEU D 546 -22.38 40.67 -42.52
N ALA D 547 -21.31 39.99 -42.16
CA ALA D 547 -20.15 40.69 -41.63
C ALA D 547 -19.52 41.61 -42.68
N GLY D 548 -19.57 41.24 -43.96
CA GLY D 548 -18.97 42.07 -44.99
C GLY D 548 -19.83 43.25 -45.43
N SER D 549 -21.10 43.25 -45.05
CA SER D 549 -22.05 44.26 -45.51
C SER D 549 -22.67 45.12 -44.42
N HIS D 550 -22.36 44.91 -43.14
CA HIS D 550 -22.91 45.73 -42.05
C HIS D 550 -21.76 46.31 -41.22
N GLU D 551 -22.07 47.32 -40.40
CA GLU D 551 -21.11 47.87 -39.47
C GLU D 551 -21.18 47.26 -38.07
N LEU D 552 -22.22 46.48 -37.78
CA LEU D 552 -22.42 45.96 -36.43
C LEU D 552 -23.20 44.67 -36.57
N LEU D 553 -22.72 43.59 -35.92
CA LEU D 553 -23.52 42.40 -35.71
C LEU D 553 -23.93 42.34 -34.25
N VAL D 554 -25.20 42.04 -34.03
CA VAL D 554 -25.78 41.97 -32.70
C VAL D 554 -26.40 40.58 -32.56
N THR D 555 -25.88 39.78 -31.64
CA THR D 555 -26.44 38.47 -31.41
C THR D 555 -27.35 38.55 -30.20
N ILE D 556 -28.44 37.79 -30.25
CA ILE D 556 -29.45 37.81 -29.21
C ILE D 556 -29.85 36.37 -28.89
N GLU D 557 -29.96 36.08 -27.60
CA GLU D 557 -30.28 34.72 -27.17
C GLU D 557 -30.82 34.77 -25.76
N GLU D 558 -31.64 33.79 -25.41
CA GLU D 558 -32.08 33.66 -24.04
C GLU D 558 -31.29 32.54 -23.36
N ASN D 559 -30.00 32.85 -23.19
CA ASN D 559 -29.01 31.92 -22.65
C ASN D 559 -27.84 32.77 -22.18
N ALA D 560 -27.08 32.23 -21.23
CA ALA D 560 -25.83 32.89 -20.83
C ALA D 560 -25.09 33.43 -22.05
N VAL D 561 -24.62 34.67 -21.94
CA VAL D 561 -23.69 35.18 -22.93
C VAL D 561 -22.41 34.34 -22.96
N MET D 562 -21.92 33.98 -21.78
CA MET D 562 -20.67 33.21 -21.69
C MET D 562 -20.91 31.81 -22.27
N GLY D 563 -20.15 31.47 -23.32
CA GLY D 563 -20.26 30.21 -24.02
C GLY D 563 -21.46 30.06 -24.91
N GLY D 564 -22.31 31.10 -25.03
CA GLY D 564 -23.61 30.96 -25.64
C GLY D 564 -23.53 31.08 -27.16
N ALA D 565 -24.70 31.30 -27.78
CA ALA D 565 -24.77 31.26 -29.23
C ALA D 565 -24.02 32.44 -29.85
N GLY D 566 -24.13 33.62 -29.26
CA GLY D 566 -23.38 34.74 -29.80
C GLY D 566 -21.90 34.46 -29.83
N SER D 567 -21.40 33.71 -28.85
CA SER D 567 -19.99 33.34 -28.82
C SER D 567 -19.61 32.36 -29.95
N ALA D 568 -20.56 31.59 -30.48
CA ALA D 568 -20.24 30.75 -31.65
C ALA D 568 -20.06 31.62 -32.89
N VAL D 569 -20.93 32.62 -33.07
CA VAL D 569 -20.66 33.68 -34.03
C VAL D 569 -19.28 34.28 -33.80
N GLY D 570 -19.00 34.63 -32.54
CA GLY D 570 -17.72 35.26 -32.22
C GLY D 570 -16.56 34.36 -32.63
N GLU D 571 -16.67 33.06 -32.33
CA GLU D 571 -15.61 32.11 -32.69
C GLU D 571 -15.44 32.05 -34.20
N PHE D 572 -16.55 32.10 -34.94
CA PHE D 572 -16.48 31.99 -36.38
C PHE D 572 -15.87 33.22 -37.01
N LEU D 573 -16.18 34.40 -36.48
CA LEU D 573 -15.56 35.63 -36.95
C LEU D 573 -14.05 35.62 -36.69
N ALA D 574 -13.64 35.17 -35.50
CA ALA D 574 -12.21 35.19 -35.18
C ALA D 574 -11.43 34.27 -36.12
N SER D 575 -11.97 33.08 -36.37
CA SER D 575 -11.24 32.07 -37.11
C SER D 575 -11.06 32.42 -38.57
N GLU D 576 -11.93 33.26 -39.15
CA GLU D 576 -11.78 33.79 -40.49
C GLU D 576 -11.21 35.20 -40.52
N GLY D 577 -10.86 35.78 -39.38
CA GLY D 577 -10.30 37.12 -39.39
C GLY D 577 -11.26 38.20 -39.88
N LEU D 578 -12.56 38.00 -39.70
CA LEU D 578 -13.56 39.03 -39.96
C LEU D 578 -13.64 39.93 -38.73
N GLU D 579 -13.35 41.22 -38.92
CA GLU D 579 -13.14 42.15 -37.81
C GLU D 579 -14.30 43.12 -37.63
N VAL D 580 -15.52 42.67 -37.83
CA VAL D 580 -16.70 43.52 -37.72
C VAL D 580 -17.11 43.58 -36.26
N PRO D 581 -17.62 44.71 -35.80
CA PRO D 581 -18.05 44.82 -34.41
C PRO D 581 -19.13 43.82 -34.07
N LEU D 582 -19.08 43.31 -32.83
CA LEU D 582 -19.99 42.29 -32.34
C LEU D 582 -20.49 42.69 -30.96
N LEU D 583 -21.81 42.72 -30.82
CA LEU D 583 -22.52 43.05 -29.59
C LEU D 583 -23.28 41.80 -29.21
N GLN D 584 -23.00 41.21 -28.03
CA GLN D 584 -23.62 39.95 -27.63
C GLN D 584 -24.65 40.24 -26.55
N LEU D 585 -25.93 40.02 -26.85
CA LEU D 585 -27.02 40.20 -25.88
C LEU D 585 -27.55 38.84 -25.43
N GLY D 586 -27.74 38.70 -24.13
CA GLY D 586 -28.13 37.41 -23.56
C GLY D 586 -28.27 37.54 -22.05
N LEU D 587 -28.31 36.40 -21.36
CA LEU D 587 -28.43 36.49 -19.91
C LEU D 587 -27.08 36.84 -19.27
N PRO D 588 -27.08 37.69 -18.23
CA PRO D 588 -25.82 38.10 -17.62
C PRO D 588 -25.28 36.99 -16.72
N ASP D 589 -24.07 37.23 -16.21
CA ASP D 589 -23.38 36.23 -15.39
C ASP D 589 -23.75 36.37 -13.92
N TYR D 590 -25.05 36.24 -13.62
CA TYR D 590 -25.53 36.14 -12.25
C TYR D 590 -26.86 35.41 -12.23
N TYR D 591 -27.37 35.16 -11.03
CA TYR D 591 -28.64 34.44 -10.86
C TYR D 591 -29.75 35.46 -10.73
N VAL D 592 -30.66 35.43 -11.70
CA VAL D 592 -31.72 36.43 -11.82
C VAL D 592 -32.78 36.06 -10.78
N GLU D 593 -33.09 37.03 -9.93
CA GLU D 593 -34.09 36.87 -8.89
C GLU D 593 -35.49 36.66 -9.45
N HIS D 594 -36.28 35.85 -8.74
CA HIS D 594 -37.63 35.53 -9.21
C HIS D 594 -38.45 36.80 -9.40
N ALA D 595 -39.36 36.74 -10.38
CA ALA D 595 -40.29 37.80 -10.72
C ALA D 595 -41.18 37.30 -11.86
N LYS D 596 -42.07 38.15 -12.36
CA LYS D 596 -42.75 37.81 -13.61
C LYS D 596 -41.71 37.63 -14.73
N PRO D 597 -41.97 36.70 -15.66
CA PRO D 597 -41.06 36.59 -16.83
C PRO D 597 -40.74 37.93 -17.50
N SER D 598 -41.75 38.76 -17.74
CA SER D 598 -41.52 40.04 -18.40
C SER D 598 -40.54 40.92 -17.62
N GLU D 599 -40.55 40.83 -16.28
CA GLU D 599 -39.66 41.65 -15.48
C GLU D 599 -38.23 41.11 -15.50
N MET D 600 -38.07 39.79 -15.40
CA MET D 600 -36.74 39.20 -15.52
C MET D 600 -36.13 39.51 -16.88
N LEU D 601 -36.91 39.40 -17.97
CA LEU D 601 -36.37 39.75 -19.29
C LEU D 601 -36.01 41.24 -19.38
N ALA D 602 -36.86 42.12 -18.85
CA ALA D 602 -36.55 43.55 -18.86
C ALA D 602 -35.25 43.82 -18.13
N GLU D 603 -35.10 43.25 -16.93
CA GLU D 603 -33.83 43.30 -16.21
C GLU D 603 -32.67 42.89 -17.10
N CYS D 604 -32.81 41.75 -17.75
CA CYS D 604 -31.73 41.24 -18.58
C CYS D 604 -31.63 41.94 -19.92
N GLY D 605 -32.45 42.96 -20.15
CA GLY D 605 -32.31 43.73 -21.35
C GLY D 605 -32.78 43.03 -22.60
N LEU D 606 -33.56 41.96 -22.46
CA LEU D 606 -34.01 41.17 -23.61
C LEU D 606 -35.42 41.50 -24.05
N ASP D 607 -35.91 42.70 -23.74
CA ASP D 607 -37.13 43.21 -24.36
C ASP D 607 -36.74 44.26 -25.36
N ALA D 608 -37.71 44.70 -26.17
CA ALA D 608 -37.39 45.61 -27.26
C ALA D 608 -36.67 46.85 -26.74
N ALA D 609 -37.14 47.42 -25.63
CA ALA D 609 -36.51 48.64 -25.13
C ALA D 609 -35.06 48.39 -24.69
N GLY D 610 -34.80 47.23 -24.05
CA GLY D 610 -33.44 46.88 -23.68
C GLY D 610 -32.54 46.67 -24.89
N ILE D 611 -33.02 45.91 -25.87
CA ILE D 611 -32.24 45.64 -27.07
C ILE D 611 -31.93 46.94 -27.82
N GLU D 612 -32.95 47.81 -27.98
CA GLU D 612 -32.75 49.07 -28.71
C GLU D 612 -31.73 49.95 -28.00
N LYS D 613 -31.83 50.04 -26.66
CA LYS D 613 -30.84 50.81 -25.90
C LYS D 613 -29.43 50.27 -26.10
N ALA D 614 -29.24 48.94 -26.03
CA ALA D 614 -27.89 48.39 -26.20
C ALA D 614 -27.36 48.65 -27.61
N VAL D 615 -28.19 48.43 -28.63
CA VAL D 615 -27.73 48.62 -30.00
C VAL D 615 -27.36 50.09 -30.24
N ARG D 616 -28.22 51.02 -29.80
CA ARG D 616 -27.98 52.43 -30.09
C ARG D 616 -26.71 52.91 -29.39
N GLN D 617 -26.48 52.44 -28.17
CA GLN D 617 -25.25 52.79 -27.46
C GLN D 617 -24.03 52.27 -28.20
N ARG D 618 -24.01 50.97 -28.53
CA ARG D 618 -22.87 50.46 -29.29
C ARG D 618 -22.67 51.27 -30.57
N LEU D 619 -23.76 51.64 -31.24
CA LEU D 619 -23.58 52.31 -32.51
C LEU D 619 -22.97 53.68 -32.29
N ASP D 620 -23.37 54.36 -31.22
CA ASP D 620 -22.91 55.71 -30.91
C ASP D 620 -21.45 55.72 -30.45
N ARG D 621 -20.90 54.55 -30.11
CA ARG D 621 -19.56 54.42 -29.59
C ARG D 621 -18.52 54.04 -30.64
N GLN D 622 -18.92 53.75 -31.87
CA GLN D 622 -17.94 53.38 -32.90
C GLN D 622 -17.88 54.44 -33.98
N MET E 29 50.35 -12.73 -5.95
CA MET E 29 50.64 -13.60 -4.81
C MET E 29 50.09 -13.05 -3.50
N PRO E 30 49.22 -13.82 -2.83
CA PRO E 30 48.57 -13.31 -1.62
C PRO E 30 49.54 -13.26 -0.45
N LYS E 31 49.46 -12.18 0.33
CA LYS E 31 50.11 -12.11 1.62
C LYS E 31 49.23 -12.76 2.69
N THR E 32 49.86 -13.19 3.79
CA THR E 32 49.17 -13.51 5.04
C THR E 32 49.76 -12.70 6.15
N LEU E 33 48.93 -12.25 7.07
CA LEU E 33 49.45 -11.67 8.30
C LEU E 33 49.61 -12.76 9.36
N HIS E 34 50.41 -12.46 10.38
CA HIS E 34 50.58 -13.27 11.57
C HIS E 34 50.20 -12.52 12.84
N GLU E 35 49.79 -11.24 12.73
CA GLU E 35 49.56 -10.35 13.87
C GLU E 35 48.34 -9.48 13.62
N ILE E 36 47.54 -9.30 14.66
CA ILE E 36 46.26 -8.58 14.56
C ILE E 36 46.47 -7.08 14.71
N PRO E 37 45.99 -6.27 13.77
CA PRO E 37 46.09 -4.80 13.93
C PRO E 37 45.43 -4.28 15.19
N ARG E 38 46.14 -3.36 15.87
CA ARG E 38 45.64 -2.73 17.08
C ARG E 38 45.01 -1.36 16.87
N GLU E 39 45.19 -0.75 15.71
CA GLU E 39 44.53 0.52 15.44
C GLU E 39 43.79 0.45 14.12
N ARG E 40 42.76 1.31 14.02
CA ARG E 40 41.91 1.38 12.85
C ARG E 40 42.74 1.40 11.58
N PRO E 41 42.67 0.36 10.75
CA PRO E 41 43.41 0.40 9.49
C PRO E 41 42.83 1.45 8.56
N ALA E 42 43.70 1.93 7.67
CA ALA E 42 43.32 2.87 6.63
C ALA E 42 42.60 2.10 5.54
N THR E 43 41.29 2.30 5.43
CA THR E 43 40.46 1.56 4.48
C THR E 43 39.64 2.54 3.65
N PRO E 44 40.30 3.33 2.79
CA PRO E 44 39.56 4.37 2.06
C PRO E 44 38.49 3.81 1.13
N LEU E 45 38.73 2.66 0.51
CA LEU E 45 37.76 2.13 -0.42
C LEU E 45 36.66 1.36 0.30
N LEU E 46 37.01 0.57 1.32
CA LEU E 46 35.97 0.01 2.18
C LEU E 46 35.00 1.10 2.64
N ASP E 47 35.54 2.27 3.01
CA ASP E 47 34.71 3.36 3.54
C ASP E 47 33.76 3.93 2.49
N ARG E 48 34.03 3.71 1.21
CA ARG E 48 33.11 4.06 0.14
C ARG E 48 32.12 2.95 -0.20
N ALA E 49 32.27 1.77 0.40
CA ALA E 49 31.34 0.66 0.20
C ALA E 49 30.60 0.38 1.50
N SER E 50 29.88 1.38 2.01
CA SER E 50 29.16 1.29 3.27
C SER E 50 27.87 0.50 3.15
N SER E 51 27.40 0.29 1.93
CA SER E 51 26.17 -0.45 1.68
C SER E 51 26.28 -1.09 0.31
N PRO E 52 25.46 -2.10 0.03
CA PRO E 52 25.54 -2.78 -1.27
C PRO E 52 25.41 -1.86 -2.47
N ALA E 53 24.52 -0.86 -2.44
CA ALA E 53 24.39 0.00 -3.61
C ALA E 53 25.65 0.82 -3.85
N GLU E 54 26.30 1.30 -2.79
CA GLU E 54 27.59 1.98 -2.94
C GLU E 54 28.66 1.00 -3.43
N LEU E 55 28.70 -0.21 -2.87
CA LEU E 55 29.65 -1.20 -3.36
C LEU E 55 29.46 -1.43 -4.85
N ARG E 56 28.21 -1.51 -5.29
CA ARG E 56 27.90 -1.82 -6.68
C ARG E 56 28.23 -0.69 -7.64
N ARG E 57 28.68 0.46 -7.14
CA ARG E 57 29.19 1.52 -8.01
C ARG E 57 30.69 1.45 -8.20
N LEU E 58 31.42 0.77 -7.32
CA LEU E 58 32.84 0.55 -7.58
C LEU E 58 33.02 -0.31 -8.83
N GLY E 59 34.25 -0.36 -9.30
CA GLY E 59 34.59 -1.07 -10.51
C GLY E 59 35.16 -2.44 -10.18
N GLU E 60 34.95 -3.39 -11.10
CA GLU E 60 35.34 -4.75 -10.82
C GLU E 60 36.80 -4.86 -10.44
N ALA E 61 37.66 -4.00 -10.98
CA ALA E 61 39.09 -4.13 -10.73
C ALA E 61 39.50 -3.63 -9.35
N ASP E 62 38.66 -2.88 -8.68
CA ASP E 62 38.95 -2.45 -7.32
C ASP E 62 38.52 -3.46 -6.26
N LEU E 63 37.77 -4.50 -6.62
CA LEU E 63 37.20 -5.37 -5.62
C LEU E 63 38.27 -6.09 -4.83
N GLU E 64 39.38 -6.45 -5.46
CA GLU E 64 40.43 -7.16 -4.73
C GLU E 64 41.09 -6.26 -3.70
N THR E 65 41.33 -4.99 -4.05
CA THR E 65 41.81 -4.03 -3.06
C THR E 65 40.78 -3.89 -1.93
N LEU E 66 39.51 -3.84 -2.27
CA LEU E 66 38.45 -3.82 -1.26
C LEU E 66 38.53 -5.05 -0.37
N ALA E 67 38.83 -6.22 -0.95
CA ALA E 67 38.95 -7.43 -0.14
C ALA E 67 40.06 -7.31 0.91
N ASP E 68 41.24 -6.81 0.51
CA ASP E 68 42.31 -6.63 1.49
C ASP E 68 41.88 -5.68 2.60
N GLU E 69 41.18 -4.60 2.23
CA GLU E 69 40.81 -3.63 3.25
C GLU E 69 39.79 -4.22 4.19
N LEU E 70 38.75 -4.86 3.64
CA LEU E 70 37.73 -5.48 4.51
C LEU E 70 38.37 -6.49 5.45
N ARG E 71 39.26 -7.32 4.92
CA ARG E 71 39.99 -8.28 5.74
C ARG E 71 40.78 -7.57 6.84
N GLN E 72 41.55 -6.54 6.50
CA GLN E 72 42.26 -5.78 7.53
C GLN E 72 41.30 -5.25 8.58
N TYR E 73 40.20 -4.63 8.12
CA TYR E 73 39.26 -4.04 9.08
C TYR E 73 38.56 -5.12 9.90
N LEU E 74 38.29 -6.28 9.30
CA LEU E 74 37.69 -7.37 10.09
C LEU E 74 38.63 -7.80 11.21
N LEU E 75 39.91 -8.02 10.90
CA LEU E 75 40.86 -8.39 11.94
C LEU E 75 40.85 -7.35 13.05
N TYR E 76 40.92 -6.06 12.67
CA TYR E 76 40.99 -4.99 13.67
C TYR E 76 39.77 -5.01 14.58
N THR E 77 38.57 -5.02 14.01
CA THR E 77 37.39 -4.82 14.84
C THR E 77 37.14 -6.03 15.74
N VAL E 78 37.29 -7.25 15.22
CA VAL E 78 37.11 -8.39 16.11
C VAL E 78 38.18 -8.37 17.19
N GLY E 79 39.39 -7.87 16.86
CA GLY E 79 40.41 -7.70 17.88
C GLY E 79 40.02 -6.67 18.93
N GLN E 80 39.16 -5.73 18.57
CA GLN E 80 38.64 -4.77 19.53
C GLN E 80 37.54 -5.35 20.40
N THR E 81 36.63 -6.13 19.82
CA THR E 81 35.46 -6.58 20.56
C THR E 81 35.49 -8.06 20.94
N GLY E 82 36.29 -8.88 20.30
CA GLY E 82 36.11 -10.31 20.38
C GLY E 82 34.91 -10.71 19.56
N GLY E 83 34.80 -12.04 19.35
CA GLY E 83 33.71 -12.61 18.57
C GLY E 83 34.22 -13.66 17.62
N HIS E 84 33.38 -14.01 16.66
CA HIS E 84 33.76 -15.01 15.67
C HIS E 84 34.73 -14.43 14.65
N PHE E 85 35.66 -15.26 14.19
CA PHE E 85 36.89 -14.79 13.55
C PHE E 85 37.18 -15.56 12.27
N GLY E 86 37.42 -16.87 12.35
CA GLY E 86 37.97 -17.59 11.22
C GLY E 86 37.02 -17.74 10.06
N ALA E 87 35.73 -17.97 10.34
CA ALA E 87 34.79 -18.19 9.24
C ALA E 87 34.52 -16.90 8.45
N GLY E 88 34.48 -15.75 9.14
CA GLY E 88 34.32 -14.48 8.42
C GLY E 88 35.45 -14.21 7.45
N LEU E 89 36.68 -14.52 7.86
CA LEU E 89 37.84 -14.35 7.00
C LEU E 89 37.74 -15.25 5.77
N GLY E 90 37.05 -16.38 5.89
CA GLY E 90 36.91 -17.28 4.75
C GLY E 90 35.88 -16.84 3.72
N VAL E 91 34.99 -15.90 4.08
CA VAL E 91 33.96 -15.41 3.16
C VAL E 91 34.15 -13.94 2.81
N VAL E 92 35.31 -13.35 3.07
CA VAL E 92 35.52 -11.96 2.63
C VAL E 92 35.19 -11.83 1.14
N GLU E 93 35.87 -12.62 0.30
CA GLU E 93 35.68 -12.47 -1.15
C GLU E 93 34.29 -12.91 -1.57
N LEU E 94 33.81 -14.02 -1.02
CA LEU E 94 32.44 -14.45 -1.32
C LEU E 94 31.44 -13.36 -0.95
N THR E 95 31.55 -12.79 0.25
CA THR E 95 30.59 -11.75 0.61
C THR E 95 30.62 -10.59 -0.36
N ILE E 96 31.82 -10.16 -0.76
CA ILE E 96 31.94 -9.01 -1.66
C ILE E 96 31.29 -9.35 -2.99
N ALA E 97 31.57 -10.55 -3.51
CA ALA E 97 31.01 -10.91 -4.82
C ALA E 97 29.49 -11.03 -4.75
N LEU E 98 28.94 -11.42 -3.60
CA LEU E 98 27.49 -11.60 -3.51
C LEU E 98 26.77 -10.25 -3.56
N HIS E 99 27.23 -9.28 -2.80
CA HIS E 99 26.57 -8.00 -2.81
C HIS E 99 26.90 -7.16 -4.05
N TYR E 100 27.95 -7.49 -4.78
CA TYR E 100 28.21 -6.80 -6.05
C TYR E 100 27.34 -7.34 -7.19
N VAL E 101 27.03 -8.64 -7.20
CA VAL E 101 26.32 -9.21 -8.33
C VAL E 101 24.80 -9.20 -8.15
N PHE E 102 24.33 -9.35 -6.92
CA PHE E 102 22.92 -9.49 -6.59
C PHE E 102 22.36 -8.16 -6.10
N ASP E 103 21.10 -7.89 -6.47
CA ASP E 103 20.47 -6.62 -6.20
C ASP E 103 19.94 -6.65 -4.75
N THR E 104 20.89 -6.54 -3.81
CA THR E 104 20.42 -6.55 -2.42
C THR E 104 20.07 -5.14 -1.98
N PRO E 105 19.05 -4.98 -1.12
CA PRO E 105 18.31 -6.02 -0.41
C PRO E 105 17.07 -6.63 -1.04
N ASP E 106 16.68 -6.28 -2.28
CA ASP E 106 15.50 -6.90 -2.90
C ASP E 106 15.75 -8.37 -3.20
N ASP E 107 16.90 -8.67 -3.79
CA ASP E 107 17.36 -10.06 -3.86
C ASP E 107 17.69 -10.55 -2.46
N ARG E 108 17.25 -11.76 -2.15
CA ARG E 108 17.24 -12.26 -0.79
C ARG E 108 18.44 -13.17 -0.56
N LEU E 109 19.29 -12.75 0.38
CA LEU E 109 20.48 -13.44 0.79
C LEU E 109 20.25 -13.99 2.18
N VAL E 110 20.52 -15.28 2.38
CA VAL E 110 20.36 -15.91 3.69
C VAL E 110 21.67 -16.60 4.08
N TRP E 111 22.17 -16.26 5.26
CA TRP E 111 23.44 -16.79 5.78
C TRP E 111 23.15 -17.88 6.82
N ASP E 112 23.71 -19.06 6.61
CA ASP E 112 23.54 -20.18 7.53
C ASP E 112 24.39 -19.99 8.77
N VAL E 113 23.79 -20.18 9.94
CA VAL E 113 24.39 -19.97 11.25
C VAL E 113 24.65 -18.48 11.52
N GLY E 114 25.38 -17.81 10.61
CA GLY E 114 25.55 -16.38 10.68
C GLY E 114 26.82 -15.92 11.36
N HIS E 115 27.57 -16.85 11.96
CA HIS E 115 28.85 -16.49 12.57
C HIS E 115 29.89 -16.04 11.55
N GLN E 116 29.65 -16.26 10.25
CA GLN E 116 30.55 -15.81 9.19
C GLN E 116 30.09 -14.50 8.57
N ALA E 117 29.10 -13.84 9.15
CA ALA E 117 28.38 -12.76 8.51
C ALA E 117 28.88 -11.37 8.94
N TYR E 118 30.01 -11.28 9.65
CA TYR E 118 30.59 -9.98 9.94
C TYR E 118 30.92 -9.22 8.65
N PRO E 119 31.58 -9.82 7.65
CA PRO E 119 31.79 -9.08 6.40
C PRO E 119 30.49 -8.59 5.83
N HIS E 120 29.45 -9.44 5.86
CA HIS E 120 28.10 -9.00 5.51
C HIS E 120 27.71 -7.74 6.28
N LYS E 121 27.85 -7.76 7.61
CA LYS E 121 27.45 -6.58 8.40
C LYS E 121 28.30 -5.35 8.05
N ILE E 122 29.62 -5.53 7.90
CA ILE E 122 30.47 -4.40 7.53
C ILE E 122 29.98 -3.73 6.24
N LEU E 123 29.47 -4.52 5.29
CA LEU E 123 29.04 -4.02 3.98
C LEU E 123 27.58 -3.59 3.91
N THR E 124 26.84 -3.64 5.03
CA THR E 124 25.41 -3.33 5.03
C THR E 124 25.09 -2.34 6.15
N GLU E 125 25.80 -1.19 6.11
CA GLU E 125 25.48 -0.01 6.90
C GLU E 125 25.84 -0.15 8.38
N ARG E 126 26.70 -1.12 8.73
CA ARG E 126 27.01 -1.39 10.12
C ARG E 126 28.50 -1.37 10.42
N ARG E 127 29.33 -0.93 9.46
CA ARG E 127 30.79 -0.96 9.70
C ARG E 127 31.14 -0.22 10.98
N GLU E 128 30.73 1.02 11.11
CA GLU E 128 31.10 1.84 12.25
C GLU E 128 30.34 1.48 13.52
N LEU E 129 29.48 0.47 13.47
CA LEU E 129 28.79 -0.06 14.63
C LEU E 129 29.43 -1.35 15.13
N MET E 130 30.40 -1.90 14.37
CA MET E 130 31.07 -3.13 14.77
C MET E 130 31.79 -2.95 16.11
N GLY E 131 32.27 -1.75 16.39
CA GLY E 131 32.81 -1.45 17.72
C GLY E 131 31.87 -1.80 18.85
N THR E 132 30.56 -1.84 18.59
CA THR E 132 29.61 -2.26 19.60
C THR E 132 29.25 -3.74 19.47
N LEU E 133 29.93 -4.49 18.60
CA LEU E 133 29.54 -5.88 18.37
C LEU E 133 29.49 -6.69 19.66
N ARG E 134 28.38 -7.40 19.83
CA ARG E 134 28.14 -8.39 20.88
C ARG E 134 28.15 -7.79 22.28
N GLN E 135 27.97 -6.47 22.39
CA GLN E 135 27.79 -5.81 23.68
C GLN E 135 26.31 -5.50 23.89
N LYS E 136 25.93 -5.26 25.13
CA LYS E 136 24.56 -4.83 25.42
C LYS E 136 24.17 -3.62 24.58
N ASN E 137 23.05 -3.75 23.83
CA ASN E 137 22.49 -2.73 22.94
C ASN E 137 23.27 -2.51 21.66
N GLY E 138 24.30 -3.32 21.37
CA GLY E 138 25.03 -3.24 20.12
C GLY E 138 24.62 -4.33 19.13
N LEU E 139 25.33 -4.37 18.01
CA LEU E 139 25.11 -5.43 17.02
C LEU E 139 25.07 -6.80 17.66
N ALA E 140 24.05 -7.59 17.29
CA ALA E 140 23.90 -8.94 17.79
C ALA E 140 24.94 -9.88 17.17
N ALA E 141 25.00 -11.09 17.72
CA ALA E 141 26.05 -12.02 17.31
C ALA E 141 25.88 -12.50 15.87
N PHE E 142 24.65 -12.54 15.37
CA PHE E 142 24.30 -13.04 14.06
C PHE E 142 23.38 -12.10 13.32
N PRO E 143 23.14 -12.36 12.02
CA PRO E 143 22.14 -11.55 11.30
C PRO E 143 20.78 -11.63 11.98
N ARG E 144 19.98 -10.59 11.80
CA ARG E 144 18.77 -10.42 12.59
C ARG E 144 17.81 -9.52 11.86
N ARG E 145 16.60 -10.02 11.58
CA ARG E 145 15.65 -9.26 10.80
C ARG E 145 15.38 -7.91 11.44
N ALA E 146 15.36 -7.86 12.79
CA ALA E 146 15.06 -6.61 13.48
C ALA E 146 16.25 -5.68 13.43
N GLU E 147 17.43 -6.22 13.16
CA GLU E 147 18.65 -5.41 13.17
C GLU E 147 18.86 -4.70 11.85
N SER E 148 18.36 -5.25 10.74
CA SER E 148 18.67 -4.65 9.45
C SER E 148 17.82 -5.29 8.37
N GLU E 149 17.37 -4.45 7.43
CA GLU E 149 16.69 -4.92 6.23
C GLU E 149 17.61 -5.71 5.32
N TYR E 150 18.91 -5.68 5.56
CA TYR E 150 19.81 -6.58 4.84
C TYR E 150 19.93 -7.96 5.50
N ASP E 151 19.20 -8.22 6.60
CA ASP E 151 19.18 -9.53 7.23
C ASP E 151 17.78 -10.11 7.02
N THR E 152 17.69 -11.06 6.08
CA THR E 152 16.44 -11.69 5.72
C THR E 152 15.99 -12.79 6.66
N PHE E 153 16.88 -13.32 7.50
CA PHE E 153 16.50 -14.42 8.38
C PHE E 153 17.44 -14.51 9.58
N GLY E 154 16.86 -14.43 10.78
CA GLY E 154 17.65 -14.58 11.98
C GLY E 154 18.12 -16.01 12.11
N VAL E 155 19.42 -16.18 12.32
CA VAL E 155 20.03 -17.49 12.34
C VAL E 155 20.90 -17.57 13.60
N GLY E 156 21.46 -18.75 13.83
CA GLY E 156 22.19 -19.04 15.06
C GLY E 156 22.38 -20.55 15.09
N HIS E 157 21.28 -21.26 15.32
CA HIS E 157 21.20 -22.68 14.96
C HIS E 157 21.52 -22.80 13.48
N SER E 158 22.11 -23.95 13.13
CA SER E 158 22.60 -24.16 11.77
C SER E 158 21.53 -24.75 10.85
N SER E 159 21.79 -24.63 9.54
CA SER E 159 21.17 -25.45 8.48
C SER E 159 19.75 -25.02 8.18
N THR E 160 19.34 -23.85 8.64
CA THR E 160 18.04 -23.30 8.37
C THR E 160 17.96 -22.53 7.04
N SER E 161 19.10 -22.25 6.39
CA SER E 161 19.13 -21.26 5.32
C SER E 161 18.47 -21.75 4.04
N ILE E 162 18.66 -23.00 3.66
CA ILE E 162 18.00 -23.51 2.46
C ILE E 162 16.50 -23.49 2.64
N SER E 163 16.03 -23.98 3.79
CA SER E 163 14.60 -23.99 4.04
C SER E 163 14.06 -22.56 3.98
N ALA E 164 14.76 -21.63 4.63
CA ALA E 164 14.23 -20.27 4.68
C ALA E 164 14.21 -19.65 3.29
N ALA E 165 15.33 -19.77 2.56
CA ALA E 165 15.41 -19.20 1.23
C ALA E 165 14.35 -19.79 0.30
N LEU E 166 14.07 -21.09 0.47
CA LEU E 166 13.08 -21.76 -0.38
C LEU E 166 11.69 -21.19 -0.13
N GLY E 167 11.33 -20.99 1.15
CA GLY E 167 10.07 -20.34 1.46
C GLY E 167 10.00 -18.92 0.92
N MET E 168 11.12 -18.20 0.96
CA MET E 168 11.16 -16.87 0.36
C MET E 168 10.90 -16.96 -1.12
N ALA E 169 11.58 -17.90 -1.79
CA ALA E 169 11.47 -18.03 -3.22
C ALA E 169 10.07 -18.43 -3.63
N ILE E 170 9.40 -19.25 -2.81
CA ILE E 170 8.09 -19.74 -3.20
C ILE E 170 7.09 -18.60 -3.15
N ALA E 171 7.17 -17.78 -2.09
CA ALA E 171 6.30 -16.63 -1.94
C ALA E 171 6.56 -15.59 -3.03
N ALA E 172 7.83 -15.34 -3.33
CA ALA E 172 8.17 -14.31 -4.32
C ALA E 172 7.65 -14.67 -5.69
N ARG E 173 7.68 -15.97 -6.02
CA ARG E 173 7.14 -16.42 -7.30
C ARG E 173 5.63 -16.24 -7.35
N LEU E 174 4.92 -16.71 -6.33
CA LEU E 174 3.48 -16.48 -6.27
C LEU E 174 3.14 -14.99 -6.39
N GLN E 175 3.93 -14.11 -5.77
CA GLN E 175 3.67 -12.68 -5.74
C GLN E 175 4.10 -11.96 -7.03
N GLY E 176 4.74 -12.66 -7.96
CA GLY E 176 5.18 -12.08 -9.20
C GLY E 176 6.36 -11.15 -9.08
N LYS E 177 6.95 -11.07 -7.90
CA LYS E 177 8.19 -10.32 -7.69
C LYS E 177 9.30 -11.07 -8.38
N GLU E 178 10.30 -10.36 -8.83
CA GLU E 178 11.28 -11.04 -9.66
C GLU E 178 12.63 -11.02 -8.97
N ARG E 179 12.63 -11.46 -7.72
CA ARG E 179 13.81 -11.40 -6.88
C ARG E 179 14.43 -12.76 -6.77
N LYS E 180 15.73 -12.76 -6.55
CA LYS E 180 16.51 -13.94 -6.37
C LYS E 180 16.53 -14.31 -4.90
N SER E 181 16.90 -15.57 -4.65
CA SER E 181 16.97 -16.13 -3.30
C SER E 181 18.20 -17.00 -3.24
N VAL E 182 19.10 -16.66 -2.33
CA VAL E 182 20.39 -17.31 -2.21
C VAL E 182 20.59 -17.76 -0.78
N ALA E 183 21.09 -18.98 -0.64
CA ALA E 183 21.46 -19.57 0.64
C ALA E 183 22.93 -19.95 0.58
N VAL E 184 23.69 -19.47 1.57
CA VAL E 184 25.11 -19.78 1.72
C VAL E 184 25.26 -20.65 2.94
N ILE E 185 25.60 -21.92 2.73
CA ILE E 185 25.62 -22.92 3.79
C ILE E 185 27.00 -23.54 3.84
N GLY E 186 27.53 -23.70 5.05
CA GLY E 186 28.81 -24.37 5.21
C GLY E 186 28.69 -25.88 5.05
N ASP E 187 29.82 -26.52 4.73
CA ASP E 187 29.77 -27.98 4.54
C ASP E 187 29.32 -28.69 5.83
N GLY E 188 29.58 -28.11 7.00
CA GLY E 188 29.11 -28.72 8.25
C GLY E 188 27.61 -28.64 8.40
N ALA E 189 27.04 -27.46 8.16
CA ALA E 189 25.59 -27.28 8.27
C ALA E 189 24.85 -28.23 7.34
N LEU E 190 25.47 -28.59 6.21
CA LEU E 190 24.86 -29.52 5.24
C LEU E 190 24.75 -30.95 5.75
N THR E 191 25.41 -31.29 6.86
CA THR E 191 25.21 -32.58 7.50
C THR E 191 23.89 -32.68 8.28
N ALA E 192 23.15 -31.57 8.47
CA ALA E 192 21.91 -31.63 9.21
C ALA E 192 20.80 -32.23 8.36
N GLY E 193 19.93 -33.03 9.00
CA GLY E 193 18.80 -33.59 8.29
C GLY E 193 17.91 -32.57 7.60
N MET E 194 17.66 -31.42 8.26
CA MET E 194 16.71 -30.49 7.68
C MET E 194 17.27 -29.90 6.39
N ALA E 195 18.60 -29.82 6.26
CA ALA E 195 19.20 -29.36 5.02
C ALA E 195 18.83 -30.28 3.86
N PHE E 196 18.93 -31.59 4.06
CA PHE E 196 18.57 -32.55 3.03
C PHE E 196 17.08 -32.46 2.72
N GLU E 197 16.22 -32.28 3.75
CA GLU E 197 14.79 -32.17 3.48
C GLU E 197 14.52 -31.00 2.55
N ALA E 198 15.23 -29.89 2.75
CA ALA E 198 14.93 -28.70 1.97
C ALA E 198 15.49 -28.81 0.56
N LEU E 199 16.65 -29.48 0.40
CA LEU E 199 17.18 -29.72 -0.93
C LEU E 199 16.19 -30.53 -1.76
N ASN E 200 15.62 -31.57 -1.15
CA ASN E 200 14.62 -32.39 -1.82
C ASN E 200 13.39 -31.59 -2.22
N HIS E 201 12.87 -30.77 -1.30
CA HIS E 201 11.61 -30.09 -1.57
C HIS E 201 11.80 -29.04 -2.65
N ALA E 202 12.91 -28.28 -2.59
CA ALA E 202 13.17 -27.28 -3.61
C ALA E 202 13.20 -27.91 -4.98
N SER E 203 13.78 -29.11 -5.06
CA SER E 203 13.73 -29.85 -6.31
C SER E 203 12.29 -30.15 -6.69
N GLU E 204 11.47 -30.51 -5.70
CA GLU E 204 10.07 -30.85 -5.94
C GLU E 204 9.31 -29.72 -6.60
N VAL E 205 9.50 -28.49 -6.12
CA VAL E 205 8.71 -27.34 -6.61
C VAL E 205 9.46 -26.56 -7.68
N ASP E 206 10.59 -27.06 -8.16
CA ASP E 206 11.38 -26.43 -9.23
C ASP E 206 11.58 -24.96 -8.94
N ALA E 207 12.02 -24.70 -7.72
CA ALA E 207 12.22 -23.36 -7.22
C ALA E 207 13.40 -22.69 -7.91
N ASP E 208 13.28 -21.39 -8.16
CA ASP E 208 14.39 -20.59 -8.68
C ASP E 208 15.11 -20.02 -7.47
N MET E 209 16.14 -20.74 -7.02
CA MET E 209 17.00 -20.27 -5.94
C MET E 209 18.39 -20.83 -6.18
N LEU E 210 19.34 -20.28 -5.42
CA LEU E 210 20.75 -20.61 -5.53
C LEU E 210 21.27 -20.98 -4.15
N VAL E 211 21.81 -22.18 -4.05
CA VAL E 211 22.46 -22.65 -2.84
C VAL E 211 23.96 -22.58 -3.13
N ILE E 212 24.68 -21.82 -2.30
CA ILE E 212 26.14 -21.75 -2.38
C ILE E 212 26.68 -22.59 -1.24
N LEU E 213 27.38 -23.67 -1.57
CA LEU E 213 28.07 -24.50 -0.60
C LEU E 213 29.42 -23.88 -0.31
N ASN E 214 29.59 -23.35 0.90
CA ASN E 214 30.84 -22.75 1.35
C ASN E 214 31.64 -23.84 2.03
N ASP E 215 32.46 -24.54 1.25
CA ASP E 215 33.13 -25.75 1.67
C ASP E 215 34.56 -25.43 2.11
N ASN E 216 34.88 -25.69 3.38
CA ASN E 216 36.23 -25.36 3.85
C ASN E 216 36.81 -26.45 4.74
N ASP E 217 36.35 -27.70 4.57
CA ASP E 217 36.87 -28.82 5.36
C ASP E 217 36.98 -30.03 4.42
N GLY E 240 36.04 -35.28 -3.76
CA GLY E 240 35.55 -35.11 -5.12
C GLY E 240 34.04 -35.20 -5.24
N PRO E 241 33.38 -34.14 -5.75
CA PRO E 241 31.92 -34.03 -5.60
C PRO E 241 31.16 -33.81 -6.89
N GLY E 242 29.84 -33.61 -6.73
CA GLY E 242 28.95 -33.14 -7.78
C GLY E 242 27.73 -34.03 -7.98
N THR E 243 27.99 -35.32 -8.20
CA THR E 243 26.95 -36.29 -8.57
C THR E 243 25.82 -36.36 -7.55
N LEU E 244 26.12 -36.17 -6.27
CA LEU E 244 25.11 -36.21 -5.22
C LEU E 244 23.99 -35.19 -5.46
N PHE E 245 24.37 -33.91 -5.62
CA PHE E 245 23.37 -32.87 -5.78
C PHE E 245 22.70 -32.94 -7.14
N GLU E 246 23.42 -33.37 -8.17
CA GLU E 246 22.78 -33.65 -9.45
C GLU E 246 21.62 -34.62 -9.29
N GLU E 247 21.87 -35.77 -8.62
CA GLU E 247 20.83 -36.78 -8.45
C GLU E 247 19.65 -36.22 -7.67
N LEU E 248 19.91 -35.35 -6.70
CA LEU E 248 18.81 -34.72 -5.96
C LEU E 248 18.10 -33.62 -6.76
N GLY E 249 18.42 -33.45 -8.04
CA GLY E 249 17.66 -32.53 -8.88
C GLY E 249 18.17 -31.11 -8.92
N TRP E 250 19.42 -30.87 -8.54
CA TRP E 250 20.08 -29.58 -8.53
C TRP E 250 21.10 -29.48 -9.67
N ASN E 251 21.13 -28.33 -10.33
CA ASN E 251 22.16 -28.03 -11.33
C ASN E 251 23.43 -27.63 -10.59
N TYR E 252 24.45 -28.48 -10.67
CA TYR E 252 25.68 -28.34 -9.93
C TYR E 252 26.73 -27.62 -10.78
N ILE E 253 27.44 -26.69 -10.13
CA ILE E 253 28.49 -25.91 -10.77
C ILE E 253 29.67 -25.81 -9.81
N GLY E 254 30.86 -26.12 -10.29
CA GLY E 254 32.07 -26.01 -9.52
C GLY E 254 32.83 -27.32 -9.45
N PRO E 255 33.69 -27.46 -8.45
CA PRO E 255 33.98 -26.51 -7.39
C PRO E 255 34.75 -25.31 -7.92
N ILE E 256 34.59 -24.10 -7.37
CA ILE E 256 35.44 -22.99 -7.72
C ILE E 256 36.12 -22.43 -6.47
N ASP E 257 37.13 -21.63 -6.69
CA ASP E 257 37.97 -21.11 -5.63
C ASP E 257 37.28 -19.86 -5.10
N GLY E 258 36.78 -19.97 -3.86
CA GLY E 258 35.99 -18.93 -3.24
C GLY E 258 36.77 -17.72 -2.83
N HIS E 259 38.08 -17.68 -3.07
CA HIS E 259 38.90 -16.51 -2.82
C HIS E 259 39.34 -15.81 -4.10
N ASP E 260 39.00 -16.36 -5.26
CA ASP E 260 39.29 -15.72 -6.54
C ASP E 260 38.10 -14.87 -6.94
N LEU E 261 38.20 -13.55 -6.68
CA LEU E 261 37.06 -12.66 -6.93
C LEU E 261 36.67 -12.62 -8.40
N PRO E 262 37.60 -12.48 -9.35
CA PRO E 262 37.20 -12.50 -10.77
C PRO E 262 36.33 -13.69 -11.16
N THR E 263 36.73 -14.92 -10.74
CA THR E 263 35.93 -16.09 -11.04
C THR E 263 34.62 -16.09 -10.26
N LEU E 264 34.64 -15.58 -9.03
CA LEU E 264 33.40 -15.56 -8.25
C LEU E 264 32.38 -14.65 -8.90
N VAL E 265 32.78 -13.42 -9.20
CA VAL E 265 31.87 -12.47 -9.82
C VAL E 265 31.35 -13.03 -11.13
N ALA E 266 32.26 -13.50 -12.00
CA ALA E 266 31.80 -14.00 -13.30
C ALA E 266 30.79 -15.13 -13.13
N THR E 267 31.08 -16.07 -12.22
CA THR E 267 30.24 -17.26 -12.05
C THR E 267 28.89 -16.89 -11.45
N LEU E 268 28.87 -16.03 -10.44
CA LEU E 268 27.57 -15.65 -9.88
C LEU E 268 26.72 -14.95 -10.92
N ARG E 269 27.36 -14.25 -11.87
CA ARG E 269 26.61 -13.56 -12.92
C ARG E 269 25.92 -14.57 -13.83
N ASN E 270 26.64 -15.64 -14.22
CA ASN E 270 26.03 -16.66 -15.07
C ASN E 270 24.90 -17.38 -14.35
N MET E 271 25.00 -17.51 -13.04
CA MET E 271 24.03 -18.31 -12.29
C MET E 271 22.86 -17.49 -11.80
N ARG E 272 23.08 -16.20 -11.50
CA ARG E 272 22.02 -15.32 -11.06
C ARG E 272 20.76 -15.48 -11.91
N ASP E 273 20.96 -15.59 -13.22
CA ASP E 273 19.84 -15.60 -14.14
C ASP E 273 19.46 -17.00 -14.63
N MET E 274 20.11 -18.04 -14.12
CA MET E 274 19.61 -19.36 -14.45
C MET E 274 18.33 -19.64 -13.67
N LYS E 275 17.55 -20.57 -14.18
CA LYS E 275 16.28 -20.97 -13.59
C LYS E 275 16.41 -22.32 -12.90
N GLY E 276 15.44 -22.59 -12.02
CA GLY E 276 15.44 -23.85 -11.31
C GLY E 276 16.43 -23.83 -10.18
N PRO E 277 16.59 -24.99 -9.53
CA PRO E 277 17.52 -25.10 -8.39
C PRO E 277 18.97 -25.11 -8.87
N GLN E 278 19.74 -24.12 -8.41
CA GLN E 278 21.15 -24.00 -8.77
C GLN E 278 22.00 -24.23 -7.53
N PHE E 279 23.12 -24.94 -7.72
CA PHE E 279 24.02 -25.33 -6.63
C PHE E 279 25.45 -24.99 -7.02
N LEU E 280 26.04 -24.04 -6.31
CA LEU E 280 27.40 -23.57 -6.58
C LEU E 280 28.28 -24.06 -5.44
N HIS E 281 29.26 -24.88 -5.79
CA HIS E 281 30.25 -25.38 -4.85
C HIS E 281 31.44 -24.41 -4.84
N VAL E 282 31.61 -23.72 -3.72
CA VAL E 282 32.74 -22.83 -3.49
C VAL E 282 33.67 -23.47 -2.46
N VAL E 283 34.98 -23.31 -2.66
CA VAL E 283 35.98 -23.77 -1.68
C VAL E 283 36.67 -22.55 -1.07
N THR E 284 36.65 -22.46 0.26
CA THR E 284 37.33 -21.39 0.99
C THR E 284 38.24 -22.00 2.05
N LYS E 285 39.13 -21.16 2.58
CA LYS E 285 40.05 -21.50 3.65
C LYS E 285 39.62 -20.75 4.91
N LYS E 286 39.29 -21.50 5.95
CA LYS E 286 39.00 -20.90 7.24
C LYS E 286 40.18 -20.04 7.62
N GLY E 287 39.89 -18.81 8.02
CA GLY E 287 40.92 -17.93 8.52
C GLY E 287 41.77 -17.31 7.44
N LYS E 288 41.41 -17.48 6.18
CA LYS E 288 42.16 -16.97 5.04
C LYS E 288 42.77 -15.62 5.31
N GLY E 289 44.11 -15.55 5.17
CA GLY E 289 44.84 -14.31 5.31
C GLY E 289 45.43 -14.06 6.68
N PHE E 290 45.15 -14.91 7.66
CA PHE E 290 45.74 -14.81 9.00
C PHE E 290 46.33 -16.19 9.32
N ALA E 291 47.65 -16.33 9.14
CA ALA E 291 48.32 -17.62 9.27
C ALA E 291 48.00 -18.38 10.56
N PRO E 292 48.05 -17.77 11.74
CA PRO E 292 47.63 -18.52 12.95
C PRO E 292 46.27 -19.16 12.79
N ALA E 293 45.31 -18.43 12.20
CA ALA E 293 43.95 -18.94 12.04
C ALA E 293 43.86 -19.98 10.95
N GLU E 294 44.61 -19.83 9.87
CA GLU E 294 44.70 -20.87 8.88
C GLU E 294 45.24 -22.16 9.48
N LEU E 295 46.27 -22.08 10.31
CA LEU E 295 46.93 -23.28 10.80
C LEU E 295 46.11 -23.96 11.91
N ASP E 296 45.52 -23.17 12.80
CA ASP E 296 44.70 -23.67 13.91
C ASP E 296 43.28 -23.13 13.76
N PRO E 297 42.47 -23.71 12.85
CA PRO E 297 41.10 -23.19 12.66
C PRO E 297 40.16 -23.43 13.83
N ILE E 298 40.46 -24.36 14.74
CA ILE E 298 39.60 -24.60 15.90
C ILE E 298 39.76 -23.48 16.93
N GLY E 299 40.99 -23.16 17.31
CA GLY E 299 41.20 -22.12 18.31
C GLY E 299 40.86 -20.71 17.86
N TYR E 300 40.84 -20.49 16.55
CA TYR E 300 40.51 -19.18 15.98
C TYR E 300 39.10 -19.15 15.42
N HIS E 301 38.30 -20.20 15.63
CA HIS E 301 36.85 -20.09 15.44
C HIS E 301 36.30 -18.88 16.18
N ALA E 302 36.85 -18.56 17.35
CA ALA E 302 36.50 -17.36 18.07
C ALA E 302 37.71 -16.90 18.88
N ILE E 303 37.71 -15.61 19.23
CA ILE E 303 38.76 -14.99 20.03
C ILE E 303 38.06 -14.06 21.01
N THR E 304 38.73 -13.80 22.14
CA THR E 304 38.35 -12.73 23.05
C THR E 304 39.06 -11.45 22.60
N LYS E 305 38.57 -10.29 23.07
CA LYS E 305 39.22 -9.04 22.69
C LYS E 305 40.64 -9.01 23.23
N LEU E 306 41.60 -8.58 22.40
CA LEU E 306 42.95 -8.36 22.88
C LEU E 306 42.92 -7.37 24.04
N GLU E 307 43.99 -7.32 24.84
CA GLU E 307 44.01 -6.40 25.97
C GLU E 307 45.24 -5.50 26.03
N ALA E 308 46.43 -6.03 25.77
CA ALA E 308 47.69 -5.25 25.76
C ALA E 308 48.90 -6.20 25.84
N THR E 316 42.63 -17.31 36.89
CA THR E 316 41.40 -16.61 37.25
C THR E 316 40.54 -17.33 38.28
N GLY E 317 39.77 -18.34 37.83
CA GLY E 317 38.77 -18.97 38.67
C GLY E 317 38.70 -20.49 38.60
N GLY E 318 37.53 -21.08 38.85
CA GLY E 318 37.40 -22.54 38.83
C GLY E 318 37.31 -23.10 37.43
N PRO E 319 37.30 -24.43 37.35
CA PRO E 319 37.03 -25.11 36.07
C PRO E 319 35.67 -24.79 35.48
N LYS E 320 35.63 -24.68 34.16
CA LYS E 320 34.36 -24.63 33.45
C LYS E 320 33.55 -25.89 33.71
N TYR E 321 32.22 -25.74 33.81
CA TYR E 321 31.38 -26.90 34.00
C TYR E 321 31.66 -27.97 32.94
N SER E 322 31.85 -27.55 31.69
CA SER E 322 32.06 -28.53 30.61
C SER E 322 33.36 -29.31 30.83
N SER E 323 34.38 -28.65 31.33
CA SER E 323 35.59 -29.35 31.72
C SER E 323 35.32 -30.34 32.85
N VAL E 324 34.42 -29.98 33.77
CA VAL E 324 34.06 -30.90 34.84
C VAL E 324 33.37 -32.13 34.27
N PHE E 325 32.40 -31.93 33.36
CA PHE E 325 31.82 -33.05 32.61
C PHE E 325 32.90 -33.85 31.89
N GLY E 326 33.82 -33.15 31.22
CA GLY E 326 34.82 -33.84 30.43
C GLY E 326 35.65 -34.77 31.28
N GLN E 327 36.05 -34.29 32.46
CA GLN E 327 36.79 -35.10 33.42
C GLN E 327 35.95 -36.27 33.89
N TRP E 328 34.69 -36.01 34.23
CA TRP E 328 33.83 -37.10 34.69
C TRP E 328 33.67 -38.15 33.61
N LEU E 329 33.55 -37.72 32.34
CA LEU E 329 33.39 -38.66 31.23
C LEU E 329 34.61 -39.57 31.12
N CYS E 330 35.80 -39.00 31.11
CA CYS E 330 37.03 -39.77 31.15
C CYS E 330 37.10 -40.70 32.37
N ASP E 331 36.80 -40.18 33.57
CA ASP E 331 36.99 -40.97 34.78
C ASP E 331 36.06 -42.19 34.80
N MET E 332 34.80 -41.99 34.38
CA MET E 332 33.85 -43.08 34.34
C MET E 332 34.16 -44.05 33.22
N ALA E 333 34.66 -43.56 32.09
CA ALA E 333 35.07 -44.47 31.03
C ALA E 333 36.21 -45.39 31.46
N ALA E 334 37.10 -44.90 32.34
CA ALA E 334 38.18 -45.73 32.86
C ALA E 334 37.69 -46.81 33.81
N GLN E 335 36.55 -46.59 34.46
CA GLN E 335 35.95 -47.59 35.33
C GLN E 335 35.00 -48.54 34.60
N ASP E 336 34.45 -48.13 33.45
CA ASP E 336 33.29 -48.80 32.84
C ASP E 336 33.49 -48.77 31.34
N ALA E 337 33.74 -49.94 30.73
CA ALA E 337 33.94 -50.04 29.29
C ALA E 337 32.65 -49.82 28.51
N ARG E 338 31.50 -49.88 29.19
CA ARG E 338 30.21 -49.64 28.51
C ARG E 338 29.98 -48.18 28.12
N LEU E 339 30.67 -47.22 28.77
CA LEU E 339 30.40 -45.81 28.48
C LEU E 339 30.75 -45.47 27.03
N LEU E 340 29.82 -44.78 26.34
CA LEU E 340 30.08 -44.25 25.01
C LEU E 340 29.74 -42.75 25.00
N GLY E 341 30.56 -41.97 24.29
CA GLY E 341 30.40 -40.51 24.23
C GLY E 341 29.98 -40.00 22.88
N ILE E 342 28.85 -39.28 22.81
CA ILE E 342 28.26 -38.78 21.57
C ILE E 342 28.13 -37.27 21.64
N THR E 343 28.56 -36.56 20.58
CA THR E 343 28.34 -35.13 20.42
C THR E 343 27.88 -34.83 19.00
N PRO E 344 26.85 -33.98 18.83
CA PRO E 344 26.56 -33.52 17.46
C PRO E 344 27.46 -32.33 17.15
N ALA E 345 28.74 -32.70 16.92
CA ALA E 345 29.77 -31.78 16.41
C ALA E 345 30.17 -30.68 17.40
N MET E 346 30.27 -31.00 18.68
CA MET E 346 30.70 -29.98 19.67
C MET E 346 31.70 -30.58 20.66
N LYS E 347 32.73 -31.24 20.12
CA LYS E 347 33.77 -31.82 20.95
C LYS E 347 34.41 -30.79 21.87
N GLU E 348 34.78 -29.62 21.32
CA GLU E 348 35.45 -28.60 22.11
C GLU E 348 34.48 -27.92 23.06
N GLY E 349 33.27 -27.63 22.60
CA GLY E 349 32.32 -26.92 23.44
C GLY E 349 31.79 -27.75 24.61
N SER E 350 31.29 -28.95 24.32
CA SER E 350 30.92 -29.84 25.43
C SER E 350 32.16 -30.40 26.12
N ASP E 351 33.34 -30.25 25.49
CA ASP E 351 34.63 -30.67 26.04
C ASP E 351 34.71 -32.19 26.17
N LEU E 352 34.56 -32.92 25.05
CA LEU E 352 34.93 -34.33 24.97
C LEU E 352 36.36 -34.52 24.48
N VAL E 353 37.20 -33.50 24.59
CA VAL E 353 38.50 -33.52 23.93
C VAL E 353 39.38 -34.61 24.51
N ALA E 354 39.62 -34.57 25.83
CA ALA E 354 40.41 -35.63 26.43
C ALA E 354 39.79 -37.00 26.14
N PHE E 355 38.46 -37.09 26.25
CA PHE E 355 37.80 -38.38 26.10
C PHE E 355 37.99 -38.94 24.69
N SER E 356 37.91 -38.10 23.68
CA SER E 356 38.07 -38.59 22.31
C SER E 356 39.49 -39.11 22.05
N GLU E 357 40.48 -38.59 22.76
CA GLU E 357 41.86 -39.01 22.53
C GLU E 357 42.17 -40.30 23.27
N ARG E 358 41.66 -40.42 24.49
CA ARG E 358 41.91 -41.61 25.29
C ARG E 358 41.07 -42.79 24.85
N TYR E 359 39.83 -42.55 24.39
CA TYR E 359 38.88 -43.63 24.09
C TYR E 359 38.31 -43.48 22.70
N PRO E 360 39.16 -43.40 21.67
CA PRO E 360 38.66 -43.07 20.33
C PRO E 360 37.59 -44.01 19.84
N GLU E 361 37.64 -45.27 20.25
CA GLU E 361 36.69 -46.29 19.81
C GLU E 361 35.33 -46.11 20.46
N ARG E 362 35.25 -45.29 21.50
CA ARG E 362 34.04 -45.09 22.27
C ARG E 362 33.50 -43.68 22.09
N TYR E 363 34.10 -42.91 21.22
CA TYR E 363 33.72 -41.54 20.96
C TYR E 363 33.10 -41.44 19.59
N PHE E 364 31.98 -40.71 19.51
CA PHE E 364 31.22 -40.58 18.27
C PHE E 364 30.80 -39.14 18.04
N ASP E 365 31.32 -38.55 16.96
CA ASP E 365 30.90 -37.22 16.48
C ASP E 365 29.99 -37.48 15.29
N VAL E 366 28.70 -37.14 15.43
CA VAL E 366 27.70 -37.48 14.42
C VAL E 366 27.51 -36.33 13.44
N ALA E 367 28.43 -35.33 13.47
CA ALA E 367 28.30 -34.12 12.66
C ALA E 367 27.12 -33.35 13.23
N ILE E 368 26.53 -32.41 12.48
CA ILE E 368 25.50 -31.53 13.07
C ILE E 368 24.16 -32.24 12.94
N ALA E 369 23.98 -33.28 13.76
CA ALA E 369 22.93 -34.26 13.55
C ALA E 369 22.36 -34.66 14.91
N GLU E 370 21.77 -33.65 15.58
CA GLU E 370 21.20 -33.88 16.90
C GLU E 370 20.21 -35.05 16.88
N GLN E 371 19.36 -35.11 15.86
CA GLN E 371 18.31 -36.13 15.88
C GLN E 371 18.90 -37.54 15.90
N HIS E 372 19.83 -37.79 14.98
CA HIS E 372 20.49 -39.10 14.91
C HIS E 372 21.26 -39.40 16.17
N ALA E 373 21.88 -38.38 16.77
CA ALA E 373 22.68 -38.60 17.96
C ALA E 373 21.86 -39.36 19.03
N VAL E 374 20.59 -38.99 19.19
CA VAL E 374 19.82 -39.51 20.31
C VAL E 374 19.26 -40.89 19.98
N THR E 375 18.73 -41.07 18.77
CA THR E 375 18.27 -42.40 18.36
C THR E 375 19.43 -43.38 18.26
N LEU E 376 20.58 -42.91 17.73
CA LEU E 376 21.81 -43.71 17.82
C LEU E 376 22.05 -44.17 19.25
N ALA E 377 21.96 -43.23 20.21
CA ALA E 377 22.19 -43.59 21.60
C ALA E 377 21.18 -44.63 22.07
N ALA E 378 19.91 -44.47 21.69
CA ALA E 378 18.89 -45.46 22.05
C ALA E 378 19.28 -46.85 21.56
N GLY E 379 19.77 -46.94 20.33
CA GLY E 379 20.13 -48.23 19.76
C GLY E 379 21.31 -48.87 20.48
N MET E 380 22.33 -48.08 20.79
CA MET E 380 23.44 -48.60 21.61
C MET E 380 22.93 -49.12 22.97
N ALA E 381 22.05 -48.36 23.64
CA ALA E 381 21.51 -48.82 24.91
C ALA E 381 20.70 -50.09 24.79
N CYS E 382 20.20 -50.39 23.61
CA CYS E 382 19.46 -51.63 23.45
C CYS E 382 20.34 -52.84 23.63
N GLU E 383 21.65 -52.69 23.43
CA GLU E 383 22.61 -53.79 23.51
C GLU E 383 23.40 -53.77 24.80
N GLY E 384 22.99 -52.97 25.78
CA GLY E 384 23.62 -52.95 27.06
C GLY E 384 24.76 -51.95 27.18
N MET E 385 25.06 -51.19 26.13
CA MET E 385 26.06 -50.14 26.25
C MET E 385 25.45 -48.96 26.98
N LYS E 386 26.31 -48.05 27.46
CA LYS E 386 25.89 -46.92 28.31
C LYS E 386 26.21 -45.59 27.62
N PRO E 387 25.33 -45.14 26.71
CA PRO E 387 25.60 -43.90 25.97
C PRO E 387 25.34 -42.63 26.77
N VAL E 388 26.21 -41.65 26.55
CA VAL E 388 26.09 -40.31 27.08
C VAL E 388 26.03 -39.37 25.88
N VAL E 389 24.93 -38.62 25.78
CA VAL E 389 24.72 -37.65 24.71
C VAL E 389 25.04 -36.27 25.28
N ALA E 390 26.14 -35.68 24.85
CA ALA E 390 26.48 -34.30 25.19
C ALA E 390 25.88 -33.38 24.15
N ILE E 391 24.97 -32.50 24.59
CA ILE E 391 24.20 -31.64 23.70
C ILE E 391 23.83 -30.37 24.46
N TYR E 392 23.85 -29.22 23.77
CA TYR E 392 23.46 -28.01 24.46
C TYR E 392 21.93 -28.00 24.63
N SER E 393 21.47 -27.35 25.70
CA SER E 393 20.03 -27.21 25.91
C SER E 393 19.31 -26.65 24.68
N THR E 394 19.84 -25.58 24.09
CA THR E 394 19.20 -25.04 22.90
C THR E 394 19.19 -26.02 21.74
N PHE E 395 20.25 -26.84 21.61
CA PHE E 395 20.31 -27.75 20.45
C PHE E 395 19.53 -29.05 20.69
N LEU E 396 19.25 -29.39 21.93
CA LEU E 396 18.45 -30.57 22.23
C LEU E 396 17.03 -30.38 21.77
N GLN E 397 16.59 -29.12 21.70
CA GLN E 397 15.31 -28.80 21.10
C GLN E 397 15.11 -29.52 19.77
N ARG E 398 16.21 -29.66 19.00
CA ARG E 398 16.11 -30.27 17.67
C ARG E 398 15.99 -31.79 17.72
N ALA E 399 16.30 -32.43 18.87
CA ALA E 399 16.22 -33.89 19.01
C ALA E 399 15.09 -34.29 19.95
N TYR E 400 14.21 -33.35 20.29
CA TYR E 400 13.13 -33.62 21.21
C TYR E 400 12.36 -34.88 20.86
N ASP E 401 12.03 -35.07 19.56
CA ASP E 401 11.19 -36.21 19.18
C ASP E 401 11.95 -37.52 19.41
N GLN E 402 13.25 -37.51 19.15
CA GLN E 402 14.01 -38.72 19.38
C GLN E 402 14.11 -39.01 20.89
N LEU E 403 14.34 -37.97 21.70
CA LEU E 403 14.36 -38.15 23.16
C LEU E 403 13.05 -38.77 23.64
N ILE E 404 11.91 -38.23 23.20
CA ILE E 404 10.63 -38.74 23.67
C ILE E 404 10.36 -40.15 23.13
N HIS E 405 10.37 -40.28 21.81
CA HIS E 405 9.81 -41.45 21.13
C HIS E 405 10.79 -42.60 21.14
N ASP E 406 12.06 -42.32 20.87
CA ASP E 406 13.05 -43.39 20.82
C ASP E 406 13.67 -43.66 22.19
N VAL E 407 13.76 -42.70 23.09
CA VAL E 407 14.40 -42.94 24.38
C VAL E 407 13.39 -43.06 25.52
N ALA E 408 12.50 -42.09 25.67
CA ALA E 408 11.74 -42.06 26.92
C ALA E 408 10.61 -43.06 26.91
N VAL E 409 9.93 -43.18 25.76
CA VAL E 409 8.81 -44.11 25.60
C VAL E 409 9.28 -45.54 25.83
N GLN E 410 10.59 -45.81 25.59
CA GLN E 410 11.20 -47.12 25.76
C GLN E 410 11.95 -47.24 27.07
N HIS E 411 12.00 -46.17 27.84
CA HIS E 411 12.71 -46.12 29.11
C HIS E 411 14.15 -46.62 28.98
N LEU E 412 14.81 -46.21 27.90
CA LEU E 412 16.13 -46.71 27.63
C LEU E 412 17.17 -45.92 28.41
N ASP E 413 18.30 -46.58 28.69
CA ASP E 413 19.33 -46.10 29.58
C ASP E 413 20.26 -45.14 28.82
N VAL E 414 19.87 -43.87 28.80
CA VAL E 414 20.63 -42.85 28.08
C VAL E 414 20.77 -41.64 28.99
N LEU E 415 21.99 -41.12 29.10
CA LEU E 415 22.24 -39.93 29.89
C LEU E 415 22.41 -38.77 28.93
N PHE E 416 21.79 -37.63 29.28
CA PHE E 416 21.83 -36.41 28.48
C PHE E 416 22.57 -35.38 29.33
N ALA E 417 23.76 -34.98 28.88
CA ALA E 417 24.60 -34.00 29.57
C ALA E 417 24.36 -32.67 28.89
N ILE E 418 23.55 -31.83 29.53
CA ILE E 418 22.93 -30.67 28.88
C ILE E 418 23.71 -29.43 29.31
N ASP E 419 24.63 -29.02 28.46
CA ASP E 419 25.43 -27.81 28.62
C ASP E 419 24.64 -26.57 28.17
N ARG E 420 25.19 -25.40 28.47
CA ARG E 420 24.64 -24.12 28.05
C ARG E 420 23.19 -24.00 28.46
N ALA E 421 22.92 -24.47 29.67
CA ALA E 421 21.61 -24.33 30.31
C ALA E 421 21.55 -22.96 30.98
N GLY E 422 20.44 -22.26 30.78
CA GLY E 422 20.34 -20.89 31.22
C GLY E 422 20.67 -19.88 30.14
N LEU E 423 20.99 -18.67 30.61
CA LEU E 423 21.41 -17.61 29.69
C LEU E 423 22.85 -17.85 29.29
N VAL E 424 23.14 -17.68 28.00
CA VAL E 424 24.46 -18.03 27.49
C VAL E 424 25.30 -16.80 27.20
N GLY E 425 24.79 -15.61 27.48
CA GLY E 425 25.57 -14.39 27.28
C GLY E 425 25.46 -13.87 25.86
N GLU E 426 26.62 -13.62 25.24
CA GLU E 426 26.69 -12.75 24.07
C GLU E 426 26.07 -13.39 22.84
N ASP E 427 26.09 -14.72 22.74
CA ASP E 427 25.46 -15.36 21.60
C ASP E 427 23.97 -15.03 21.54
N GLY E 428 23.36 -14.75 22.69
CA GLY E 428 22.01 -14.18 22.71
C GLY E 428 20.92 -15.24 22.70
N PRO E 429 19.68 -14.80 22.46
CA PRO E 429 18.53 -15.70 22.69
C PRO E 429 18.38 -16.84 21.66
N THR E 430 19.02 -16.79 20.50
CA THR E 430 18.94 -17.95 19.62
C THR E 430 19.62 -19.17 20.25
N HIS E 431 20.51 -18.95 21.20
CA HIS E 431 21.25 -20.04 21.81
C HIS E 431 20.88 -20.28 23.28
N ALA E 432 19.88 -19.59 23.81
CA ALA E 432 19.60 -19.67 25.25
C ALA E 432 19.04 -21.04 25.62
N GLY E 433 19.58 -21.60 26.69
CA GLY E 433 19.07 -22.86 27.24
C GLY E 433 17.93 -22.60 28.20
N SER E 434 16.92 -21.92 27.72
CA SER E 434 15.86 -21.43 28.59
C SER E 434 14.76 -22.43 28.90
N PHE E 435 14.68 -23.58 28.21
CA PHE E 435 13.44 -24.37 28.25
C PHE E 435 13.54 -25.85 28.64
N ASP E 436 14.73 -26.39 28.83
CA ASP E 436 14.84 -27.84 28.92
C ASP E 436 14.19 -28.39 30.19
N ILE E 437 14.18 -27.64 31.31
CA ILE E 437 13.42 -28.13 32.46
C ILE E 437 11.95 -28.25 32.09
N SER E 438 11.39 -27.25 31.35
CA SER E 438 9.98 -27.30 30.99
C SER E 438 9.71 -28.42 29.97
N TYR E 439 10.49 -28.47 28.89
CA TYR E 439 10.17 -29.47 27.86
C TYR E 439 10.58 -30.89 28.27
N LEU E 440 11.48 -31.07 29.22
CA LEU E 440 11.81 -32.42 29.65
C LEU E 440 10.91 -32.95 30.77
N ARG E 441 10.58 -32.15 31.80
CA ARG E 441 9.93 -32.77 32.97
C ARG E 441 8.51 -33.24 32.67
N CYS E 442 7.90 -32.79 31.58
CA CYS E 442 6.55 -33.27 31.24
C CYS E 442 6.60 -34.66 30.58
N ILE E 443 7.80 -35.16 30.30
CA ILE E 443 8.01 -36.43 29.62
C ILE E 443 8.10 -37.54 30.70
N PRO E 444 7.15 -38.48 30.74
CA PRO E 444 7.27 -39.56 31.73
C PRO E 444 8.56 -40.35 31.57
N GLY E 445 9.11 -40.79 32.72
CA GLY E 445 10.32 -41.60 32.76
C GLY E 445 11.61 -40.83 32.82
N MET E 446 11.58 -39.51 32.57
CA MET E 446 12.79 -38.72 32.60
C MET E 446 13.15 -38.36 34.03
N LEU E 447 14.37 -38.69 34.41
CA LEU E 447 15.01 -38.16 35.60
C LEU E 447 15.69 -36.84 35.19
N VAL E 448 15.43 -35.77 35.95
CA VAL E 448 15.76 -34.41 35.53
C VAL E 448 16.45 -33.69 36.68
N MET E 449 17.74 -33.33 36.48
CA MET E 449 18.61 -32.89 37.56
C MET E 449 19.26 -31.55 37.27
N THR E 450 19.52 -30.78 38.35
CA THR E 450 20.05 -29.41 38.27
C THR E 450 21.15 -29.19 39.30
N PRO E 451 22.38 -29.60 38.99
CA PRO E 451 23.46 -29.41 39.95
C PRO E 451 23.73 -27.94 40.18
N SER E 452 24.10 -27.60 41.42
CA SER E 452 24.33 -26.25 41.88
C SER E 452 25.80 -25.84 41.92
N ASP E 453 26.73 -26.78 41.81
CA ASP E 453 28.15 -26.45 41.69
C ASP E 453 28.91 -27.62 41.08
N GLU E 454 30.23 -27.48 41.00
CA GLU E 454 31.06 -28.44 40.30
C GLU E 454 31.00 -29.84 40.94
N ASP E 455 30.96 -29.91 42.27
CA ASP E 455 30.88 -31.19 42.95
C ASP E 455 29.55 -31.86 42.68
N GLU E 456 28.45 -31.07 42.72
CA GLU E 456 27.11 -31.58 42.42
C GLU E 456 27.02 -32.06 40.98
N LEU E 457 27.64 -31.35 40.04
CA LEU E 457 27.62 -31.81 38.66
C LEU E 457 28.22 -33.21 38.53
N ARG E 458 29.41 -33.39 39.07
CA ARG E 458 30.05 -34.70 38.95
C ARG E 458 29.18 -35.79 39.58
N LYS E 459 28.57 -35.50 40.74
CA LYS E 459 27.72 -36.47 41.41
C LYS E 459 26.45 -36.75 40.65
N LEU E 460 25.76 -35.69 40.14
CA LEU E 460 24.49 -35.95 39.44
C LEU E 460 24.71 -36.56 38.06
N LEU E 461 25.86 -36.30 37.43
CA LEU E 461 26.26 -37.10 36.28
C LEU E 461 26.36 -38.59 36.65
N THR E 462 27.08 -38.92 37.74
CA THR E 462 27.15 -40.33 38.13
C THR E 462 25.75 -40.88 38.38
N THR E 463 24.88 -40.11 39.06
CA THR E 463 23.57 -40.61 39.42
C THR E 463 22.75 -40.96 38.18
N GLY E 464 22.68 -40.01 37.23
CA GLY E 464 21.93 -40.26 35.99
C GLY E 464 22.53 -41.38 35.16
N TYR E 465 23.85 -41.38 35.00
CA TYR E 465 24.53 -42.45 34.31
C TYR E 465 24.13 -43.80 34.88
N LEU E 466 24.25 -43.96 36.19
CA LEU E 466 23.97 -45.27 36.78
C LEU E 466 22.48 -45.59 36.79
N PHE E 467 21.63 -44.58 36.96
CA PHE E 467 20.20 -44.85 36.95
C PHE E 467 19.83 -45.62 35.69
N ASP E 468 19.03 -46.66 35.89
CA ASP E 468 18.62 -47.57 34.81
C ASP E 468 17.45 -46.91 34.09
N GLY E 469 17.79 -45.92 33.24
CA GLY E 469 16.80 -45.23 32.46
C GLY E 469 17.27 -43.88 31.99
N PRO E 470 16.35 -43.12 31.44
CA PRO E 470 16.72 -41.85 30.78
C PRO E 470 16.88 -40.76 31.82
N ALA E 471 17.97 -39.99 31.68
CA ALA E 471 18.37 -39.03 32.71
C ALA E 471 18.97 -37.82 32.04
N ALA E 472 18.76 -36.67 32.66
CA ALA E 472 19.17 -35.37 32.16
C ALA E 472 19.82 -34.60 33.30
N VAL E 473 20.96 -34.01 33.01
CA VAL E 473 21.71 -33.21 33.94
C VAL E 473 22.09 -31.94 33.21
N ARG E 474 21.63 -30.79 33.71
CA ARG E 474 21.72 -29.49 33.02
C ARG E 474 22.67 -28.56 33.78
N TYR E 475 23.42 -27.74 33.04
CA TYR E 475 24.42 -26.92 33.70
C TYR E 475 24.78 -25.77 32.78
N PRO E 476 25.26 -24.66 33.30
CA PRO E 476 25.52 -23.47 32.46
C PRO E 476 26.85 -23.49 31.76
N ARG E 477 26.94 -22.63 30.75
CA ARG E 477 28.23 -22.17 30.26
C ARG E 477 29.06 -21.55 31.40
N GLY E 478 30.37 -21.69 31.28
CA GLY E 478 31.29 -20.92 32.07
C GLY E 478 31.63 -21.68 33.31
N SER E 479 31.93 -20.97 34.39
CA SER E 479 32.52 -21.53 35.58
C SER E 479 31.61 -21.34 36.77
N GLY E 480 31.93 -22.04 37.85
CA GLY E 480 31.09 -22.06 39.03
C GLY E 480 31.69 -21.31 40.21
N PRO E 481 31.27 -21.68 41.43
CA PRO E 481 31.81 -21.04 42.64
C PRO E 481 33.16 -21.56 43.08
N ASN E 482 33.71 -22.52 42.32
CA ASN E 482 35.00 -23.12 42.61
C ASN E 482 34.99 -23.79 43.98
N HIS E 483 33.98 -24.60 44.23
CA HIS E 483 33.94 -25.43 45.42
C HIS E 483 34.73 -26.71 45.14
N PRO E 484 35.17 -27.42 46.19
CA PRO E 484 35.94 -28.64 45.99
C PRO E 484 35.13 -29.77 45.40
N ILE E 485 35.79 -30.56 44.55
CA ILE E 485 35.19 -31.69 43.84
C ILE E 485 35.66 -33.01 44.48
N ASP E 486 34.71 -33.80 44.98
CA ASP E 486 35.00 -35.16 45.39
C ASP E 486 35.50 -35.98 44.20
N PRO E 487 36.72 -36.53 44.24
CA PRO E 487 37.22 -37.32 43.10
C PRO E 487 36.56 -38.69 42.94
N ASP E 488 35.75 -39.13 43.91
CA ASP E 488 35.11 -40.43 43.74
C ASP E 488 33.98 -40.36 42.72
N LEU E 489 33.48 -41.54 42.33
CA LEU E 489 32.32 -41.68 41.47
C LEU E 489 31.27 -42.56 42.18
N GLN E 490 30.40 -41.89 42.94
CA GLN E 490 29.29 -42.49 43.60
C GLN E 490 28.07 -41.63 43.32
N PRO E 491 26.92 -42.24 43.17
CA PRO E 491 25.69 -41.48 42.98
C PRO E 491 25.18 -40.95 44.31
N VAL E 492 24.09 -40.19 44.21
CA VAL E 492 23.36 -39.70 45.37
C VAL E 492 21.94 -40.22 45.25
N GLU E 493 21.24 -40.24 46.38
CA GLU E 493 19.87 -40.73 46.40
C GLU E 493 18.94 -39.94 45.46
N ILE E 494 18.20 -40.68 44.63
CA ILE E 494 17.28 -40.11 43.67
C ILE E 494 16.13 -39.44 44.42
N GLY E 495 15.78 -38.23 43.98
CA GLY E 495 14.62 -37.53 44.47
C GLY E 495 14.76 -36.87 45.82
N LYS E 496 15.99 -36.60 46.27
CA LYS E 496 16.21 -36.06 47.60
C LYS E 496 17.07 -34.81 47.54
N GLY E 497 16.57 -33.74 48.15
CA GLY E 497 17.33 -32.53 48.25
C GLY E 497 18.26 -32.54 49.41
N VAL E 498 19.03 -31.47 49.48
CA VAL E 498 19.96 -31.22 50.56
C VAL E 498 19.59 -29.88 51.17
N VAL E 499 19.29 -29.88 52.47
CA VAL E 499 19.13 -28.64 53.20
C VAL E 499 20.50 -27.99 53.27
N ARG E 500 20.68 -26.85 52.59
CA ARG E 500 21.94 -26.14 52.70
C ARG E 500 21.98 -25.20 53.91
N ARG E 501 20.83 -24.73 54.39
CA ARG E 501 20.80 -23.78 55.49
C ARG E 501 19.47 -23.93 56.21
N ARG E 502 19.55 -24.12 57.51
CA ARG E 502 18.36 -24.19 58.35
C ARG E 502 18.01 -22.79 58.80
N GLY E 503 16.81 -22.34 58.48
CA GLY E 503 16.39 -21.01 58.87
C GLY E 503 14.94 -21.02 59.30
N GLY E 504 14.22 -19.94 59.10
CA GLY E 504 12.82 -19.98 59.45
C GLY E 504 12.07 -19.08 58.51
N ARG E 505 10.75 -19.24 58.53
CA ARG E 505 9.81 -18.36 57.84
C ARG E 505 9.81 -18.47 56.32
N VAL E 506 10.96 -18.27 55.66
CA VAL E 506 11.06 -18.29 54.20
C VAL E 506 12.00 -19.41 53.78
N ALA E 507 11.56 -20.23 52.83
CA ALA E 507 12.38 -21.32 52.31
C ALA E 507 12.70 -21.03 50.84
N LEU E 508 13.98 -21.10 50.50
CA LEU E 508 14.44 -20.94 49.13
C LEU E 508 14.72 -22.34 48.56
N LEU E 509 13.88 -22.75 47.60
CA LEU E 509 14.00 -24.02 46.90
C LEU E 509 14.73 -23.77 45.59
N VAL E 510 16.03 -24.04 45.59
CA VAL E 510 16.92 -23.65 44.50
C VAL E 510 17.15 -24.87 43.63
N PHE E 511 16.78 -24.77 42.36
CA PHE E 511 17.12 -25.79 41.36
C PHE E 511 18.28 -25.25 40.53
N GLY E 512 19.52 -25.52 40.94
CA GLY E 512 20.64 -25.11 40.13
C GLY E 512 21.62 -24.10 40.70
N VAL E 513 22.29 -23.41 39.78
CA VAL E 513 23.51 -22.71 40.16
C VAL E 513 23.24 -21.33 40.75
N GLN E 514 21.97 -20.95 40.99
CA GLN E 514 21.70 -19.73 41.78
C GLN E 514 21.82 -19.97 43.28
N LEU E 515 22.29 -21.17 43.69
CA LEU E 515 22.29 -21.49 45.10
C LEU E 515 23.17 -20.54 45.89
N ALA E 516 24.35 -20.19 45.35
CA ALA E 516 25.23 -19.28 46.08
C ALA E 516 24.60 -17.90 46.26
N GLU E 517 23.86 -17.43 45.24
CA GLU E 517 23.20 -16.12 45.35
C GLU E 517 22.10 -16.16 46.40
N ALA E 518 21.38 -17.27 46.46
CA ALA E 518 20.32 -17.41 47.45
C ALA E 518 20.88 -17.56 48.87
N MET E 519 22.08 -18.11 49.02
CA MET E 519 22.70 -18.18 50.36
C MET E 519 23.08 -16.78 50.82
N LYS E 520 23.55 -15.92 49.91
CA LYS E 520 23.72 -14.51 50.25
C LYS E 520 22.42 -13.92 50.79
N VAL E 521 21.32 -14.13 50.06
CA VAL E 521 20.02 -13.59 50.45
C VAL E 521 19.56 -14.22 51.75
N ALA E 522 19.87 -15.48 51.96
CA ALA E 522 19.31 -16.13 53.14
C ALA E 522 19.94 -15.63 54.45
N GLU E 523 21.19 -15.14 54.42
CA GLU E 523 21.81 -14.66 55.64
C GLU E 523 21.02 -13.50 56.21
N SER E 524 20.49 -12.64 55.35
CA SER E 524 19.80 -11.44 55.81
C SER E 524 18.40 -11.76 56.35
N LEU E 525 17.68 -12.67 55.72
CA LEU E 525 16.33 -13.00 56.17
C LEU E 525 16.32 -14.16 57.17
N ASP E 526 17.45 -14.82 57.38
CA ASP E 526 17.50 -16.09 58.09
C ASP E 526 16.61 -17.13 57.42
N ALA E 527 16.76 -17.27 56.10
CA ALA E 527 15.95 -18.21 55.33
C ALA E 527 16.50 -19.63 55.34
N THR E 528 15.61 -20.58 55.27
CA THR E 528 15.96 -21.94 54.88
C THR E 528 16.34 -21.94 53.40
N VAL E 529 17.37 -22.70 53.07
CA VAL E 529 17.79 -22.89 51.68
C VAL E 529 17.99 -24.38 51.40
N VAL E 530 17.32 -24.86 50.35
CA VAL E 530 17.45 -26.24 49.93
C VAL E 530 18.06 -26.26 48.53
N ASP E 531 18.98 -27.17 48.34
CA ASP E 531 19.62 -27.46 47.06
C ASP E 531 18.83 -28.67 46.56
N MET E 532 17.86 -28.42 45.67
CA MET E 532 16.81 -29.39 45.39
C MET E 532 17.33 -30.62 44.67
N ARG E 533 18.34 -30.45 43.81
CA ARG E 533 19.04 -31.55 43.12
C ARG E 533 18.19 -32.11 41.97
N PHE E 534 16.93 -32.45 42.26
CA PHE E 534 16.05 -33.13 41.32
C PHE E 534 14.79 -32.31 41.10
N VAL E 535 14.49 -32.02 39.83
CA VAL E 535 13.17 -31.55 39.41
C VAL E 535 12.19 -32.71 39.38
N LYS E 536 12.64 -33.85 38.85
CA LYS E 536 11.79 -35.02 38.66
C LYS E 536 12.63 -36.28 38.85
N PRO E 537 12.25 -37.15 39.77
CA PRO E 537 11.19 -37.03 40.75
C PRO E 537 11.47 -35.96 41.79
N LEU E 538 10.44 -35.18 42.14
CA LEU E 538 10.59 -34.16 43.18
C LEU E 538 10.76 -34.75 44.58
N ASP E 539 11.54 -34.06 45.43
CA ASP E 539 11.60 -34.38 46.86
C ASP E 539 10.31 -33.91 47.52
N GLU E 540 9.27 -34.70 47.32
CA GLU E 540 7.94 -34.33 47.81
C GLU E 540 7.95 -34.24 49.32
N ALA E 541 8.60 -35.18 50.00
CA ALA E 541 8.53 -35.21 51.46
C ALA E 541 9.19 -33.98 52.08
N LEU E 542 10.30 -33.53 51.51
CA LEU E 542 10.92 -32.28 51.98
C LEU E 542 10.03 -31.07 51.71
N VAL E 543 9.49 -30.97 50.49
CA VAL E 543 8.58 -29.87 50.15
C VAL E 543 7.35 -29.91 51.06
N ARG E 544 6.87 -31.12 51.40
CA ARG E 544 5.69 -31.21 52.26
C ARG E 544 6.01 -30.59 53.62
N GLU E 545 7.17 -30.95 54.20
CA GLU E 545 7.56 -30.40 55.49
C GLU E 545 7.66 -28.88 55.41
N LEU E 546 8.55 -28.38 54.55
CA LEU E 546 8.75 -26.94 54.47
C LEU E 546 7.43 -26.21 54.24
N ALA E 547 6.49 -26.83 53.53
CA ALA E 547 5.22 -26.16 53.29
C ALA E 547 4.43 -25.98 54.58
N GLY E 548 4.68 -26.82 55.58
CA GLY E 548 3.99 -26.75 56.86
C GLY E 548 4.72 -25.91 57.89
N SER E 549 6.04 -25.77 57.72
CA SER E 549 6.91 -25.12 58.69
C SER E 549 7.35 -23.71 58.29
N HIS E 550 6.95 -23.23 57.12
CA HIS E 550 7.36 -21.92 56.64
C HIS E 550 6.14 -21.17 56.09
N GLU E 551 6.29 -19.85 55.99
CA GLU E 551 5.21 -18.99 55.54
C GLU E 551 5.30 -18.64 54.07
N LEU E 552 6.46 -18.84 53.47
CA LEU E 552 6.65 -18.57 52.05
C LEU E 552 7.63 -19.60 51.50
N LEU E 553 7.29 -20.14 50.35
CA LEU E 553 8.20 -20.96 49.55
C LEU E 553 8.63 -20.14 48.35
N VAL E 554 9.95 -20.11 48.12
CA VAL E 554 10.51 -19.40 46.98
C VAL E 554 11.28 -20.41 46.11
N THR E 555 10.87 -20.54 44.85
CA THR E 555 11.59 -21.37 43.91
C THR E 555 12.45 -20.51 43.00
N ILE E 556 13.56 -21.07 42.57
CA ILE E 556 14.60 -20.33 41.86
C ILE E 556 15.24 -21.33 40.92
N GLU E 557 15.33 -20.96 39.64
CA GLU E 557 15.82 -21.81 38.58
C GLU E 557 16.27 -20.89 37.45
N GLU E 558 17.23 -21.37 36.65
CA GLU E 558 17.65 -20.64 35.46
C GLU E 558 17.04 -21.29 34.21
N ASN E 559 15.71 -21.15 34.17
CA ASN E 559 14.82 -21.78 33.22
C ASN E 559 13.54 -20.96 33.22
N ALA E 560 12.80 -21.05 32.13
CA ALA E 560 11.49 -20.43 32.03
C ALA E 560 10.64 -20.77 33.25
N VAL E 561 9.99 -19.75 33.82
CA VAL E 561 9.12 -20.02 34.96
C VAL E 561 7.92 -20.84 34.51
N MET E 562 7.39 -20.53 33.32
CA MET E 562 6.25 -21.24 32.77
C MET E 562 6.67 -22.68 32.49
N GLY E 563 6.02 -23.61 33.17
CA GLY E 563 6.30 -25.02 32.97
C GLY E 563 7.56 -25.52 33.63
N GLY E 564 8.23 -24.68 34.42
CA GLY E 564 9.53 -24.98 34.97
C GLY E 564 9.50 -25.73 36.29
N ALA E 565 10.65 -25.74 36.97
CA ALA E 565 10.78 -26.49 38.21
C ALA E 565 9.93 -25.86 39.31
N GLY E 566 9.80 -24.56 39.35
CA GLY E 566 8.88 -23.93 40.29
C GLY E 566 7.47 -24.47 40.18
N SER E 567 7.01 -24.70 38.94
CA SER E 567 5.65 -25.17 38.72
C SER E 567 5.47 -26.64 39.05
N ALA E 568 6.55 -27.44 39.02
CA ALA E 568 6.44 -28.76 39.59
C ALA E 568 6.21 -28.68 41.10
N VAL E 569 6.90 -27.77 41.78
CA VAL E 569 6.56 -27.53 43.18
C VAL E 569 5.09 -27.11 43.29
N GLY E 570 4.66 -26.14 42.48
CA GLY E 570 3.27 -25.73 42.52
C GLY E 570 2.31 -26.88 42.28
N GLU E 571 2.63 -27.73 41.29
CA GLU E 571 1.75 -28.86 41.00
C GLU E 571 1.61 -29.75 42.21
N PHE E 572 2.72 -29.95 42.95
CA PHE E 572 2.67 -30.85 44.10
C PHE E 572 1.88 -30.24 45.25
N LEU E 573 2.08 -28.94 45.50
CA LEU E 573 1.31 -28.29 46.55
C LEU E 573 -0.17 -28.41 46.23
N ALA E 574 -0.54 -28.11 44.98
CA ALA E 574 -1.95 -28.06 44.63
C ALA E 574 -2.60 -29.41 44.87
N SER E 575 -1.90 -30.49 44.52
CA SER E 575 -2.51 -31.81 44.57
C SER E 575 -2.68 -32.33 46.00
N GLU E 576 -1.83 -31.89 46.93
CA GLU E 576 -1.98 -32.24 48.34
C GLU E 576 -2.82 -31.23 49.13
N GLY E 577 -3.31 -30.18 48.49
CA GLY E 577 -4.08 -29.17 49.19
C GLY E 577 -3.28 -28.25 50.09
N LEU E 578 -2.00 -28.09 49.85
CA LEU E 578 -1.13 -27.27 50.69
C LEU E 578 -1.23 -25.82 50.20
N GLU E 579 -1.57 -24.92 51.11
CA GLU E 579 -1.86 -23.54 50.72
C GLU E 579 -0.74 -22.55 51.06
N VAL E 580 0.49 -23.02 51.31
CA VAL E 580 1.56 -22.09 51.64
C VAL E 580 1.85 -21.21 50.45
N PRO E 581 2.04 -19.90 50.63
CA PRO E 581 2.38 -19.03 49.51
C PRO E 581 3.60 -19.48 48.71
N LEU E 582 3.58 -19.20 47.39
CA LEU E 582 4.61 -19.64 46.47
C LEU E 582 5.04 -18.50 45.58
N LEU E 583 6.33 -18.21 45.60
CA LEU E 583 6.96 -17.24 44.71
C LEU E 583 7.92 -17.98 43.78
N GLN E 584 7.71 -17.82 42.46
CA GLN E 584 8.51 -18.53 41.46
C GLN E 584 9.42 -17.55 40.75
N LEU E 585 10.72 -17.66 41.01
CA LEU E 585 11.73 -16.84 40.36
C LEU E 585 12.40 -17.67 39.27
N GLY E 586 12.62 -17.04 38.12
CA GLY E 586 13.10 -17.76 36.96
C GLY E 586 13.31 -16.84 35.78
N LEU E 587 13.31 -17.43 34.60
CA LEU E 587 13.42 -16.61 33.40
C LEU E 587 12.03 -16.16 32.94
N PRO E 588 11.89 -14.90 32.50
CA PRO E 588 10.58 -14.38 32.09
C PRO E 588 10.17 -14.81 30.68
N ASP E 589 8.93 -14.46 30.31
CA ASP E 589 8.34 -14.95 29.07
C ASP E 589 8.65 -14.00 27.90
N TYR E 590 9.94 -13.82 27.65
CA TYR E 590 10.40 -13.05 26.50
C TYR E 590 11.84 -13.46 26.21
N TYR E 591 12.37 -13.01 25.08
CA TYR E 591 13.73 -13.38 24.68
C TYR E 591 14.69 -12.30 25.19
N VAL E 592 15.69 -12.71 25.97
CA VAL E 592 16.60 -11.79 26.65
C VAL E 592 17.70 -11.38 25.67
N GLU E 593 17.86 -10.07 25.47
CA GLU E 593 18.84 -9.58 24.51
C GLU E 593 20.25 -9.92 24.95
N HIS E 594 21.12 -10.16 23.96
CA HIS E 594 22.51 -10.45 24.22
C HIS E 594 23.11 -9.40 25.12
N ALA E 595 24.04 -9.83 25.95
CA ALA E 595 24.77 -9.00 26.90
C ALA E 595 25.73 -9.93 27.65
N LYS E 596 26.54 -9.39 28.56
CA LYS E 596 27.30 -10.23 29.47
C LYS E 596 26.35 -11.10 30.29
N PRO E 597 26.76 -12.30 30.65
CA PRO E 597 25.88 -13.16 31.47
C PRO E 597 25.42 -12.47 32.73
N SER E 598 26.33 -11.82 33.46
CA SER E 598 25.93 -11.12 34.69
C SER E 598 24.86 -10.08 34.41
N GLU E 599 24.94 -9.40 33.25
CA GLU E 599 23.92 -8.41 32.91
C GLU E 599 22.57 -9.06 32.63
N MET E 600 22.56 -10.22 31.95
CA MET E 600 21.30 -10.89 31.65
C MET E 600 20.68 -11.49 32.90
N LEU E 601 21.52 -12.01 33.80
CA LEU E 601 21.00 -12.54 35.06
C LEU E 601 20.38 -11.42 35.89
N ALA E 602 21.06 -10.27 35.98
CA ALA E 602 20.50 -9.09 36.62
C ALA E 602 19.17 -8.69 35.99
N GLU E 603 19.11 -8.64 34.66
CA GLU E 603 17.85 -8.25 34.04
C GLU E 603 16.70 -9.13 34.49
N CYS E 604 16.97 -10.42 34.74
CA CYS E 604 15.92 -11.38 35.11
C CYS E 604 15.78 -11.58 36.61
N GLY E 605 16.54 -10.83 37.44
CA GLY E 605 16.37 -10.88 38.87
C GLY E 605 16.94 -12.11 39.54
N LEU E 606 17.93 -12.77 38.92
CA LEU E 606 18.53 -13.99 39.42
C LEU E 606 19.93 -13.73 39.99
N ASP E 607 20.23 -12.52 40.41
CA ASP E 607 21.36 -12.30 41.31
C ASP E 607 20.81 -12.10 42.72
N ALA E 608 21.73 -12.03 43.71
CA ALA E 608 21.26 -11.85 45.09
C ALA E 608 20.41 -10.59 45.22
N ALA E 609 20.81 -9.51 44.55
CA ALA E 609 20.00 -8.29 44.60
C ALA E 609 18.57 -8.51 44.12
N GLY E 610 18.40 -9.13 42.94
CA GLY E 610 17.06 -9.30 42.40
C GLY E 610 16.21 -10.26 43.21
N ILE E 611 16.84 -11.34 43.68
CA ILE E 611 16.14 -12.32 44.50
C ILE E 611 15.70 -11.70 45.82
N GLU E 612 16.60 -10.97 46.47
CA GLU E 612 16.22 -10.33 47.75
C GLU E 612 15.06 -9.35 47.52
N LYS E 613 15.16 -8.53 46.46
CA LYS E 613 14.09 -7.59 46.18
C LYS E 613 12.79 -8.34 45.96
N ALA E 614 12.83 -9.45 45.20
CA ALA E 614 11.60 -10.17 44.91
C ALA E 614 11.00 -10.78 46.18
N VAL E 615 11.82 -11.41 47.03
CA VAL E 615 11.28 -11.96 48.28
C VAL E 615 10.74 -10.83 49.17
N ARG E 616 11.44 -9.70 49.23
CA ARG E 616 11.03 -8.61 50.10
C ARG E 616 9.70 -8.02 49.64
N GLN E 617 9.57 -7.78 48.33
CA GLN E 617 8.34 -7.18 47.82
C GLN E 617 7.15 -8.09 48.05
N ARG E 618 7.36 -9.42 48.12
CA ARG E 618 6.25 -10.34 48.34
C ARG E 618 5.80 -10.29 49.80
N LEU E 619 6.76 -10.25 50.71
CA LEU E 619 6.45 -10.28 52.13
C LEU E 619 6.02 -8.93 52.68
N ASP E 620 6.19 -7.85 51.92
CA ASP E 620 5.73 -6.53 52.35
C ASP E 620 4.48 -6.09 51.58
N THR F 32 1.25 -13.03 -36.92
CA THR F 32 0.60 -14.12 -37.66
C THR F 32 1.42 -15.40 -37.65
N LEU F 33 2.63 -15.38 -38.22
CA LEU F 33 3.57 -16.45 -37.92
C LEU F 33 4.25 -16.10 -36.60
N HIS F 34 4.49 -17.13 -35.77
CA HIS F 34 5.26 -16.98 -34.52
C HIS F 34 6.46 -17.87 -34.42
N GLU F 35 6.62 -18.82 -35.32
CA GLU F 35 7.74 -19.74 -35.27
C GLU F 35 8.38 -19.84 -36.66
N ILE F 36 9.69 -20.03 -36.66
CA ILE F 36 10.46 -20.15 -37.90
C ILE F 36 10.43 -21.61 -38.33
N PRO F 37 9.87 -21.92 -39.48
CA PRO F 37 9.82 -23.33 -39.91
C PRO F 37 11.19 -23.95 -39.81
N ARG F 38 11.27 -25.08 -39.12
CA ARG F 38 12.50 -25.86 -39.04
C ARG F 38 12.61 -26.88 -40.17
N GLU F 39 11.53 -27.09 -40.92
CA GLU F 39 11.52 -27.89 -42.14
C GLU F 39 11.01 -27.04 -43.30
N ARG F 40 11.49 -27.31 -44.49
CA ARG F 40 11.15 -26.44 -45.62
C ARG F 40 9.62 -26.42 -45.79
N PRO F 41 8.97 -25.27 -45.69
CA PRO F 41 7.52 -25.25 -45.93
C PRO F 41 7.26 -25.72 -47.35
N ALA F 42 6.07 -26.28 -47.55
CA ALA F 42 5.56 -26.57 -48.88
C ALA F 42 5.10 -25.25 -49.48
N THR F 43 5.62 -24.89 -50.65
CA THR F 43 5.30 -23.63 -51.32
C THR F 43 4.99 -23.90 -52.79
N PRO F 44 3.90 -24.62 -53.07
CA PRO F 44 3.62 -25.02 -54.46
C PRO F 44 3.41 -23.87 -55.43
N LEU F 45 2.87 -22.75 -54.98
CA LEU F 45 2.70 -21.62 -55.89
C LEU F 45 4.02 -20.88 -56.09
N LEU F 46 4.71 -20.58 -54.99
CA LEU F 46 6.03 -19.96 -55.09
C LEU F 46 6.97 -20.79 -55.95
N ASP F 47 6.88 -22.13 -55.85
CA ASP F 47 7.71 -22.98 -56.67
C ASP F 47 7.39 -22.83 -58.15
N ARG F 48 6.24 -22.25 -58.49
CA ARG F 48 5.85 -21.95 -59.86
C ARG F 48 6.24 -20.55 -60.30
N ALA F 49 6.74 -19.71 -59.39
CA ALA F 49 7.14 -18.35 -59.71
C ALA F 49 8.63 -18.17 -59.51
N SER F 50 9.42 -19.03 -60.16
CA SER F 50 10.86 -19.05 -59.96
C SER F 50 11.56 -17.88 -60.63
N SER F 51 10.87 -17.19 -61.52
CA SER F 51 11.45 -16.08 -62.25
C SER F 51 10.35 -15.07 -62.51
N PRO F 52 10.69 -13.83 -62.79
CA PRO F 52 9.62 -12.82 -62.94
C PRO F 52 8.64 -13.14 -64.05
N ALA F 53 9.12 -13.73 -65.16
CA ALA F 53 8.24 -14.03 -66.28
C ALA F 53 7.24 -15.11 -65.90
N GLU F 54 7.69 -16.11 -65.13
CA GLU F 54 6.75 -17.10 -64.60
C GLU F 54 5.80 -16.46 -63.61
N LEU F 55 6.27 -15.50 -62.82
CA LEU F 55 5.38 -14.83 -61.88
C LEU F 55 4.29 -14.06 -62.62
N ARG F 56 4.66 -13.33 -63.67
CA ARG F 56 3.74 -12.50 -64.44
C ARG F 56 2.71 -13.32 -65.22
N ARG F 57 2.91 -14.62 -65.39
CA ARG F 57 1.85 -15.46 -65.92
C ARG F 57 0.77 -15.80 -64.89
N LEU F 58 1.09 -15.74 -63.60
CA LEU F 58 0.07 -15.94 -62.59
C LEU F 58 -0.95 -14.79 -62.65
N GLY F 59 -2.06 -14.95 -61.93
CA GLY F 59 -3.13 -13.98 -61.95
C GLY F 59 -3.15 -13.19 -60.64
N GLU F 60 -3.77 -12.02 -60.61
CA GLU F 60 -3.74 -11.21 -59.39
C GLU F 60 -4.37 -11.96 -58.23
N ALA F 61 -5.33 -12.83 -58.53
CA ALA F 61 -6.02 -13.55 -57.46
C ALA F 61 -5.04 -14.41 -56.66
N ASP F 62 -3.95 -14.82 -57.28
CA ASP F 62 -2.96 -15.67 -56.61
C ASP F 62 -1.97 -14.89 -55.75
N LEU F 63 -1.79 -13.59 -55.98
CA LEU F 63 -0.61 -12.92 -55.45
C LEU F 63 -0.58 -12.93 -53.92
N GLU F 64 -1.74 -12.75 -53.28
CA GLU F 64 -1.71 -12.67 -51.82
C GLU F 64 -1.37 -14.03 -51.22
N THR F 65 -1.67 -15.12 -51.92
CA THR F 65 -1.25 -16.43 -51.45
C THR F 65 0.25 -16.62 -51.67
N LEU F 66 0.75 -16.15 -52.82
CA LEU F 66 2.18 -16.16 -53.12
C LEU F 66 2.97 -15.48 -52.01
N ALA F 67 2.53 -14.28 -51.59
CA ALA F 67 3.19 -13.58 -50.51
C ALA F 67 3.31 -14.47 -49.28
N ASP F 68 2.21 -15.11 -48.90
CA ASP F 68 2.24 -15.93 -47.69
C ASP F 68 3.22 -17.07 -47.84
N GLU F 69 3.29 -17.64 -49.04
CA GLU F 69 4.22 -18.74 -49.28
C GLU F 69 5.65 -18.23 -49.27
N LEU F 70 5.87 -17.04 -49.83
CA LEU F 70 7.22 -16.45 -49.86
C LEU F 70 7.69 -16.14 -48.45
N ARG F 71 6.84 -15.49 -47.66
CA ARG F 71 7.13 -15.28 -46.24
C ARG F 71 7.48 -16.59 -45.55
N GLN F 72 6.72 -17.65 -45.82
CA GLN F 72 7.01 -18.94 -45.22
C GLN F 72 8.39 -19.43 -45.64
N TYR F 73 8.72 -19.26 -46.91
CA TYR F 73 10.02 -19.74 -47.36
C TYR F 73 11.15 -18.85 -46.84
N LEU F 74 10.94 -17.53 -46.86
CA LEU F 74 11.93 -16.59 -46.35
C LEU F 74 12.26 -16.89 -44.90
N LEU F 75 11.23 -17.07 -44.07
CA LEU F 75 11.45 -17.41 -42.66
C LEU F 75 12.28 -18.67 -42.54
N TYR F 76 11.91 -19.69 -43.30
CA TYR F 76 12.63 -20.95 -43.27
C TYR F 76 14.08 -20.78 -43.74
N THR F 77 14.30 -20.16 -44.90
CA THR F 77 15.65 -20.19 -45.45
C THR F 77 16.60 -19.36 -44.59
N VAL F 78 16.14 -18.20 -44.10
CA VAL F 78 17.00 -17.39 -43.25
C VAL F 78 17.20 -18.07 -41.89
N GLY F 79 16.23 -18.87 -41.43
CA GLY F 79 16.48 -19.64 -40.22
C GLY F 79 17.58 -20.68 -40.38
N GLN F 80 17.86 -21.09 -41.62
CA GLN F 80 18.85 -22.10 -41.93
C GLN F 80 20.24 -21.51 -42.15
N THR F 81 20.31 -20.34 -42.79
CA THR F 81 21.57 -19.70 -43.10
C THR F 81 21.90 -18.55 -42.15
N GLY F 82 20.91 -17.96 -41.51
CA GLY F 82 21.13 -16.68 -40.89
C GLY F 82 21.20 -15.63 -41.98
N GLY F 83 21.09 -14.37 -41.60
CA GLY F 83 21.16 -13.28 -42.55
C GLY F 83 20.21 -12.19 -42.17
N HIS F 84 20.03 -11.24 -43.07
CA HIS F 84 19.10 -10.15 -42.82
C HIS F 84 17.69 -10.70 -42.86
N PHE F 85 16.82 -10.11 -42.04
CA PHE F 85 15.52 -10.72 -41.72
C PHE F 85 14.37 -9.75 -41.88
N GLY F 86 14.23 -8.81 -40.94
CA GLY F 86 13.02 -8.00 -40.88
C GLY F 86 12.77 -7.15 -42.10
N ALA F 87 13.81 -6.53 -42.65
CA ALA F 87 13.57 -5.66 -43.81
C ALA F 87 12.96 -6.43 -44.97
N GLY F 88 13.47 -7.63 -45.24
CA GLY F 88 12.91 -8.45 -46.30
C GLY F 88 11.43 -8.76 -46.10
N LEU F 89 11.05 -9.17 -44.88
CA LEU F 89 9.65 -9.41 -44.59
C LEU F 89 8.79 -8.19 -44.93
N GLY F 90 9.34 -6.99 -44.77
CA GLY F 90 8.58 -5.76 -45.00
C GLY F 90 8.32 -5.45 -46.48
N VAL F 91 9.08 -6.04 -47.39
CA VAL F 91 8.90 -5.76 -48.82
C VAL F 91 8.44 -7.00 -49.59
N VAL F 92 7.91 -7.99 -48.91
CA VAL F 92 7.42 -9.17 -49.61
C VAL F 92 6.35 -8.78 -50.65
N GLU F 93 5.35 -8.01 -50.21
CA GLU F 93 4.32 -7.58 -51.13
C GLU F 93 4.86 -6.61 -52.17
N LEU F 94 5.68 -5.65 -51.74
CA LEU F 94 6.23 -4.67 -52.67
C LEU F 94 7.05 -5.36 -53.76
N THR F 95 7.94 -6.29 -53.36
CA THR F 95 8.77 -6.99 -54.34
C THR F 95 7.91 -7.77 -55.33
N ILE F 96 6.80 -8.35 -54.88
CA ILE F 96 5.99 -9.15 -55.79
C ILE F 96 5.34 -8.25 -56.82
N ALA F 97 4.80 -7.12 -56.38
CA ALA F 97 4.10 -6.23 -57.30
C ALA F 97 5.04 -5.66 -58.35
N LEU F 98 6.27 -5.31 -57.96
CA LEU F 98 7.21 -4.68 -58.89
C LEU F 98 7.54 -5.63 -60.05
N HIS F 99 7.85 -6.89 -59.73
CA HIS F 99 8.15 -7.85 -60.79
C HIS F 99 6.90 -8.28 -61.56
N TYR F 100 5.72 -8.19 -60.96
CA TYR F 100 4.48 -8.47 -61.70
C TYR F 100 4.21 -7.36 -62.70
N VAL F 101 4.32 -6.12 -62.25
CA VAL F 101 3.93 -4.98 -63.06
C VAL F 101 5.01 -4.59 -64.08
N PHE F 102 6.28 -4.65 -63.68
CA PHE F 102 7.36 -4.19 -64.54
C PHE F 102 7.96 -5.35 -65.31
N ASP F 103 8.58 -5.01 -66.45
CA ASP F 103 9.11 -6.03 -67.35
C ASP F 103 10.57 -6.32 -67.02
N THR F 104 10.76 -6.96 -65.88
CA THR F 104 12.12 -7.30 -65.45
C THR F 104 12.59 -8.55 -66.19
N PRO F 105 13.88 -8.64 -66.54
CA PRO F 105 14.96 -7.73 -66.21
C PRO F 105 15.24 -6.63 -67.19
N ASP F 106 14.50 -6.49 -68.29
CA ASP F 106 14.74 -5.34 -69.18
C ASP F 106 14.43 -4.02 -68.50
N ASP F 107 13.31 -3.94 -67.77
CA ASP F 107 13.05 -2.80 -66.88
C ASP F 107 13.98 -2.92 -65.68
N ARG F 108 14.59 -1.80 -65.29
CA ARG F 108 15.72 -1.78 -64.37
C ARG F 108 15.21 -1.48 -62.95
N LEU F 109 15.35 -2.44 -62.07
CA LEU F 109 15.06 -2.31 -60.65
C LEU F 109 16.36 -2.13 -59.89
N VAL F 110 16.46 -1.09 -59.07
CA VAL F 110 17.64 -0.87 -58.23
C VAL F 110 17.23 -0.91 -56.76
N TRP F 111 17.77 -1.85 -56.02
CA TRP F 111 17.49 -1.95 -54.59
C TRP F 111 18.53 -1.14 -53.81
N ASP F 112 18.06 -0.20 -52.98
CA ASP F 112 18.96 0.57 -52.13
C ASP F 112 19.38 -0.28 -50.95
N VAL F 113 20.70 -0.29 -50.68
CA VAL F 113 21.35 -1.05 -49.59
C VAL F 113 21.38 -2.54 -49.88
N GLY F 114 20.19 -3.13 -50.08
CA GLY F 114 20.08 -4.49 -50.55
C GLY F 114 19.77 -5.54 -49.50
N HIS F 115 19.87 -5.19 -48.22
CA HIS F 115 19.58 -6.12 -47.14
C HIS F 115 18.13 -6.60 -47.13
N GLN F 116 17.26 -5.95 -47.89
CA GLN F 116 15.84 -6.27 -47.97
C GLN F 116 15.49 -7.02 -49.25
N ALA F 117 16.48 -7.51 -49.99
CA ALA F 117 16.27 -8.02 -51.33
C ALA F 117 16.17 -9.53 -51.36
N TYR F 118 15.93 -10.16 -50.24
CA TYR F 118 15.89 -11.61 -50.30
C TYR F 118 14.67 -12.07 -51.09
N PRO F 119 13.48 -11.46 -50.88
CA PRO F 119 12.34 -11.78 -51.76
C PRO F 119 12.71 -11.61 -53.23
N HIS F 120 13.40 -10.51 -53.56
CA HIS F 120 13.86 -10.31 -54.93
C HIS F 120 14.71 -11.49 -55.40
N LYS F 121 15.67 -11.93 -54.58
CA LYS F 121 16.46 -13.10 -54.96
C LYS F 121 15.59 -14.35 -55.08
N ILE F 122 14.61 -14.52 -54.18
CA ILE F 122 13.78 -15.71 -54.21
C ILE F 122 12.99 -15.79 -55.51
N LEU F 123 12.57 -14.63 -56.07
CA LEU F 123 11.82 -14.52 -57.30
C LEU F 123 12.66 -14.38 -58.56
N THR F 124 13.99 -14.35 -58.48
CA THR F 124 14.85 -14.14 -59.66
C THR F 124 15.85 -15.29 -59.78
N GLU F 125 15.29 -16.51 -59.84
CA GLU F 125 15.99 -17.73 -60.23
C GLU F 125 16.97 -18.22 -59.18
N ARG F 126 16.77 -17.84 -57.91
CA ARG F 126 17.71 -18.14 -56.86
C ARG F 126 17.04 -18.74 -55.63
N ARG F 127 15.75 -19.06 -55.68
CA ARG F 127 15.08 -19.58 -54.51
C ARG F 127 15.81 -20.80 -53.96
N GLU F 128 16.13 -21.77 -54.83
CA GLU F 128 16.77 -23.00 -54.38
C GLU F 128 18.26 -22.83 -54.13
N LEU F 129 18.80 -21.65 -54.36
CA LEU F 129 20.18 -21.34 -53.99
C LEU F 129 20.26 -20.52 -52.71
N MET F 130 19.10 -20.22 -52.08
CA MET F 130 19.09 -19.47 -50.84
C MET F 130 19.68 -20.27 -49.68
N GLY F 131 19.75 -21.60 -49.83
CA GLY F 131 20.42 -22.41 -48.83
C GLY F 131 21.92 -22.17 -48.74
N THR F 132 22.53 -21.55 -49.76
CA THR F 132 23.94 -21.20 -49.75
C THR F 132 24.18 -19.74 -49.35
N LEU F 133 23.13 -18.98 -49.08
CA LEU F 133 23.26 -17.55 -48.84
C LEU F 133 24.32 -17.25 -47.78
N ARG F 134 25.22 -16.33 -48.11
CA ARG F 134 26.17 -15.73 -47.16
C ARG F 134 27.17 -16.77 -46.69
N GLN F 135 27.25 -17.90 -47.36
CA GLN F 135 28.30 -18.87 -47.10
C GLN F 135 29.34 -18.79 -48.21
N LYS F 136 30.55 -19.24 -47.89
CA LYS F 136 31.61 -19.27 -48.88
C LYS F 136 31.08 -19.91 -50.17
N ASN F 137 31.22 -19.18 -51.27
CA ASN F 137 30.90 -19.55 -52.64
C ASN F 137 29.42 -19.56 -52.97
N GLY F 138 28.54 -19.23 -52.03
CA GLY F 138 27.13 -19.07 -52.32
C GLY F 138 26.73 -17.62 -52.50
N LEU F 139 25.41 -17.40 -52.49
CA LEU F 139 24.86 -16.08 -52.84
C LEU F 139 25.40 -15.02 -51.91
N ALA F 140 25.54 -13.81 -52.43
CA ALA F 140 26.13 -12.73 -51.64
C ALA F 140 25.07 -12.13 -50.72
N ALA F 141 25.51 -11.24 -49.84
CA ALA F 141 24.64 -10.63 -48.85
C ALA F 141 23.65 -9.65 -49.48
N PHE F 142 23.98 -9.09 -50.64
CA PHE F 142 23.24 -8.04 -51.29
C PHE F 142 23.13 -8.37 -52.77
N PRO F 143 22.22 -7.71 -53.48
CA PRO F 143 22.24 -7.79 -54.96
C PRO F 143 23.63 -7.49 -55.50
N ARG F 144 23.92 -8.07 -56.65
CA ARG F 144 25.28 -8.08 -57.16
C ARG F 144 25.25 -8.40 -58.65
N ARG F 145 25.71 -7.45 -59.47
CA ARG F 145 25.62 -7.60 -60.91
C ARG F 145 26.19 -8.92 -61.36
N ALA F 146 27.30 -9.34 -60.76
CA ALA F 146 27.92 -10.59 -61.18
C ALA F 146 27.07 -11.81 -60.82
N GLU F 147 26.12 -11.67 -59.91
CA GLU F 147 25.36 -12.83 -59.45
C GLU F 147 24.18 -13.15 -60.38
N SER F 148 23.61 -12.16 -61.05
CA SER F 148 22.38 -12.36 -61.80
C SER F 148 22.10 -11.12 -62.61
N GLU F 149 21.54 -11.32 -63.82
CA GLU F 149 21.10 -10.21 -64.65
C GLU F 149 19.93 -9.46 -64.02
N TYR F 150 19.23 -10.07 -63.08
CA TYR F 150 18.17 -9.41 -62.32
C TYR F 150 18.70 -8.42 -61.27
N ASP F 151 20.00 -8.37 -61.04
CA ASP F 151 20.60 -7.41 -60.11
C ASP F 151 21.25 -6.31 -60.94
N THR F 152 20.69 -5.11 -60.90
CA THR F 152 21.17 -4.06 -61.78
C THR F 152 22.36 -3.30 -61.20
N PHE F 153 22.56 -3.34 -59.89
CA PHE F 153 23.61 -2.50 -59.30
C PHE F 153 23.97 -3.11 -57.97
N GLY F 154 25.25 -3.46 -57.80
CA GLY F 154 25.69 -4.04 -56.54
C GLY F 154 25.62 -3.00 -55.45
N VAL F 155 24.95 -3.34 -54.35
CA VAL F 155 24.74 -2.37 -53.29
C VAL F 155 25.29 -2.91 -51.97
N GLY F 156 25.34 -2.03 -50.99
CA GLY F 156 25.83 -2.38 -49.67
C GLY F 156 25.80 -1.13 -48.83
N HIS F 157 26.63 -0.16 -49.20
CA HIS F 157 26.41 1.21 -48.76
C HIS F 157 25.06 1.68 -49.23
N SER F 158 24.51 2.64 -48.51
CA SER F 158 23.17 3.14 -48.73
C SER F 158 23.20 4.35 -49.64
N SER F 159 22.01 4.67 -50.17
CA SER F 159 21.66 5.93 -50.80
C SER F 159 22.20 6.10 -52.20
N THR F 160 22.62 5.01 -52.82
CA THR F 160 23.19 5.04 -54.16
C THR F 160 22.15 4.76 -55.26
N SER F 161 20.94 4.36 -54.89
CA SER F 161 20.03 3.76 -55.87
C SER F 161 19.49 4.81 -56.83
N ILE F 162 19.06 5.95 -56.30
CA ILE F 162 18.53 7.03 -57.11
C ILE F 162 19.54 7.46 -58.16
N SER F 163 20.79 7.66 -57.72
CA SER F 163 21.84 8.08 -58.65
C SER F 163 22.09 6.99 -59.68
N ALA F 164 22.17 5.72 -59.24
CA ALA F 164 22.42 4.66 -60.20
C ALA F 164 21.27 4.54 -61.18
N ALA F 165 20.04 4.58 -60.67
CA ALA F 165 18.88 4.45 -61.55
C ALA F 165 18.79 5.61 -62.54
N LEU F 166 19.17 6.81 -62.11
CA LEU F 166 19.14 7.95 -63.01
C LEU F 166 20.18 7.79 -64.12
N GLY F 167 21.36 7.27 -63.78
CA GLY F 167 22.33 6.98 -64.81
C GLY F 167 21.80 6.01 -65.84
N MET F 168 21.19 4.92 -65.39
CA MET F 168 20.63 3.96 -66.32
C MET F 168 19.53 4.60 -67.16
N ALA F 169 18.73 5.50 -66.56
CA ALA F 169 17.68 6.15 -67.34
C ALA F 169 18.25 7.12 -68.38
N ILE F 170 19.26 7.90 -68.01
CA ILE F 170 19.80 8.86 -68.97
C ILE F 170 20.38 8.11 -70.16
N ALA F 171 21.00 6.96 -69.88
CA ALA F 171 21.60 6.16 -70.92
C ALA F 171 20.52 5.50 -71.77
N ALA F 172 19.54 4.86 -71.13
CA ALA F 172 18.40 4.32 -71.84
C ALA F 172 17.77 5.33 -72.80
N ARG F 173 17.54 6.55 -72.32
CA ARG F 173 16.92 7.57 -73.17
C ARG F 173 17.81 7.90 -74.35
N LEU F 174 19.10 8.10 -74.11
CA LEU F 174 19.99 8.40 -75.23
C LEU F 174 19.99 7.27 -76.25
N GLN F 175 19.83 6.03 -75.78
CA GLN F 175 19.87 4.87 -76.64
C GLN F 175 18.52 4.58 -77.31
N GLY F 176 17.48 5.36 -77.00
CA GLY F 176 16.18 5.10 -77.56
C GLY F 176 15.47 3.89 -77.00
N LYS F 177 15.87 3.44 -75.83
CA LYS F 177 15.33 2.23 -75.22
C LYS F 177 14.20 2.61 -74.28
N GLU F 178 13.06 1.97 -74.47
CA GLU F 178 11.88 2.34 -73.71
C GLU F 178 11.79 1.57 -72.41
N ARG F 179 12.90 1.42 -71.71
CA ARG F 179 12.87 0.64 -70.48
C ARG F 179 12.59 1.58 -69.34
N LYS F 180 11.93 1.04 -68.33
CA LYS F 180 11.70 1.78 -67.09
C LYS F 180 12.90 1.60 -66.18
N SER F 181 12.98 2.48 -65.21
CA SER F 181 14.10 2.60 -64.27
C SER F 181 13.51 2.94 -62.92
N VAL F 182 13.72 2.09 -61.92
CA VAL F 182 13.08 2.22 -60.62
C VAL F 182 14.09 2.06 -59.48
N ALA F 183 14.13 3.05 -58.58
CA ALA F 183 14.91 2.93 -57.35
C ALA F 183 13.96 2.75 -56.17
N VAL F 184 14.18 1.71 -55.39
CA VAL F 184 13.45 1.47 -54.15
C VAL F 184 14.39 1.86 -53.02
N ILE F 185 14.02 2.90 -52.27
CA ILE F 185 14.90 3.49 -51.27
C ILE F 185 14.12 3.64 -49.98
N GLY F 186 14.76 3.27 -48.87
CA GLY F 186 14.18 3.45 -47.54
C GLY F 186 14.34 4.87 -47.00
N ASP F 187 13.60 5.13 -45.92
CA ASP F 187 13.51 6.48 -45.36
C ASP F 187 14.81 6.91 -44.71
N GLY F 188 15.56 5.94 -44.19
CA GLY F 188 16.86 6.25 -43.64
C GLY F 188 17.84 6.69 -44.71
N ALA F 189 17.86 5.98 -45.85
CA ALA F 189 18.83 6.28 -46.89
C ALA F 189 18.55 7.60 -47.57
N LEU F 190 17.32 8.09 -47.48
CA LEU F 190 17.00 9.40 -48.03
C LEU F 190 17.62 10.54 -47.25
N THR F 191 18.17 10.25 -46.05
CA THR F 191 18.86 11.26 -45.26
C THR F 191 20.26 11.53 -45.78
N ALA F 192 20.82 10.67 -46.66
CA ALA F 192 22.17 10.87 -47.15
C ALA F 192 22.22 12.00 -48.15
N GLY F 193 23.31 12.76 -48.12
CA GLY F 193 23.45 13.89 -49.01
C GLY F 193 23.48 13.51 -50.48
N MET F 194 23.94 12.31 -50.79
CA MET F 194 24.00 11.93 -52.20
C MET F 194 22.60 11.64 -52.76
N ALA F 195 21.64 11.25 -51.91
CA ALA F 195 20.26 11.09 -52.41
C ALA F 195 19.66 12.44 -52.82
N PHE F 196 19.90 13.46 -52.03
CA PHE F 196 19.49 14.82 -52.41
C PHE F 196 20.11 15.25 -53.71
N GLU F 197 21.41 15.02 -53.88
CA GLU F 197 22.07 15.39 -55.13
C GLU F 197 21.40 14.69 -56.32
N ALA F 198 21.00 13.43 -56.14
CA ALA F 198 20.38 12.69 -57.23
C ALA F 198 18.97 13.17 -57.52
N LEU F 199 18.17 13.46 -56.47
CA LEU F 199 16.81 13.95 -56.69
C LEU F 199 16.82 15.26 -57.45
N ASN F 200 17.78 16.15 -57.14
CA ASN F 200 17.86 17.43 -57.83
C ASN F 200 18.26 17.25 -59.29
N HIS F 201 19.28 16.44 -59.54
CA HIS F 201 19.76 16.30 -60.90
C HIS F 201 18.74 15.58 -61.79
N ALA F 202 17.99 14.62 -61.23
CA ALA F 202 16.96 13.94 -62.03
C ALA F 202 15.87 14.91 -62.47
N SER F 203 15.51 15.84 -61.61
CA SER F 203 14.57 16.88 -62.03
C SER F 203 15.18 17.77 -63.09
N GLU F 204 16.46 18.15 -62.94
CA GLU F 204 17.07 19.02 -63.94
C GLU F 204 17.03 18.41 -65.33
N VAL F 205 17.28 17.09 -65.45
CA VAL F 205 17.31 16.49 -66.78
C VAL F 205 15.97 15.88 -67.15
N ASP F 206 14.97 16.00 -66.28
CA ASP F 206 13.61 15.54 -66.56
C ASP F 206 13.61 14.05 -66.94
N ALA F 207 14.30 13.27 -66.12
CA ALA F 207 14.44 11.85 -66.31
C ALA F 207 13.10 11.14 -66.13
N ASP F 208 12.92 10.06 -66.89
CA ASP F 208 11.76 9.19 -66.78
C ASP F 208 12.15 8.09 -65.80
N MET F 209 11.78 8.27 -64.55
CA MET F 209 12.21 7.30 -63.56
C MET F 209 11.26 7.36 -62.39
N LEU F 210 11.17 6.23 -61.70
CA LEU F 210 10.34 6.08 -60.51
C LEU F 210 11.25 5.92 -59.30
N VAL F 211 11.00 6.71 -58.27
CA VAL F 211 11.61 6.49 -56.95
C VAL F 211 10.49 6.04 -56.04
N ILE F 212 10.67 4.90 -55.42
CA ILE F 212 9.76 4.38 -54.39
C ILE F 212 10.45 4.58 -53.04
N LEU F 213 9.88 5.43 -52.20
CA LEU F 213 10.23 5.47 -50.80
C LEU F 213 9.54 4.33 -50.07
N ASN F 214 10.34 3.38 -49.55
CA ASN F 214 9.83 2.34 -48.66
C ASN F 214 9.99 2.86 -47.25
N ASP F 215 8.95 3.56 -46.76
CA ASP F 215 8.93 4.18 -45.43
C ASP F 215 8.42 3.20 -44.37
N ASN F 216 9.24 2.88 -43.39
CA ASN F 216 8.79 1.96 -42.36
C ASN F 216 9.21 2.38 -40.97
N ASP F 217 9.70 3.61 -40.79
CA ASP F 217 9.96 4.22 -39.49
C ASP F 217 9.18 5.53 -39.37
N MET F 218 8.00 5.58 -40.00
CA MET F 218 7.10 6.71 -39.90
C MET F 218 6.72 6.95 -38.43
N GLY F 240 1.13 15.63 -47.68
CA GLY F 240 1.69 15.88 -46.37
C GLY F 240 3.19 15.81 -46.37
N PRO F 241 3.74 14.58 -46.47
CA PRO F 241 5.18 14.43 -46.66
C PRO F 241 5.64 14.63 -48.09
N GLY F 242 4.71 14.89 -49.01
CA GLY F 242 5.04 14.98 -50.43
C GLY F 242 5.44 16.37 -50.85
N THR F 243 5.03 17.38 -50.07
CA THR F 243 5.28 18.75 -50.47
C THR F 243 6.77 19.00 -50.69
N LEU F 244 7.63 18.32 -49.93
CA LEU F 244 9.07 18.46 -50.12
C LEU F 244 9.49 17.99 -51.52
N PHE F 245 9.14 16.75 -51.88
CA PHE F 245 9.56 16.21 -53.18
C PHE F 245 8.88 16.92 -54.35
N GLU F 246 7.64 17.38 -54.15
CA GLU F 246 7.03 18.30 -55.10
C GLU F 246 7.96 19.47 -55.40
N GLU F 247 8.43 20.17 -54.37
CA GLU F 247 9.29 21.32 -54.63
C GLU F 247 10.58 20.90 -55.33
N LEU F 248 11.06 19.69 -55.05
CA LEU F 248 12.27 19.22 -55.71
C LEU F 248 12.03 18.77 -57.15
N GLY F 249 10.81 18.92 -57.67
CA GLY F 249 10.51 18.62 -59.06
C GLY F 249 9.91 17.25 -59.34
N TRP F 250 9.42 16.57 -58.31
CA TRP F 250 8.97 15.18 -58.40
C TRP F 250 7.45 15.13 -58.28
N ASN F 251 6.82 14.24 -59.04
CA ASN F 251 5.37 14.08 -58.95
C ASN F 251 5.13 13.04 -57.86
N TYR F 252 4.53 13.47 -56.75
CA TYR F 252 4.43 12.66 -55.54
C TYR F 252 3.06 11.98 -55.44
N ILE F 253 3.08 10.69 -55.16
CA ILE F 253 1.88 9.88 -55.01
C ILE F 253 2.01 9.12 -53.70
N GLY F 254 1.00 9.25 -52.84
CA GLY F 254 0.97 8.49 -51.60
C GLY F 254 0.63 9.33 -50.38
N PRO F 255 0.81 8.75 -49.20
CA PRO F 255 1.27 7.36 -48.99
C PRO F 255 0.26 6.29 -49.42
N ILE F 256 0.72 5.06 -49.68
CA ILE F 256 -0.14 3.91 -49.89
C ILE F 256 0.36 2.78 -48.99
N ASP F 257 -0.52 1.83 -48.72
CA ASP F 257 -0.21 0.69 -47.88
C ASP F 257 0.67 -0.26 -48.68
N GLY F 258 1.90 -0.50 -48.20
CA GLY F 258 2.85 -1.35 -48.86
C GLY F 258 2.66 -2.81 -48.57
N HIS F 259 1.54 -3.17 -47.92
CA HIS F 259 1.19 -4.58 -47.75
C HIS F 259 -0.11 -4.94 -48.43
N ASP F 260 -0.80 -3.98 -49.04
CA ASP F 260 -2.01 -4.25 -49.81
C ASP F 260 -1.63 -4.45 -51.27
N LEU F 261 -1.71 -5.69 -51.74
CA LEU F 261 -1.22 -6.04 -53.06
C LEU F 261 -2.08 -5.44 -54.17
N PRO F 262 -3.42 -5.48 -54.07
CA PRO F 262 -4.23 -4.81 -55.11
C PRO F 262 -3.91 -3.33 -55.27
N THR F 263 -3.74 -2.60 -54.17
CA THR F 263 -3.39 -1.18 -54.28
C THR F 263 -2.01 -1.02 -54.92
N LEU F 264 -1.02 -1.79 -54.46
CA LEU F 264 0.32 -1.69 -55.03
C LEU F 264 0.28 -1.88 -56.56
N VAL F 265 -0.27 -3.00 -57.01
CA VAL F 265 -0.28 -3.33 -58.44
C VAL F 265 -0.95 -2.24 -59.26
N ALA F 266 -2.11 -1.77 -58.79
CA ALA F 266 -2.83 -0.73 -59.52
C ALA F 266 -2.05 0.57 -59.58
N THR F 267 -1.45 1.00 -58.47
CA THR F 267 -0.66 2.22 -58.45
C THR F 267 0.59 2.11 -59.31
N LEU F 268 1.31 0.99 -59.21
CA LEU F 268 2.50 0.80 -60.04
C LEU F 268 2.12 0.76 -61.53
N ARG F 269 0.96 0.19 -61.86
CA ARG F 269 0.51 0.18 -63.24
C ARG F 269 0.25 1.60 -63.75
N ASN F 270 -0.40 2.45 -62.94
CA ASN F 270 -0.63 3.83 -63.34
C ASN F 270 0.67 4.62 -63.50
N MET F 271 1.61 4.43 -62.58
CA MET F 271 2.81 5.26 -62.60
C MET F 271 3.84 4.72 -63.59
N ARG F 272 3.69 3.47 -64.02
CA ARG F 272 4.71 2.87 -64.87
C ARG F 272 4.92 3.69 -66.12
N ASP F 273 3.83 4.09 -66.78
CA ASP F 273 3.92 4.82 -68.04
C ASP F 273 3.70 6.32 -67.90
N MET F 274 3.64 6.82 -66.67
CA MET F 274 3.77 8.25 -66.45
C MET F 274 5.20 8.68 -66.77
N LYS F 275 5.36 9.97 -67.04
CA LYS F 275 6.61 10.47 -67.59
C LYS F 275 7.26 11.44 -66.60
N GLY F 276 8.57 11.56 -66.68
CA GLY F 276 9.28 12.45 -65.81
C GLY F 276 9.50 11.85 -64.44
N PRO F 277 10.02 12.63 -63.51
CA PRO F 277 10.35 12.06 -62.19
C PRO F 277 9.12 11.78 -61.37
N GLN F 278 8.88 10.51 -61.10
CA GLN F 278 7.74 10.07 -60.32
C GLN F 278 8.26 9.58 -58.98
N PHE F 279 7.60 10.00 -57.90
CA PHE F 279 7.94 9.62 -56.53
C PHE F 279 6.74 8.95 -55.89
N LEU F 280 6.92 7.69 -55.45
CA LEU F 280 5.85 6.89 -54.86
C LEU F 280 6.24 6.59 -53.43
N HIS F 281 5.36 6.96 -52.50
CA HIS F 281 5.58 6.80 -51.07
C HIS F 281 4.74 5.61 -50.60
N VAL F 282 5.42 4.59 -50.09
CA VAL F 282 4.83 3.35 -49.62
C VAL F 282 5.14 3.23 -48.13
N VAL F 283 4.22 2.65 -47.38
CA VAL F 283 4.41 2.41 -45.95
C VAL F 283 4.37 0.92 -45.71
N THR F 284 5.45 0.41 -45.13
CA THR F 284 5.54 -0.99 -44.76
C THR F 284 5.91 -1.05 -43.30
N LYS F 285 5.84 -2.25 -42.73
CA LYS F 285 6.17 -2.47 -41.33
C LYS F 285 7.36 -3.43 -41.26
N LYS F 286 8.37 -3.05 -40.49
CA LYS F 286 9.50 -3.94 -40.26
C LYS F 286 9.00 -5.25 -39.63
N GLY F 287 9.39 -6.37 -40.24
CA GLY F 287 9.09 -7.69 -39.71
C GLY F 287 7.72 -8.23 -40.09
N LYS F 288 7.05 -7.62 -41.06
CA LYS F 288 5.64 -7.85 -41.33
C LYS F 288 5.37 -9.33 -41.50
N GLY F 289 4.44 -9.85 -40.72
CA GLY F 289 4.09 -11.25 -40.81
C GLY F 289 4.75 -12.17 -39.82
N PHE F 290 5.66 -11.68 -39.00
CA PHE F 290 6.32 -12.48 -37.97
C PHE F 290 6.31 -11.67 -36.68
N ALA F 291 5.40 -12.02 -35.76
CA ALA F 291 5.14 -11.22 -34.58
C ALA F 291 6.41 -10.84 -33.83
N PRO F 292 7.30 -11.78 -33.48
CA PRO F 292 8.51 -11.38 -32.76
C PRO F 292 9.25 -10.25 -33.45
N ALA F 293 9.29 -10.25 -34.78
CA ALA F 293 10.05 -9.25 -35.54
C ALA F 293 9.32 -7.92 -35.63
N GLU F 294 7.99 -7.96 -35.75
CA GLU F 294 7.24 -6.71 -35.63
C GLU F 294 7.48 -6.06 -34.27
N LEU F 295 7.54 -6.86 -33.20
CA LEU F 295 7.63 -6.26 -31.88
C LEU F 295 9.05 -5.81 -31.55
N ASP F 296 10.08 -6.48 -32.09
CA ASP F 296 11.48 -6.17 -31.84
C ASP F 296 12.27 -6.06 -33.16
N PRO F 297 12.03 -4.99 -33.92
CA PRO F 297 12.69 -4.86 -35.24
C PRO F 297 14.19 -4.61 -35.17
N ILE F 298 14.74 -4.30 -34.00
CA ILE F 298 16.18 -4.13 -33.87
C ILE F 298 16.87 -5.47 -33.75
N GLY F 299 16.37 -6.32 -32.84
CA GLY F 299 16.89 -7.66 -32.71
C GLY F 299 16.66 -8.54 -33.92
N TYR F 300 15.58 -8.30 -34.68
CA TYR F 300 15.27 -9.09 -35.87
C TYR F 300 15.73 -8.42 -37.18
N HIS F 301 16.51 -7.33 -37.08
CA HIS F 301 17.23 -6.83 -38.25
C HIS F 301 18.07 -7.91 -38.90
N ALA F 302 18.71 -8.75 -38.09
CA ALA F 302 19.46 -9.89 -38.62
C ALA F 302 19.53 -10.97 -37.56
N ILE F 303 19.45 -12.23 -38.00
CA ILE F 303 19.51 -13.36 -37.09
C ILE F 303 20.69 -14.23 -37.49
N THR F 304 21.03 -15.17 -36.60
CA THR F 304 21.95 -16.26 -36.91
C THR F 304 21.18 -17.52 -37.25
N LYS F 305 21.91 -18.50 -37.80
CA LYS F 305 21.40 -19.86 -37.96
C LYS F 305 20.67 -20.32 -36.71
N LEU F 306 19.49 -20.93 -36.91
CA LEU F 306 18.75 -21.48 -35.79
C LEU F 306 19.53 -22.62 -35.14
N GLU F 307 19.44 -22.70 -33.81
CA GLU F 307 19.97 -23.82 -33.04
C GLU F 307 21.50 -23.75 -32.93
N THR F 316 31.42 -18.75 -25.28
CA THR F 316 31.47 -17.31 -25.02
C THR F 316 32.87 -16.76 -24.68
N GLY F 317 33.23 -15.59 -25.25
CA GLY F 317 34.54 -15.01 -25.16
C GLY F 317 34.49 -13.56 -24.64
N GLY F 318 35.55 -12.82 -25.00
CA GLY F 318 35.67 -11.47 -24.49
C GLY F 318 34.63 -10.52 -25.09
N PRO F 319 34.65 -9.28 -24.62
CA PRO F 319 33.78 -8.25 -25.21
C PRO F 319 34.15 -7.94 -26.65
N LYS F 320 33.16 -7.53 -27.42
CA LYS F 320 33.44 -7.00 -28.74
C LYS F 320 34.24 -5.71 -28.59
N TYR F 321 35.17 -5.49 -29.51
CA TYR F 321 35.90 -4.24 -29.55
C TYR F 321 34.94 -3.06 -29.45
N SER F 322 33.84 -3.12 -30.21
CA SER F 322 32.86 -2.04 -30.17
C SER F 322 32.38 -1.78 -28.75
N SER F 323 32.22 -2.83 -27.96
CA SER F 323 31.79 -2.68 -26.58
C SER F 323 32.87 -2.03 -25.73
N VAL F 324 34.12 -2.47 -25.90
CA VAL F 324 35.26 -1.81 -25.27
C VAL F 324 35.22 -0.30 -25.56
N PHE F 325 34.95 0.06 -26.81
CA PHE F 325 34.89 1.47 -27.18
C PHE F 325 33.73 2.18 -26.50
N GLY F 326 32.54 1.57 -26.53
CA GLY F 326 31.42 2.12 -25.79
C GLY F 326 31.76 2.40 -24.33
N GLN F 327 32.34 1.41 -23.64
CA GLN F 327 32.75 1.59 -22.26
C GLN F 327 33.78 2.70 -22.13
N TRP F 328 34.79 2.72 -23.00
CA TRP F 328 35.73 3.83 -22.99
C TRP F 328 34.98 5.16 -23.11
N LEU F 329 34.05 5.23 -24.06
CA LEU F 329 33.37 6.48 -24.33
C LEU F 329 32.61 6.98 -23.11
N CYS F 330 31.92 6.07 -22.39
CA CYS F 330 31.26 6.44 -21.14
C CYS F 330 32.28 6.79 -20.07
N ASP F 331 33.32 5.96 -19.90
CA ASP F 331 34.29 6.25 -18.83
C ASP F 331 34.93 7.64 -19.00
N MET F 332 35.29 8.02 -20.23
CA MET F 332 35.92 9.33 -20.45
C MET F 332 34.91 10.46 -20.33
N ALA F 333 33.71 10.25 -20.85
CA ALA F 333 32.66 11.25 -20.67
C ALA F 333 32.46 11.56 -19.18
N ALA F 334 32.53 10.55 -18.32
CA ALA F 334 32.30 10.81 -16.92
C ALA F 334 33.43 11.61 -16.29
N GLN F 335 34.58 11.67 -16.94
CA GLN F 335 35.71 12.44 -16.44
C GLN F 335 35.85 13.79 -17.10
N ASP F 336 35.27 13.94 -18.29
CA ASP F 336 35.55 15.06 -19.18
C ASP F 336 34.24 15.45 -19.81
N ALA F 337 33.69 16.57 -19.36
CA ALA F 337 32.43 17.09 -19.91
C ALA F 337 32.56 17.59 -21.34
N ARG F 338 33.77 17.79 -21.85
CA ARG F 338 33.96 18.22 -23.24
C ARG F 338 33.70 17.11 -24.27
N LEU F 339 33.78 15.85 -23.86
CA LEU F 339 33.62 14.75 -24.82
C LEU F 339 32.22 14.74 -25.40
N LEU F 340 32.13 14.77 -26.72
CA LEU F 340 30.89 14.59 -27.46
C LEU F 340 31.01 13.35 -28.34
N GLY F 341 29.93 12.59 -28.46
CA GLY F 341 29.95 11.36 -29.25
C GLY F 341 29.03 11.43 -30.44
N ILE F 342 29.57 11.20 -31.64
CA ILE F 342 28.83 11.34 -32.89
C ILE F 342 28.78 10.00 -33.59
N THR F 343 27.62 9.67 -34.19
CA THR F 343 27.53 8.48 -35.11
C THR F 343 26.64 8.78 -36.30
N PRO F 344 26.97 8.29 -37.52
CA PRO F 344 26.00 8.40 -38.61
C PRO F 344 25.14 7.13 -38.66
N ALA F 345 24.14 7.10 -37.76
CA ALA F 345 23.03 6.15 -37.77
C ALA F 345 23.45 4.73 -37.43
N MET F 346 24.44 4.60 -36.54
CA MET F 346 25.03 3.29 -36.22
C MET F 346 25.27 3.20 -34.71
N LYS F 347 24.25 3.60 -33.92
CA LYS F 347 24.37 3.53 -32.46
C LYS F 347 24.60 2.10 -31.96
N GLU F 348 23.85 1.13 -32.50
CA GLU F 348 24.00 -0.23 -32.04
C GLU F 348 25.34 -0.82 -32.48
N GLY F 349 25.70 -0.66 -33.74
CA GLY F 349 26.90 -1.31 -34.25
C GLY F 349 28.19 -0.77 -33.69
N SER F 350 28.35 0.57 -33.73
CA SER F 350 29.48 1.20 -33.06
C SER F 350 29.35 1.10 -31.56
N ASP F 351 28.13 0.83 -31.07
CA ASP F 351 27.79 0.68 -29.65
C ASP F 351 28.01 1.96 -28.81
N LEU F 352 27.20 2.96 -29.13
CA LEU F 352 27.05 4.17 -28.34
C LEU F 352 25.79 4.10 -27.49
N VAL F 353 25.22 2.89 -27.34
CA VAL F 353 23.96 2.72 -26.63
C VAL F 353 24.02 3.33 -25.24
N ALA F 354 24.89 2.78 -24.37
CA ALA F 354 24.99 3.27 -23.00
C ALA F 354 25.33 4.77 -22.95
N PHE F 355 26.25 5.21 -23.80
CA PHE F 355 26.60 6.63 -23.87
C PHE F 355 25.36 7.48 -24.15
N SER F 356 24.55 7.07 -25.11
CA SER F 356 23.40 7.86 -25.52
C SER F 356 22.35 7.94 -24.42
N GLU F 357 22.32 6.94 -23.54
CA GLU F 357 21.37 6.90 -22.44
C GLU F 357 21.84 7.75 -21.25
N ARG F 358 23.12 7.67 -20.90
CA ARG F 358 23.65 8.43 -19.76
C ARG F 358 23.92 9.90 -20.11
N TYR F 359 24.32 10.20 -21.36
CA TYR F 359 24.78 11.54 -21.73
C TYR F 359 24.00 12.05 -22.94
N PRO F 360 22.67 12.03 -22.87
CA PRO F 360 21.88 12.28 -24.09
C PRO F 360 22.14 13.65 -24.68
N GLU F 361 22.48 14.64 -23.86
CA GLU F 361 22.78 15.99 -24.38
C GLU F 361 24.11 16.03 -25.14
N ARG F 362 24.90 14.97 -25.11
CA ARG F 362 26.23 14.97 -25.70
C ARG F 362 26.41 13.90 -26.78
N TYR F 363 25.31 13.26 -27.16
CA TYR F 363 25.25 12.20 -28.16
C TYR F 363 24.54 12.74 -29.40
N PHE F 364 25.10 12.49 -30.57
CA PHE F 364 24.51 12.99 -31.82
C PHE F 364 24.49 11.89 -32.87
N ASP F 365 23.29 11.55 -33.28
CA ASP F 365 23.04 10.68 -34.42
C ASP F 365 22.68 11.61 -35.56
N VAL F 366 23.55 11.70 -36.57
CA VAL F 366 23.35 12.62 -37.67
C VAL F 366 22.59 11.95 -38.81
N ALA F 367 22.06 10.76 -38.58
CA ALA F 367 21.43 9.95 -39.62
C ALA F 367 22.51 9.44 -40.59
N ILE F 368 22.15 9.05 -41.81
CA ILE F 368 23.17 8.43 -42.66
C ILE F 368 23.88 9.54 -43.41
N ALA F 369 24.73 10.28 -42.69
CA ALA F 369 25.26 11.54 -43.14
C ALA F 369 26.72 11.61 -42.71
N GLU F 370 27.55 10.69 -43.25
CA GLU F 370 28.95 10.64 -42.82
C GLU F 370 29.65 11.99 -43.01
N GLN F 371 29.44 12.63 -44.17
CA GLN F 371 30.09 13.90 -44.44
C GLN F 371 29.77 14.91 -43.33
N HIS F 372 28.48 15.11 -43.04
CA HIS F 372 28.11 16.09 -42.03
C HIS F 372 28.68 15.69 -40.68
N ALA F 373 28.69 14.38 -40.37
CA ALA F 373 29.25 13.94 -39.08
C ALA F 373 30.64 14.53 -38.84
N VAL F 374 31.51 14.51 -39.87
CA VAL F 374 32.90 14.92 -39.68
C VAL F 374 33.00 16.44 -39.58
N THR F 375 32.34 17.18 -40.49
CA THR F 375 32.43 18.64 -40.42
C THR F 375 31.71 19.19 -39.18
N LEU F 376 30.62 18.56 -38.78
CA LEU F 376 30.00 18.92 -37.51
C LEU F 376 31.04 18.87 -36.40
N ALA F 377 31.85 17.79 -36.36
CA ALA F 377 32.83 17.62 -35.30
C ALA F 377 33.94 18.63 -35.39
N ALA F 378 34.36 19.00 -36.61
CA ALA F 378 35.34 20.07 -36.73
C ALA F 378 34.83 21.38 -36.12
N GLY F 379 33.54 21.68 -36.31
CA GLY F 379 33.01 22.94 -35.77
C GLY F 379 32.88 22.90 -34.25
N MET F 380 32.52 21.71 -33.71
CA MET F 380 32.51 21.54 -32.26
C MET F 380 33.90 21.72 -31.65
N ALA F 381 34.92 21.25 -32.36
CA ALA F 381 36.26 21.36 -31.83
C ALA F 381 36.79 22.79 -31.92
N CYS F 382 36.20 23.63 -32.75
CA CYS F 382 36.58 25.03 -32.79
C CYS F 382 36.15 25.76 -31.51
N GLU F 383 35.27 25.18 -30.71
CA GLU F 383 34.86 25.82 -29.46
C GLU F 383 35.43 25.13 -28.23
N GLY F 384 36.37 24.20 -28.41
CA GLY F 384 37.07 23.60 -27.31
C GLY F 384 36.42 22.33 -26.80
N MET F 385 35.31 21.90 -27.40
CA MET F 385 34.75 20.58 -27.11
C MET F 385 35.58 19.48 -27.79
N LYS F 386 35.35 18.23 -27.39
CA LYS F 386 36.21 17.10 -27.76
C LYS F 386 35.38 16.02 -28.42
N PRO F 387 35.07 16.18 -29.71
CA PRO F 387 34.21 15.23 -30.40
C PRO F 387 34.92 13.92 -30.71
N VAL F 388 34.14 12.84 -30.70
CA VAL F 388 34.52 11.50 -31.14
C VAL F 388 33.54 11.09 -32.24
N VAL F 389 34.05 10.91 -33.44
CA VAL F 389 33.27 10.39 -34.56
C VAL F 389 33.45 8.87 -34.56
N ALA F 390 32.40 8.14 -34.22
CA ALA F 390 32.36 6.69 -34.37
C ALA F 390 31.87 6.41 -35.79
N ILE F 391 32.68 5.70 -36.57
CA ILE F 391 32.40 5.44 -37.97
C ILE F 391 33.16 4.19 -38.43
N TYR F 392 32.49 3.37 -39.21
CA TYR F 392 33.13 2.19 -39.75
C TYR F 392 34.14 2.61 -40.82
N SER F 393 35.22 1.83 -40.95
CA SER F 393 36.24 2.11 -41.93
C SER F 393 35.64 2.24 -43.32
N THR F 394 34.76 1.31 -43.69
CA THR F 394 34.18 1.36 -45.03
C THR F 394 33.37 2.63 -45.24
N PHE F 395 32.67 3.12 -44.20
CA PHE F 395 31.80 4.30 -44.35
C PHE F 395 32.55 5.62 -44.25
N LEU F 396 33.71 5.63 -43.56
CA LEU F 396 34.60 6.79 -43.54
C LEU F 396 35.12 7.15 -44.93
N GLN F 397 35.09 6.19 -45.87
CA GLN F 397 35.38 6.50 -47.27
C GLN F 397 34.53 7.67 -47.76
N ARG F 398 33.29 7.75 -47.30
CA ARG F 398 32.37 8.77 -47.77
C ARG F 398 32.60 10.13 -47.13
N ALA F 399 33.37 10.23 -46.04
CA ALA F 399 33.64 11.50 -45.38
C ALA F 399 35.11 11.90 -45.51
N TYR F 400 35.81 11.27 -46.47
CA TYR F 400 37.24 11.54 -46.65
C TYR F 400 37.50 13.02 -46.85
N ASP F 401 36.67 13.70 -47.64
CA ASP F 401 36.94 15.10 -47.94
C ASP F 401 36.74 15.96 -46.70
N GLN F 402 35.71 15.66 -45.92
CA GLN F 402 35.53 16.42 -44.68
C GLN F 402 36.66 16.15 -43.70
N LEU F 403 37.17 14.90 -43.67
CA LEU F 403 38.31 14.58 -42.81
C LEU F 403 39.54 15.37 -43.22
N ILE F 404 39.83 15.42 -44.52
CA ILE F 404 41.07 16.09 -44.97
C ILE F 404 40.94 17.61 -44.81
N HIS F 405 39.91 18.18 -45.44
CA HIS F 405 39.83 19.65 -45.67
C HIS F 405 39.33 20.37 -44.45
N ASP F 406 38.42 19.77 -43.68
CA ASP F 406 37.86 20.45 -42.52
C ASP F 406 38.53 20.10 -41.21
N VAL F 407 39.08 18.89 -41.09
CA VAL F 407 39.76 18.51 -39.85
C VAL F 407 41.28 18.59 -39.98
N ALA F 408 41.87 17.87 -40.93
CA ALA F 408 43.33 17.72 -40.86
C ALA F 408 44.05 18.99 -41.34
N VAL F 409 43.54 19.62 -42.39
CA VAL F 409 44.16 20.87 -42.85
C VAL F 409 44.16 21.92 -41.74
N GLN F 410 43.11 21.93 -40.90
CA GLN F 410 43.01 22.83 -39.75
C GLN F 410 43.62 22.26 -38.48
N HIS F 411 44.13 21.02 -38.55
CA HIS F 411 44.64 20.31 -37.38
C HIS F 411 43.69 20.38 -36.19
N LEU F 412 42.42 20.06 -36.43
CA LEU F 412 41.44 20.14 -35.39
C LEU F 412 41.37 18.85 -34.56
N ASP F 413 40.88 19.02 -33.33
CA ASP F 413 41.00 18.03 -32.27
C ASP F 413 39.79 17.12 -32.34
N VAL F 414 39.88 16.18 -33.27
CA VAL F 414 38.80 15.25 -33.55
C VAL F 414 39.39 13.85 -33.47
N LEU F 415 38.70 12.96 -32.78
CA LEU F 415 39.08 11.55 -32.68
C LEU F 415 38.11 10.72 -33.51
N PHE F 416 38.64 9.90 -34.41
CA PHE F 416 37.86 8.98 -35.22
C PHE F 416 38.03 7.57 -34.67
N ALA F 417 36.95 6.98 -34.18
CA ALA F 417 36.97 5.62 -33.65
C ALA F 417 36.49 4.71 -34.79
N ILE F 418 37.42 4.04 -35.47
CA ILE F 418 37.14 3.41 -36.76
C ILE F 418 36.88 1.94 -36.50
N ASP F 419 35.60 1.56 -36.51
CA ASP F 419 35.18 0.17 -36.32
C ASP F 419 35.16 -0.57 -37.66
N ARG F 420 34.98 -1.89 -37.58
CA ARG F 420 34.90 -2.75 -38.76
C ARG F 420 36.13 -2.54 -39.67
N ALA F 421 37.28 -2.40 -39.02
CA ALA F 421 38.55 -2.32 -39.73
C ALA F 421 39.04 -3.71 -40.09
N GLY F 422 39.30 -3.93 -41.36
CA GLY F 422 39.67 -5.25 -41.87
C GLY F 422 38.50 -5.92 -42.55
N LEU F 423 38.64 -7.23 -42.73
CA LEU F 423 37.59 -8.05 -43.34
C LEU F 423 36.41 -8.21 -42.38
N VAL F 424 35.20 -8.10 -42.91
CA VAL F 424 34.02 -8.06 -42.04
C VAL F 424 33.21 -9.34 -42.09
N GLY F 425 33.55 -10.26 -42.97
CA GLY F 425 32.86 -11.55 -43.03
C GLY F 425 31.77 -11.57 -44.09
N GLU F 426 30.59 -12.05 -43.69
CA GLU F 426 29.57 -12.43 -44.68
C GLU F 426 29.01 -11.22 -45.41
N ASP F 427 29.07 -10.02 -44.84
CA ASP F 427 28.58 -8.86 -45.61
C ASP F 427 29.44 -8.58 -46.83
N GLY F 428 30.67 -9.06 -46.88
CA GLY F 428 31.45 -9.08 -48.10
C GLY F 428 32.29 -7.85 -48.34
N PRO F 429 32.77 -7.70 -49.58
CA PRO F 429 33.66 -6.57 -49.89
C PRO F 429 33.00 -5.20 -49.94
N THR F 430 31.68 -5.09 -50.12
CA THR F 430 31.15 -3.73 -50.08
C THR F 430 31.40 -3.07 -48.73
N HIS F 431 31.59 -3.88 -47.68
CA HIS F 431 31.67 -3.40 -46.31
C HIS F 431 33.07 -3.55 -45.74
N ALA F 432 34.02 -3.99 -46.55
CA ALA F 432 35.35 -4.29 -46.05
C ALA F 432 36.07 -3.02 -45.61
N GLY F 433 36.66 -3.06 -44.42
CA GLY F 433 37.43 -1.93 -43.98
C GLY F 433 38.87 -2.07 -44.46
N SER F 434 39.10 -2.08 -45.78
CA SER F 434 40.40 -2.49 -46.27
C SER F 434 41.42 -1.38 -46.38
N PHE F 435 41.00 -0.12 -46.39
CA PHE F 435 41.89 0.91 -46.92
C PHE F 435 42.28 2.01 -45.97
N ASP F 436 41.73 2.03 -44.75
CA ASP F 436 41.83 3.24 -43.94
C ASP F 436 43.25 3.53 -43.48
N ILE F 437 44.11 2.51 -43.34
CA ILE F 437 45.51 2.83 -43.03
C ILE F 437 46.14 3.55 -44.21
N SER F 438 45.80 3.11 -45.44
CA SER F 438 46.40 3.69 -46.63
C SER F 438 45.84 5.07 -46.90
N TYR F 439 44.54 5.28 -46.71
CA TYR F 439 44.04 6.59 -47.07
C TYR F 439 44.20 7.63 -45.96
N LEU F 440 44.38 7.22 -44.69
CA LEU F 440 44.63 8.19 -43.64
C LEU F 440 46.12 8.51 -43.46
N ARG F 441 47.04 7.58 -43.68
CA ARG F 441 48.42 7.87 -43.28
C ARG F 441 49.12 8.81 -44.26
N CYS F 442 48.57 8.99 -45.46
CA CYS F 442 49.13 9.97 -46.37
C CYS F 442 48.69 11.39 -46.06
N ILE F 443 47.76 11.58 -45.13
CA ILE F 443 47.20 12.89 -44.81
C ILE F 443 48.03 13.53 -43.71
N PRO F 444 48.68 14.66 -43.94
CA PRO F 444 49.48 15.30 -42.87
C PRO F 444 48.65 15.66 -41.65
N GLY F 445 49.26 15.52 -40.45
CA GLY F 445 48.61 15.81 -39.19
C GLY F 445 47.86 14.65 -38.52
N MET F 446 47.56 13.56 -39.23
CA MET F 446 46.82 12.44 -38.66
C MET F 446 47.69 11.57 -37.74
N LEU F 447 47.25 11.38 -36.50
CA LEU F 447 47.74 10.29 -35.64
C LEU F 447 46.97 9.03 -36.01
N VAL F 448 47.67 7.96 -36.41
CA VAL F 448 47.04 6.74 -36.90
C VAL F 448 47.52 5.54 -36.08
N MET F 449 46.57 4.83 -35.46
CA MET F 449 46.89 3.81 -34.45
C MET F 449 46.15 2.51 -34.68
N THR F 450 46.81 1.40 -34.30
CA THR F 450 46.36 0.05 -34.63
C THR F 450 46.43 -0.82 -33.39
N PRO F 451 45.45 -0.70 -32.49
CA PRO F 451 45.48 -1.49 -31.24
C PRO F 451 45.45 -2.97 -31.52
N SER F 452 46.17 -3.73 -30.69
CA SER F 452 46.32 -5.16 -30.89
C SER F 452 45.39 -6.02 -30.02
N ASP F 453 44.68 -5.40 -29.07
CA ASP F 453 43.75 -6.12 -28.19
C ASP F 453 42.92 -5.12 -27.39
N GLU F 454 42.14 -5.63 -26.42
CA GLU F 454 41.13 -4.79 -25.78
C GLU F 454 41.77 -3.69 -24.93
N ASP F 455 42.83 -4.06 -24.21
CA ASP F 455 43.56 -3.08 -23.39
C ASP F 455 44.19 -2.00 -24.25
N GLU F 456 44.81 -2.43 -25.36
CA GLU F 456 45.47 -1.49 -26.26
C GLU F 456 44.45 -0.55 -26.92
N LEU F 457 43.26 -1.07 -27.25
CA LEU F 457 42.21 -0.23 -27.80
C LEU F 457 41.83 0.87 -26.82
N ARG F 458 41.65 0.51 -25.54
CA ARG F 458 41.27 1.52 -24.56
C ARG F 458 42.37 2.57 -24.43
N LYS F 459 43.62 2.12 -24.36
CA LYS F 459 44.73 3.02 -24.22
C LYS F 459 44.92 3.88 -25.47
N LEU F 460 44.76 3.33 -26.66
CA LEU F 460 45.01 4.19 -27.82
C LEU F 460 43.86 5.14 -28.07
N LEU F 461 42.67 4.83 -27.55
CA LEU F 461 41.59 5.81 -27.60
C LEU F 461 41.90 6.98 -26.69
N THR F 462 42.29 6.71 -25.43
CA THR F 462 42.74 7.79 -24.57
C THR F 462 43.84 8.60 -25.25
N THR F 463 44.81 7.93 -25.87
CA THR F 463 45.93 8.64 -26.50
C THR F 463 45.44 9.56 -27.62
N GLY F 464 44.57 9.05 -28.50
CA GLY F 464 44.11 9.87 -29.60
C GLY F 464 43.18 10.98 -29.13
N TYR F 465 42.31 10.67 -28.20
CA TYR F 465 41.42 11.67 -27.62
C TYR F 465 42.22 12.82 -27.04
N LEU F 466 43.14 12.52 -26.13
CA LEU F 466 43.88 13.58 -25.45
C LEU F 466 44.81 14.32 -26.39
N PHE F 467 45.30 13.64 -27.44
CA PHE F 467 46.23 14.28 -28.36
C PHE F 467 45.55 15.48 -29.00
N ASP F 468 46.28 16.58 -29.09
CA ASP F 468 45.72 17.86 -29.53
C ASP F 468 45.83 17.93 -31.06
N GLY F 469 44.86 17.34 -31.72
CA GLY F 469 44.94 17.16 -33.14
C GLY F 469 44.09 16.00 -33.56
N PRO F 470 44.04 15.75 -34.86
CA PRO F 470 43.21 14.64 -35.35
C PRO F 470 43.91 13.31 -35.16
N ALA F 471 43.13 12.31 -34.74
CA ALA F 471 43.66 10.99 -34.41
C ALA F 471 42.68 9.92 -34.88
N ALA F 472 43.21 8.79 -35.35
CA ALA F 472 42.44 7.67 -35.81
C ALA F 472 42.83 6.41 -35.05
N VAL F 473 41.83 5.64 -34.60
CA VAL F 473 42.03 4.37 -33.92
C VAL F 473 41.14 3.35 -34.61
N ARG F 474 41.74 2.29 -35.18
CA ARG F 474 41.02 1.34 -36.04
C ARG F 474 41.01 -0.03 -35.37
N TYR F 475 39.88 -0.74 -35.47
CA TYR F 475 39.76 -2.03 -34.79
C TYR F 475 38.70 -2.85 -35.49
N PRO F 476 38.79 -4.19 -35.42
CA PRO F 476 37.91 -5.05 -36.21
C PRO F 476 36.54 -5.26 -35.60
N ARG F 477 35.64 -5.78 -36.44
CA ARG F 477 34.40 -6.39 -35.98
C ARG F 477 34.70 -7.54 -35.02
N GLY F 478 33.70 -7.90 -34.22
CA GLY F 478 33.80 -9.04 -33.33
C GLY F 478 34.62 -8.74 -32.09
N SER F 479 35.14 -9.82 -31.49
CA SER F 479 35.82 -9.77 -30.20
C SER F 479 37.30 -10.20 -30.35
N GLY F 480 38.03 -10.08 -29.24
CA GLY F 480 39.46 -10.21 -29.23
C GLY F 480 40.02 -11.39 -28.46
N PRO F 481 41.32 -11.37 -28.16
CA PRO F 481 41.92 -12.48 -27.41
C PRO F 481 41.58 -12.48 -25.92
N ASN F 482 40.88 -11.45 -25.46
CA ASN F 482 40.29 -11.43 -24.12
C ASN F 482 41.37 -11.28 -23.04
N HIS F 483 42.22 -10.25 -23.22
CA HIS F 483 43.26 -9.96 -22.23
C HIS F 483 42.75 -9.01 -21.16
N PRO F 484 43.40 -8.91 -20.02
CA PRO F 484 42.93 -7.96 -18.99
C PRO F 484 42.93 -6.54 -19.50
N ILE F 485 41.90 -5.77 -19.13
CA ILE F 485 41.76 -4.37 -19.50
C ILE F 485 42.03 -3.51 -18.28
N ASP F 486 43.04 -2.68 -18.37
CA ASP F 486 43.39 -1.76 -17.28
C ASP F 486 42.30 -0.71 -17.20
N PRO F 487 41.64 -0.52 -16.05
CA PRO F 487 40.49 0.40 -16.00
C PRO F 487 40.88 1.87 -15.95
N ASP F 488 42.13 2.16 -15.67
CA ASP F 488 42.58 3.55 -15.69
C ASP F 488 42.37 4.13 -17.09
N LEU F 489 42.37 5.46 -17.15
CA LEU F 489 42.28 6.22 -18.40
C LEU F 489 43.53 7.06 -18.53
N GLN F 490 44.61 6.44 -19.03
CA GLN F 490 45.88 7.10 -19.23
C GLN F 490 46.37 6.82 -20.65
N PRO F 491 47.03 7.78 -21.27
CA PRO F 491 47.53 7.55 -22.63
C PRO F 491 48.87 6.82 -22.60
N VAL F 492 49.42 6.61 -23.80
CA VAL F 492 50.73 6.02 -23.94
C VAL F 492 51.54 6.95 -24.81
N GLU F 493 52.86 6.78 -24.74
CA GLU F 493 53.76 7.62 -25.51
C GLU F 493 53.49 7.50 -27.00
N ILE F 494 53.35 8.64 -27.66
CA ILE F 494 53.06 8.65 -29.08
C ILE F 494 54.31 8.29 -29.86
N GLY F 495 54.12 7.47 -30.90
CA GLY F 495 55.21 7.07 -31.76
C GLY F 495 56.10 5.97 -31.25
N LYS F 496 55.67 5.19 -30.25
CA LYS F 496 56.49 4.13 -29.69
C LYS F 496 55.77 2.78 -29.72
N GLY F 497 56.44 1.78 -30.26
CA GLY F 497 55.96 0.43 -30.16
C GLY F 497 56.35 -0.22 -28.84
N VAL F 498 55.93 -1.46 -28.72
CA VAL F 498 56.20 -2.29 -27.55
C VAL F 498 56.77 -3.60 -28.06
N VAL F 499 57.96 -3.94 -27.59
CA VAL F 499 58.49 -5.26 -27.87
C VAL F 499 57.71 -6.25 -27.04
N ARG F 500 57.00 -7.12 -27.69
CA ARG F 500 56.26 -8.16 -27.00
C ARG F 500 57.05 -9.46 -26.87
N ARG F 501 58.17 -9.61 -27.58
CA ARG F 501 58.95 -10.86 -27.51
C ARG F 501 60.31 -10.59 -28.10
N ARG F 502 61.36 -10.96 -27.38
CA ARG F 502 62.72 -10.83 -27.91
C ARG F 502 63.18 -12.17 -28.45
N GLY F 503 63.56 -12.18 -29.74
CA GLY F 503 64.09 -13.35 -30.37
C GLY F 503 65.22 -13.00 -31.29
N GLY F 504 65.27 -13.65 -32.47
CA GLY F 504 66.36 -13.37 -33.39
C GLY F 504 66.02 -13.74 -34.82
N ARG F 505 66.87 -13.26 -35.73
CA ARG F 505 66.80 -13.60 -37.14
C ARG F 505 65.67 -12.86 -37.86
N VAL F 506 64.41 -13.12 -37.47
CA VAL F 506 63.24 -12.45 -38.03
C VAL F 506 62.58 -11.59 -36.95
N ALA F 507 62.19 -10.37 -37.32
CA ALA F 507 61.36 -9.53 -36.48
C ALA F 507 59.99 -9.39 -37.17
N LEU F 508 58.94 -9.67 -36.43
CA LEU F 508 57.57 -9.44 -36.86
C LEU F 508 57.09 -8.09 -36.32
N LEU F 509 56.83 -7.15 -37.23
CA LEU F 509 56.29 -5.82 -36.89
C LEU F 509 54.77 -5.82 -37.13
N VAL F 510 53.99 -5.90 -36.06
CA VAL F 510 52.56 -6.12 -36.13
C VAL F 510 51.84 -4.81 -35.84
N PHE F 511 51.05 -4.34 -36.81
CA PHE F 511 50.14 -3.22 -36.61
C PHE F 511 48.74 -3.82 -36.49
N GLY F 512 48.33 -4.14 -35.26
CA GLY F 512 46.96 -4.49 -34.96
C GLY F 512 46.83 -5.92 -34.46
N VAL F 513 45.66 -6.50 -34.74
CA VAL F 513 45.14 -7.66 -34.02
C VAL F 513 45.62 -8.99 -34.58
N GLN F 514 46.56 -8.98 -35.54
CA GLN F 514 47.27 -10.23 -35.85
C GLN F 514 48.39 -10.54 -34.86
N LEU F 515 48.48 -9.73 -33.80
CA LEU F 515 49.54 -9.93 -32.84
C LEU F 515 49.53 -11.37 -32.30
N ALA F 516 48.37 -11.85 -31.85
CA ALA F 516 48.33 -13.16 -31.21
C ALA F 516 48.75 -14.27 -32.16
N GLU F 517 48.38 -14.16 -33.44
CA GLU F 517 48.79 -15.13 -34.45
C GLU F 517 50.29 -15.04 -34.71
N ALA F 518 50.81 -13.81 -34.81
CA ALA F 518 52.25 -13.61 -34.93
C ALA F 518 52.99 -14.20 -33.74
N MET F 519 52.44 -14.06 -32.55
CA MET F 519 53.07 -14.64 -31.37
C MET F 519 53.15 -16.16 -31.51
N LYS F 520 52.13 -16.78 -32.09
CA LYS F 520 52.20 -18.22 -32.30
C LYS F 520 53.30 -18.58 -33.31
N VAL F 521 53.36 -17.87 -34.43
CA VAL F 521 54.43 -18.12 -35.39
C VAL F 521 55.78 -17.99 -34.71
N ALA F 522 55.92 -16.98 -33.86
CA ALA F 522 57.21 -16.71 -33.25
C ALA F 522 57.64 -17.79 -32.27
N GLU F 523 56.68 -18.48 -31.62
CA GLU F 523 57.07 -19.57 -30.75
C GLU F 523 57.78 -20.62 -31.58
N SER F 524 57.42 -20.73 -32.87
CA SER F 524 58.02 -21.74 -33.74
C SER F 524 59.36 -21.27 -34.32
N LEU F 525 59.50 -19.97 -34.63
CA LEU F 525 60.73 -19.48 -35.27
C LEU F 525 61.67 -18.70 -34.34
N ASP F 526 61.38 -18.66 -33.05
CA ASP F 526 62.06 -17.77 -32.11
C ASP F 526 62.22 -16.36 -32.70
N ALA F 527 61.11 -15.82 -33.20
CA ALA F 527 61.09 -14.48 -33.81
C ALA F 527 60.94 -13.40 -32.75
N THR F 528 61.57 -12.27 -33.02
CA THR F 528 61.19 -11.03 -32.36
C THR F 528 59.78 -10.66 -32.79
N VAL F 529 59.00 -10.11 -31.87
CA VAL F 529 57.65 -9.62 -32.15
C VAL F 529 57.46 -8.25 -31.52
N VAL F 530 56.99 -7.30 -32.31
CA VAL F 530 56.77 -5.93 -31.87
C VAL F 530 55.33 -5.54 -32.14
N ASP F 531 54.64 -5.08 -31.09
CA ASP F 531 53.31 -4.46 -31.16
C ASP F 531 53.53 -2.99 -31.48
N MET F 532 53.37 -2.63 -32.73
CA MET F 532 53.85 -1.34 -33.22
C MET F 532 53.04 -0.16 -32.71
N ARG F 533 51.74 -0.36 -32.54
CA ARG F 533 50.77 0.60 -32.01
C ARG F 533 50.47 1.76 -32.94
N PHE F 534 51.50 2.39 -33.50
CA PHE F 534 51.36 3.59 -34.33
C PHE F 534 51.84 3.31 -35.75
N VAL F 535 51.00 3.63 -36.73
CA VAL F 535 51.44 3.71 -38.12
C VAL F 535 52.08 5.06 -38.38
N LYS F 536 51.51 6.10 -37.78
CA LYS F 536 51.91 7.48 -37.95
C LYS F 536 51.65 8.22 -36.63
N PRO F 537 52.67 8.79 -36.01
CA PRO F 537 54.09 8.74 -36.37
C PRO F 537 54.66 7.34 -36.14
N LEU F 538 55.53 6.90 -37.05
CA LEU F 538 56.14 5.58 -36.94
C LEU F 538 57.25 5.60 -35.88
N ASP F 539 57.45 4.45 -35.22
CA ASP F 539 58.54 4.32 -34.26
C ASP F 539 59.85 4.04 -35.01
N GLU F 540 60.38 5.11 -35.60
CA GLU F 540 61.64 5.04 -36.35
C GLU F 540 62.81 4.50 -35.52
N ALA F 541 62.95 4.93 -34.26
CA ALA F 541 64.11 4.43 -33.51
C ALA F 541 64.06 2.91 -33.44
N LEU F 542 62.87 2.33 -33.22
CA LEU F 542 62.80 0.89 -33.00
C LEU F 542 62.97 0.15 -34.32
N VAL F 543 62.40 0.65 -35.42
CA VAL F 543 62.59 0.00 -36.72
C VAL F 543 64.08 0.01 -37.08
N ARG F 544 64.74 1.16 -36.89
CA ARG F 544 66.17 1.24 -37.16
C ARG F 544 66.96 0.19 -36.36
N GLU F 545 66.69 0.07 -35.06
CA GLU F 545 67.36 -0.93 -34.26
C GLU F 545 67.13 -2.33 -34.82
N LEU F 546 65.86 -2.68 -35.09
CA LEU F 546 65.52 -4.00 -35.61
C LEU F 546 66.16 -4.24 -36.97
N ALA F 547 66.21 -3.21 -37.81
CA ALA F 547 66.78 -3.38 -39.14
C ALA F 547 68.25 -3.75 -39.09
N GLY F 548 68.96 -3.29 -38.05
CA GLY F 548 70.37 -3.58 -37.99
C GLY F 548 70.69 -4.82 -37.20
N SER F 549 69.68 -5.52 -36.68
CA SER F 549 69.91 -6.64 -35.80
C SER F 549 69.18 -7.90 -36.20
N HIS F 550 68.44 -7.91 -37.33
CA HIS F 550 67.77 -9.10 -37.81
C HIS F 550 68.04 -9.26 -39.30
N GLU F 551 67.79 -10.47 -39.81
CA GLU F 551 67.95 -10.69 -41.24
C GLU F 551 66.67 -10.43 -42.02
N LEU F 552 65.51 -10.32 -41.37
CA LEU F 552 64.26 -10.10 -42.09
C LEU F 552 63.32 -9.32 -41.21
N LEU F 553 62.74 -8.26 -41.75
CA LEU F 553 61.59 -7.62 -41.12
C LEU F 553 60.35 -8.05 -41.89
N VAL F 554 59.31 -8.38 -41.13
CA VAL F 554 58.02 -8.79 -41.67
C VAL F 554 56.97 -7.86 -41.08
N THR F 555 56.21 -7.17 -41.94
CA THR F 555 55.13 -6.30 -41.46
C THR F 555 53.77 -6.97 -41.71
N ILE F 556 52.83 -6.76 -40.79
CA ILE F 556 51.59 -7.52 -40.74
C ILE F 556 50.48 -6.53 -40.37
N GLU F 557 49.45 -6.46 -41.19
CA GLU F 557 48.38 -5.49 -41.01
C GLU F 557 47.12 -6.05 -41.65
N GLU F 558 45.97 -5.65 -41.12
CA GLU F 558 44.70 -6.06 -41.72
C GLU F 558 44.18 -4.91 -42.57
N ASN F 559 44.98 -4.64 -43.60
CA ASN F 559 44.76 -3.51 -44.49
C ASN F 559 45.50 -3.83 -45.78
N ALA F 560 45.09 -3.17 -46.86
CA ALA F 560 45.76 -3.31 -48.13
C ALA F 560 47.27 -3.14 -47.97
N VAL F 561 48.02 -4.09 -48.50
CA VAL F 561 49.46 -3.96 -48.54
C VAL F 561 49.85 -2.70 -49.30
N MET F 562 49.21 -2.43 -50.43
CA MET F 562 49.47 -1.20 -51.18
C MET F 562 49.17 0.05 -50.35
N GLY F 563 50.21 0.86 -50.13
CA GLY F 563 50.03 2.07 -49.33
C GLY F 563 49.83 1.86 -47.84
N GLY F 564 49.97 0.64 -47.33
CA GLY F 564 49.61 0.35 -45.96
C GLY F 564 50.68 0.67 -44.93
N ALA F 565 50.49 0.11 -43.72
CA ALA F 565 51.44 0.32 -42.61
C ALA F 565 52.81 -0.24 -42.94
N GLY F 566 52.84 -1.39 -43.62
CA GLY F 566 54.10 -1.98 -44.03
C GLY F 566 54.89 -1.09 -44.96
N SER F 567 54.18 -0.40 -45.86
CA SER F 567 54.85 0.52 -46.78
C SER F 567 55.40 1.78 -46.08
N ALA F 568 54.83 2.18 -44.93
CA ALA F 568 55.44 3.25 -44.15
C ALA F 568 56.76 2.80 -43.52
N VAL F 569 56.84 1.52 -43.12
CA VAL F 569 58.12 0.94 -42.77
C VAL F 569 59.06 0.96 -43.97
N GLY F 570 58.59 0.48 -45.11
CA GLY F 570 59.42 0.50 -46.31
C GLY F 570 59.93 1.89 -46.63
N GLU F 571 59.03 2.88 -46.56
CA GLU F 571 59.42 4.26 -46.82
C GLU F 571 60.54 4.71 -45.88
N PHE F 572 60.46 4.31 -44.62
CA PHE F 572 61.47 4.75 -43.65
C PHE F 572 62.81 4.05 -43.88
N LEU F 573 62.78 2.74 -44.11
CA LEU F 573 64.01 2.03 -44.47
C LEU F 573 64.68 2.69 -45.68
N ALA F 574 63.88 3.08 -46.68
CA ALA F 574 64.44 3.63 -47.91
C ALA F 574 65.11 4.98 -47.66
N SER F 575 64.48 5.84 -46.83
CA SER F 575 65.01 7.18 -46.61
C SER F 575 66.31 7.17 -45.80
N GLU F 576 66.49 6.16 -44.96
CA GLU F 576 67.73 6.01 -44.21
C GLU F 576 68.68 5.02 -44.85
N GLY F 577 68.35 4.53 -46.04
CA GLY F 577 69.20 3.56 -46.73
C GLY F 577 69.54 2.33 -45.90
N LEU F 578 68.65 1.90 -45.02
CA LEU F 578 68.76 0.59 -44.41
C LEU F 578 68.27 -0.47 -45.38
N GLU F 579 69.10 -1.48 -45.65
CA GLU F 579 68.84 -2.42 -46.74
C GLU F 579 68.48 -3.83 -46.27
N VAL F 580 67.74 -3.94 -45.17
CA VAL F 580 67.28 -5.23 -44.67
C VAL F 580 66.09 -5.72 -45.50
N PRO F 581 66.01 -7.02 -45.73
CA PRO F 581 64.81 -7.56 -46.38
C PRO F 581 63.56 -7.20 -45.62
N LEU F 582 62.50 -6.97 -46.37
CA LEU F 582 61.21 -6.54 -45.86
C LEU F 582 60.16 -7.40 -46.55
N LEU F 583 59.39 -8.11 -45.74
CA LEU F 583 58.26 -8.92 -46.19
C LEU F 583 56.97 -8.29 -45.66
N GLN F 584 56.11 -7.82 -46.57
CA GLN F 584 54.88 -7.14 -46.16
C GLN F 584 53.68 -8.08 -46.29
N LEU F 585 53.03 -8.35 -45.19
CA LEU F 585 51.84 -9.19 -45.16
C LEU F 585 50.63 -8.33 -44.85
N GLY F 586 49.55 -8.58 -45.56
CA GLY F 586 48.33 -7.82 -45.41
C GLY F 586 47.27 -8.26 -46.38
N LEU F 587 46.39 -7.36 -46.68
CA LEU F 587 45.29 -7.69 -47.58
C LEU F 587 45.77 -7.57 -49.02
N PRO F 588 45.47 -8.55 -49.87
CA PRO F 588 45.85 -8.47 -51.30
C PRO F 588 45.04 -7.44 -52.08
N ASP F 589 45.48 -7.22 -53.33
CA ASP F 589 44.90 -6.19 -54.20
C ASP F 589 43.76 -6.78 -55.02
N TYR F 590 42.74 -7.27 -54.32
CA TYR F 590 41.48 -7.69 -54.93
C TYR F 590 40.41 -7.69 -53.84
N TYR F 591 39.18 -7.89 -54.25
CA TYR F 591 38.02 -7.87 -53.34
C TYR F 591 37.80 -9.29 -52.83
N VAL F 592 38.00 -9.49 -51.52
CA VAL F 592 37.89 -10.82 -50.93
C VAL F 592 36.43 -11.23 -50.84
N GLU F 593 36.09 -12.36 -51.48
CA GLU F 593 34.72 -12.87 -51.46
C GLU F 593 34.22 -13.15 -50.05
N HIS F 594 32.94 -12.91 -49.82
CA HIS F 594 32.34 -13.17 -48.51
C HIS F 594 32.54 -14.61 -48.09
N ALA F 595 32.71 -14.79 -46.79
CA ALA F 595 32.91 -16.08 -46.15
C ALA F 595 32.88 -15.80 -44.65
N LYS F 596 33.11 -16.85 -43.85
CA LYS F 596 33.38 -16.63 -42.46
C LYS F 596 34.62 -15.73 -42.36
N PRO F 597 34.68 -14.90 -41.32
CA PRO F 597 35.93 -14.13 -41.12
C PRO F 597 37.18 -14.99 -41.02
N SER F 598 37.11 -16.12 -40.31
CA SER F 598 38.27 -17.00 -40.24
C SER F 598 38.70 -17.42 -41.65
N GLU F 599 37.72 -17.65 -42.54
CA GLU F 599 38.00 -18.14 -43.88
C GLU F 599 38.56 -17.06 -44.78
N MET F 600 38.07 -15.83 -44.66
CA MET F 600 38.65 -14.70 -45.41
C MET F 600 40.10 -14.47 -45.00
N LEU F 601 40.36 -14.44 -43.69
CA LEU F 601 41.72 -14.22 -43.20
C LEU F 601 42.65 -15.34 -43.68
N ALA F 602 42.15 -16.57 -43.71
CA ALA F 602 43.03 -17.66 -44.14
C ALA F 602 43.37 -17.52 -45.62
N GLU F 603 42.38 -17.18 -46.47
CA GLU F 603 42.68 -16.86 -47.86
C GLU F 603 43.76 -15.78 -47.98
N CYS F 604 43.70 -14.77 -47.12
CA CYS F 604 44.69 -13.69 -47.17
C CYS F 604 45.98 -14.03 -46.43
N GLY F 605 46.10 -15.23 -45.87
CA GLY F 605 47.32 -15.62 -45.22
C GLY F 605 47.60 -14.89 -43.93
N LEU F 606 46.57 -14.31 -43.29
CA LEU F 606 46.72 -13.60 -42.04
C LEU F 606 46.31 -14.42 -40.81
N ASP F 607 46.26 -15.74 -40.92
CA ASP F 607 46.29 -16.58 -39.73
C ASP F 607 47.73 -17.02 -39.50
N ALA F 608 47.97 -17.73 -38.41
CA ALA F 608 49.33 -18.14 -38.08
C ALA F 608 49.91 -19.03 -39.18
N ALA F 609 49.15 -20.04 -39.61
CA ALA F 609 49.65 -20.94 -40.65
C ALA F 609 50.10 -20.15 -41.87
N GLY F 610 49.29 -19.14 -42.27
CA GLY F 610 49.59 -18.34 -43.43
C GLY F 610 50.79 -17.43 -43.23
N ILE F 611 50.87 -16.77 -42.07
CA ILE F 611 52.03 -15.94 -41.77
C ILE F 611 53.29 -16.81 -41.75
N GLU F 612 53.23 -17.96 -41.06
CA GLU F 612 54.42 -18.79 -40.92
C GLU F 612 54.89 -19.27 -42.28
N LYS F 613 53.95 -19.68 -43.13
CA LYS F 613 54.31 -20.09 -44.48
C LYS F 613 55.04 -18.98 -45.22
N ALA F 614 54.48 -17.76 -45.19
CA ALA F 614 55.13 -16.68 -45.92
C ALA F 614 56.52 -16.38 -45.37
N VAL F 615 56.68 -16.38 -44.03
CA VAL F 615 57.97 -16.06 -43.45
C VAL F 615 58.99 -17.16 -43.77
N ARG F 616 58.59 -18.43 -43.60
CA ARG F 616 59.47 -19.55 -43.97
C ARG F 616 59.90 -19.49 -45.44
N GLN F 617 58.98 -19.16 -46.34
CA GLN F 617 59.34 -19.11 -47.75
C GLN F 617 60.30 -17.95 -48.05
N ARG F 618 60.05 -16.77 -47.49
CA ARG F 618 61.00 -15.66 -47.69
C ARG F 618 62.38 -15.99 -47.13
N LEU F 619 62.44 -16.55 -45.92
CA LEU F 619 63.73 -16.93 -45.36
C LEU F 619 64.45 -17.92 -46.28
N ASP F 620 63.72 -18.90 -46.82
CA ASP F 620 64.35 -19.92 -47.63
C ASP F 620 64.74 -19.41 -49.02
N ARG F 621 64.23 -18.24 -49.44
CA ARG F 621 64.57 -17.69 -50.74
C ARG F 621 65.86 -16.87 -50.68
N GLN F 622 66.20 -16.34 -49.51
CA GLN F 622 67.30 -15.38 -49.39
C GLN F 622 68.51 -15.99 -48.69
#